data_4I3U
#
_entry.id   4I3U
#
_cell.length_a   93.350
_cell.length_b   172.880
_cell.length_c   138.970
_cell.angle_alpha   90.00
_cell.angle_beta   106.73
_cell.angle_gamma   90.00
#
_symmetry.space_group_name_H-M   'P 1 21 1'
#
loop_
_entity.id
_entity.type
_entity.pdbx_description
1 polymer 'Aldehyde dehydrogenase (NAD+)'
2 non-polymer PHOSPHONOACETALDEHYDE
3 water water
#
_entity_poly.entity_id   1
_entity_poly.type   'polypeptide(L)'
_entity_poly.pdbx_seq_one_letter_code
;GSHMTNAEVTIAVRHEPMRIAGRLVDTDDRVEVRYPWNDTVVGTVPAGRAEHAREAFAIAAAYQPKLTRYERQKILLATA
EALAARKEEISDVITLELGISKADSLYEVGRAFDVFTLAGQMCIRDDGEIFSCDLTPHGKARKIFTMREPLTAISAITPF
NHPLNMVAHKVAPAIATNNCVVVKPTELTPMTALLLADILYEAGLPPEMLSVVTGWPADIGMEMITNPHVDLVTFTGSVP
VGKLIAANAHYKRQVLELGGNDPLIILNDLSDDDLARAADLAVAGATKNSGQRCTAVKRILCQESVADRFVPLVLERAKR
LRFGDPMDRSTDLGTVIHEKAAALFEERVMRAAEEGADILYHPGRSGALLPPIVVDRVPHQSDLVLEETFGPIIPIVRVP
DDDDATITLSNSTAFGLSSGVCTNDYRRMQKYIAGLKVGTVNIWEVPGYRIEMSPFGGIKDSGNGYKEGVIEAMKSFTNV
KTFSLPWP
;
_entity_poly.pdbx_strand_id   A,B,C,D,E,F,G,H
#
# COMPACT_ATOMS: atom_id res chain seq x y z
N HIS A 15 -21.76 8.15 4.77
CA HIS A 15 -20.96 9.12 5.47
C HIS A 15 -19.91 8.69 6.51
N GLU A 16 -18.67 8.46 6.09
CA GLU A 16 -17.66 7.80 6.95
C GLU A 16 -16.37 8.59 7.26
N PRO A 17 -16.00 8.70 8.56
CA PRO A 17 -14.72 9.27 8.93
C PRO A 17 -13.57 8.31 8.62
N MET A 18 -12.35 8.83 8.71
CA MET A 18 -11.16 8.00 8.67
C MET A 18 -11.10 7.18 9.94
N ARG A 19 -10.39 6.06 9.86
CA ARG A 19 -10.09 5.25 11.04
C ARG A 19 -8.60 5.38 11.35
N ILE A 20 -8.26 6.18 12.34
CA ILE A 20 -6.86 6.36 12.72
C ILE A 20 -6.60 5.70 14.06
N ALA A 21 -5.93 4.54 14.00
CA ALA A 21 -5.70 3.71 15.20
C ALA A 21 -6.97 3.57 16.04
N GLY A 22 -8.08 3.23 15.38
CA GLY A 22 -9.31 2.94 16.08
C GLY A 22 -10.17 4.17 16.32
N ARG A 23 -9.61 5.35 16.13
CA ARG A 23 -10.38 6.57 16.32
C ARG A 23 -11.04 7.02 15.05
N LEU A 24 -12.25 7.54 15.17
CA LEU A 24 -12.95 8.16 14.05
C LEU A 24 -12.49 9.60 13.87
N VAL A 25 -11.91 9.91 12.73
CA VAL A 25 -11.33 11.22 12.53
C VAL A 25 -11.92 11.83 11.29
N ASP A 26 -12.48 13.00 11.49
CA ASP A 26 -13.21 13.64 10.43
C ASP A 26 -12.53 14.92 9.98
N THR A 27 -13.07 15.47 8.91
CA THR A 27 -12.57 16.70 8.36
C THR A 27 -13.77 17.44 7.74
N ASP A 28 -13.64 18.74 7.55
CA ASP A 28 -14.73 19.57 7.00
C ASP A 28 -14.98 19.21 5.55
N ASP A 29 -13.92 19.27 4.74
CA ASP A 29 -14.07 18.96 3.32
C ASP A 29 -14.28 17.47 3.15
N ARG A 30 -15.05 17.14 2.13
CA ARG A 30 -15.49 15.77 1.94
C ARG A 30 -15.07 15.29 0.56
N VAL A 31 -14.85 13.99 0.43
CA VAL A 31 -14.73 13.38 -0.89
C VAL A 31 -16.00 12.61 -1.14
N GLU A 32 -16.70 12.93 -2.21
CA GLU A 32 -17.95 12.25 -2.51
C GLU A 32 -17.63 10.95 -3.21
N VAL A 33 -18.30 9.88 -2.82
CA VAL A 33 -18.19 8.59 -3.48
C VAL A 33 -19.45 8.31 -4.27
N ARG A 34 -19.30 8.14 -5.59
CA ARG A 34 -20.45 7.95 -6.47
C ARG A 34 -20.62 6.52 -7.01
N TYR A 35 -21.88 6.10 -7.09
CA TYR A 35 -22.28 4.80 -7.60
C TYR A 35 -22.24 4.91 -9.11
N PRO A 36 -21.34 4.14 -9.74
CA PRO A 36 -21.16 4.28 -11.20
C PRO A 36 -22.39 3.89 -12.04
N TRP A 37 -23.31 3.13 -11.47
CA TRP A 37 -24.51 2.75 -12.20
C TRP A 37 -25.36 3.98 -12.53
N ASN A 38 -25.57 4.87 -11.57
CA ASN A 38 -26.45 6.02 -11.81
C ASN A 38 -25.80 7.35 -11.43
N ASP A 39 -24.50 7.29 -11.11
CA ASP A 39 -23.72 8.48 -10.78
C ASP A 39 -24.23 9.28 -9.56
N THR A 40 -24.97 8.64 -8.66
CA THR A 40 -25.43 9.36 -7.47
C THR A 40 -24.44 9.14 -6.33
N VAL A 41 -24.44 10.08 -5.39
CA VAL A 41 -23.61 9.99 -4.21
C VAL A 41 -24.17 8.95 -3.26
N VAL A 42 -23.36 7.94 -2.95
CA VAL A 42 -23.75 6.90 -2.01
C VAL A 42 -22.97 7.01 -0.72
N GLY A 43 -21.94 7.84 -0.72
CA GLY A 43 -21.17 8.04 0.49
C GLY A 43 -20.20 9.20 0.43
N THR A 44 -19.60 9.48 1.55
CA THR A 44 -18.67 10.57 1.62
C THR A 44 -17.61 10.16 2.65
N VAL A 45 -16.35 10.52 2.39
CA VAL A 45 -15.29 10.31 3.37
C VAL A 45 -14.46 11.57 3.51
N PRO A 46 -13.61 11.65 4.52
CA PRO A 46 -12.84 12.89 4.71
C PRO A 46 -11.87 13.16 3.59
N ALA A 47 -11.72 14.44 3.24
CA ALA A 47 -10.56 14.90 2.48
C ALA A 47 -9.37 15.06 3.42
N GLY A 48 -8.78 13.94 3.80
CA GLY A 48 -7.64 13.89 4.68
C GLY A 48 -6.44 14.62 4.12
N ARG A 49 -5.53 15.01 5.01
CA ARG A 49 -4.36 15.79 4.61
C ARG A 49 -3.12 15.11 5.14
N ALA A 50 -1.96 15.61 4.73
CA ALA A 50 -0.67 15.03 5.10
C ALA A 50 -0.59 14.79 6.63
N GLU A 51 -1.11 15.74 7.41
CA GLU A 51 -1.03 15.63 8.87
C GLU A 51 -1.75 14.38 9.39
N HIS A 52 -2.85 14.00 8.75
CA HIS A 52 -3.56 12.80 9.16
C HIS A 52 -2.74 11.54 8.93
N ALA A 53 -2.18 11.41 7.74
CA ALA A 53 -1.31 10.30 7.46
C ALA A 53 -0.16 10.33 8.44
N ARG A 54 0.36 11.52 8.66
CA ARG A 54 1.56 11.70 9.45
C ARG A 54 1.29 11.21 10.87
N GLU A 55 0.11 11.53 11.37
CA GLU A 55 -0.28 11.06 12.68
C GLU A 55 -0.47 9.55 12.70
N ALA A 56 -1.10 9.01 11.66
CA ALA A 56 -1.26 7.55 11.58
C ALA A 56 0.10 6.85 11.62
N PHE A 57 1.08 7.40 10.91
CA PHE A 57 2.41 6.76 10.85
C PHE A 57 3.18 6.90 12.17
N ALA A 58 2.99 8.01 12.86
CA ALA A 58 3.67 8.20 14.14
C ALA A 58 3.16 7.18 15.13
N ILE A 59 1.85 6.99 15.13
CA ILE A 59 1.25 5.96 15.99
C ILE A 59 1.76 4.57 15.65
N ALA A 60 1.75 4.25 14.36
CA ALA A 60 2.25 2.97 13.87
C ALA A 60 3.68 2.73 14.34
N ALA A 61 4.54 3.71 14.14
CA ALA A 61 5.96 3.55 14.43
C ALA A 61 6.19 3.35 15.93
N ALA A 62 5.42 4.04 16.76
CA ALA A 62 5.65 4.03 18.19
C ALA A 62 5.15 2.74 18.83
N TYR A 63 4.14 2.16 18.23
CA TYR A 63 3.56 0.93 18.76
C TYR A 63 4.33 -0.31 18.32
N GLN A 64 4.79 -1.10 19.30
CA GLN A 64 5.45 -2.39 19.05
C GLN A 64 4.50 -3.54 19.32
N PRO A 65 3.94 -4.13 18.27
CA PRO A 65 3.05 -5.27 18.48
C PRO A 65 3.74 -6.39 19.26
N LYS A 66 3.04 -7.01 20.20
CA LYS A 66 3.59 -8.14 20.95
C LYS A 66 2.68 -9.36 20.84
N LEU A 67 1.80 -9.36 19.86
CA LEU A 67 0.88 -10.49 19.69
C LEU A 67 1.68 -11.77 19.50
N THR A 68 1.28 -12.81 20.22
CA THR A 68 1.78 -14.14 19.90
C THR A 68 1.23 -14.58 18.54
N ARG A 69 1.81 -15.64 18.00
CA ARG A 69 1.34 -16.17 16.72
C ARG A 69 -0.09 -16.65 16.89
N TYR A 70 -0.36 -17.30 18.02
CA TYR A 70 -1.72 -17.65 18.37
C TYR A 70 -2.69 -16.47 18.30
N GLU A 71 -2.34 -15.35 18.92
CA GLU A 71 -3.22 -14.19 18.95
C GLU A 71 -3.46 -13.60 17.56
N ARG A 72 -2.40 -13.51 16.78
CA ARG A 72 -2.50 -13.10 15.40
C ARG A 72 -3.44 -13.99 14.62
N GLN A 73 -3.27 -15.29 14.73
CA GLN A 73 -4.14 -16.23 14.04
C GLN A 73 -5.61 -16.05 14.44
N LYS A 74 -5.87 -15.90 15.73
CA LYS A 74 -7.24 -15.68 16.19
C LYS A 74 -7.88 -14.48 15.57
N ILE A 75 -7.14 -13.37 15.53
CA ILE A 75 -7.65 -12.16 14.93
C ILE A 75 -7.94 -12.39 13.47
N LEU A 76 -6.99 -12.98 12.76
CA LEU A 76 -7.13 -13.18 11.33
C LEU A 76 -8.31 -14.09 11.03
N LEU A 77 -8.44 -15.17 11.78
CA LEU A 77 -9.49 -16.14 11.55
C LEU A 77 -10.85 -15.56 11.99
N ALA A 78 -10.86 -14.76 13.06
CA ALA A 78 -12.10 -14.09 13.46
C ALA A 78 -12.55 -13.11 12.35
N THR A 79 -11.59 -12.38 11.78
CA THR A 79 -11.88 -11.53 10.62
C THR A 79 -12.50 -12.29 9.45
N ALA A 80 -11.90 -13.42 9.11
CA ALA A 80 -12.46 -14.28 8.08
C ALA A 80 -13.91 -14.61 8.35
N GLU A 81 -14.24 -15.00 9.57
CA GLU A 81 -15.64 -15.35 9.80
C GLU A 81 -16.54 -14.15 9.75
N ALA A 82 -16.03 -12.97 10.14
CA ALA A 82 -16.87 -11.79 10.09
C ALA A 82 -17.14 -11.46 8.61
N LEU A 83 -16.14 -11.65 7.74
CA LEU A 83 -16.35 -11.44 6.31
C LEU A 83 -17.42 -12.37 5.76
N ALA A 84 -17.33 -13.66 6.08
CA ALA A 84 -18.36 -14.61 5.69
C ALA A 84 -19.71 -14.21 6.29
N ALA A 85 -19.74 -13.90 7.59
CA ALA A 85 -21.02 -13.59 8.24
C ALA A 85 -21.67 -12.33 7.62
N ARG A 86 -20.84 -11.35 7.26
CA ARG A 86 -21.37 -10.10 6.77
C ARG A 86 -21.27 -9.92 5.26
N LYS A 87 -21.12 -11.01 4.52
CA LYS A 87 -20.75 -10.86 3.14
C LYS A 87 -21.78 -10.03 2.35
N GLU A 88 -23.05 -10.14 2.71
CA GLU A 88 -24.08 -9.45 1.92
C GLU A 88 -23.92 -7.95 2.09
N GLU A 89 -23.69 -7.55 3.34
CA GLU A 89 -23.48 -6.15 3.66
C GLU A 89 -22.22 -5.64 2.97
N ILE A 90 -21.13 -6.39 3.04
CA ILE A 90 -19.86 -5.93 2.51
C ILE A 90 -19.88 -5.82 0.99
N SER A 91 -20.45 -6.82 0.32
CA SER A 91 -20.54 -6.78 -1.13
C SER A 91 -21.48 -5.65 -1.61
N ASP A 92 -22.52 -5.35 -0.84
CA ASP A 92 -23.34 -4.17 -1.14
C ASP A 92 -22.46 -2.91 -1.21
N VAL A 93 -21.59 -2.75 -0.22
CA VAL A 93 -20.74 -1.57 -0.16
C VAL A 93 -19.81 -1.55 -1.38
N ILE A 94 -19.21 -2.71 -1.69
CA ILE A 94 -18.34 -2.83 -2.87
C ILE A 94 -19.09 -2.43 -4.13
N THR A 95 -20.23 -3.08 -4.38
CA THR A 95 -21.01 -2.79 -5.56
C THR A 95 -21.40 -1.33 -5.69
N LEU A 96 -21.86 -0.76 -4.59
CA LEU A 96 -22.29 0.62 -4.56
C LEU A 96 -21.16 1.63 -4.87
N GLU A 97 -19.91 1.35 -4.53
CA GLU A 97 -18.86 2.28 -4.91
C GLU A 97 -18.09 1.91 -6.21
N LEU A 98 -18.09 0.64 -6.58
CA LEU A 98 -17.32 0.18 -7.72
C LEU A 98 -18.22 -0.05 -8.95
N GLY A 99 -19.41 -0.59 -8.71
CA GLY A 99 -20.36 -0.81 -9.78
C GLY A 99 -20.29 -2.19 -10.38
N ILE A 100 -19.40 -3.03 -9.88
CA ILE A 100 -19.39 -4.41 -10.31
C ILE A 100 -20.63 -5.11 -9.77
N SER A 101 -21.06 -6.14 -10.51
CA SER A 101 -22.24 -6.91 -10.11
C SER A 101 -22.08 -7.48 -8.70
N LYS A 102 -23.20 -7.66 -8.00
CA LYS A 102 -23.21 -8.42 -6.76
C LYS A 102 -22.56 -9.80 -6.89
N ALA A 103 -22.73 -10.46 -8.03
CA ALA A 103 -22.06 -11.74 -8.25
C ALA A 103 -20.56 -11.58 -8.08
N ASP A 104 -19.99 -10.58 -8.75
CA ASP A 104 -18.56 -10.31 -8.66
C ASP A 104 -18.17 -9.84 -7.24
N SER A 105 -18.99 -8.99 -6.65
CA SER A 105 -18.61 -8.47 -5.32
C SER A 105 -18.77 -9.52 -4.23
N LEU A 106 -19.74 -10.41 -4.35
CA LEU A 106 -19.82 -11.54 -3.42
C LEU A 106 -18.56 -12.42 -3.56
N TYR A 107 -18.14 -12.65 -4.80
CA TYR A 107 -16.95 -13.42 -5.08
C TYR A 107 -15.74 -12.76 -4.45
N GLU A 108 -15.67 -11.43 -4.56
CA GLU A 108 -14.58 -10.70 -3.92
C GLU A 108 -14.49 -10.97 -2.42
N VAL A 109 -15.65 -11.01 -1.76
CA VAL A 109 -15.66 -11.27 -0.33
C VAL A 109 -15.11 -12.67 -0.06
N GLY A 110 -15.42 -13.61 -0.95
CA GLY A 110 -14.87 -14.95 -0.83
C GLY A 110 -13.34 -14.94 -0.93
N ARG A 111 -12.81 -14.15 -1.87
CA ARG A 111 -11.36 -14.04 -1.99
C ARG A 111 -10.76 -13.48 -0.69
N ALA A 112 -11.35 -12.40 -0.17
CA ALA A 112 -10.82 -11.80 1.05
C ALA A 112 -10.92 -12.80 2.19
N PHE A 113 -12.00 -13.57 2.21
CA PHE A 113 -12.17 -14.67 3.14
C PHE A 113 -11.00 -15.65 3.10
N ASP A 114 -10.59 -16.01 1.88
CA ASP A 114 -9.41 -16.85 1.68
C ASP A 114 -8.14 -16.16 2.17
N VAL A 115 -7.98 -14.88 1.84
CA VAL A 115 -6.75 -14.17 2.22
C VAL A 115 -6.57 -14.22 3.72
N PHE A 116 -7.63 -13.85 4.45
CA PHE A 116 -7.52 -13.85 5.90
C PHE A 116 -7.35 -15.25 6.48
N THR A 117 -8.07 -16.22 5.89
CA THR A 117 -7.95 -17.58 6.35
C THR A 117 -6.53 -18.06 6.21
N LEU A 118 -5.95 -17.88 5.01
CA LEU A 118 -4.64 -18.43 4.74
C LEU A 118 -3.58 -17.69 5.53
N ALA A 119 -3.73 -16.37 5.64
CA ALA A 119 -2.75 -15.62 6.43
C ALA A 119 -2.81 -16.12 7.86
N GLY A 120 -4.02 -16.39 8.34
CA GLY A 120 -4.20 -16.88 9.70
C GLY A 120 -3.48 -18.21 9.90
N GLN A 121 -3.66 -19.11 8.95
CA GLN A 121 -3.07 -20.45 9.03
C GLN A 121 -1.55 -20.44 8.83
N MET A 122 -1.04 -19.45 8.12
CA MET A 122 0.41 -19.36 7.87
C MET A 122 1.15 -18.83 9.11
N CYS A 123 0.41 -18.34 10.09
CA CYS A 123 0.99 -17.86 11.34
C CYS A 123 1.72 -18.89 12.16
N ILE A 124 1.36 -20.16 12.04
CA ILE A 124 1.99 -21.18 12.86
C ILE A 124 3.35 -21.51 12.27
N ARG A 125 3.67 -20.88 11.14
CA ARG A 125 4.88 -21.22 10.38
C ARG A 125 6.09 -20.41 10.68
N ASP A 126 7.21 -21.07 10.93
CA ASP A 126 8.49 -20.40 11.12
C ASP A 126 9.46 -20.91 10.03
N ASP A 127 9.82 -20.03 9.10
CA ASP A 127 10.69 -20.47 8.00
C ASP A 127 12.18 -20.23 8.31
N GLY A 128 12.51 -20.10 9.60
CA GLY A 128 13.90 -19.93 9.99
C GLY A 128 14.79 -21.02 9.44
N GLU A 129 16.04 -20.68 9.17
CA GLU A 129 16.99 -21.69 8.72
C GLU A 129 18.17 -21.76 9.65
N ILE A 130 18.95 -22.82 9.47
CA ILE A 130 20.15 -23.07 10.22
C ILE A 130 21.28 -23.38 9.26
N PHE A 131 22.41 -22.73 9.48
CA PHE A 131 23.63 -23.00 8.70
C PHE A 131 24.69 -23.55 9.63
N SER A 132 25.39 -24.58 9.17
CA SER A 132 26.63 -25.03 9.85
C SER A 132 27.79 -24.28 9.25
N CYS A 133 28.81 -23.96 10.05
CA CYS A 133 29.84 -23.02 9.59
C CYS A 133 31.18 -23.67 9.27
N ASP A 134 31.28 -24.98 9.47
CA ASP A 134 32.55 -25.69 9.31
C ASP A 134 32.67 -26.18 7.88
N LEU A 135 32.55 -25.25 6.94
CA LEU A 135 32.28 -25.60 5.56
C LEU A 135 33.45 -25.49 4.60
N THR A 136 34.40 -24.62 4.92
CA THR A 136 35.53 -24.33 4.04
C THR A 136 36.80 -24.30 4.92
N PRO A 137 37.96 -23.99 4.31
CA PRO A 137 39.16 -23.71 5.12
C PRO A 137 38.99 -22.57 6.10
N HIS A 138 38.03 -21.68 5.87
CA HIS A 138 37.78 -20.58 6.81
C HIS A 138 36.71 -20.95 7.81
N GLY A 139 36.33 -22.23 7.85
CA GLY A 139 35.21 -22.70 8.67
C GLY A 139 35.41 -22.60 10.17
N LYS A 140 34.31 -22.65 10.92
CA LYS A 140 34.36 -22.55 12.37
C LYS A 140 33.33 -23.50 12.97
N ALA A 141 33.56 -23.96 14.20
CA ALA A 141 32.59 -24.81 14.91
C ALA A 141 31.52 -23.92 15.47
N ARG A 142 30.51 -23.63 14.63
CA ARG A 142 29.53 -22.59 14.93
C ARG A 142 28.28 -22.83 14.07
N LYS A 143 27.15 -22.38 14.56
CA LYS A 143 25.92 -22.40 13.76
C LYS A 143 25.37 -21.00 13.62
N ILE A 144 24.80 -20.74 12.44
CA ILE A 144 24.06 -19.49 12.19
C ILE A 144 22.58 -19.86 12.11
N PHE A 145 21.75 -19.04 12.76
CA PHE A 145 20.33 -19.25 12.81
C PHE A 145 19.64 -18.01 12.22
N THR A 146 18.44 -18.22 11.68
CA THR A 146 17.65 -17.13 11.09
C THR A 146 16.35 -16.87 11.83
N MET A 147 15.92 -15.62 11.81
CA MET A 147 14.60 -15.28 12.34
C MET A 147 14.13 -13.99 11.68
N ARG A 148 12.82 -13.73 11.77
CA ARG A 148 12.23 -12.55 11.14
C ARG A 148 11.68 -11.59 12.19
N GLU A 149 11.76 -10.31 11.88
CA GLU A 149 11.25 -9.30 12.77
C GLU A 149 10.45 -8.33 11.91
N PRO A 150 9.45 -7.65 12.53
CA PRO A 150 8.61 -6.70 11.78
C PRO A 150 9.34 -5.41 11.48
N LEU A 151 8.72 -4.59 10.62
CA LEU A 151 9.27 -3.30 10.26
C LEU A 151 8.73 -2.24 11.22
N THR A 152 9.18 -1.01 11.07
CA THR A 152 8.65 0.11 11.83
C THR A 152 7.19 0.43 11.44
N ALA A 153 6.95 0.62 10.15
CA ALA A 153 5.63 0.95 9.65
C ALA A 153 5.56 0.56 8.18
N ILE A 154 4.38 0.17 7.75
CA ILE A 154 4.12 -0.15 6.34
C ILE A 154 3.06 0.80 5.77
N SER A 155 3.32 1.27 4.56
CA SER A 155 2.38 2.12 3.85
C SER A 155 1.71 1.31 2.74
N ALA A 156 0.39 1.25 2.74
CA ALA A 156 -0.34 0.47 1.74
C ALA A 156 -1.28 1.33 0.94
N ILE A 157 -1.13 1.28 -0.38
CA ILE A 157 -1.91 2.11 -1.27
C ILE A 157 -2.66 1.22 -2.28
N THR A 158 -3.98 1.31 -2.27
CA THR A 158 -4.79 0.32 -2.96
C THR A 158 -5.68 0.97 -4.01
N PRO A 159 -6.01 0.20 -5.05
CA PRO A 159 -6.76 0.70 -6.21
C PRO A 159 -8.26 0.39 -6.12
N PHE A 160 -9.04 0.83 -7.12
CA PHE A 160 -10.49 0.71 -7.09
C PHE A 160 -10.99 -0.68 -7.45
N ASN A 161 -10.21 -1.35 -8.29
CA ASN A 161 -10.32 -2.72 -8.73
C ASN A 161 -10.95 -3.80 -7.81
N HIS A 162 -10.37 -3.93 -6.63
CA HIS A 162 -10.85 -4.87 -5.61
C HIS A 162 -10.78 -4.09 -4.31
N PRO A 163 -11.83 -3.27 -4.03
CA PRO A 163 -11.84 -2.38 -2.85
C PRO A 163 -11.64 -3.16 -1.55
N LEU A 164 -11.92 -4.45 -1.56
CA LEU A 164 -11.80 -5.26 -0.36
C LEU A 164 -10.56 -6.14 -0.45
N ASN A 165 -10.47 -6.93 -1.51
CA ASN A 165 -9.40 -7.91 -1.60
C ASN A 165 -7.98 -7.34 -1.64
N MET A 166 -7.82 -6.20 -2.32
CA MET A 166 -6.55 -5.51 -2.35
C MET A 166 -6.11 -4.98 -0.96
N VAL A 167 -7.07 -4.53 -0.16
CA VAL A 167 -6.74 -4.12 1.18
C VAL A 167 -6.40 -5.35 2.01
N ALA A 168 -7.23 -6.40 1.90
CA ALA A 168 -6.96 -7.66 2.55
C ALA A 168 -5.52 -8.16 2.30
N HIS A 169 -5.11 -8.20 1.02
CA HIS A 169 -3.78 -8.71 0.68
C HIS A 169 -2.66 -7.89 1.31
N LYS A 170 -2.90 -6.61 1.54
CA LYS A 170 -1.83 -5.81 2.13
C LYS A 170 -1.92 -5.83 3.64
N VAL A 171 -3.14 -5.94 4.17
CA VAL A 171 -3.31 -5.79 5.63
C VAL A 171 -3.18 -7.12 6.41
N ALA A 172 -3.68 -8.22 5.82
CA ALA A 172 -3.57 -9.51 6.50
C ALA A 172 -2.12 -9.95 6.75
N PRO A 173 -1.25 -9.84 5.74
CA PRO A 173 0.13 -10.29 6.00
C PRO A 173 0.82 -9.37 7.01
N ALA A 174 0.38 -8.12 7.08
CA ALA A 174 0.99 -7.19 8.02
C ALA A 174 0.62 -7.60 9.46
N ILE A 175 -0.65 -7.92 9.66
CA ILE A 175 -1.12 -8.42 10.95
C ILE A 175 -0.35 -9.67 11.33
N ALA A 176 -0.24 -10.58 10.35
CA ALA A 176 0.35 -11.89 10.60
C ALA A 176 1.80 -11.75 11.04
N THR A 177 2.40 -10.62 10.74
CA THR A 177 3.82 -10.43 11.01
C THR A 177 4.10 -9.37 12.09
N ASN A 178 3.07 -8.98 12.81
CA ASN A 178 3.24 -7.94 13.84
C ASN A 178 3.76 -6.60 13.31
N ASN A 179 3.29 -6.24 12.12
CA ASN A 179 3.54 -4.92 11.57
C ASN A 179 2.40 -3.95 11.89
N CYS A 180 2.64 -2.66 11.69
CA CYS A 180 1.59 -1.65 11.78
C CYS A 180 1.46 -1.02 10.43
N VAL A 181 0.26 -1.03 9.91
CA VAL A 181 0.08 -0.59 8.55
C VAL A 181 -0.89 0.57 8.48
N VAL A 182 -0.63 1.51 7.57
CA VAL A 182 -1.55 2.57 7.26
C VAL A 182 -1.98 2.44 5.83
N VAL A 183 -3.28 2.33 5.63
CA VAL A 183 -3.82 2.14 4.30
C VAL A 183 -4.46 3.41 3.78
N LYS A 184 -4.17 3.76 2.54
CA LYS A 184 -4.89 4.81 1.83
C LYS A 184 -5.52 4.22 0.57
N PRO A 185 -6.81 3.92 0.65
CA PRO A 185 -7.51 3.39 -0.51
C PRO A 185 -7.73 4.52 -1.49
N THR A 186 -7.90 4.19 -2.76
CA THR A 186 -8.30 5.19 -3.74
C THR A 186 -9.58 5.92 -3.31
N GLU A 187 -9.62 7.20 -3.65
CA GLU A 187 -10.75 8.04 -3.26
C GLU A 187 -12.01 7.62 -4.02
N LEU A 188 -11.81 6.82 -5.05
CA LEU A 188 -12.96 6.27 -5.80
C LEU A 188 -13.74 5.18 -5.06
N THR A 189 -13.05 4.39 -4.24
CA THR A 189 -13.68 3.27 -3.51
C THR A 189 -13.15 3.08 -2.12
N PRO A 190 -13.25 4.14 -1.28
CA PRO A 190 -12.60 4.12 0.05
C PRO A 190 -13.47 3.48 1.14
N MET A 191 -14.74 3.32 0.87
CA MET A 191 -15.63 2.90 1.94
C MET A 191 -15.45 1.44 2.35
N THR A 192 -15.13 0.58 1.39
CA THR A 192 -14.88 -0.81 1.72
C THR A 192 -13.72 -0.94 2.70
N ALA A 193 -12.65 -0.18 2.45
CA ALA A 193 -11.50 -0.20 3.32
C ALA A 193 -11.88 0.18 4.76
N LEU A 194 -12.67 1.23 4.89
CA LEU A 194 -13.07 1.74 6.21
C LEU A 194 -13.87 0.68 6.99
N LEU A 195 -14.77 -0.01 6.27
CA LEU A 195 -15.52 -1.11 6.83
C LEU A 195 -14.60 -2.27 7.25
N LEU A 196 -13.59 -2.56 6.44
CA LEU A 196 -12.72 -3.65 6.83
C LEU A 196 -11.96 -3.30 8.12
N ALA A 197 -11.53 -2.05 8.25
CA ALA A 197 -10.90 -1.59 9.47
C ALA A 197 -11.79 -1.82 10.71
N ASP A 198 -13.06 -1.43 10.61
CA ASP A 198 -14.01 -1.69 11.70
C ASP A 198 -14.12 -3.16 12.03
N ILE A 199 -14.15 -4.02 11.02
CA ILE A 199 -14.23 -5.45 11.27
C ILE A 199 -12.97 -5.93 11.99
N LEU A 200 -11.83 -5.41 11.59
CA LEU A 200 -10.58 -5.82 12.20
C LEU A 200 -10.51 -5.40 13.68
N TYR A 201 -10.95 -4.18 13.97
CA TYR A 201 -10.94 -3.71 15.36
C TYR A 201 -11.87 -4.60 16.21
N GLU A 202 -13.01 -4.97 15.63
CA GLU A 202 -13.97 -5.82 16.34
C GLU A 202 -13.43 -7.21 16.54
N ALA A 203 -12.62 -7.66 15.59
CA ALA A 203 -12.04 -9.00 15.64
C ALA A 203 -10.91 -9.05 16.67
N GLY A 204 -10.62 -7.92 17.31
CA GLY A 204 -9.57 -7.88 18.33
C GLY A 204 -8.20 -7.30 17.99
N LEU A 205 -8.06 -6.69 16.81
CA LEU A 205 -6.78 -6.15 16.41
C LEU A 205 -6.43 -4.95 17.31
N PRO A 206 -5.22 -4.93 17.88
CA PRO A 206 -4.83 -3.69 18.57
C PRO A 206 -4.89 -2.54 17.56
N PRO A 207 -5.63 -1.48 17.90
CA PRO A 207 -5.98 -0.44 16.92
C PRO A 207 -4.77 0.27 16.31
N GLU A 208 -3.71 0.38 17.09
CA GLU A 208 -2.49 1.01 16.59
C GLU A 208 -1.92 0.31 15.33
N MET A 209 -2.32 -0.95 15.12
CA MET A 209 -1.77 -1.78 14.06
C MET A 209 -2.38 -1.46 12.70
N LEU A 210 -3.45 -0.67 12.71
CA LEU A 210 -4.13 -0.34 11.45
C LEU A 210 -4.76 1.04 11.48
N SER A 211 -4.46 1.84 10.46
CA SER A 211 -5.23 3.03 10.22
C SER A 211 -5.66 3.00 8.78
N VAL A 212 -6.79 3.63 8.49
CA VAL A 212 -7.21 3.81 7.11
C VAL A 212 -7.49 5.27 6.94
N VAL A 213 -6.69 5.94 6.12
CA VAL A 213 -6.89 7.36 5.83
C VAL A 213 -7.36 7.57 4.41
N THR A 214 -8.08 8.65 4.19
CA THR A 214 -8.65 8.92 2.89
C THR A 214 -8.38 10.37 2.50
N GLY A 215 -8.34 10.66 1.20
CA GLY A 215 -8.21 12.01 0.74
C GLY A 215 -7.77 12.11 -0.71
N TRP A 216 -7.60 13.33 -1.21
CA TRP A 216 -7.12 13.50 -2.58
C TRP A 216 -5.65 13.13 -2.67
N PRO A 217 -5.25 12.54 -3.80
CA PRO A 217 -3.84 12.17 -3.98
C PRO A 217 -2.92 13.38 -3.74
N ALA A 218 -3.39 14.56 -4.17
CA ALA A 218 -2.61 15.79 -4.11
C ALA A 218 -2.35 16.27 -2.70
N ASP A 219 -3.15 15.76 -1.76
CA ASP A 219 -3.02 16.20 -0.37
C ASP A 219 -2.34 15.19 0.52
N ILE A 220 -2.77 13.93 0.42
CA ILE A 220 -2.37 12.95 1.39
C ILE A 220 -1.50 11.88 0.73
N GLY A 221 -1.52 11.86 -0.60
CA GLY A 221 -0.80 10.84 -1.33
C GLY A 221 0.68 10.80 -1.09
N MET A 222 1.30 11.96 -1.10
CA MET A 222 2.74 12.06 -1.07
C MET A 222 3.23 11.65 0.32
N GLU A 223 2.44 11.96 1.36
CA GLU A 223 2.84 11.63 2.73
C GLU A 223 2.95 10.11 2.88
N MET A 224 2.08 9.38 2.20
CA MET A 224 2.09 7.92 2.17
C MET A 224 3.40 7.37 1.61
N ILE A 225 4.05 8.17 0.78
CA ILE A 225 5.25 7.72 0.06
C ILE A 225 6.54 8.17 0.75
N THR A 226 6.50 9.28 1.46
CA THR A 226 7.71 9.93 1.95
C THR A 226 7.84 9.96 3.48
N ASN A 227 6.79 9.58 4.17
CA ASN A 227 6.83 9.66 5.61
C ASN A 227 8.05 8.93 6.12
N PRO A 228 8.82 9.56 7.03
CA PRO A 228 10.11 9.00 7.47
C PRO A 228 10.01 7.69 8.27
N HIS A 229 8.86 7.42 8.88
CA HIS A 229 8.68 6.16 9.59
C HIS A 229 8.42 4.94 8.68
N VAL A 230 8.16 5.19 7.40
CA VAL A 230 7.75 4.11 6.49
C VAL A 230 8.94 3.32 6.01
N ASP A 231 8.96 2.03 6.34
CA ASP A 231 10.03 1.14 5.90
C ASP A 231 9.72 0.51 4.54
N LEU A 232 8.43 0.39 4.25
CA LEU A 232 8.00 -0.27 3.03
C LEU A 232 6.72 0.32 2.50
N VAL A 233 6.72 0.59 1.20
CA VAL A 233 5.52 1.02 0.47
C VAL A 233 5.04 -0.15 -0.37
N THR A 234 3.81 -0.56 -0.15
CA THR A 234 3.20 -1.59 -1.00
C THR A 234 2.00 -1.00 -1.75
N PHE A 235 2.10 -1.03 -3.07
CA PHE A 235 1.18 -0.31 -3.94
C PHE A 235 0.72 -1.17 -5.07
N THR A 236 -0.56 -1.08 -5.36
CA THR A 236 -1.12 -1.72 -6.52
C THR A 236 -1.95 -0.64 -7.23
N GLY A 237 -1.75 -0.48 -8.53
CA GLY A 237 -2.37 0.60 -9.26
C GLY A 237 -1.84 0.73 -10.68
N SER A 238 -1.94 1.92 -11.26
CA SER A 238 -1.55 2.16 -12.64
C SER A 238 -0.03 2.28 -12.80
N VAL A 239 0.45 2.10 -14.03
CA VAL A 239 1.87 2.25 -14.32
C VAL A 239 2.40 3.67 -13.98
N PRO A 240 1.73 4.72 -14.49
CA PRO A 240 2.22 6.08 -14.24
C PRO A 240 2.35 6.40 -12.75
N VAL A 241 1.33 6.07 -11.96
CA VAL A 241 1.36 6.33 -10.55
C VAL A 241 2.41 5.46 -9.85
N GLY A 242 2.50 4.22 -10.30
CA GLY A 242 3.58 3.36 -9.85
C GLY A 242 4.97 3.93 -10.10
N LYS A 243 5.23 4.43 -11.30
CA LYS A 243 6.56 4.93 -11.66
C LYS A 243 6.85 6.17 -10.82
N LEU A 244 5.80 6.93 -10.56
CA LEU A 244 5.92 8.12 -9.74
C LEU A 244 6.35 7.74 -8.32
N ILE A 245 5.67 6.75 -7.78
CA ILE A 245 6.03 6.25 -6.48
C ILE A 245 7.46 5.72 -6.43
N ALA A 246 7.89 5.00 -7.46
CA ALA A 246 9.23 4.46 -7.45
C ALA A 246 10.21 5.63 -7.39
N ALA A 247 9.89 6.73 -8.04
CA ALA A 247 10.78 7.88 -8.13
C ALA A 247 10.86 8.66 -6.81
N ASN A 248 9.80 8.59 -6.00
CA ASN A 248 9.67 9.45 -4.81
C ASN A 248 9.91 8.76 -3.50
N ALA A 249 9.79 7.43 -3.47
CA ALA A 249 10.01 6.71 -2.23
C ALA A 249 11.45 6.25 -2.06
N HIS A 250 12.38 7.20 -2.15
CA HIS A 250 13.81 6.93 -2.03
C HIS A 250 14.15 6.10 -0.81
N TYR A 251 14.94 5.05 -1.01
CA TYR A 251 15.52 4.31 0.09
C TYR A 251 14.46 3.67 0.97
N LYS A 252 13.27 3.46 0.41
CA LYS A 252 12.27 2.64 1.08
C LYS A 252 12.11 1.42 0.23
N ARG A 253 11.87 0.28 0.86
CA ARG A 253 11.46 -0.87 0.08
C ARG A 253 10.12 -0.60 -0.56
N GLN A 254 9.95 -1.11 -1.77
CA GLN A 254 8.74 -0.84 -2.54
C GLN A 254 8.30 -2.14 -3.17
N VAL A 255 7.03 -2.45 -3.00
CA VAL A 255 6.45 -3.56 -3.74
C VAL A 255 5.37 -2.98 -4.63
N LEU A 256 5.67 -2.91 -5.93
CA LEU A 256 4.81 -2.23 -6.89
C LEU A 256 4.17 -3.21 -7.85
N GLU A 257 2.85 -3.19 -7.84
CA GLU A 257 2.05 -4.08 -8.68
C GLU A 257 1.25 -3.24 -9.63
N LEU A 258 1.62 -3.30 -10.91
CA LEU A 258 1.10 -2.40 -11.88
C LEU A 258 0.19 -3.21 -12.77
N GLY A 259 -0.15 -2.72 -13.93
CA GLY A 259 -1.11 -3.48 -14.68
C GLY A 259 -0.61 -4.77 -15.32
N GLY A 260 -1.47 -5.34 -16.17
CA GLY A 260 -1.07 -6.43 -17.04
C GLY A 260 -1.79 -6.22 -18.35
N ASN A 261 -1.44 -7.04 -19.31
CA ASN A 261 -2.11 -7.04 -20.59
C ASN A 261 -2.14 -8.46 -21.02
N ASP A 262 -2.89 -9.27 -20.27
CA ASP A 262 -2.59 -10.72 -20.26
C ASP A 262 -3.30 -11.50 -21.36
N PRO A 263 -2.57 -12.42 -22.00
CA PRO A 263 -3.19 -13.19 -23.08
C PRO A 263 -3.81 -14.50 -22.61
N LEU A 264 -4.85 -14.92 -23.32
CA LEU A 264 -5.29 -16.31 -23.30
C LEU A 264 -4.94 -16.85 -24.68
N ILE A 265 -4.08 -17.86 -24.72
CA ILE A 265 -3.54 -18.32 -25.99
C ILE A 265 -4.20 -19.64 -26.40
N ILE A 266 -4.79 -19.68 -27.59
CA ILE A 266 -5.52 -20.87 -28.04
C ILE A 266 -4.71 -21.57 -29.14
N LEU A 267 -4.09 -22.70 -28.81
CA LEU A 267 -3.25 -23.43 -29.77
C LEU A 267 -4.04 -24.29 -30.73
N ASN A 268 -3.46 -24.56 -31.90
CA ASN A 268 -4.21 -25.23 -32.95
C ASN A 268 -4.38 -26.74 -32.85
N ASP A 269 -3.90 -27.35 -31.76
CA ASP A 269 -4.09 -28.79 -31.55
C ASP A 269 -5.46 -29.15 -31.00
N LEU A 270 -6.23 -28.15 -30.56
CA LEU A 270 -7.47 -28.39 -29.83
C LEU A 270 -8.60 -28.93 -30.69
N SER A 271 -9.30 -29.92 -30.15
CA SER A 271 -10.57 -30.39 -30.73
C SER A 271 -11.67 -29.31 -30.54
N ASP A 272 -12.80 -29.50 -31.24
CA ASP A 272 -13.92 -28.56 -31.12
C ASP A 272 -14.50 -28.50 -29.70
N ASP A 273 -14.56 -29.66 -29.05
CA ASP A 273 -14.91 -29.77 -27.64
C ASP A 273 -14.01 -28.88 -26.77
N ASP A 274 -12.71 -28.88 -27.10
CA ASP A 274 -11.73 -28.17 -26.29
C ASP A 274 -11.78 -26.69 -26.58
N LEU A 275 -12.05 -26.38 -27.85
CA LEU A 275 -12.30 -24.99 -28.21
C LEU A 275 -13.45 -24.40 -27.41
N ALA A 276 -14.48 -25.20 -27.17
CA ALA A 276 -15.63 -24.73 -26.41
C ALA A 276 -15.24 -24.41 -24.96
N ARG A 277 -14.43 -25.26 -24.34
CA ARG A 277 -13.93 -25.00 -23.01
C ARG A 277 -13.04 -23.78 -22.97
N ALA A 278 -12.16 -23.68 -23.95
CA ALA A 278 -11.30 -22.51 -24.08
C ALA A 278 -12.16 -21.26 -24.25
N ALA A 279 -13.25 -21.37 -25.00
CA ALA A 279 -14.16 -20.22 -25.17
C ALA A 279 -14.74 -19.81 -23.80
N ASP A 280 -15.12 -20.79 -22.99
CA ASP A 280 -15.64 -20.48 -21.65
C ASP A 280 -14.60 -19.65 -20.88
N LEU A 281 -13.34 -20.07 -20.96
CA LEU A 281 -12.25 -19.38 -20.26
C LEU A 281 -12.04 -17.98 -20.79
N ALA A 282 -12.07 -17.85 -22.13
CA ALA A 282 -11.92 -16.55 -22.76
C ALA A 282 -13.00 -15.56 -22.28
N VAL A 283 -14.25 -16.00 -22.28
CA VAL A 283 -15.34 -15.08 -21.92
C VAL A 283 -15.32 -14.73 -20.42
N ALA A 284 -15.20 -15.74 -19.59
CA ALA A 284 -15.06 -15.50 -18.15
C ALA A 284 -13.84 -14.61 -17.83
N GLY A 285 -12.71 -14.91 -18.44
CA GLY A 285 -11.49 -14.20 -18.12
C GLY A 285 -11.50 -12.76 -18.59
N ALA A 286 -12.21 -12.54 -19.69
CA ALA A 286 -12.32 -11.22 -20.27
C ALA A 286 -13.30 -10.33 -19.55
N THR A 287 -14.31 -10.91 -18.92
CA THR A 287 -15.41 -10.08 -18.46
C THR A 287 -15.59 -10.06 -16.95
N LYS A 288 -15.02 -11.02 -16.25
CA LYS A 288 -15.08 -11.07 -14.81
C LYS A 288 -14.61 -9.78 -14.15
N ASN A 289 -15.31 -9.38 -13.08
CA ASN A 289 -15.05 -8.12 -12.41
C ASN A 289 -15.15 -6.97 -13.42
N SER A 290 -16.02 -7.14 -14.42
CA SER A 290 -16.13 -6.19 -15.52
C SER A 290 -14.80 -6.00 -16.23
N GLY A 291 -14.00 -7.05 -16.29
CA GLY A 291 -12.70 -6.99 -16.94
C GLY A 291 -11.69 -6.15 -16.18
N GLN A 292 -12.03 -5.73 -14.98
CA GLN A 292 -11.14 -4.87 -14.22
C GLN A 292 -10.21 -5.67 -13.30
N ARG A 293 -9.28 -6.39 -13.92
CA ARG A 293 -8.27 -7.13 -13.19
C ARG A 293 -6.96 -6.91 -13.90
N CYS A 294 -5.89 -6.78 -13.14
CA CYS A 294 -4.58 -6.62 -13.71
C CYS A 294 -4.34 -7.86 -14.62
N THR A 295 -4.95 -8.99 -14.25
CA THR A 295 -4.74 -10.28 -14.92
C THR A 295 -5.95 -10.71 -15.75
N ALA A 296 -6.82 -9.76 -16.08
CA ALA A 296 -7.93 -10.05 -16.96
C ALA A 296 -7.40 -10.56 -18.30
N VAL A 297 -8.18 -11.40 -18.98
CA VAL A 297 -7.86 -11.74 -20.35
C VAL A 297 -8.10 -10.45 -21.13
N LYS A 298 -7.03 -9.88 -21.68
CA LYS A 298 -7.13 -8.65 -22.45
C LYS A 298 -6.78 -8.88 -23.92
N ARG A 299 -6.27 -10.07 -24.22
CA ARG A 299 -5.88 -10.40 -25.58
C ARG A 299 -6.12 -11.88 -25.74
N ILE A 300 -7.04 -12.25 -26.62
CA ILE A 300 -7.23 -13.66 -26.90
C ILE A 300 -6.45 -13.98 -28.17
N LEU A 301 -5.33 -14.66 -28.00
CA LEU A 301 -4.48 -14.98 -29.14
C LEU A 301 -4.84 -16.34 -29.73
N CYS A 302 -5.67 -16.32 -30.76
CA CYS A 302 -6.13 -17.57 -31.36
C CYS A 302 -5.37 -17.90 -32.63
N GLN A 303 -4.72 -19.06 -32.65
CA GLN A 303 -4.02 -19.47 -33.87
C GLN A 303 -4.98 -19.63 -35.06
N GLU A 304 -4.56 -19.15 -36.22
CA GLU A 304 -5.43 -19.00 -37.40
C GLU A 304 -6.24 -20.24 -37.68
N SER A 305 -5.56 -21.39 -37.75
CA SER A 305 -6.17 -22.68 -38.04
C SER A 305 -7.50 -22.92 -37.37
N VAL A 306 -7.62 -22.46 -36.11
CA VAL A 306 -8.81 -22.82 -35.32
C VAL A 306 -9.75 -21.67 -35.06
N ALA A 307 -9.40 -20.50 -35.56
CA ALA A 307 -10.12 -19.28 -35.26
C ALA A 307 -11.57 -19.34 -35.75
N ASP A 308 -11.77 -19.84 -36.96
CA ASP A 308 -13.14 -19.94 -37.49
C ASP A 308 -14.03 -20.83 -36.66
N ARG A 309 -13.45 -21.82 -35.98
CA ARG A 309 -14.26 -22.67 -35.10
C ARG A 309 -14.36 -22.08 -33.69
N PHE A 310 -13.34 -21.36 -33.28
CA PHE A 310 -13.28 -20.83 -31.93
C PHE A 310 -14.18 -19.63 -31.76
N VAL A 311 -14.08 -18.67 -32.67
CA VAL A 311 -14.78 -17.40 -32.53
C VAL A 311 -16.30 -17.57 -32.30
N PRO A 312 -16.95 -18.41 -33.12
CA PRO A 312 -18.41 -18.55 -32.92
C PRO A 312 -18.76 -19.07 -31.50
N LEU A 313 -17.90 -19.91 -30.96
CA LEU A 313 -18.12 -20.42 -29.61
C LEU A 313 -17.97 -19.29 -28.56
N VAL A 314 -16.99 -18.44 -28.75
CA VAL A 314 -16.89 -17.24 -27.93
C VAL A 314 -18.14 -16.34 -28.03
N LEU A 315 -18.58 -16.11 -29.26
CA LEU A 315 -19.70 -15.20 -29.52
C LEU A 315 -20.90 -15.72 -28.78
N GLU A 316 -21.14 -17.01 -28.96
CA GLU A 316 -22.32 -17.63 -28.37
C GLU A 316 -22.36 -17.48 -26.85
N ARG A 317 -21.21 -17.61 -26.20
CA ARG A 317 -21.14 -17.46 -24.76
C ARG A 317 -21.23 -16.01 -24.28
N ALA A 318 -20.63 -15.08 -25.02
CA ALA A 318 -20.70 -13.68 -24.67
C ALA A 318 -22.15 -13.24 -24.66
N LYS A 319 -22.93 -13.75 -25.63
CA LYS A 319 -24.33 -13.31 -25.78
C LYS A 319 -25.21 -13.78 -24.62
N ARG A 320 -24.74 -14.77 -23.86
CA ARG A 320 -25.50 -15.25 -22.72
C ARG A 320 -25.35 -14.38 -21.47
N LEU A 321 -24.31 -13.56 -21.45
CA LEU A 321 -24.05 -12.75 -20.27
C LEU A 321 -25.12 -11.69 -20.08
N ARG A 322 -25.58 -11.58 -18.84
CA ARG A 322 -26.51 -10.50 -18.50
C ARG A 322 -25.80 -9.30 -17.87
N PHE A 323 -25.90 -8.17 -18.54
CA PHE A 323 -25.23 -6.97 -18.13
C PHE A 323 -26.28 -5.92 -17.80
N GLY A 324 -26.13 -5.25 -16.68
CA GLY A 324 -27.15 -4.29 -16.25
C GLY A 324 -26.97 -3.96 -14.78
N ASP A 325 -28.09 -3.74 -14.12
CA ASP A 325 -28.13 -3.26 -12.75
C ASP A 325 -27.30 -4.15 -11.84
N PRO A 326 -26.22 -3.60 -11.28
CA PRO A 326 -25.28 -4.43 -10.49
C PRO A 326 -25.88 -4.96 -9.23
N MET A 327 -26.86 -4.27 -8.66
CA MET A 327 -27.54 -4.73 -7.45
C MET A 327 -28.57 -5.82 -7.76
N ASP A 328 -28.84 -6.07 -9.04
CA ASP A 328 -29.70 -7.19 -9.42
C ASP A 328 -28.87 -8.45 -9.37
N ARG A 329 -29.29 -9.41 -8.55
CA ARG A 329 -28.52 -10.63 -8.32
C ARG A 329 -28.40 -11.53 -9.53
N SER A 330 -29.20 -11.30 -10.57
CA SER A 330 -29.05 -12.16 -11.75
C SER A 330 -28.13 -11.49 -12.76
N THR A 331 -27.66 -10.28 -12.46
CA THR A 331 -26.70 -9.63 -13.31
C THR A 331 -25.35 -10.35 -13.21
N ASP A 332 -24.76 -10.64 -14.36
CA ASP A 332 -23.42 -11.19 -14.41
C ASP A 332 -22.43 -10.04 -14.41
N LEU A 333 -22.67 -9.11 -15.31
CA LEU A 333 -21.71 -8.06 -15.58
C LEU A 333 -22.32 -6.70 -15.23
N GLY A 334 -21.75 -6.07 -14.21
CA GLY A 334 -22.07 -4.69 -13.85
C GLY A 334 -21.31 -3.67 -14.69
N THR A 335 -21.11 -2.49 -14.15
CA THR A 335 -20.45 -1.43 -14.89
C THR A 335 -18.95 -1.50 -14.70
N VAL A 336 -18.23 -0.67 -15.43
CA VAL A 336 -16.86 -0.35 -15.08
C VAL A 336 -16.81 0.89 -14.15
N ILE A 337 -15.61 1.29 -13.73
CA ILE A 337 -15.46 2.27 -12.65
C ILE A 337 -16.16 3.60 -12.93
N HIS A 338 -16.14 4.04 -14.18
CA HIS A 338 -16.90 5.23 -14.53
C HIS A 338 -17.10 5.36 -16.02
N GLU A 339 -17.88 6.36 -16.38
CA GLU A 339 -18.36 6.51 -17.73
C GLU A 339 -17.25 6.87 -18.66
N LYS A 340 -16.28 7.65 -18.20
CA LYS A 340 -15.22 7.99 -19.11
C LYS A 340 -14.26 6.84 -19.40
N ALA A 341 -14.06 5.93 -18.44
CA ALA A 341 -13.33 4.70 -18.73
C ALA A 341 -14.10 3.90 -19.79
N ALA A 342 -15.39 3.76 -19.56
CA ALA A 342 -16.26 3.03 -20.47
C ALA A 342 -16.16 3.63 -21.86
N ALA A 343 -16.24 4.97 -21.95
CA ALA A 343 -16.15 5.65 -23.24
C ALA A 343 -14.82 5.38 -23.93
N LEU A 344 -13.73 5.47 -23.16
CA LEU A 344 -12.40 5.22 -23.68
C LEU A 344 -12.26 3.80 -24.25
N PHE A 345 -12.81 2.81 -23.54
CA PHE A 345 -12.75 1.44 -24.02
C PHE A 345 -13.58 1.23 -25.29
N GLU A 346 -14.78 1.77 -25.33
CA GLU A 346 -15.58 1.63 -26.54
C GLU A 346 -14.86 2.28 -27.73
N GLU A 347 -14.31 3.45 -27.50
CA GLU A 347 -13.46 4.12 -28.48
C GLU A 347 -12.42 3.25 -29.09
N ARG A 348 -11.67 2.56 -28.25
CA ARG A 348 -10.62 1.69 -28.74
C ARG A 348 -11.21 0.57 -29.60
N VAL A 349 -12.39 0.12 -29.25
CA VAL A 349 -13.06 -0.87 -30.08
C VAL A 349 -13.40 -0.31 -31.48
N MET A 350 -14.04 0.86 -31.55
CA MET A 350 -14.39 1.49 -32.83
C MET A 350 -13.21 1.63 -33.71
N ARG A 351 -12.13 2.05 -33.10
CA ARG A 351 -10.91 2.34 -33.79
C ARG A 351 -10.31 1.06 -34.34
N ALA A 352 -10.30 0.00 -33.55
CA ALA A 352 -9.82 -1.29 -34.03
C ALA A 352 -10.64 -1.72 -35.24
N ALA A 353 -11.94 -1.46 -35.18
CA ALA A 353 -12.81 -1.80 -36.29
C ALA A 353 -12.43 -1.03 -37.56
N GLU A 354 -12.08 0.24 -37.39
CA GLU A 354 -11.58 1.05 -38.49
C GLU A 354 -10.30 0.52 -39.08
N GLU A 355 -9.50 -0.15 -38.24
CA GLU A 355 -8.21 -0.63 -38.65
C GLU A 355 -8.36 -2.06 -39.19
N GLY A 356 -9.60 -2.51 -39.29
CA GLY A 356 -9.88 -3.81 -39.87
C GLY A 356 -10.52 -4.84 -38.96
N ALA A 357 -10.70 -4.52 -37.68
CA ALA A 357 -11.30 -5.49 -36.77
C ALA A 357 -12.77 -5.72 -37.11
N ASP A 358 -13.31 -6.82 -36.60
CA ASP A 358 -14.66 -7.19 -36.94
C ASP A 358 -15.52 -7.29 -35.69
N ILE A 359 -16.37 -6.30 -35.47
CA ILE A 359 -17.19 -6.28 -34.28
C ILE A 359 -18.35 -7.26 -34.47
N LEU A 360 -18.41 -8.27 -33.61
CA LEU A 360 -19.41 -9.32 -33.74
C LEU A 360 -20.62 -9.20 -32.82
N TYR A 361 -20.46 -8.49 -31.72
CA TYR A 361 -21.52 -8.30 -30.74
C TYR A 361 -21.19 -7.04 -29.97
N HIS A 362 -22.13 -6.09 -29.98
CA HIS A 362 -21.97 -4.81 -29.30
C HIS A 362 -23.36 -4.24 -29.18
N PRO A 363 -24.10 -4.62 -28.14
CA PRO A 363 -25.46 -4.11 -27.97
C PRO A 363 -25.55 -2.64 -27.50
N GLY A 364 -24.42 -1.97 -27.35
CA GLY A 364 -24.43 -0.55 -27.07
C GLY A 364 -24.03 -0.21 -25.64
N ARG A 365 -23.19 0.80 -25.52
CA ARG A 365 -22.82 1.31 -24.21
C ARG A 365 -23.89 2.21 -23.57
N SER A 366 -23.98 2.18 -22.25
CA SER A 366 -24.88 3.05 -21.53
C SER A 366 -24.17 3.60 -20.29
N GLY A 367 -23.65 4.82 -20.41
CA GLY A 367 -22.94 5.43 -19.30
C GLY A 367 -21.73 4.59 -19.00
N ALA A 368 -21.58 4.16 -17.75
CA ALA A 368 -20.46 3.31 -17.33
C ALA A 368 -20.71 1.83 -17.63
N LEU A 369 -21.88 1.49 -18.15
CA LEU A 369 -22.24 0.11 -18.42
C LEU A 369 -21.79 -0.29 -19.84
N LEU A 370 -20.78 -1.14 -19.89
CA LEU A 370 -20.26 -1.68 -21.14
C LEU A 370 -20.73 -3.13 -21.28
N PRO A 371 -21.33 -3.48 -22.41
CA PRO A 371 -21.67 -4.89 -22.63
C PRO A 371 -20.41 -5.66 -22.89
N PRO A 372 -20.48 -6.98 -22.91
CA PRO A 372 -19.28 -7.75 -23.20
C PRO A 372 -18.98 -7.78 -24.70
N ILE A 373 -18.48 -6.68 -25.22
CA ILE A 373 -18.24 -6.55 -26.66
C ILE A 373 -17.28 -7.62 -27.21
N VAL A 374 -17.73 -8.33 -28.24
CA VAL A 374 -16.89 -9.31 -28.92
C VAL A 374 -16.33 -8.76 -30.22
N VAL A 375 -15.00 -8.74 -30.33
CA VAL A 375 -14.34 -8.21 -31.53
C VAL A 375 -13.33 -9.23 -32.05
N ASP A 376 -13.42 -9.55 -33.33
CA ASP A 376 -12.55 -10.54 -33.95
C ASP A 376 -11.57 -9.83 -34.89
N ARG A 377 -10.52 -10.55 -35.28
CA ARG A 377 -9.51 -10.01 -36.20
C ARG A 377 -8.93 -8.68 -35.73
N VAL A 378 -8.81 -8.50 -34.42
CA VAL A 378 -8.16 -7.31 -33.88
C VAL A 378 -6.68 -7.23 -34.29
N PRO A 379 -6.31 -6.15 -34.98
CA PRO A 379 -4.89 -5.93 -35.26
C PRO A 379 -4.19 -5.86 -33.91
N HIS A 380 -3.08 -6.53 -33.75
CA HIS A 380 -2.54 -6.60 -32.44
C HIS A 380 -1.69 -5.37 -32.12
N GLN A 381 -1.48 -4.54 -33.14
CA GLN A 381 -0.90 -3.20 -32.94
C GLN A 381 -1.91 -2.20 -32.43
N SER A 382 -3.19 -2.52 -32.57
CA SER A 382 -4.20 -1.54 -32.24
C SER A 382 -4.22 -1.24 -30.72
N ASP A 383 -4.59 -0.02 -30.40
CA ASP A 383 -4.61 0.44 -29.02
C ASP A 383 -5.39 -0.48 -28.10
N LEU A 384 -6.50 -0.98 -28.62
CA LEU A 384 -7.38 -1.87 -27.88
C LEU A 384 -6.58 -2.98 -27.18
N VAL A 385 -5.70 -3.65 -27.92
CA VAL A 385 -4.91 -4.73 -27.33
C VAL A 385 -3.43 -4.43 -27.01
N LEU A 386 -2.88 -3.34 -27.54
CA LEU A 386 -1.48 -2.99 -27.29
C LEU A 386 -1.38 -2.26 -25.96
N GLU A 387 -2.38 -1.41 -25.73
CA GLU A 387 -2.62 -0.78 -24.43
C GLU A 387 -3.41 -1.72 -23.56
N GLU A 388 -3.32 -1.48 -22.25
CA GLU A 388 -4.16 -2.17 -21.30
C GLU A 388 -5.57 -1.59 -21.34
N THR A 389 -6.54 -2.43 -21.69
CA THR A 389 -7.95 -1.99 -21.74
C THR A 389 -8.72 -2.66 -20.62
N PHE A 390 -9.07 -1.86 -19.60
CA PHE A 390 -9.50 -2.36 -18.31
C PHE A 390 -11.03 -2.50 -18.26
N GLY A 391 -11.59 -3.19 -19.25
CA GLY A 391 -13.02 -3.34 -19.37
C GLY A 391 -13.39 -4.68 -20.00
N PRO A 392 -14.69 -5.02 -20.05
CA PRO A 392 -15.10 -6.38 -20.42
C PRO A 392 -15.14 -6.63 -21.94
N ILE A 393 -14.14 -6.09 -22.63
CA ILE A 393 -13.98 -6.35 -24.05
C ILE A 393 -13.47 -7.78 -24.26
N ILE A 394 -14.03 -8.46 -25.24
CA ILE A 394 -13.57 -9.79 -25.65
C ILE A 394 -12.89 -9.72 -27.01
N PRO A 395 -11.57 -9.47 -27.02
CA PRO A 395 -10.92 -9.19 -28.30
C PRO A 395 -10.10 -10.34 -28.82
N ILE A 396 -10.45 -10.85 -29.99
CA ILE A 396 -9.70 -11.98 -30.53
C ILE A 396 -8.67 -11.50 -31.54
N VAL A 397 -7.40 -11.78 -31.25
CA VAL A 397 -6.33 -11.48 -32.16
C VAL A 397 -5.93 -12.77 -32.83
N ARG A 398 -6.02 -12.80 -34.15
CA ARG A 398 -5.66 -14.02 -34.90
C ARG A 398 -4.16 -14.03 -35.10
N VAL A 399 -3.51 -15.09 -34.63
CA VAL A 399 -2.06 -15.17 -34.68
C VAL A 399 -1.68 -16.35 -35.58
N PRO A 400 -0.43 -16.36 -36.07
CA PRO A 400 0.00 -17.44 -36.98
C PRO A 400 0.02 -18.83 -36.33
N ASP A 401 -0.11 -19.86 -37.15
CA ASP A 401 0.04 -21.23 -36.68
C ASP A 401 1.52 -21.53 -36.51
N ASP A 402 2.16 -20.74 -35.68
CA ASP A 402 3.58 -20.89 -35.41
C ASP A 402 3.80 -20.43 -34.00
N ASP A 403 4.37 -21.30 -33.18
CA ASP A 403 4.50 -21.00 -31.76
C ASP A 403 5.53 -19.88 -31.54
N ASP A 404 6.62 -19.91 -32.29
CA ASP A 404 7.63 -18.87 -32.12
C ASP A 404 7.03 -17.49 -32.41
N ALA A 405 6.29 -17.38 -33.51
CA ALA A 405 5.61 -16.12 -33.81
C ALA A 405 4.58 -15.76 -32.74
N THR A 406 3.82 -16.75 -32.29
CA THR A 406 2.82 -16.53 -31.28
C THR A 406 3.46 -15.98 -30.00
N ILE A 407 4.53 -16.64 -29.56
CA ILE A 407 5.22 -16.25 -28.35
C ILE A 407 5.83 -14.83 -28.47
N THR A 408 6.45 -14.55 -29.61
CA THR A 408 6.97 -13.21 -29.85
C THR A 408 5.86 -12.14 -29.79
N LEU A 409 4.71 -12.45 -30.37
CA LEU A 409 3.60 -11.54 -30.36
C LEU A 409 3.08 -11.36 -28.92
N SER A 410 2.95 -12.47 -28.20
CA SER A 410 2.45 -12.40 -26.84
C SER A 410 3.37 -11.53 -26.02
N ASN A 411 4.67 -11.66 -26.25
CA ASN A 411 5.70 -10.93 -25.47
C ASN A 411 5.90 -9.48 -25.90
N SER A 412 5.18 -9.01 -26.91
CA SER A 412 5.51 -7.73 -27.54
C SER A 412 4.93 -6.49 -26.85
N THR A 413 4.19 -6.67 -25.76
CA THR A 413 3.71 -5.48 -25.08
C THR A 413 4.68 -5.05 -23.98
N ALA A 414 4.38 -3.92 -23.35
CA ALA A 414 5.16 -3.42 -22.23
C ALA A 414 4.91 -4.19 -20.91
N PHE A 415 3.91 -5.05 -20.92
CA PHE A 415 3.54 -5.78 -19.72
C PHE A 415 4.04 -7.21 -19.67
N GLY A 416 3.94 -7.82 -18.49
CA GLY A 416 4.38 -9.20 -18.31
C GLY A 416 3.93 -9.63 -16.94
N LEU A 417 2.65 -9.99 -16.80
CA LEU A 417 2.12 -10.35 -15.51
C LEU A 417 1.76 -11.82 -15.51
N SER A 418 0.60 -12.15 -16.08
CA SER A 418 0.21 -13.54 -16.18
C SER A 418 -0.19 -13.93 -17.62
N SER A 419 -0.62 -15.17 -17.77
CA SER A 419 -1.00 -15.69 -19.07
C SER A 419 -1.74 -17.00 -18.90
N GLY A 420 -2.56 -17.33 -19.89
CA GLY A 420 -3.21 -18.64 -19.95
C GLY A 420 -2.90 -19.29 -21.30
N VAL A 421 -2.72 -20.61 -21.28
CA VAL A 421 -2.49 -21.32 -22.52
C VAL A 421 -3.37 -22.56 -22.58
N CYS A 422 -4.16 -22.68 -23.65
CA CYS A 422 -5.03 -23.84 -23.83
C CYS A 422 -4.46 -24.75 -24.92
N THR A 423 -4.00 -25.93 -24.52
CA THR A 423 -3.39 -26.88 -25.45
C THR A 423 -3.33 -28.20 -24.71
N ASN A 424 -3.19 -29.30 -25.44
CA ASN A 424 -3.02 -30.62 -24.81
C ASN A 424 -1.66 -31.20 -25.17
N ASP A 425 -0.93 -30.48 -25.99
CA ASP A 425 0.37 -30.92 -26.44
C ASP A 425 1.43 -30.49 -25.43
N TYR A 426 1.96 -31.43 -24.64
CA TYR A 426 2.90 -31.10 -23.57
C TYR A 426 4.12 -30.33 -24.07
N ARG A 427 4.64 -30.76 -25.21
CA ARG A 427 5.82 -30.15 -25.74
C ARG A 427 5.58 -28.66 -25.93
N ARG A 428 4.41 -28.34 -26.48
CA ARG A 428 4.08 -26.95 -26.77
C ARG A 428 3.81 -26.19 -25.47
N MET A 429 3.11 -26.85 -24.55
CA MET A 429 2.93 -26.34 -23.18
C MET A 429 4.24 -25.87 -22.59
N GLN A 430 5.25 -26.74 -22.60
CA GLN A 430 6.47 -26.38 -21.89
C GLN A 430 7.23 -25.29 -22.63
N LYS A 431 7.09 -25.26 -23.95
CA LYS A 431 7.68 -24.21 -24.77
C LYS A 431 7.10 -22.82 -24.40
N TYR A 432 5.79 -22.76 -24.24
CA TYR A 432 5.14 -21.52 -23.77
C TYR A 432 5.49 -21.18 -22.32
N ILE A 433 5.46 -22.17 -21.43
CA ILE A 433 5.88 -21.95 -20.05
C ILE A 433 7.27 -21.31 -19.99
N ALA A 434 8.21 -21.82 -20.77
CA ALA A 434 9.58 -21.31 -20.77
C ALA A 434 9.69 -19.99 -21.50
N GLY A 435 8.87 -19.80 -22.52
CA GLY A 435 9.07 -18.69 -23.45
C GLY A 435 8.30 -17.39 -23.19
N LEU A 436 7.15 -17.49 -22.54
CA LEU A 436 6.37 -16.29 -22.28
C LEU A 436 7.10 -15.45 -21.22
N LYS A 437 7.23 -14.16 -21.47
CA LYS A 437 7.93 -13.30 -20.51
C LYS A 437 6.95 -12.73 -19.50
N VAL A 438 6.62 -13.53 -18.50
CA VAL A 438 5.56 -13.18 -17.57
C VAL A 438 5.89 -13.75 -16.20
N GLY A 439 5.16 -13.33 -15.18
CA GLY A 439 5.31 -13.93 -13.86
C GLY A 439 4.61 -15.28 -13.67
N THR A 440 3.54 -15.53 -14.44
CA THR A 440 2.75 -16.75 -14.31
C THR A 440 2.24 -17.24 -15.66
N VAL A 441 2.34 -18.54 -15.87
CA VAL A 441 1.74 -19.19 -17.03
C VAL A 441 0.75 -20.26 -16.54
N ASN A 442 -0.52 -20.02 -16.79
CA ASN A 442 -1.54 -21.00 -16.42
C ASN A 442 -1.95 -21.87 -17.60
N ILE A 443 -1.74 -23.18 -17.48
CA ILE A 443 -2.20 -24.11 -18.53
C ILE A 443 -3.65 -24.44 -18.28
N TRP A 444 -4.49 -24.12 -19.26
CA TRP A 444 -5.92 -24.40 -19.17
C TRP A 444 -6.64 -23.67 -18.05
N GLU A 445 -6.19 -22.46 -17.77
CA GLU A 445 -6.91 -21.60 -16.85
C GLU A 445 -6.74 -20.17 -17.35
N VAL A 446 -7.56 -19.25 -16.84
CA VAL A 446 -7.37 -17.83 -17.13
C VAL A 446 -6.09 -17.29 -16.46
N PRO A 447 -5.53 -16.20 -17.00
CA PRO A 447 -4.33 -15.62 -16.43
C PRO A 447 -4.56 -15.29 -14.96
N GLY A 448 -5.80 -14.99 -14.65
CA GLY A 448 -6.14 -14.50 -13.33
C GLY A 448 -6.12 -15.55 -12.25
N TYR A 449 -5.97 -16.83 -12.65
CA TYR A 449 -6.05 -17.90 -11.69
C TYR A 449 -4.81 -17.98 -10.80
N ARG A 450 -5.03 -18.07 -9.50
CA ARG A 450 -3.95 -18.30 -8.52
C ARG A 450 -4.61 -18.67 -7.19
N ILE A 451 -3.82 -19.11 -6.22
CA ILE A 451 -4.37 -19.18 -4.86
C ILE A 451 -3.90 -17.92 -4.16
N GLU A 452 -4.57 -17.54 -3.08
CA GLU A 452 -4.27 -16.26 -2.49
C GLU A 452 -2.90 -16.24 -1.81
N MET A 453 -2.25 -17.39 -1.72
CA MET A 453 -0.93 -17.47 -1.08
C MET A 453 0.23 -17.93 -1.99
N SER A 454 0.00 -18.10 -3.29
CA SER A 454 1.08 -18.48 -4.20
C SER A 454 1.82 -17.21 -4.63
N PRO A 455 3.09 -17.34 -5.10
CA PRO A 455 3.84 -16.13 -5.47
C PRO A 455 3.17 -15.41 -6.63
N PHE A 456 2.93 -14.12 -6.46
CA PHE A 456 2.20 -13.34 -7.45
C PHE A 456 2.96 -12.06 -7.72
N GLY A 457 3.21 -11.78 -9.01
CA GLY A 457 3.88 -10.57 -9.38
C GLY A 457 4.38 -10.67 -10.81
N GLY A 458 4.48 -9.52 -11.48
CA GLY A 458 4.94 -9.45 -12.86
C GLY A 458 6.33 -8.82 -13.02
N ILE A 459 6.72 -8.68 -14.29
CA ILE A 459 7.98 -8.09 -14.67
C ILE A 459 7.65 -6.98 -15.68
N LYS A 460 8.68 -6.44 -16.31
CA LYS A 460 8.49 -5.34 -17.23
C LYS A 460 7.63 -4.24 -16.57
N ASP A 461 6.64 -3.73 -17.27
CA ASP A 461 5.84 -2.66 -16.70
C ASP A 461 4.79 -3.13 -15.71
N SER A 462 4.70 -4.44 -15.49
CA SER A 462 3.66 -5.01 -14.63
C SER A 462 4.03 -4.96 -13.14
N GLY A 463 5.31 -4.79 -12.83
CA GLY A 463 5.73 -4.70 -11.46
C GLY A 463 7.22 -4.50 -11.37
N ASN A 464 7.69 -4.01 -10.23
CA ASN A 464 9.11 -3.75 -10.04
C ASN A 464 9.92 -5.00 -9.70
N GLY A 465 9.27 -6.17 -9.73
CA GLY A 465 9.98 -7.44 -9.62
C GLY A 465 9.96 -8.16 -8.27
N TYR A 466 9.10 -7.77 -7.36
CA TYR A 466 8.96 -8.48 -6.10
C TYR A 466 7.64 -9.21 -6.08
N LYS A 467 7.61 -10.36 -5.41
CA LYS A 467 6.39 -11.15 -5.36
C LYS A 467 5.51 -10.77 -4.21
N GLU A 468 4.22 -10.98 -4.42
CA GLU A 468 3.17 -10.74 -3.44
C GLU A 468 2.45 -12.06 -3.24
N GLY A 469 1.22 -11.98 -2.75
CA GLY A 469 0.47 -13.15 -2.31
C GLY A 469 0.83 -13.27 -0.84
N VAL A 470 0.00 -13.97 -0.08
CA VAL A 470 0.11 -13.97 1.37
C VAL A 470 1.50 -14.42 1.86
N ILE A 471 2.04 -15.50 1.32
CA ILE A 471 3.35 -15.97 1.79
C ILE A 471 4.48 -15.01 1.47
N GLU A 472 4.60 -14.59 0.22
CA GLU A 472 5.69 -13.66 -0.12
C GLU A 472 5.52 -12.28 0.52
N ALA A 473 4.26 -11.84 0.69
CA ALA A 473 3.99 -10.60 1.40
C ALA A 473 4.53 -10.68 2.82
N MET A 474 4.19 -11.76 3.53
CA MET A 474 4.70 -11.96 4.88
C MET A 474 6.23 -11.89 4.99
N LYS A 475 6.95 -12.50 4.04
CA LYS A 475 8.41 -12.40 4.01
C LYS A 475 8.87 -10.97 3.78
N SER A 476 8.23 -10.35 2.80
CA SER A 476 8.50 -9.01 2.35
C SER A 476 8.36 -8.03 3.51
N PHE A 477 7.40 -8.28 4.39
CA PHE A 477 7.07 -7.34 5.45
C PHE A 477 7.91 -7.55 6.71
N THR A 478 9.04 -8.22 6.57
CA THR A 478 9.93 -8.46 7.71
C THR A 478 11.39 -8.27 7.36
N ASN A 479 12.21 -8.14 8.40
CA ASN A 479 13.65 -8.18 8.23
C ASN A 479 14.19 -9.51 8.71
N VAL A 480 15.11 -10.09 7.97
CA VAL A 480 15.75 -11.29 8.47
C VAL A 480 16.94 -10.88 9.32
N LYS A 481 16.95 -11.39 10.53
CA LYS A 481 18.08 -11.22 11.44
C LYS A 481 18.72 -12.58 11.59
N THR A 482 20.05 -12.65 11.46
CA THR A 482 20.74 -13.88 11.75
C THR A 482 21.45 -13.76 13.08
N PHE A 483 21.65 -14.89 13.75
CA PHE A 483 22.54 -14.92 14.92
C PHE A 483 23.36 -16.18 14.85
N SER A 484 24.56 -16.12 15.41
CA SER A 484 25.41 -17.30 15.41
C SER A 484 25.85 -17.64 16.82
N LEU A 485 25.99 -18.93 17.10
CA LEU A 485 26.38 -19.40 18.43
C LEU A 485 27.59 -20.32 18.29
N PRO A 486 28.51 -20.25 19.26
CA PRO A 486 29.58 -21.26 19.29
C PRO A 486 28.93 -22.65 19.31
N TRP A 487 29.46 -23.56 18.54
CA TRP A 487 28.91 -24.89 18.55
C TRP A 487 30.02 -25.95 18.52
N HIS B 15 11.92 5.36 36.21
CA HIS B 15 13.04 6.19 35.82
C HIS B 15 12.64 7.38 34.89
N GLU B 16 12.49 8.58 35.44
CA GLU B 16 11.92 9.69 34.69
C GLU B 16 12.73 10.99 34.71
N PRO B 17 13.08 11.48 33.52
CA PRO B 17 13.73 12.79 33.41
C PRO B 17 12.74 13.93 33.73
N MET B 18 13.26 15.12 33.94
CA MET B 18 12.43 16.30 34.04
C MET B 18 11.78 16.58 32.69
N ARG B 19 10.66 17.28 32.70
CA ARG B 19 10.06 17.76 31.47
C ARG B 19 10.26 19.26 31.45
N ILE B 20 11.19 19.71 30.62
CA ILE B 20 11.41 21.14 30.47
C ILE B 20 10.94 21.61 29.12
N ALA B 21 9.79 22.28 29.12
CA ALA B 21 9.16 22.73 27.88
C ALA B 21 9.12 21.62 26.84
N GLY B 22 8.68 20.44 27.25
CA GLY B 22 8.50 19.35 26.30
C GLY B 22 9.75 18.49 26.12
N ARG B 23 10.89 18.96 26.62
CA ARG B 23 12.12 18.19 26.48
C ARG B 23 12.40 17.35 27.71
N LEU B 24 12.89 16.14 27.49
CA LEU B 24 13.34 15.28 28.57
C LEU B 24 14.74 15.72 28.98
N VAL B 25 14.86 16.17 30.22
CA VAL B 25 16.15 16.66 30.70
C VAL B 25 16.59 15.85 31.89
N ASP B 26 17.79 15.30 31.78
CA ASP B 26 18.29 14.38 32.78
C ASP B 26 19.49 14.94 33.48
N THR B 27 19.92 14.24 34.51
CA THR B 27 21.04 14.65 35.33
C THR B 27 21.71 13.37 35.84
N ASP B 28 22.94 13.47 36.34
CA ASP B 28 23.67 12.29 36.80
C ASP B 28 23.12 11.76 38.10
N ASP B 29 23.08 12.65 39.07
CA ASP B 29 22.53 12.32 40.37
C ASP B 29 21.04 12.11 40.26
N ARG B 30 20.54 11.17 41.06
CA ARG B 30 19.14 10.79 41.03
C ARG B 30 18.49 10.99 42.40
N VAL B 31 17.18 11.20 42.39
CA VAL B 31 16.41 11.14 43.61
C VAL B 31 15.60 9.86 43.53
N GLU B 32 15.74 8.99 44.51
CA GLU B 32 14.98 7.75 44.49
C GLU B 32 13.60 7.98 45.07
N VAL B 33 12.60 7.39 44.46
CA VAL B 33 11.26 7.47 44.97
C VAL B 33 10.85 6.12 45.51
N ARG B 34 10.47 6.10 46.77
CA ARG B 34 10.16 4.84 47.41
C ARG B 34 8.67 4.65 47.68
N TYR B 35 8.22 3.40 47.55
CA TYR B 35 6.87 2.98 47.80
C TYR B 35 6.75 2.80 49.31
N PRO B 36 5.90 3.59 49.96
CA PRO B 36 5.86 3.54 51.42
C PRO B 36 5.37 2.20 52.00
N TRP B 37 4.65 1.41 51.21
CA TRP B 37 4.16 0.13 51.67
C TRP B 37 5.30 -0.84 52.05
N ASN B 38 6.33 -0.91 51.22
CA ASN B 38 7.45 -1.81 51.51
C ASN B 38 8.82 -1.14 51.39
N ASP B 39 8.85 0.18 51.29
CA ASP B 39 10.10 0.94 51.24
C ASP B 39 11.04 0.57 50.10
N THR B 40 10.50 0.03 49.02
CA THR B 40 11.35 -0.26 47.87
C THR B 40 11.34 0.88 46.85
N VAL B 41 12.40 0.93 46.04
CA VAL B 41 12.51 1.98 45.01
C VAL B 41 11.60 1.61 43.86
N VAL B 42 10.67 2.50 43.54
CA VAL B 42 9.77 2.28 42.42
C VAL B 42 10.11 3.22 41.28
N GLY B 43 10.97 4.19 41.56
CA GLY B 43 11.29 5.17 40.55
C GLY B 43 12.43 6.08 40.92
N THR B 44 12.86 6.83 39.93
CA THR B 44 13.96 7.72 40.15
C THR B 44 13.73 8.94 39.21
N VAL B 45 14.04 10.14 39.70
CA VAL B 45 13.93 11.36 38.88
C VAL B 45 15.22 12.15 39.08
N PRO B 46 15.47 13.13 38.23
CA PRO B 46 16.70 13.91 38.34
C PRO B 46 16.83 14.69 39.65
N ALA B 47 18.05 14.78 40.13
CA ALA B 47 18.38 15.76 41.18
C ALA B 47 18.65 17.09 40.47
N GLY B 48 17.58 17.77 40.06
CA GLY B 48 17.70 19.02 39.32
C GLY B 48 18.36 20.12 40.12
N ARG B 49 18.85 21.14 39.43
CA ARG B 49 19.57 22.22 40.10
C ARG B 49 18.98 23.54 39.69
N ALA B 50 19.34 24.60 40.40
CA ALA B 50 18.87 25.94 40.10
C ALA B 50 18.86 26.25 38.60
N GLU B 51 19.92 25.84 37.89
CA GLU B 51 20.02 26.12 36.46
C GLU B 51 18.85 25.54 35.66
N HIS B 52 18.36 24.38 36.10
CA HIS B 52 17.25 23.74 35.39
C HIS B 52 15.97 24.55 35.54
N ALA B 53 15.65 24.89 36.79
CA ALA B 53 14.52 25.76 37.03
C ALA B 53 14.70 27.07 36.26
N ARG B 54 15.91 27.59 36.33
CA ARG B 54 16.21 28.88 35.73
C ARG B 54 15.93 28.85 34.23
N GLU B 55 16.33 27.76 33.59
CA GLU B 55 16.05 27.55 32.19
C GLU B 55 14.55 27.41 31.92
N ALA B 56 13.87 26.65 32.77
CA ALA B 56 12.43 26.52 32.62
C ALA B 56 11.75 27.89 32.66
N PHE B 57 12.16 28.74 33.61
CA PHE B 57 11.57 30.07 33.77
C PHE B 57 11.89 31.04 32.61
N ALA B 58 13.07 30.91 32.04
CA ALA B 58 13.46 31.73 30.90
C ALA B 58 12.60 31.38 29.71
N ILE B 59 12.42 30.09 29.46
CA ILE B 59 11.50 29.65 28.41
C ILE B 59 10.07 30.15 28.66
N ALA B 60 9.57 29.96 29.89
CA ALA B 60 8.23 30.42 30.27
C ALA B 60 8.05 31.90 29.99
N ALA B 61 8.98 32.72 30.49
CA ALA B 61 8.94 34.18 30.30
C ALA B 61 8.98 34.65 28.84
N ALA B 62 9.76 33.96 28.01
CA ALA B 62 9.92 34.36 26.62
C ALA B 62 8.72 34.00 25.79
N TYR B 63 8.01 32.94 26.18
CA TYR B 63 6.87 32.47 25.40
C TYR B 63 5.58 33.22 25.75
N GLN B 64 4.94 33.78 24.72
CA GLN B 64 3.65 34.46 24.87
C GLN B 64 2.57 33.59 24.27
N PRO B 65 1.84 32.87 25.13
CA PRO B 65 0.72 32.07 24.66
C PRO B 65 -0.26 32.90 23.83
N LYS B 66 -0.76 32.34 22.74
CA LYS B 66 -1.74 33.04 21.93
C LYS B 66 -2.97 32.18 21.75
N LEU B 67 -3.09 31.11 22.52
CA LEU B 67 -4.25 30.21 22.42
C LEU B 67 -5.56 30.98 22.55
N THR B 68 -6.49 30.70 21.65
CA THR B 68 -7.83 31.23 21.82
C THR B 68 -8.45 30.53 23.02
N ARG B 69 -9.56 31.06 23.52
CA ARG B 69 -10.27 30.39 24.59
C ARG B 69 -10.73 29.01 24.13
N TYR B 70 -11.18 28.93 22.89
CA TYR B 70 -11.53 27.62 22.33
C TYR B 70 -10.38 26.59 22.41
N GLU B 71 -9.18 27.01 22.01
CA GLU B 71 -8.04 26.10 22.00
C GLU B 71 -7.67 25.65 23.40
N ARG B 72 -7.67 26.61 24.32
CA ARG B 72 -7.43 26.32 25.72
C ARG B 72 -8.44 25.30 26.22
N GLN B 73 -9.71 25.51 25.93
CA GLN B 73 -10.74 24.58 26.38
C GLN B 73 -10.50 23.18 25.82
N LYS B 74 -10.15 23.09 24.53
CA LYS B 74 -9.90 21.79 23.90
C LYS B 74 -8.78 21.06 24.61
N ILE B 75 -7.70 21.78 24.87
CA ILE B 75 -6.57 21.19 25.61
C ILE B 75 -6.98 20.69 26.98
N LEU B 76 -7.67 21.55 27.74
CA LEU B 76 -8.12 21.14 29.06
C LEU B 76 -9.07 19.95 29.06
N LEU B 77 -10.07 19.96 28.17
CA LEU B 77 -11.01 18.86 28.08
C LEU B 77 -10.36 17.58 27.55
N ALA B 78 -9.39 17.71 26.65
CA ALA B 78 -8.70 16.53 26.12
C ALA B 78 -7.90 15.92 27.29
N THR B 79 -7.33 16.79 28.10
CA THR B 79 -6.62 16.33 29.29
C THR B 79 -7.53 15.58 30.26
N ALA B 80 -8.71 16.14 30.49
CA ALA B 80 -9.70 15.45 31.31
C ALA B 80 -9.99 14.06 30.74
N GLU B 81 -10.16 13.92 29.42
CA GLU B 81 -10.51 12.59 28.96
C GLU B 81 -9.36 11.62 29.07
N ALA B 82 -8.15 12.15 28.89
CA ALA B 82 -6.96 11.32 29.02
C ALA B 82 -6.85 10.80 30.44
N LEU B 83 -7.19 11.65 31.42
CA LEU B 83 -7.16 11.23 32.81
C LEU B 83 -8.17 10.13 33.06
N ALA B 84 -9.38 10.27 32.52
CA ALA B 84 -10.40 9.24 32.63
C ALA B 84 -9.92 7.96 31.93
N ALA B 85 -9.46 8.10 30.69
CA ALA B 85 -9.04 6.93 29.91
C ALA B 85 -7.91 6.19 30.60
N ARG B 86 -6.96 6.91 31.20
CA ARG B 86 -5.79 6.29 31.79
C ARG B 86 -5.82 6.22 33.32
N LYS B 87 -7.00 6.28 33.91
CA LYS B 87 -7.04 6.42 35.36
C LYS B 87 -6.37 5.26 36.10
N GLU B 88 -6.43 4.06 35.56
CA GLU B 88 -5.86 2.90 36.28
C GLU B 88 -4.35 3.07 36.34
N GLU B 89 -3.77 3.41 35.21
CA GLU B 89 -2.34 3.68 35.11
C GLU B 89 -1.94 4.82 36.04
N ILE B 90 -2.67 5.93 35.98
CA ILE B 90 -2.31 7.10 36.77
C ILE B 90 -2.43 6.84 38.26
N SER B 91 -3.50 6.14 38.67
CA SER B 91 -3.66 5.87 40.09
C SER B 91 -2.65 4.84 40.62
N ASP B 92 -2.19 3.95 39.74
CA ASP B 92 -1.09 3.08 40.09
C ASP B 92 0.13 3.92 40.46
N VAL B 93 0.46 4.87 39.58
CA VAL B 93 1.61 5.72 39.87
C VAL B 93 1.45 6.47 41.19
N ILE B 94 0.25 7.00 41.42
CA ILE B 94 0.01 7.73 42.66
C ILE B 94 0.23 6.83 43.87
N THR B 95 -0.41 5.66 43.86
CA THR B 95 -0.34 4.73 44.98
C THR B 95 1.09 4.27 45.24
N LEU B 96 1.83 4.02 44.16
CA LEU B 96 3.20 3.54 44.25
C LEU B 96 4.18 4.56 44.83
N GLU B 97 3.91 5.85 44.69
CA GLU B 97 4.79 6.80 45.38
C GLU B 97 4.24 7.36 46.68
N LEU B 98 2.92 7.35 46.84
CA LEU B 98 2.28 7.94 48.03
C LEU B 98 1.87 6.88 49.05
N GLY B 99 1.33 5.78 48.55
CA GLY B 99 0.99 4.67 49.44
C GLY B 99 -0.47 4.66 49.86
N ILE B 100 -1.21 5.67 49.44
CA ILE B 100 -2.64 5.64 49.66
C ILE B 100 -3.24 4.51 48.82
N SER B 101 -4.39 4.02 49.26
CA SER B 101 -5.05 2.90 48.61
C SER B 101 -5.43 3.29 47.20
N LYS B 102 -5.60 2.29 46.33
CA LYS B 102 -6.15 2.50 45.00
C LYS B 102 -7.51 3.15 45.05
N ALA B 103 -8.31 2.82 46.06
CA ALA B 103 -9.60 3.48 46.20
C ALA B 103 -9.41 5.00 46.28
N ASP B 104 -8.49 5.43 47.14
CA ASP B 104 -8.21 6.85 47.31
C ASP B 104 -7.54 7.42 46.05
N SER B 105 -6.64 6.66 45.42
CA SER B 105 -5.93 7.25 44.31
C SER B 105 -6.84 7.31 43.06
N LEU B 106 -7.77 6.35 42.91
CA LEU B 106 -8.71 6.44 41.81
C LEU B 106 -9.61 7.65 42.04
N TYR B 107 -9.95 7.89 43.30
CA TYR B 107 -10.77 9.03 43.63
C TYR B 107 -10.01 10.32 43.28
N GLU B 108 -8.71 10.35 43.58
CA GLU B 108 -7.94 11.54 43.25
C GLU B 108 -7.94 11.83 41.75
N VAL B 109 -7.87 10.76 40.93
CA VAL B 109 -7.95 10.95 39.48
C VAL B 109 -9.29 11.59 39.08
N GLY B 110 -10.36 11.15 39.71
CA GLY B 110 -11.66 11.78 39.53
C GLY B 110 -11.66 13.25 39.88
N ARG B 111 -11.03 13.62 41.00
CA ARG B 111 -10.93 15.02 41.35
C ARG B 111 -10.19 15.82 40.26
N ALA B 112 -9.06 15.28 39.81
CA ALA B 112 -8.30 15.94 38.76
C ALA B 112 -9.11 16.07 37.49
N PHE B 113 -9.87 15.01 37.17
CA PHE B 113 -10.81 15.02 36.05
C PHE B 113 -11.76 16.22 36.18
N ASP B 114 -12.27 16.46 37.38
CA ASP B 114 -13.14 17.61 37.65
C ASP B 114 -12.40 18.93 37.48
N VAL B 115 -11.19 19.00 38.01
CA VAL B 115 -10.41 20.22 37.87
C VAL B 115 -10.24 20.63 36.42
N PHE B 116 -9.74 19.69 35.60
CA PHE B 116 -9.58 19.98 34.20
C PHE B 116 -10.88 20.28 33.47
N THR B 117 -11.93 19.54 33.80
CA THR B 117 -13.23 19.75 33.15
C THR B 117 -13.73 21.16 33.47
N LEU B 118 -13.69 21.53 34.74
CA LEU B 118 -14.29 22.80 35.13
C LEU B 118 -13.44 23.96 34.67
N ALA B 119 -12.10 23.79 34.73
CA ALA B 119 -11.23 24.81 34.13
C ALA B 119 -11.53 24.98 32.65
N GLY B 120 -11.74 23.86 31.94
CA GLY B 120 -12.01 23.91 30.51
C GLY B 120 -13.31 24.68 30.24
N GLN B 121 -14.35 24.35 31.00
CA GLN B 121 -15.64 24.98 30.82
C GLN B 121 -15.66 26.47 31.24
N MET B 122 -14.78 26.85 32.18
CA MET B 122 -14.70 28.23 32.63
C MET B 122 -14.02 29.12 31.61
N CYS B 123 -13.40 28.51 30.61
CA CYS B 123 -12.77 29.26 29.51
C CYS B 123 -13.68 30.15 28.68
N ILE B 124 -14.95 29.77 28.54
CA ILE B 124 -15.83 30.55 27.70
C ILE B 124 -16.28 31.82 28.43
N ARG B 125 -15.78 31.95 29.65
CA ARG B 125 -16.23 32.92 30.61
C ARG B 125 -15.42 34.21 30.67
N ASP B 126 -16.03 35.37 30.47
CA ASP B 126 -15.32 36.66 30.53
C ASP B 126 -15.96 37.47 31.64
N ASP B 127 -15.24 37.69 32.73
CA ASP B 127 -15.81 38.44 33.86
C ASP B 127 -15.53 39.93 33.79
N GLY B 128 -15.25 40.45 32.59
CA GLY B 128 -14.99 41.87 32.44
C GLY B 128 -16.16 42.69 32.94
N GLU B 129 -15.89 43.90 33.41
CA GLU B 129 -16.95 44.81 33.87
C GLU B 129 -16.94 46.10 33.07
N ILE B 130 -18.02 46.84 33.21
CA ILE B 130 -18.13 48.17 32.63
C ILE B 130 -18.56 49.17 33.70
N PHE B 131 -17.90 50.32 33.75
CA PHE B 131 -18.26 51.38 34.68
C PHE B 131 -18.67 52.57 33.83
N SER B 132 -19.77 53.21 34.22
CA SER B 132 -20.11 54.54 33.73
C SER B 132 -19.45 55.56 34.62
N CYS B 133 -19.06 56.72 34.07
CA CYS B 133 -18.14 57.62 34.74
C CYS B 133 -18.81 58.90 35.14
N ASP B 134 -20.07 59.06 34.73
CA ASP B 134 -20.81 60.27 35.01
C ASP B 134 -21.52 60.20 36.36
N LEU B 135 -20.74 59.97 37.41
CA LEU B 135 -21.30 59.55 38.69
C LEU B 135 -21.34 60.61 39.79
N THR B 136 -20.42 61.56 39.73
CA THR B 136 -20.23 62.51 40.80
C THR B 136 -20.11 63.90 40.16
N PRO B 137 -19.86 64.95 40.95
CA PRO B 137 -19.47 66.25 40.39
C PRO B 137 -18.18 66.16 39.54
N HIS B 138 -17.34 65.16 39.78
CA HIS B 138 -16.11 65.03 39.01
C HIS B 138 -16.36 64.13 37.79
N GLY B 139 -17.62 63.86 37.48
CA GLY B 139 -17.97 62.85 36.48
C GLY B 139 -17.69 63.22 35.04
N LYS B 140 -17.61 62.22 34.16
CA LYS B 140 -17.28 62.47 32.75
C LYS B 140 -18.15 61.56 31.88
N ALA B 141 -18.37 61.98 30.64
CA ALA B 141 -19.13 61.18 29.68
C ALA B 141 -18.23 60.13 29.05
N ARG B 142 -18.06 59.03 29.79
CA ARG B 142 -16.96 58.09 29.52
C ARG B 142 -17.35 56.72 30.10
N LYS B 143 -16.86 55.65 29.49
CA LYS B 143 -16.95 54.35 30.13
C LYS B 143 -15.60 53.71 30.38
N ILE B 144 -15.52 52.98 31.48
CA ILE B 144 -14.34 52.20 31.84
C ILE B 144 -14.70 50.72 31.64
N PHE B 145 -13.83 49.98 30.95
CA PHE B 145 -13.98 48.56 30.69
C PHE B 145 -12.82 47.83 31.34
N THR B 146 -13.07 46.58 31.73
CA THR B 146 -12.07 45.72 32.36
C THR B 146 -11.71 44.52 31.47
N MET B 147 -10.46 44.07 31.56
CA MET B 147 -10.05 42.83 30.94
C MET B 147 -8.87 42.24 31.70
N ARG B 148 -8.60 40.97 31.49
CA ARG B 148 -7.53 40.26 32.20
C ARG B 148 -6.42 39.87 31.24
N GLU B 149 -5.19 39.90 31.73
CA GLU B 149 -4.06 39.46 30.92
C GLU B 149 -3.18 38.53 31.75
N PRO B 150 -2.45 37.61 31.08
CA PRO B 150 -1.64 36.63 31.83
C PRO B 150 -0.39 37.28 32.40
N LEU B 151 0.24 36.57 33.33
CA LEU B 151 1.51 37.03 33.92
C LEU B 151 2.69 36.57 33.04
N THR B 152 3.89 36.92 33.46
CA THR B 152 5.10 36.51 32.78
C THR B 152 5.39 35.02 32.99
N ALA B 153 5.38 34.59 34.25
CA ALA B 153 5.62 33.19 34.57
C ALA B 153 5.08 32.91 35.94
N ILE B 154 4.58 31.68 36.15
CA ILE B 154 4.06 31.29 37.45
C ILE B 154 4.93 30.12 37.98
N SER B 155 5.20 30.17 39.27
CA SER B 155 5.93 29.11 39.93
C SER B 155 4.97 28.32 40.82
N ALA B 156 4.85 27.01 40.57
CA ALA B 156 3.98 26.14 41.35
C ALA B 156 4.77 25.10 42.16
N ILE B 157 4.51 25.04 43.46
CA ILE B 157 5.22 24.12 44.33
C ILE B 157 4.20 23.27 45.05
N THR B 158 4.25 21.96 44.81
CA THR B 158 3.19 21.07 45.29
C THR B 158 3.68 20.03 46.31
N PRO B 159 2.79 19.59 47.19
CA PRO B 159 3.10 18.64 48.26
C PRO B 159 2.82 17.17 47.88
N PHE B 160 3.01 16.23 48.81
CA PHE B 160 2.92 14.79 48.53
C PHE B 160 1.50 14.26 48.59
N ASN B 161 0.75 14.92 49.44
CA ASN B 161 -0.68 14.81 49.67
C ASN B 161 -1.64 14.35 48.52
N HIS B 162 -1.60 15.10 47.42
CA HIS B 162 -2.39 14.82 46.23
C HIS B 162 -1.43 15.03 45.06
N PRO B 163 -0.61 14.00 44.75
CA PRO B 163 0.45 14.13 43.74
C PRO B 163 -0.10 14.53 42.37
N LEU B 164 -1.39 14.32 42.19
CA LEU B 164 -2.00 14.65 40.90
C LEU B 164 -2.87 15.89 41.06
N ASN B 165 -3.83 15.81 41.98
CA ASN B 165 -4.82 16.87 42.07
C ASN B 165 -4.24 18.23 42.41
N MET B 166 -3.22 18.24 43.26
CA MET B 166 -2.53 19.51 43.59
C MET B 166 -1.81 20.15 42.39
N VAL B 167 -1.23 19.33 41.54
CA VAL B 167 -0.62 19.85 40.33
C VAL B 167 -1.73 20.33 39.40
N ALA B 168 -2.78 19.53 39.24
CA ALA B 168 -3.92 19.93 38.39
C ALA B 168 -4.45 21.30 38.79
N HIS B 169 -4.67 21.51 40.10
CA HIS B 169 -5.23 22.78 40.59
C HIS B 169 -4.34 23.98 40.28
N LYS B 170 -3.05 23.77 40.18
CA LYS B 170 -2.15 24.87 39.87
C LYS B 170 -1.90 25.02 38.36
N VAL B 171 -1.96 23.92 37.64
CA VAL B 171 -1.65 23.97 36.20
C VAL B 171 -2.88 24.27 35.31
N ALA B 172 -4.02 23.69 35.62
CA ALA B 172 -5.19 23.90 34.79
C ALA B 172 -5.57 25.40 34.72
N PRO B 173 -5.60 26.09 35.86
CA PRO B 173 -6.03 27.50 35.76
C PRO B 173 -5.01 28.32 35.00
N ALA B 174 -3.75 27.89 35.05
CA ALA B 174 -2.70 28.60 34.32
C ALA B 174 -2.91 28.43 32.81
N ILE B 175 -3.16 27.19 32.39
CA ILE B 175 -3.45 26.91 30.97
C ILE B 175 -4.63 27.76 30.51
N ALA B 176 -5.69 27.79 31.33
CA ALA B 176 -6.95 28.43 30.99
C ALA B 176 -6.76 29.93 30.80
N THR B 177 -5.72 30.46 31.40
CA THR B 177 -5.46 31.90 31.35
C THR B 177 -4.25 32.28 30.49
N ASN B 178 -3.78 31.36 29.67
CA ASN B 178 -2.60 31.64 28.85
C ASN B 178 -1.34 32.02 29.62
N ASN B 179 -1.15 31.41 30.77
CA ASN B 179 0.09 31.54 31.53
C ASN B 179 1.13 30.46 31.21
N CYS B 180 2.35 30.68 31.67
CA CYS B 180 3.37 29.64 31.56
C CYS B 180 3.76 29.24 32.97
N VAL B 181 3.68 27.96 33.26
CA VAL B 181 3.91 27.53 34.61
C VAL B 181 5.08 26.55 34.70
N VAL B 182 5.82 26.68 35.78
CA VAL B 182 6.87 25.72 36.10
C VAL B 182 6.58 25.10 37.43
N VAL B 183 6.43 23.78 37.44
CA VAL B 183 6.03 23.07 38.64
C VAL B 183 7.21 22.32 39.25
N LYS B 184 7.35 22.46 40.56
CA LYS B 184 8.28 21.60 41.26
C LYS B 184 7.54 20.80 42.30
N PRO B 185 7.23 19.54 41.98
CA PRO B 185 6.54 18.66 42.94
C PRO B 185 7.51 18.25 44.02
N THR B 186 6.98 17.82 45.16
CA THR B 186 7.84 17.31 46.20
C THR B 186 8.64 16.10 45.72
N GLU B 187 9.88 16.01 46.17
CA GLU B 187 10.72 14.88 45.79
C GLU B 187 10.16 13.55 46.29
N LEU B 188 9.19 13.60 47.18
CA LEU B 188 8.58 12.37 47.65
C LEU B 188 7.65 11.74 46.65
N THR B 189 7.00 12.56 45.81
CA THR B 189 5.98 12.08 44.90
C THR B 189 6.02 12.82 43.56
N PRO B 190 7.16 12.76 42.88
CA PRO B 190 7.34 13.60 41.70
C PRO B 190 6.84 12.95 40.43
N MET B 191 6.62 11.66 40.47
CA MET B 191 6.36 10.96 39.22
C MET B 191 4.98 11.27 38.62
N THR B 192 4.00 11.43 39.49
CA THR B 192 2.68 11.77 39.01
C THR B 192 2.72 13.08 38.23
N ALA B 193 3.43 14.08 38.77
CA ALA B 193 3.57 15.36 38.06
C ALA B 193 4.18 15.20 36.65
N LEU B 194 5.18 14.32 36.53
CA LEU B 194 5.90 14.16 35.27
C LEU B 194 4.96 13.53 34.25
N LEU B 195 4.17 12.57 34.72
CA LEU B 195 3.19 11.90 33.89
C LEU B 195 2.08 12.87 33.45
N LEU B 196 1.64 13.77 34.34
CA LEU B 196 0.62 14.74 33.97
C LEU B 196 1.18 15.66 32.86
N ALA B 197 2.44 16.04 32.98
CA ALA B 197 3.08 16.85 31.94
C ALA B 197 3.00 16.17 30.58
N ASP B 198 3.34 14.89 30.53
CA ASP B 198 3.29 14.15 29.27
C ASP B 198 1.88 14.15 28.69
N ILE B 199 0.89 13.95 29.57
CA ILE B 199 -0.52 13.96 29.15
C ILE B 199 -0.88 15.30 28.54
N LEU B 200 -0.43 16.37 29.17
CA LEU B 200 -0.72 17.71 28.69
C LEU B 200 -0.09 18.01 27.34
N TYR B 201 1.15 17.59 27.15
CA TYR B 201 1.79 17.78 25.85
C TYR B 201 1.05 17.02 24.77
N GLU B 202 0.62 15.78 25.07
CA GLU B 202 -0.15 14.97 24.12
C GLU B 202 -1.52 15.57 23.85
N ALA B 203 -2.11 16.22 24.85
CA ALA B 203 -3.41 16.85 24.70
C ALA B 203 -3.29 18.15 23.89
N GLY B 204 -2.06 18.50 23.50
CA GLY B 204 -1.86 19.63 22.60
C GLY B 204 -1.38 20.94 23.21
N LEU B 205 -0.99 20.90 24.48
CA LEU B 205 -0.48 22.11 25.11
C LEU B 205 0.84 22.52 24.45
N PRO B 206 0.97 23.81 24.03
CA PRO B 206 2.31 24.28 23.61
C PRO B 206 3.30 24.03 24.77
N PRO B 207 4.39 23.34 24.49
CA PRO B 207 5.27 22.80 25.55
C PRO B 207 5.89 23.89 26.41
N GLU B 208 6.11 25.08 25.85
CA GLU B 208 6.66 26.19 26.61
C GLU B 208 5.80 26.57 27.82
N MET B 209 4.51 26.21 27.78
CA MET B 209 3.56 26.61 28.82
C MET B 209 3.64 25.77 30.07
N LEU B 210 4.43 24.71 30.03
CA LEU B 210 4.58 23.84 31.20
C LEU B 210 5.96 23.17 31.27
N SER B 211 6.63 23.36 32.40
CA SER B 211 7.77 22.55 32.74
C SER B 211 7.54 21.92 34.10
N VAL B 212 8.12 20.74 34.29
CA VAL B 212 8.08 20.07 35.59
C VAL B 212 9.50 19.72 35.95
N VAL B 213 10.01 20.35 37.00
CA VAL B 213 11.37 20.11 37.42
C VAL B 213 11.39 19.42 38.76
N THR B 214 12.45 18.66 39.02
CA THR B 214 12.52 17.87 40.23
C THR B 214 13.89 18.05 40.84
N GLY B 215 14.00 17.83 42.14
CA GLY B 215 15.28 17.86 42.82
C GLY B 215 15.15 18.06 44.32
N TRP B 216 16.29 18.18 44.99
CA TRP B 216 16.28 18.46 46.42
C TRP B 216 15.92 19.93 46.69
N PRO B 217 15.15 20.17 47.76
CA PRO B 217 14.80 21.55 48.09
C PRO B 217 16.04 22.44 48.18
N ALA B 218 17.12 21.88 48.72
CA ALA B 218 18.37 22.60 48.97
C ALA B 218 19.05 23.11 47.70
N ASP B 219 18.70 22.50 46.57
CA ASP B 219 19.29 22.83 45.28
C ASP B 219 18.40 23.67 44.35
N ILE B 220 17.16 23.22 44.18
CA ILE B 220 16.29 23.79 43.16
C ILE B 220 15.14 24.55 43.81
N GLY B 221 14.93 24.30 45.10
CA GLY B 221 13.83 24.92 45.81
C GLY B 221 13.84 26.44 45.78
N MET B 222 15.00 27.03 46.03
CA MET B 222 15.09 28.49 46.19
C MET B 222 14.88 29.20 44.85
N GLU B 223 15.33 28.55 43.77
CA GLU B 223 15.16 29.15 42.45
C GLU B 223 13.67 29.31 42.13
N MET B 224 12.88 28.36 42.57
CA MET B 224 11.44 28.41 42.39
C MET B 224 10.82 29.62 43.05
N ILE B 225 11.49 30.13 44.07
CA ILE B 225 10.98 31.24 44.86
C ILE B 225 11.49 32.62 44.42
N THR B 226 12.70 32.65 43.85
CA THR B 226 13.43 33.91 43.69
C THR B 226 13.67 34.24 42.21
N ASN B 227 13.44 33.29 41.31
CA ASN B 227 13.67 33.57 39.91
C ASN B 227 13.02 34.89 39.53
N PRO B 228 13.77 35.76 38.83
CA PRO B 228 13.28 37.11 38.51
C PRO B 228 12.10 37.14 37.55
N HIS B 229 11.89 36.08 36.76
CA HIS B 229 10.76 36.05 35.83
C HIS B 229 9.43 35.70 36.53
N VAL B 230 9.51 35.22 37.75
CA VAL B 230 8.32 34.74 38.42
C VAL B 230 7.45 35.89 38.93
N ASP B 231 6.22 35.97 38.42
CA ASP B 231 5.29 36.98 38.90
C ASP B 231 4.50 36.50 40.10
N LEU B 232 4.32 35.19 40.19
CA LEU B 232 3.46 34.60 41.23
C LEU B 232 3.97 33.24 41.66
N VAL B 233 4.08 33.04 42.97
CA VAL B 233 4.39 31.73 43.53
C VAL B 233 3.12 31.17 44.13
N THR B 234 2.73 29.99 43.68
CA THR B 234 1.57 29.31 44.29
C THR B 234 2.04 28.02 44.94
N PHE B 235 1.83 27.93 46.25
CA PHE B 235 2.44 26.89 47.06
C PHE B 235 1.43 26.27 47.96
N THR B 236 1.46 24.96 48.03
CA THR B 236 0.66 24.21 49.00
C THR B 236 1.63 23.31 49.76
N GLY B 237 1.58 23.35 51.08
CA GLY B 237 2.53 22.60 51.88
C GLY B 237 2.48 22.96 53.35
N SER B 238 3.61 22.79 54.04
CA SER B 238 3.62 22.92 55.50
C SER B 238 3.74 24.38 55.91
N VAL B 239 3.41 24.64 57.17
CA VAL B 239 3.49 26.00 57.68
C VAL B 239 4.92 26.55 57.67
N PRO B 240 5.85 25.77 58.23
CA PRO B 240 7.24 26.23 58.22
C PRO B 240 7.76 26.55 56.82
N VAL B 241 7.54 25.66 55.86
CA VAL B 241 8.05 25.93 54.51
C VAL B 241 7.32 27.12 53.89
N GLY B 242 6.02 27.22 54.15
CA GLY B 242 5.25 28.36 53.68
C GLY B 242 5.74 29.69 54.25
N LYS B 243 6.06 29.71 55.54
CA LYS B 243 6.51 30.94 56.18
C LYS B 243 7.85 31.34 55.57
N LEU B 244 8.65 30.34 55.28
CA LEU B 244 9.93 30.54 54.64
C LEU B 244 9.76 31.17 53.28
N ILE B 245 8.83 30.63 52.50
CA ILE B 245 8.56 31.16 51.18
C ILE B 245 8.06 32.61 51.26
N ALA B 246 7.18 32.88 52.23
CA ALA B 246 6.67 34.22 52.40
C ALA B 246 7.83 35.19 52.65
N ALA B 247 8.85 34.73 53.38
CA ALA B 247 9.98 35.59 53.71
C ALA B 247 10.90 35.82 52.53
N ASN B 248 10.99 34.87 51.60
CA ASN B 248 11.98 34.94 50.53
C ASN B 248 11.46 35.38 49.17
N ALA B 249 10.15 35.31 48.95
CA ALA B 249 9.62 35.67 47.65
C ALA B 249 9.19 37.14 47.62
N HIS B 250 10.09 38.03 48.02
CA HIS B 250 9.85 39.47 48.09
C HIS B 250 9.19 39.99 46.82
N TYR B 251 8.17 40.81 47.00
CA TYR B 251 7.59 41.53 45.87
C TYR B 251 7.10 40.62 44.73
N LYS B 252 6.81 39.37 45.05
CA LYS B 252 6.08 38.51 44.13
C LYS B 252 4.75 38.24 44.79
N ARG B 253 3.70 38.14 44.00
CA ARG B 253 2.46 37.64 44.53
C ARG B 253 2.66 36.22 45.01
N GLN B 254 1.99 35.87 46.09
CA GLN B 254 2.10 34.56 46.68
C GLN B 254 0.72 34.08 47.06
N VAL B 255 0.41 32.84 46.69
CA VAL B 255 -0.80 32.19 47.18
C VAL B 255 -0.35 30.97 47.94
N LEU B 256 -0.48 31.04 49.26
CA LEU B 256 0.10 30.03 50.14
C LEU B 256 -1.02 29.31 50.86
N GLU B 257 -1.03 28.00 50.66
CA GLU B 257 -2.01 27.12 51.23
C GLU B 257 -1.28 26.20 52.21
N LEU B 258 -1.51 26.42 53.49
CA LEU B 258 -0.79 25.70 54.50
C LEU B 258 -1.74 24.69 55.13
N GLY B 259 -1.42 24.17 56.30
CA GLY B 259 -2.29 23.11 56.78
C GLY B 259 -3.66 23.54 57.24
N GLY B 260 -4.36 22.60 57.85
CA GLY B 260 -5.55 22.88 58.60
C GLY B 260 -5.52 22.03 59.86
N ASN B 261 -6.52 22.21 60.70
CA ASN B 261 -6.70 21.36 61.86
C ASN B 261 -8.17 21.31 62.12
N ASP B 262 -8.87 20.71 61.15
CA ASP B 262 -10.27 21.01 60.96
C ASP B 262 -11.16 20.14 61.84
N PRO B 263 -12.17 20.75 62.45
CA PRO B 263 -13.10 20.01 63.30
C PRO B 263 -14.34 19.49 62.56
N LEU B 264 -14.85 18.35 63.03
CA LEU B 264 -16.22 17.94 62.76
C LEU B 264 -16.96 18.12 64.10
N ILE B 265 -17.96 18.98 64.12
CA ILE B 265 -18.61 19.33 65.39
C ILE B 265 -19.97 18.65 65.48
N ILE B 266 -20.20 17.92 66.57
CA ILE B 266 -21.44 17.17 66.74
C ILE B 266 -22.28 17.80 67.83
N LEU B 267 -23.37 18.47 67.43
CA LEU B 267 -24.21 19.20 68.37
C LEU B 267 -25.22 18.29 69.07
N ASN B 268 -25.66 18.70 70.26
CA ASN B 268 -26.45 17.81 71.09
C ASN B 268 -27.95 17.70 70.75
N ASP B 269 -28.40 18.34 69.68
CA ASP B 269 -29.78 18.18 69.22
C ASP B 269 -30.01 16.90 68.42
N LEU B 270 -28.95 16.19 68.08
CA LEU B 270 -29.09 15.10 67.11
C LEU B 270 -29.77 13.86 67.67
N SER B 271 -30.68 13.27 66.90
CA SER B 271 -31.24 11.97 67.21
C SER B 271 -30.18 10.87 66.99
N ASP B 272 -30.49 9.65 67.42
CA ASP B 272 -29.53 8.56 67.31
C ASP B 272 -29.26 8.23 65.85
N ASP B 273 -30.31 8.32 65.03
CA ASP B 273 -30.20 8.15 63.58
C ASP B 273 -29.23 9.18 63.00
N ASP B 274 -29.39 10.43 63.43
CA ASP B 274 -28.49 11.49 63.01
C ASP B 274 -27.08 11.35 63.60
N LEU B 275 -26.95 10.77 64.79
CA LEU B 275 -25.61 10.50 65.30
C LEU B 275 -24.90 9.46 64.39
N ALA B 276 -25.66 8.49 63.90
CA ALA B 276 -25.07 7.46 63.04
C ALA B 276 -24.53 8.06 61.73
N ARG B 277 -25.28 8.98 61.14
CA ARG B 277 -24.80 9.66 59.94
C ARG B 277 -23.62 10.55 60.22
N ALA B 278 -23.66 11.25 61.34
CA ALA B 278 -22.51 12.04 61.79
C ALA B 278 -21.28 11.15 62.01
N ALA B 279 -21.49 9.95 62.55
CA ALA B 279 -20.39 9.01 62.72
C ALA B 279 -19.79 8.63 61.38
N ASP B 280 -20.64 8.41 60.38
CA ASP B 280 -20.15 8.10 59.03
C ASP B 280 -19.22 9.20 58.54
N LEU B 281 -19.64 10.45 58.70
CA LEU B 281 -18.83 11.57 58.27
C LEU B 281 -17.51 11.65 59.04
N ALA B 282 -17.59 11.39 60.34
CA ALA B 282 -16.41 11.48 61.19
C ALA B 282 -15.36 10.49 60.70
N VAL B 283 -15.79 9.26 60.46
CA VAL B 283 -14.84 8.24 60.08
C VAL B 283 -14.29 8.51 58.69
N ALA B 284 -15.16 8.80 57.73
CA ALA B 284 -14.71 9.12 56.38
C ALA B 284 -13.82 10.34 56.36
N GLY B 285 -14.26 11.41 57.02
CA GLY B 285 -13.48 12.64 57.06
C GLY B 285 -12.12 12.48 57.74
N ALA B 286 -12.05 11.58 58.72
CA ALA B 286 -10.79 11.36 59.43
C ALA B 286 -9.79 10.47 58.68
N THR B 287 -10.27 9.63 57.78
CA THR B 287 -9.38 8.54 57.31
C THR B 287 -9.15 8.54 55.80
N LYS B 288 -9.99 9.27 55.09
CA LYS B 288 -9.87 9.42 53.67
C LYS B 288 -8.50 9.94 53.26
N ASN B 289 -7.92 9.38 52.20
CA ASN B 289 -6.58 9.74 51.78
C ASN B 289 -5.60 9.47 52.93
N SER B 290 -5.93 8.50 53.77
CA SER B 290 -5.12 8.15 54.93
C SER B 290 -5.04 9.34 55.87
N GLY B 291 -6.10 10.17 55.88
CA GLY B 291 -6.11 11.35 56.73
C GLY B 291 -5.14 12.43 56.27
N GLN B 292 -4.59 12.27 55.07
CA GLN B 292 -3.63 13.22 54.58
C GLN B 292 -4.31 14.31 53.73
N ARG B 293 -5.10 15.14 54.38
CA ARG B 293 -5.70 16.31 53.74
C ARG B 293 -5.57 17.51 54.66
N CYS B 294 -5.29 18.66 54.07
CA CYS B 294 -5.27 19.89 54.83
C CYS B 294 -6.61 20.04 55.58
N THR B 295 -7.69 19.54 54.96
CA THR B 295 -9.05 19.64 55.48
C THR B 295 -9.57 18.31 56.04
N ALA B 296 -8.69 17.36 56.37
CA ALA B 296 -9.15 16.14 57.00
C ALA B 296 -9.79 16.47 58.35
N VAL B 297 -10.69 15.61 58.80
CA VAL B 297 -11.23 15.74 60.15
C VAL B 297 -10.09 15.36 61.11
N LYS B 298 -9.59 16.34 61.83
CA LYS B 298 -8.48 16.10 62.76
C LYS B 298 -8.92 16.27 64.22
N ARG B 299 -10.15 16.73 64.40
CA ARG B 299 -10.72 16.92 65.73
C ARG B 299 -12.18 16.66 65.60
N ILE B 300 -12.69 15.66 66.33
CA ILE B 300 -14.15 15.45 66.38
C ILE B 300 -14.66 16.03 67.68
N LEU B 301 -15.33 17.18 67.59
CA LEU B 301 -15.77 17.87 68.80
C LEU B 301 -17.18 17.44 69.06
N CYS B 302 -17.34 16.56 70.03
CA CYS B 302 -18.66 16.00 70.32
C CYS B 302 -19.16 16.58 71.62
N GLN B 303 -20.33 17.21 71.59
CA GLN B 303 -20.89 17.75 72.84
C GLN B 303 -21.21 16.62 73.83
N GLU B 304 -20.86 16.86 75.09
CA GLU B 304 -20.93 15.82 76.14
C GLU B 304 -22.22 15.00 76.12
N SER B 305 -23.35 15.71 76.08
CA SER B 305 -24.67 15.06 76.13
C SER B 305 -24.82 13.85 75.22
N VAL B 306 -24.18 13.89 74.04
CA VAL B 306 -24.43 12.84 73.05
C VAL B 306 -23.24 11.94 72.83
N ALA B 307 -22.15 12.24 73.50
CA ALA B 307 -20.92 11.49 73.30
C ALA B 307 -21.08 9.99 73.55
N ASP B 308 -21.81 9.62 74.60
CA ASP B 308 -21.93 8.21 74.94
C ASP B 308 -22.68 7.44 73.88
N ARG B 309 -23.59 8.12 73.18
CA ARG B 309 -24.28 7.48 72.08
C ARG B 309 -23.49 7.55 70.78
N PHE B 310 -22.72 8.63 70.61
CA PHE B 310 -21.99 8.89 69.37
C PHE B 310 -20.77 8.02 69.25
N VAL B 311 -19.98 7.93 70.32
CA VAL B 311 -18.68 7.24 70.24
C VAL B 311 -18.81 5.78 69.77
N PRO B 312 -19.73 5.03 70.34
CA PRO B 312 -19.84 3.62 69.89
C PRO B 312 -20.14 3.52 68.41
N LEU B 313 -20.92 4.47 67.90
CA LEU B 313 -21.24 4.46 66.46
C LEU B 313 -19.99 4.70 65.61
N VAL B 314 -19.13 5.62 66.04
CA VAL B 314 -17.86 5.82 65.39
C VAL B 314 -17.00 4.56 65.45
N LEU B 315 -16.90 3.98 66.65
CA LEU B 315 -16.04 2.82 66.87
C LEU B 315 -16.42 1.72 65.91
N GLU B 316 -17.71 1.47 65.84
CA GLU B 316 -18.23 0.38 65.03
C GLU B 316 -17.87 0.59 63.57
N ARG B 317 -17.90 1.84 63.11
CA ARG B 317 -17.59 2.13 61.72
C ARG B 317 -16.10 2.05 61.41
N ALA B 318 -15.29 2.54 62.33
CA ALA B 318 -13.84 2.47 62.17
C ALA B 318 -13.42 1.01 62.02
N LYS B 319 -14.04 0.12 62.79
CA LYS B 319 -13.65 -1.30 62.79
C LYS B 319 -13.94 -1.98 61.47
N ARG B 320 -14.84 -1.41 60.67
CA ARG B 320 -15.15 -1.99 59.37
C ARG B 320 -14.14 -1.66 58.29
N LEU B 321 -13.32 -0.64 58.50
CA LEU B 321 -12.35 -0.24 57.48
C LEU B 321 -11.28 -1.31 57.31
N ARG B 322 -10.97 -1.58 56.05
CA ARG B 322 -9.84 -2.44 55.73
C ARG B 322 -8.58 -1.65 55.41
N PHE B 323 -7.54 -1.87 56.21
CA PHE B 323 -6.29 -1.19 56.04
C PHE B 323 -5.25 -2.24 55.71
N GLY B 324 -4.40 -1.93 54.72
CA GLY B 324 -3.39 -2.89 54.30
C GLY B 324 -2.85 -2.55 52.94
N ASP B 325 -2.56 -3.56 52.14
CA ASP B 325 -1.92 -3.40 50.84
C ASP B 325 -2.64 -2.40 49.95
N PRO B 326 -1.98 -1.29 49.64
CA PRO B 326 -2.70 -0.24 48.91
C PRO B 326 -3.07 -0.66 47.49
N MET B 327 -2.30 -1.60 46.93
CA MET B 327 -2.59 -2.04 45.57
C MET B 327 -3.75 -3.03 45.56
N ASP B 328 -4.18 -3.46 46.75
CA ASP B 328 -5.32 -4.36 46.85
C ASP B 328 -6.59 -3.53 46.74
N ARG B 329 -7.38 -3.81 45.71
CA ARG B 329 -8.56 -3.00 45.42
C ARG B 329 -9.69 -3.07 46.47
N SER B 330 -9.60 -3.98 47.41
CA SER B 330 -10.57 -3.96 48.49
C SER B 330 -10.03 -3.22 49.71
N THR B 331 -8.81 -2.72 49.62
CA THR B 331 -8.26 -1.88 50.69
C THR B 331 -8.99 -0.54 50.72
N ASP B 332 -9.49 -0.14 51.89
CA ASP B 332 -10.01 1.21 52.09
C ASP B 332 -8.86 2.18 52.40
N LEU B 333 -8.05 1.81 53.38
CA LEU B 333 -7.03 2.70 53.92
C LEU B 333 -5.64 2.11 53.70
N GLY B 334 -4.84 2.80 52.89
CA GLY B 334 -3.44 2.45 52.66
C GLY B 334 -2.56 3.08 53.71
N THR B 335 -1.30 3.33 53.36
CA THR B 335 -0.34 3.83 54.33
C THR B 335 -0.38 5.35 54.39
N VAL B 336 0.38 5.94 55.31
CA VAL B 336 0.69 7.35 55.22
C VAL B 336 2.00 7.48 54.47
N ILE B 337 2.51 8.71 54.34
CA ILE B 337 3.62 9.00 53.45
C ILE B 337 4.92 8.25 53.81
N HIS B 338 5.16 8.04 55.09
CA HIS B 338 6.32 7.23 55.48
C HIS B 338 6.21 6.82 56.92
N GLU B 339 7.11 5.91 57.28
CA GLU B 339 7.09 5.27 58.58
C GLU B 339 7.34 6.25 59.70
N LYS B 340 8.15 7.27 59.48
CA LYS B 340 8.40 8.15 60.60
C LYS B 340 7.21 9.06 60.87
N ALA B 341 6.43 9.39 59.84
CA ALA B 341 5.18 10.14 60.07
C ALA B 341 4.22 9.27 60.86
N ALA B 342 4.05 8.04 60.40
CA ALA B 342 3.23 7.06 61.09
C ALA B 342 3.68 6.90 62.55
N ALA B 343 4.99 6.77 62.75
CA ALA B 343 5.52 6.67 64.11
C ALA B 343 5.15 7.87 64.98
N LEU B 344 5.34 9.08 64.45
CA LEU B 344 5.00 10.32 65.15
C LEU B 344 3.51 10.35 65.53
N PHE B 345 2.65 9.98 64.59
CA PHE B 345 1.23 10.02 64.85
C PHE B 345 0.82 9.06 65.97
N GLU B 346 1.31 7.83 65.91
CA GLU B 346 0.99 6.87 66.96
C GLU B 346 1.50 7.34 68.32
N GLU B 347 2.69 7.90 68.32
CA GLU B 347 3.29 8.52 69.44
C GLU B 347 2.35 9.54 70.11
N ARG B 348 1.76 10.41 69.29
CA ARG B 348 0.84 11.43 69.78
C ARG B 348 -0.39 10.80 70.42
N VAL B 349 -0.80 9.65 69.87
CA VAL B 349 -1.94 8.92 70.41
C VAL B 349 -1.60 8.36 71.80
N MET B 350 -0.44 7.73 71.92
CA MET B 350 -0.02 7.13 73.20
C MET B 350 0.02 8.17 74.29
N ARG B 351 0.57 9.31 73.89
CA ARG B 351 0.73 10.46 74.76
C ARG B 351 -0.60 11.03 75.25
N ALA B 352 -1.57 11.13 74.35
CA ALA B 352 -2.90 11.59 74.70
C ALA B 352 -3.50 10.62 75.72
N ALA B 353 -3.24 9.33 75.50
CA ALA B 353 -3.75 8.31 76.39
C ALA B 353 -3.15 8.47 77.80
N GLU B 354 -1.89 8.87 77.85
CA GLU B 354 -1.24 9.15 79.13
C GLU B 354 -1.85 10.35 79.81
N GLU B 355 -2.40 11.27 79.02
CA GLU B 355 -2.93 12.50 79.54
C GLU B 355 -4.40 12.31 79.82
N GLY B 356 -4.86 11.07 79.70
CA GLY B 356 -6.23 10.73 80.05
C GLY B 356 -7.11 10.23 78.92
N ALA B 357 -6.62 10.26 77.68
CA ALA B 357 -7.44 9.81 76.56
C ALA B 357 -7.73 8.31 76.67
N ASP B 358 -8.76 7.89 75.97
CA ASP B 358 -9.18 6.50 76.01
C ASP B 358 -9.10 5.86 74.62
N ILE B 359 -8.07 5.02 74.42
CA ILE B 359 -7.89 4.36 73.13
C ILE B 359 -8.87 3.21 73.01
N LEU B 360 -9.72 3.25 71.98
CA LEU B 360 -10.83 2.28 71.87
C LEU B 360 -10.57 1.26 70.81
N TYR B 361 -9.70 1.62 69.85
CA TYR B 361 -9.37 0.72 68.75
C TYR B 361 -8.01 1.09 68.22
N HIS B 362 -7.08 0.13 68.27
CA HIS B 362 -5.71 0.31 67.81
C HIS B 362 -5.12 -1.08 67.57
N PRO B 363 -5.38 -1.64 66.41
CA PRO B 363 -4.86 -2.98 66.08
C PRO B 363 -3.36 -3.01 65.81
N GLY B 364 -2.69 -1.86 65.90
CA GLY B 364 -1.23 -1.86 65.85
C GLY B 364 -0.68 -1.32 64.55
N ARG B 365 0.36 -0.51 64.64
CA ARG B 365 1.02 0.05 63.49
C ARG B 365 2.00 -0.94 62.84
N SER B 366 2.17 -0.79 61.53
CA SER B 366 3.12 -1.62 60.83
C SER B 366 3.84 -0.81 59.78
N GLY B 367 5.04 -0.36 60.10
CA GLY B 367 5.77 0.54 59.23
C GLY B 367 4.96 1.80 59.02
N ALA B 368 4.69 2.11 57.76
CA ALA B 368 3.96 3.31 57.39
C ALA B 368 2.47 3.07 57.40
N LEU B 369 2.08 1.85 57.72
CA LEU B 369 0.65 1.50 57.75
C LEU B 369 0.05 1.73 59.12
N LEU B 370 -0.83 2.72 59.18
CA LEU B 370 -1.46 3.10 60.43
C LEU B 370 -2.91 2.67 60.32
N PRO B 371 -3.43 1.95 61.32
CA PRO B 371 -4.85 1.62 61.29
C PRO B 371 -5.67 2.86 61.63
N PRO B 372 -6.99 2.79 61.46
CA PRO B 372 -7.80 3.96 61.79
C PRO B 372 -8.04 4.03 63.31
N ILE B 373 -7.04 4.46 64.06
CA ILE B 373 -7.11 4.43 65.50
C ILE B 373 -8.22 5.33 66.02
N VAL B 374 -9.10 4.77 66.85
CA VAL B 374 -10.15 5.52 67.52
C VAL B 374 -9.76 5.87 68.94
N VAL B 375 -9.77 7.16 69.27
CA VAL B 375 -9.45 7.62 70.61
C VAL B 375 -10.54 8.56 71.12
N ASP B 376 -11.02 8.29 72.33
CA ASP B 376 -12.06 9.08 72.94
C ASP B 376 -11.51 9.91 74.09
N ARG B 377 -12.26 10.92 74.50
CA ARG B 377 -11.86 11.78 75.63
C ARG B 377 -10.47 12.35 75.42
N VAL B 378 -10.12 12.69 74.18
CA VAL B 378 -8.85 13.38 73.91
C VAL B 378 -8.80 14.79 74.55
N PRO B 379 -7.80 15.05 75.39
CA PRO B 379 -7.65 16.40 75.95
C PRO B 379 -7.40 17.31 74.76
N HIS B 380 -8.09 18.43 74.67
CA HIS B 380 -7.92 19.12 73.42
C HIS B 380 -6.66 20.00 73.42
N GLN B 381 -5.97 20.03 74.56
CA GLN B 381 -4.62 20.61 74.66
C GLN B 381 -3.56 19.64 74.16
N SER B 382 -3.89 18.37 74.07
CA SER B 382 -2.87 17.40 73.74
C SER B 382 -2.37 17.56 72.31
N ASP B 383 -1.10 17.20 72.12
CA ASP B 383 -0.46 17.39 70.83
C ASP B 383 -1.24 16.78 69.68
N LEU B 384 -1.75 15.57 69.91
CA LEU B 384 -2.60 14.88 68.94
C LEU B 384 -3.57 15.81 68.21
N VAL B 385 -4.26 16.67 68.96
CA VAL B 385 -5.32 17.50 68.37
C VAL B 385 -4.99 18.98 68.32
N LEU B 386 -3.96 19.40 69.05
CA LEU B 386 -3.63 20.82 69.10
C LEU B 386 -2.73 21.11 67.91
N GLU B 387 -1.85 20.15 67.68
CA GLU B 387 -1.03 20.09 66.48
C GLU B 387 -1.84 19.47 65.34
N GLU B 388 -1.42 19.77 64.11
CA GLU B 388 -1.99 19.09 62.95
C GLU B 388 -1.40 17.68 62.86
N THR B 389 -2.26 16.66 62.99
CA THR B 389 -1.84 15.25 62.87
C THR B 389 -2.33 14.60 61.56
N PHE B 390 -1.38 14.42 60.63
CA PHE B 390 -1.71 14.20 59.23
C PHE B 390 -1.83 12.71 58.92
N GLY B 391 -2.67 12.02 59.67
CA GLY B 391 -2.86 10.58 59.51
C GLY B 391 -4.28 10.18 59.89
N PRO B 392 -4.62 8.89 59.72
CA PRO B 392 -6.02 8.46 59.85
C PRO B 392 -6.48 8.20 61.29
N ILE B 393 -6.02 9.04 62.22
CA ILE B 393 -6.52 8.99 63.59
C ILE B 393 -7.94 9.53 63.64
N ILE B 394 -8.77 8.88 64.46
CA ILE B 394 -10.13 9.30 64.68
C ILE B 394 -10.27 9.76 66.12
N PRO B 395 -10.01 11.04 66.39
CA PRO B 395 -9.90 11.48 67.78
C PRO B 395 -11.12 12.25 68.24
N ILE B 396 -11.79 11.77 69.29
CA ILE B 396 -12.99 12.44 69.77
C ILE B 396 -12.65 13.31 70.97
N VAL B 397 -12.94 14.61 70.84
CA VAL B 397 -12.76 15.54 71.94
C VAL B 397 -14.15 15.84 72.48
N ARG B 398 -14.35 15.55 73.76
CA ARG B 398 -15.64 15.85 74.38
C ARG B 398 -15.68 17.31 74.80
N VAL B 399 -16.70 18.02 74.31
CA VAL B 399 -16.78 19.45 74.54
C VAL B 399 -18.08 19.74 75.28
N PRO B 400 -18.14 20.90 75.95
CA PRO B 400 -19.33 21.23 76.74
C PRO B 400 -20.60 21.34 75.89
N ASP B 401 -21.75 21.14 76.55
CA ASP B 401 -23.05 21.39 75.93
C ASP B 401 -23.32 22.87 75.96
N ASP B 402 -22.41 23.64 75.38
CA ASP B 402 -22.50 25.09 75.29
C ASP B 402 -21.83 25.50 73.99
N ASP B 403 -22.59 26.15 73.11
CA ASP B 403 -22.06 26.50 71.79
C ASP B 403 -20.95 27.51 71.87
N ASP B 404 -21.09 28.52 72.74
CA ASP B 404 -20.04 29.51 72.90
C ASP B 404 -18.70 28.84 73.30
N ALA B 405 -18.76 27.93 74.28
CA ALA B 405 -17.56 27.19 74.67
C ALA B 405 -17.06 26.32 73.52
N THR B 406 -17.98 25.67 72.83
CA THR B 406 -17.59 24.82 71.71
C THR B 406 -16.88 25.64 70.64
N ILE B 407 -17.46 26.77 70.29
CA ILE B 407 -16.89 27.62 69.26
C ILE B 407 -15.51 28.16 69.66
N THR B 408 -15.37 28.57 70.91
CA THR B 408 -14.10 29.06 71.44
C THR B 408 -13.03 27.96 71.35
N LEU B 409 -13.41 26.76 71.75
CA LEU B 409 -12.53 25.60 71.61
C LEU B 409 -12.15 25.33 70.18
N SER B 410 -13.14 25.33 69.32
CA SER B 410 -12.90 25.04 67.92
C SER B 410 -11.88 26.03 67.35
N ASN B 411 -12.03 27.28 67.78
CA ASN B 411 -11.21 28.37 67.26
C ASN B 411 -9.85 28.51 67.92
N SER B 412 -9.56 27.67 68.90
CA SER B 412 -8.37 27.88 69.72
C SER B 412 -7.06 27.38 69.13
N THR B 413 -7.05 26.84 67.91
CA THR B 413 -5.78 26.41 67.32
C THR B 413 -5.19 27.51 66.46
N ALA B 414 -3.98 27.27 65.95
CA ALA B 414 -3.34 28.22 65.07
C ALA B 414 -3.91 28.20 63.65
N PHE B 415 -4.78 27.24 63.39
CA PHE B 415 -5.28 27.02 62.03
C PHE B 415 -6.69 27.57 61.88
N GLY B 416 -7.12 27.72 60.63
CA GLY B 416 -8.49 28.14 60.32
C GLY B 416 -8.73 27.90 58.84
N LEU B 417 -9.04 26.65 58.48
CA LEU B 417 -9.22 26.33 57.08
C LEU B 417 -10.69 25.99 56.86
N SER B 418 -11.08 24.75 57.16
CA SER B 418 -12.45 24.36 57.00
C SER B 418 -13.03 23.78 58.30
N SER B 419 -14.29 23.37 58.22
CA SER B 419 -14.97 22.80 59.34
C SER B 419 -16.26 22.12 58.88
N GLY B 420 -16.75 21.17 59.69
CA GLY B 420 -18.06 20.57 59.44
C GLY B 420 -18.91 20.72 60.72
N VAL B 421 -20.20 20.94 60.57
CA VAL B 421 -21.07 20.97 61.73
C VAL B 421 -22.30 20.15 61.48
N CYS B 422 -22.58 19.21 62.40
CA CYS B 422 -23.76 18.36 62.24
C CYS B 422 -24.79 18.78 63.28
N THR B 423 -25.90 19.34 62.79
CA THR B 423 -26.98 19.78 63.63
C THR B 423 -28.19 19.97 62.75
N ASN B 424 -29.39 19.97 63.32
CA ASN B 424 -30.58 20.30 62.54
C ASN B 424 -31.22 21.61 62.98
N ASP B 425 -30.61 22.24 63.96
CA ASP B 425 -31.15 23.46 64.56
C ASP B 425 -30.57 24.65 63.79
N TYR B 426 -31.40 25.33 62.99
CA TYR B 426 -30.91 26.38 62.11
C TYR B 426 -30.21 27.50 62.89
N ARG B 427 -30.81 27.85 64.01
CA ARG B 427 -30.28 28.90 64.84
C ARG B 427 -28.83 28.63 65.19
N ARG B 428 -28.54 27.38 65.55
CA ARG B 428 -27.21 26.99 65.97
C ARG B 428 -26.29 26.89 64.75
N MET B 429 -26.82 26.33 63.67
CA MET B 429 -26.15 26.36 62.37
C MET B 429 -25.58 27.73 62.06
N GLN B 430 -26.43 28.75 62.07
CA GLN B 430 -25.96 30.07 61.66
C GLN B 430 -24.99 30.67 62.67
N LYS B 431 -25.20 30.34 63.95
CA LYS B 431 -24.24 30.77 64.98
C LYS B 431 -22.84 30.21 64.71
N TYR B 432 -22.76 28.92 64.42
CA TYR B 432 -21.47 28.33 64.03
C TYR B 432 -20.91 28.91 62.74
N ILE B 433 -21.76 29.02 61.71
CA ILE B 433 -21.33 29.65 60.46
C ILE B 433 -20.72 31.02 60.70
N ALA B 434 -21.35 31.81 61.55
CA ALA B 434 -20.83 33.16 61.80
C ALA B 434 -19.61 33.17 62.73
N GLY B 435 -19.59 32.21 63.64
CA GLY B 435 -18.63 32.23 64.73
C GLY B 435 -17.32 31.48 64.52
N LEU B 436 -17.33 30.43 63.69
CA LEU B 436 -16.11 29.68 63.43
C LEU B 436 -15.11 30.56 62.65
N LYS B 437 -13.88 30.64 63.13
CA LYS B 437 -12.87 31.42 62.41
C LYS B 437 -12.16 30.58 61.37
N VAL B 438 -12.81 30.38 60.22
CA VAL B 438 -12.32 29.47 59.21
C VAL B 438 -12.65 30.01 57.82
N GLY B 439 -12.06 29.43 56.77
CA GLY B 439 -12.44 29.78 55.42
C GLY B 439 -13.76 29.17 54.97
N THR B 440 -14.12 28.02 55.52
CA THR B 440 -15.32 27.28 55.08
C THR B 440 -16.00 26.59 56.26
N VAL B 441 -17.32 26.64 56.31
CA VAL B 441 -18.11 25.88 57.27
C VAL B 441 -19.12 25.03 56.52
N ASN B 442 -18.95 23.71 56.58
CA ASN B 442 -19.87 22.81 55.90
C ASN B 442 -20.88 22.27 56.89
N ILE B 443 -22.17 22.53 56.64
CA ILE B 443 -23.22 21.93 57.44
C ILE B 443 -23.51 20.50 56.95
N TRP B 444 -23.36 19.52 57.84
CA TRP B 444 -23.63 18.11 57.50
C TRP B 444 -22.75 17.59 56.38
N GLU B 445 -21.51 18.06 56.34
CA GLU B 445 -20.52 17.47 55.45
C GLU B 445 -19.17 17.53 56.14
N VAL B 446 -18.20 16.81 55.62
CA VAL B 446 -16.86 16.89 56.18
C VAL B 446 -16.26 18.23 55.79
N PRO B 447 -15.29 18.71 56.58
CA PRO B 447 -14.60 19.94 56.26
C PRO B 447 -14.02 19.91 54.86
N GLY B 448 -13.66 18.72 54.39
CA GLY B 448 -12.97 18.61 53.13
C GLY B 448 -13.89 18.78 51.94
N TYR B 449 -15.20 18.81 52.17
CA TYR B 449 -16.13 18.94 51.05
C TYR B 449 -16.07 20.30 50.36
N ARG B 450 -15.97 20.27 49.04
CA ARG B 450 -16.06 21.47 48.20
C ARG B 450 -16.19 21.04 46.75
N ILE B 451 -16.54 21.96 45.86
CA ILE B 451 -16.41 21.65 44.44
C ILE B 451 -15.08 22.18 44.00
N GLU B 452 -14.52 21.65 42.93
CA GLU B 452 -13.16 22.04 42.57
C GLU B 452 -13.07 23.49 42.08
N MET B 453 -14.21 24.16 41.93
CA MET B 453 -14.19 25.54 41.46
C MET B 453 -14.75 26.59 42.45
N SER B 454 -15.13 26.19 43.65
CA SER B 454 -15.58 27.16 44.66
C SER B 454 -14.39 27.80 45.41
N PRO B 455 -14.61 28.96 46.03
CA PRO B 455 -13.46 29.60 46.68
C PRO B 455 -12.93 28.77 47.82
N PHE B 456 -11.64 28.50 47.80
CA PHE B 456 -11.01 27.63 48.79
C PHE B 456 -9.78 28.32 49.36
N GLY B 457 -9.71 28.40 50.68
CA GLY B 457 -8.53 28.93 51.34
C GLY B 457 -8.85 29.30 52.78
N GLY B 458 -7.81 29.32 53.60
CA GLY B 458 -7.98 29.53 55.02
C GLY B 458 -7.42 30.87 55.50
N ILE B 459 -7.45 31.04 56.80
CA ILE B 459 -6.91 32.20 57.45
C ILE B 459 -5.96 31.71 58.53
N LYS B 460 -5.44 32.65 59.34
CA LYS B 460 -4.49 32.31 60.42
C LYS B 460 -3.31 31.54 59.81
N ASP B 461 -2.86 30.46 60.42
CA ASP B 461 -1.76 29.71 59.86
C ASP B 461 -2.12 28.85 58.63
N SER B 462 -3.40 28.84 58.24
CA SER B 462 -3.83 27.93 57.18
C SER B 462 -3.54 28.47 55.79
N GLY B 463 -3.34 29.78 55.70
CA GLY B 463 -3.02 30.36 54.40
C GLY B 463 -2.72 31.82 54.57
N ASN B 464 -2.13 32.44 53.56
CA ASN B 464 -1.86 33.87 53.66
C ASN B 464 -3.04 34.77 53.27
N GLY B 465 -4.22 34.19 53.06
CA GLY B 465 -5.41 34.99 52.86
C GLY B 465 -5.96 35.19 51.46
N TYR B 466 -5.44 34.46 50.48
CA TYR B 466 -5.99 34.46 49.11
C TYR B 466 -6.68 33.13 48.81
N LYS B 467 -7.78 33.20 48.07
CA LYS B 467 -8.52 32.01 47.74
C LYS B 467 -7.96 31.34 46.50
N GLU B 468 -8.26 30.06 46.40
CA GLU B 468 -7.84 29.15 45.35
C GLU B 468 -9.14 28.49 44.88
N GLY B 469 -8.98 27.36 44.19
CA GLY B 469 -10.09 26.74 43.49
C GLY B 469 -9.98 27.27 42.08
N VAL B 470 -10.54 26.54 41.13
CA VAL B 470 -10.36 26.87 39.72
C VAL B 470 -10.68 28.33 39.41
N ILE B 471 -11.83 28.84 39.85
CA ILE B 471 -12.24 30.20 39.50
C ILE B 471 -11.31 31.27 40.13
N GLU B 472 -11.04 31.16 41.42
CA GLU B 472 -10.21 32.17 42.07
C GLU B 472 -8.76 32.07 41.63
N ALA B 473 -8.32 30.84 41.34
CA ALA B 473 -6.99 30.65 40.78
C ALA B 473 -6.86 31.38 39.43
N MET B 474 -7.86 31.23 38.57
CA MET B 474 -7.83 31.90 37.27
C MET B 474 -7.72 33.42 37.37
N LYS B 475 -8.47 34.02 38.30
CA LYS B 475 -8.37 35.45 38.57
C LYS B 475 -7.00 35.81 39.08
N SER B 476 -6.58 35.03 40.06
CA SER B 476 -5.32 35.22 40.74
C SER B 476 -4.16 35.19 39.73
N PHE B 477 -4.28 34.39 38.68
CA PHE B 477 -3.21 34.20 37.70
C PHE B 477 -3.26 35.24 36.59
N THR B 478 -3.98 36.33 36.80
CA THR B 478 -4.04 37.37 35.77
C THR B 478 -3.82 38.76 36.36
N ASN B 479 -3.51 39.71 35.50
CA ASN B 479 -3.59 41.12 35.88
C ASN B 479 -4.83 41.75 35.26
N VAL B 480 -5.55 42.53 36.05
CA VAL B 480 -6.65 43.30 35.47
C VAL B 480 -6.09 44.56 34.83
N LYS B 481 -6.44 44.77 33.57
CA LYS B 481 -6.17 46.02 32.88
C LYS B 481 -7.50 46.72 32.64
N THR B 482 -7.58 48.00 32.95
CA THR B 482 -8.77 48.77 32.59
C THR B 482 -8.45 49.65 31.38
N PHE B 483 -9.47 49.94 30.59
CA PHE B 483 -9.36 50.99 29.61
C PHE B 483 -10.61 51.83 29.59
N SER B 484 -10.48 53.11 29.22
CA SER B 484 -11.65 53.99 29.16
C SER B 484 -11.77 54.63 27.79
N LEU B 485 -13.02 54.85 27.38
CA LEU B 485 -13.31 55.42 26.09
C LEU B 485 -14.26 56.58 26.20
N PRO B 486 -14.04 57.62 25.37
CA PRO B 486 -14.99 58.73 25.36
C PRO B 486 -16.38 58.15 25.12
N TRP B 487 -17.39 58.63 25.81
CA TRP B 487 -18.71 58.08 25.53
C TRP B 487 -19.84 59.14 25.53
N HIS C 15 -40.45 9.76 5.47
CA HIS C 15 -41.65 9.35 6.16
C HIS C 15 -41.53 9.28 7.70
N GLU C 16 -41.85 10.37 8.40
CA GLU C 16 -41.57 10.44 9.84
C GLU C 16 -42.77 10.73 10.74
N PRO C 17 -42.97 9.90 11.76
CA PRO C 17 -44.03 10.15 12.73
C PRO C 17 -43.64 11.27 13.66
N MET C 18 -44.58 11.78 14.44
CA MET C 18 -44.26 12.69 15.52
C MET C 18 -43.48 11.94 16.59
N ARG C 19 -42.71 12.68 17.37
CA ARG C 19 -42.07 12.13 18.56
C ARG C 19 -42.77 12.72 19.80
N ILE C 20 -43.63 11.94 20.42
CA ILE C 20 -44.30 12.43 21.62
C ILE C 20 -43.75 11.70 22.84
N ALA C 21 -42.97 12.44 23.62
CA ALA C 21 -42.23 11.87 24.75
C ALA C 21 -41.57 10.54 24.41
N GLY C 22 -40.88 10.49 23.27
CA GLY C 22 -40.15 9.28 22.91
C GLY C 22 -40.91 8.25 22.11
N ARG C 23 -42.22 8.44 22.01
CA ARG C 23 -43.09 7.53 21.25
C ARG C 23 -43.25 8.03 19.84
N LEU C 24 -43.17 7.14 18.85
CA LEU C 24 -43.55 7.47 17.49
C LEU C 24 -45.07 7.49 17.39
N VAL C 25 -45.63 8.65 17.04
CA VAL C 25 -47.07 8.79 16.92
C VAL C 25 -47.40 9.23 15.52
N ASP C 26 -48.28 8.45 14.90
CA ASP C 26 -48.63 8.67 13.51
C ASP C 26 -50.09 9.03 13.36
N THR C 27 -50.45 9.39 12.14
CA THR C 27 -51.80 9.84 11.85
C THR C 27 -52.06 9.41 10.39
N ASP C 28 -53.32 9.36 9.98
CA ASP C 28 -53.68 8.97 8.59
C ASP C 28 -53.25 10.02 7.60
N ASP C 29 -53.74 11.24 7.79
CA ASP C 29 -53.41 12.33 6.89
C ASP C 29 -51.95 12.69 7.08
N ARG C 30 -51.34 13.11 5.98
CA ARG C 30 -49.92 13.41 5.94
C ARG C 30 -49.71 14.83 5.48
N VAL C 31 -48.61 15.43 5.92
CA VAL C 31 -48.12 16.69 5.37
C VAL C 31 -46.92 16.33 4.50
N GLU C 32 -46.97 16.67 3.22
CA GLU C 32 -45.83 16.40 2.35
C GLU C 32 -44.79 17.48 2.52
N VAL C 33 -43.52 17.06 2.59
CA VAL C 33 -42.41 18.01 2.62
C VAL C 33 -41.68 17.96 1.27
N ARG C 34 -41.59 19.11 0.61
CA ARG C 34 -41.02 19.16 -0.72
C ARG C 34 -39.65 19.85 -0.73
N TYR C 35 -38.79 19.34 -1.61
CA TYR C 35 -37.45 19.88 -1.85
C TYR C 35 -37.55 21.07 -2.80
N PRO C 36 -37.23 22.28 -2.31
CA PRO C 36 -37.49 23.47 -3.14
C PRO C 36 -36.71 23.49 -4.45
N TRP C 37 -35.63 22.73 -4.53
CA TRP C 37 -34.83 22.70 -5.76
C TRP C 37 -35.64 22.19 -6.93
N ASN C 38 -36.36 21.09 -6.74
CA ASN C 38 -37.10 20.50 -7.86
C ASN C 38 -38.57 20.20 -7.52
N ASP C 39 -39.01 20.69 -6.37
CA ASP C 39 -40.41 20.56 -5.93
C ASP C 39 -40.90 19.13 -5.76
N THR C 40 -39.98 18.20 -5.54
CA THR C 40 -40.40 16.82 -5.32
C THR C 40 -40.55 16.51 -3.85
N VAL C 41 -41.39 15.52 -3.56
CA VAL C 41 -41.64 15.09 -2.20
C VAL C 41 -40.45 14.30 -1.68
N VAL C 42 -39.83 14.78 -0.61
CA VAL C 42 -38.69 14.10 -0.02
C VAL C 42 -39.06 13.52 1.34
N GLY C 43 -40.23 13.86 1.85
CA GLY C 43 -40.67 13.31 3.11
C GLY C 43 -42.10 13.59 3.44
N THR C 44 -42.54 12.97 4.51
CA THR C 44 -43.93 13.19 4.90
C THR C 44 -43.94 13.09 6.45
N VAL C 45 -44.77 13.88 7.12
CA VAL C 45 -44.94 13.84 8.56
C VAL C 45 -46.44 13.88 8.84
N PRO C 46 -46.83 13.59 10.08
CA PRO C 46 -48.26 13.54 10.39
C PRO C 46 -48.91 14.90 10.32
N ALA C 47 -50.17 14.92 9.89
CA ALA C 47 -51.03 16.07 10.08
C ALA C 47 -51.60 15.93 11.48
N GLY C 48 -50.78 16.26 12.49
CA GLY C 48 -51.21 16.18 13.88
C GLY C 48 -52.34 17.16 14.22
N ARG C 49 -53.01 16.88 15.31
CA ARG C 49 -54.16 17.67 15.73
C ARG C 49 -53.98 18.18 17.14
N ALA C 50 -54.88 19.08 17.55
CA ALA C 50 -54.86 19.63 18.90
C ALA C 50 -54.59 18.55 19.96
N GLU C 51 -55.25 17.39 19.82
CA GLU C 51 -55.15 16.33 20.82
C GLU C 51 -53.72 15.84 21.00
N HIS C 52 -52.95 15.78 19.91
CA HIS C 52 -51.56 15.35 20.00
C HIS C 52 -50.74 16.35 20.82
N ALA C 53 -50.85 17.64 20.49
CA ALA C 53 -50.16 18.67 21.27
C ALA C 53 -50.62 18.55 22.69
N ARG C 54 -51.92 18.39 22.84
CA ARG C 54 -52.52 18.38 24.16
C ARG C 54 -51.93 17.26 25.02
N GLU C 55 -51.72 16.13 24.38
CA GLU C 55 -51.16 15.00 25.07
C GLU C 55 -49.68 15.26 25.40
N ALA C 56 -48.96 15.84 24.43
CA ALA C 56 -47.57 16.20 24.67
C ALA C 56 -47.45 17.15 25.88
N PHE C 57 -48.33 18.14 25.97
CA PHE C 57 -48.26 19.09 27.09
C PHE C 57 -48.64 18.49 28.44
N ALA C 58 -49.59 17.55 28.42
CA ALA C 58 -49.97 16.86 29.63
C ALA C 58 -48.77 16.07 30.16
N ILE C 59 -48.08 15.38 29.27
CA ILE C 59 -46.91 14.61 29.67
C ILE C 59 -45.82 15.55 30.21
N ALA C 60 -45.56 16.62 29.49
CA ALA C 60 -44.59 17.63 29.93
C ALA C 60 -44.90 18.16 31.32
N ALA C 61 -46.15 18.55 31.55
CA ALA C 61 -46.55 19.11 32.84
C ALA C 61 -46.44 18.11 33.99
N ALA C 62 -46.79 16.87 33.76
CA ALA C 62 -46.80 15.88 34.83
C ALA C 62 -45.37 15.47 35.22
N TYR C 63 -44.45 15.55 34.28
CA TYR C 63 -43.10 15.09 34.52
C TYR C 63 -42.27 16.19 35.19
N GLN C 64 -41.70 15.89 36.34
CA GLN C 64 -40.77 16.80 37.01
C GLN C 64 -39.34 16.33 36.86
N PRO C 65 -38.58 16.97 35.97
CA PRO C 65 -37.19 16.56 35.76
C PRO C 65 -36.41 16.62 37.06
N LYS C 66 -35.51 15.67 37.29
CA LYS C 66 -34.67 15.68 38.49
C LYS C 66 -33.21 15.60 38.10
N LEU C 67 -32.90 15.86 36.84
CA LEU C 67 -31.53 15.75 36.37
C LEU C 67 -30.62 16.67 37.20
N THR C 68 -29.50 16.14 37.66
CA THR C 68 -28.49 17.03 38.21
C THR C 68 -27.94 17.92 37.09
N ARG C 69 -27.23 18.98 37.46
CA ARG C 69 -26.55 19.79 36.46
C ARG C 69 -25.56 18.97 35.64
N TYR C 70 -24.86 18.04 36.31
CA TYR C 70 -23.94 17.15 35.65
C TYR C 70 -24.66 16.32 34.61
N GLU C 71 -25.81 15.75 34.96
CA GLU C 71 -26.54 14.91 33.99
C GLU C 71 -27.06 15.72 32.78
N ARG C 72 -27.56 16.91 33.05
CA ARG C 72 -27.91 17.84 31.98
C ARG C 72 -26.74 18.15 31.05
N GLN C 73 -25.60 18.49 31.65
CA GLN C 73 -24.42 18.78 30.86
C GLN C 73 -24.05 17.59 29.97
N LYS C 74 -24.03 16.38 30.53
CA LYS C 74 -23.70 15.15 29.77
C LYS C 74 -24.62 14.97 28.57
N ILE C 75 -25.91 15.14 28.81
CA ILE C 75 -26.87 15.02 27.71
C ILE C 75 -26.62 16.07 26.61
N LEU C 76 -26.39 17.31 27.01
CA LEU C 76 -26.19 18.40 26.07
C LEU C 76 -24.88 18.26 25.30
N LEU C 77 -23.83 17.83 25.98
CA LEU C 77 -22.53 17.62 25.35
C LEU C 77 -22.54 16.37 24.46
N ALA C 78 -23.22 15.31 24.89
CA ALA C 78 -23.41 14.15 24.02
C ALA C 78 -24.17 14.51 22.74
N THR C 79 -25.16 15.37 22.89
CA THR C 79 -25.90 15.85 21.71
C THR C 79 -25.01 16.61 20.77
N ALA C 80 -24.16 17.47 21.31
CA ALA C 80 -23.23 18.22 20.49
C ALA C 80 -22.32 17.27 19.70
N GLU C 81 -21.83 16.21 20.33
CA GLU C 81 -20.97 15.31 19.56
C GLU C 81 -21.72 14.54 18.53
N ALA C 82 -22.98 14.22 18.81
CA ALA C 82 -23.74 13.47 17.83
C ALA C 82 -23.94 14.38 16.64
N LEU C 83 -24.17 15.67 16.90
CA LEU C 83 -24.36 16.62 15.80
C LEU C 83 -23.13 16.69 14.92
N ALA C 84 -21.95 16.75 15.56
CA ALA C 84 -20.68 16.75 14.83
C ALA C 84 -20.48 15.44 14.10
N ALA C 85 -20.69 14.33 14.79
CA ALA C 85 -20.52 13.01 14.18
C ALA C 85 -21.45 12.83 12.97
N ARG C 86 -22.67 13.36 13.05
CA ARG C 86 -23.66 13.11 12.02
C ARG C 86 -23.94 14.29 11.12
N LYS C 87 -22.98 15.21 11.07
CA LYS C 87 -23.30 16.46 10.41
C LYS C 87 -23.67 16.40 8.93
N GLU C 88 -23.07 15.47 8.21
CA GLU C 88 -23.38 15.30 6.81
C GLU C 88 -24.82 14.84 6.67
N GLU C 89 -25.20 13.84 7.46
CA GLU C 89 -26.56 13.31 7.41
C GLU C 89 -27.54 14.44 7.74
N ILE C 90 -27.23 15.20 8.78
CA ILE C 90 -28.18 16.21 9.27
C ILE C 90 -28.33 17.34 8.25
N SER C 91 -27.22 17.75 7.67
CA SER C 91 -27.28 18.84 6.70
C SER C 91 -27.91 18.38 5.38
N ASP C 92 -27.76 17.10 5.05
CA ASP C 92 -28.56 16.54 3.96
C ASP C 92 -30.03 16.80 4.18
N VAL C 93 -30.53 16.38 5.35
CA VAL C 93 -31.94 16.58 5.69
C VAL C 93 -32.36 18.06 5.61
N ILE C 94 -31.54 18.94 6.19
CA ILE C 94 -31.81 20.37 6.12
C ILE C 94 -31.91 20.88 4.69
N THR C 95 -30.91 20.53 3.88
CA THR C 95 -30.89 20.97 2.49
C THR C 95 -32.09 20.43 1.71
N LEU C 96 -32.40 19.17 1.93
CA LEU C 96 -33.54 18.58 1.23
C LEU C 96 -34.89 19.22 1.54
N GLU C 97 -35.07 19.78 2.73
CA GLU C 97 -36.37 20.42 3.00
C GLU C 97 -36.35 21.93 2.84
N LEU C 98 -35.19 22.55 3.03
CA LEU C 98 -35.08 24.01 3.00
C LEU C 98 -34.58 24.49 1.65
N GLY C 99 -33.62 23.76 1.08
CA GLY C 99 -33.10 24.09 -0.24
C GLY C 99 -31.86 24.97 -0.17
N ILE C 100 -31.42 25.29 1.04
CA ILE C 100 -30.15 26.04 1.16
C ILE C 100 -29.01 25.12 0.75
N SER C 101 -27.90 25.71 0.31
CA SER C 101 -26.73 24.93 -0.08
C SER C 101 -26.18 24.09 1.06
N LYS C 102 -25.55 22.97 0.73
CA LYS C 102 -24.86 22.17 1.71
C LYS C 102 -23.85 23.01 2.50
N ALA C 103 -23.22 23.98 1.84
CA ALA C 103 -22.29 24.83 2.55
C ALA C 103 -23.00 25.55 3.72
N ASP C 104 -24.14 26.16 3.44
CA ASP C 104 -24.95 26.79 4.46
C ASP C 104 -25.49 25.79 5.48
N SER C 105 -25.92 24.61 5.04
CA SER C 105 -26.51 23.68 6.01
C SER C 105 -25.46 23.02 6.87
N LEU C 106 -24.27 22.80 6.33
CA LEU C 106 -23.19 22.29 7.18
C LEU C 106 -22.87 23.36 8.22
N TYR C 107 -22.91 24.62 7.79
CA TYR C 107 -22.62 25.71 8.71
C TYR C 107 -23.68 25.75 9.83
N GLU C 108 -24.94 25.52 9.47
CA GLU C 108 -26.01 25.50 10.47
C GLU C 108 -25.76 24.41 11.53
N VAL C 109 -25.27 23.24 11.11
CA VAL C 109 -24.98 22.18 12.07
C VAL C 109 -23.90 22.62 13.03
N GLY C 110 -22.87 23.29 12.50
CA GLY C 110 -21.88 23.93 13.35
C GLY C 110 -22.49 24.90 14.39
N ARG C 111 -23.46 25.71 13.98
CA ARG C 111 -24.10 26.62 14.92
C ARG C 111 -24.82 25.84 16.03
N ALA C 112 -25.55 24.81 15.65
CA ALA C 112 -26.29 23.99 16.60
C ALA C 112 -25.33 23.27 17.54
N PHE C 113 -24.19 22.87 16.99
CA PHE C 113 -23.12 22.28 17.78
C PHE C 113 -22.68 23.26 18.86
N ASP C 114 -22.49 24.52 18.48
CA ASP C 114 -22.15 25.59 19.44
C ASP C 114 -23.28 25.77 20.49
N VAL C 115 -24.53 25.81 20.03
CA VAL C 115 -25.66 26.00 20.96
C VAL C 115 -25.65 24.95 22.04
N PHE C 116 -25.58 23.68 21.66
CA PHE C 116 -25.56 22.60 22.63
C PHE C 116 -24.30 22.58 23.51
N THR C 117 -23.16 22.90 22.93
CA THR C 117 -21.91 22.93 23.68
C THR C 117 -21.99 24.01 24.73
N LEU C 118 -22.46 25.20 24.35
CA LEU C 118 -22.45 26.32 25.30
C LEU C 118 -23.53 26.13 26.35
N ALA C 119 -24.69 25.64 25.93
CA ALA C 119 -25.74 25.28 26.89
C ALA C 119 -25.21 24.26 27.89
N GLY C 120 -24.47 23.26 27.41
CA GLY C 120 -23.89 22.26 28.29
C GLY C 120 -22.91 22.88 29.30
N GLN C 121 -22.04 23.71 28.79
CA GLN C 121 -21.05 24.34 29.65
C GLN C 121 -21.66 25.37 30.65
N MET C 122 -22.80 25.96 30.29
CA MET C 122 -23.45 26.94 31.16
C MET C 122 -24.17 26.28 32.32
N CYS C 123 -24.35 24.98 32.25
CA CYS C 123 -24.94 24.19 33.34
C CYS C 123 -24.26 24.23 34.68
N ILE C 124 -22.94 24.38 34.70
CA ILE C 124 -22.22 24.40 35.96
C ILE C 124 -22.45 25.73 36.67
N ARG C 125 -23.19 26.63 36.02
CA ARG C 125 -23.36 28.03 36.47
C ARG C 125 -24.53 28.28 37.38
N ASP C 126 -24.31 28.90 38.53
CA ASP C 126 -25.42 29.30 39.37
C ASP C 126 -25.39 30.81 39.54
N ASP C 127 -26.37 31.51 38.98
CA ASP C 127 -26.33 32.96 39.06
C ASP C 127 -27.10 33.52 40.26
N GLY C 128 -27.26 32.71 41.30
CA GLY C 128 -27.99 33.10 42.49
C GLY C 128 -27.32 34.29 43.18
N GLU C 129 -28.12 35.10 43.85
CA GLU C 129 -27.58 36.30 44.50
C GLU C 129 -27.95 36.27 45.95
N ILE C 130 -27.29 37.14 46.69
CA ILE C 130 -27.52 37.28 48.11
C ILE C 130 -27.64 38.76 48.43
N PHE C 131 -28.66 39.08 49.23
CA PHE C 131 -28.88 40.44 49.67
C PHE C 131 -28.80 40.46 51.18
N SER C 132 -28.13 41.46 51.72
CA SER C 132 -28.14 41.74 53.14
C SER C 132 -29.31 42.67 53.37
N CYS C 133 -29.98 42.56 54.52
CA CYS C 133 -31.23 43.28 54.74
C CYS C 133 -31.15 44.41 55.75
N ASP C 134 -29.97 44.63 56.33
CA ASP C 134 -29.80 45.70 57.31
C ASP C 134 -29.41 47.01 56.63
N LEU C 135 -30.27 47.48 55.73
CA LEU C 135 -29.87 48.49 54.76
C LEU C 135 -30.44 49.87 55.02
N THR C 136 -31.57 49.92 55.73
CA THR C 136 -32.34 51.14 55.84
C THR C 136 -32.89 51.17 57.24
N PRO C 137 -33.65 52.23 57.59
CA PRO C 137 -34.28 52.25 58.92
C PRO C 137 -35.29 51.10 59.11
N HIS C 138 -35.72 50.48 58.01
CA HIS C 138 -36.60 49.30 58.11
C HIS C 138 -35.81 48.00 58.07
N GLY C 139 -34.51 48.09 58.25
CA GLY C 139 -33.65 46.93 57.98
C GLY C 139 -33.75 45.84 59.04
N LYS C 140 -33.24 44.66 58.70
CA LYS C 140 -33.30 43.53 59.62
C LYS C 140 -32.05 42.69 59.54
N ALA C 141 -31.72 41.97 60.61
CA ALA C 141 -30.53 41.11 60.59
C ALA C 141 -30.90 39.80 59.87
N ARG C 142 -30.77 39.83 58.55
CA ARG C 142 -31.37 38.81 57.73
C ARG C 142 -30.70 38.80 56.37
N LYS C 143 -30.79 37.67 55.67
CA LYS C 143 -30.23 37.56 54.34
C LYS C 143 -31.28 37.00 53.40
N ILE C 144 -31.38 37.58 52.22
CA ILE C 144 -32.22 37.04 51.17
C ILE C 144 -31.32 36.31 50.19
N PHE C 145 -31.76 35.13 49.74
CA PHE C 145 -31.06 34.31 48.75
C PHE C 145 -31.94 34.06 47.55
N THR C 146 -31.32 33.90 46.39
CA THR C 146 -32.04 33.67 45.14
C THR C 146 -31.73 32.32 44.59
N MET C 147 -32.71 31.70 43.95
CA MET C 147 -32.50 30.48 43.18
C MET C 147 -33.54 30.36 42.07
N ARG C 148 -33.28 29.51 41.08
CA ARG C 148 -34.13 29.40 39.90
C ARG C 148 -34.81 28.04 39.89
N GLU C 149 -36.02 28.00 39.36
CA GLU C 149 -36.76 26.75 39.22
C GLU C 149 -37.33 26.68 37.83
N PRO C 150 -37.57 25.46 37.32
CA PRO C 150 -38.15 25.33 35.98
C PRO C 150 -39.64 25.65 35.95
N LEU C 151 -40.17 25.84 34.76
CA LEU C 151 -41.59 26.08 34.57
C LEU C 151 -42.32 24.75 34.46
N THR C 152 -43.64 24.81 34.36
CA THR C 152 -44.45 23.62 34.11
C THR C 152 -44.22 23.02 32.73
N ALA C 153 -44.30 23.85 31.70
CA ALA C 153 -44.13 23.38 30.32
C ALA C 153 -43.79 24.55 29.44
N ILE C 154 -43.04 24.30 28.36
CA ILE C 154 -42.68 25.35 27.46
C ILE C 154 -43.10 24.97 26.07
N SER C 155 -43.66 25.93 25.37
CA SER C 155 -44.11 25.71 23.99
C SER C 155 -43.15 26.42 23.03
N ALA C 156 -42.59 25.66 22.08
CA ALA C 156 -41.60 26.21 21.13
C ALA C 156 -42.07 26.09 19.70
N ILE C 157 -42.13 27.23 19.00
CA ILE C 157 -42.66 27.28 17.65
C ILE C 157 -41.57 27.84 16.79
N THR C 158 -41.14 27.07 15.80
CA THR C 158 -39.94 27.41 15.03
C THR C 158 -40.20 27.53 13.54
N PRO C 159 -39.40 28.36 12.86
CA PRO C 159 -39.59 28.70 11.45
C PRO C 159 -38.72 27.85 10.53
N PHE C 160 -38.84 28.07 9.22
CA PHE C 160 -38.19 27.24 8.20
C PHE C 160 -36.72 27.57 7.98
N ASN C 161 -36.41 28.83 8.23
CA ASN C 161 -35.13 29.49 8.26
C ASN C 161 -33.86 28.69 8.68
N HIS C 162 -33.90 28.19 9.91
CA HIS C 162 -32.84 27.34 10.47
C HIS C 162 -33.56 26.13 11.09
N PRO C 163 -33.90 25.13 10.26
CA PRO C 163 -34.68 23.98 10.73
C PRO C 163 -34.01 23.24 11.87
N LEU C 164 -32.70 23.42 12.02
CA LEU C 164 -32.00 22.78 13.12
C LEU C 164 -31.66 23.78 14.23
N ASN C 165 -30.97 24.86 13.88
CA ASN C 165 -30.47 25.78 14.88
C ASN C 165 -31.54 26.49 15.71
N MET C 166 -32.69 26.77 15.09
CA MET C 166 -33.80 27.40 15.79
C MET C 166 -34.42 26.48 16.82
N VAL C 167 -34.44 25.18 16.51
CA VAL C 167 -34.96 24.20 17.46
C VAL C 167 -33.94 24.06 18.56
N ALA C 168 -32.68 24.00 18.18
CA ALA C 168 -31.58 23.93 19.17
C ALA C 168 -31.67 25.07 20.18
N HIS C 169 -31.89 26.29 19.69
CA HIS C 169 -31.88 27.47 20.56
C HIS C 169 -33.02 27.46 21.57
N LYS C 170 -34.11 26.78 21.23
CA LYS C 170 -35.23 26.71 22.14
C LYS C 170 -35.15 25.47 23.02
N VAL C 171 -34.59 24.38 22.50
CA VAL C 171 -34.58 23.11 23.23
C VAL C 171 -33.41 22.96 24.19
N ALA C 172 -32.22 23.38 23.78
CA ALA C 172 -31.04 23.23 24.62
C ALA C 172 -31.16 24.00 25.96
N PRO C 173 -31.65 25.25 25.93
CA PRO C 173 -31.74 25.95 27.22
C PRO C 173 -32.83 25.33 28.11
N ALA C 174 -33.86 24.77 27.48
CA ALA C 174 -34.89 24.06 28.22
C ALA C 174 -34.29 22.87 28.97
N ILE C 175 -33.48 22.06 28.29
CA ILE C 175 -32.88 20.90 28.90
C ILE C 175 -31.99 21.35 30.05
N ALA C 176 -31.23 22.41 29.80
CA ALA C 176 -30.23 22.88 30.74
C ALA C 176 -30.90 23.36 32.04
N THR C 177 -32.18 23.71 31.96
CA THR C 177 -32.89 24.23 33.11
C THR C 177 -33.97 23.31 33.66
N ASN C 178 -33.95 22.04 33.26
CA ASN C 178 -34.91 21.04 33.72
C ASN C 178 -36.36 21.38 33.39
N ASN C 179 -36.56 21.99 32.22
CA ASN C 179 -37.90 22.18 31.68
C ASN C 179 -38.33 21.04 30.77
N CYS C 180 -39.60 21.03 30.41
CA CYS C 180 -40.13 20.05 29.45
C CYS C 180 -40.70 20.83 28.32
N VAL C 181 -40.20 20.59 27.11
CA VAL C 181 -40.58 21.41 26.01
C VAL C 181 -41.32 20.61 24.93
N VAL C 182 -42.28 21.28 24.30
CA VAL C 182 -42.97 20.72 23.16
C VAL C 182 -42.72 21.62 21.97
N VAL C 183 -42.13 21.03 20.93
CA VAL C 183 -41.76 21.80 19.75
C VAL C 183 -42.72 21.54 18.61
N LYS C 184 -43.20 22.61 17.98
CA LYS C 184 -43.92 22.46 16.70
C LYS C 184 -43.14 23.21 15.62
N PRO C 185 -42.37 22.49 14.82
CA PRO C 185 -41.62 23.12 13.73
C PRO C 185 -42.57 23.48 12.61
N THR C 186 -42.19 24.41 11.76
CA THR C 186 -43.04 24.72 10.61
C THR C 186 -43.24 23.46 9.77
N GLU C 187 -44.40 23.36 9.14
CA GLU C 187 -44.72 22.19 8.30
C GLU C 187 -43.84 22.19 7.01
N LEU C 188 -43.22 23.31 6.71
CA LEU C 188 -42.29 23.39 5.59
C LEU C 188 -40.98 22.63 5.83
N THR C 189 -40.52 22.61 7.09
CA THR C 189 -39.23 21.98 7.38
C THR C 189 -39.23 21.20 8.71
N PRO C 190 -40.10 20.21 8.86
CA PRO C 190 -40.31 19.57 10.15
C PRO C 190 -39.34 18.41 10.42
N MET C 191 -38.67 17.95 9.38
CA MET C 191 -37.95 16.69 9.50
C MET C 191 -36.68 16.83 10.32
N THR C 192 -36.01 17.98 10.18
CA THR C 192 -34.83 18.18 10.95
C THR C 192 -35.15 18.19 12.44
N ALA C 193 -36.29 18.75 12.82
CA ALA C 193 -36.67 18.77 14.25
C ALA C 193 -36.88 17.34 14.74
N LEU C 194 -37.48 16.50 13.91
CA LEU C 194 -37.80 15.12 14.30
C LEU C 194 -36.48 14.36 14.54
N LEU C 195 -35.53 14.60 13.65
CA LEU C 195 -34.24 13.97 13.76
C LEU C 195 -33.50 14.47 15.00
N LEU C 196 -33.62 15.77 15.30
CA LEU C 196 -32.97 16.26 16.51
C LEU C 196 -33.53 15.58 17.77
N ALA C 197 -34.84 15.37 17.81
CA ALA C 197 -35.49 14.67 18.90
C ALA C 197 -34.88 13.28 19.10
N ASP C 198 -34.74 12.53 18.01
CA ASP C 198 -34.13 11.21 18.07
C ASP C 198 -32.72 11.27 18.64
N ILE C 199 -31.95 12.26 18.20
CA ILE C 199 -30.59 12.41 18.68
C ILE C 199 -30.59 12.69 20.19
N LEU C 200 -31.49 13.56 20.62
CA LEU C 200 -31.61 13.87 22.05
C LEU C 200 -32.01 12.67 22.94
N TYR C 201 -32.98 11.87 22.47
CA TYR C 201 -33.36 10.66 23.20
C TYR C 201 -32.17 9.72 23.31
N GLU C 202 -31.43 9.56 22.22
CA GLU C 202 -30.25 8.69 22.21
C GLU C 202 -29.16 9.21 23.14
N ALA C 203 -29.06 10.53 23.23
CA ALA C 203 -28.06 11.16 24.11
C ALA C 203 -28.48 11.02 25.56
N GLY C 204 -29.61 10.39 25.81
CA GLY C 204 -30.00 10.14 27.19
C GLY C 204 -31.04 11.08 27.81
N LEU C 205 -31.65 11.94 27.02
CA LEU C 205 -32.67 12.83 27.54
C LEU C 205 -33.89 12.03 28.01
N PRO C 206 -34.36 12.25 29.27
CA PRO C 206 -35.64 11.61 29.62
C PRO C 206 -36.70 12.06 28.62
N PRO C 207 -37.39 11.11 27.98
CA PRO C 207 -38.22 11.41 26.81
C PRO C 207 -39.35 12.37 27.12
N GLU C 208 -39.84 12.36 28.36
CA GLU C 208 -40.89 13.29 28.77
C GLU C 208 -40.50 14.75 28.61
N MET C 209 -39.19 15.03 28.64
CA MET C 209 -38.71 16.40 28.51
C MET C 209 -38.79 17.00 27.09
N LEU C 210 -39.06 16.18 26.09
CA LEU C 210 -39.15 16.71 24.73
C LEU C 210 -40.18 15.97 23.89
N SER C 211 -41.10 16.73 23.29
CA SER C 211 -41.93 16.20 22.19
C SER C 211 -41.78 17.11 20.99
N VAL C 212 -41.94 16.53 19.79
CA VAL C 212 -41.98 17.29 18.58
C VAL C 212 -43.21 16.88 17.83
N VAL C 213 -44.14 17.81 17.70
CA VAL C 213 -45.39 17.53 16.98
C VAL C 213 -45.40 18.31 15.67
N THR C 214 -46.16 17.80 14.71
CA THR C 214 -46.22 18.41 13.40
C THR C 214 -47.66 18.46 12.95
N GLY C 215 -47.97 19.42 12.08
CA GLY C 215 -49.27 19.48 11.44
C GLY C 215 -49.55 20.85 10.87
N TRP C 216 -50.77 21.06 10.39
CA TRP C 216 -51.15 22.34 9.82
C TRP C 216 -51.40 23.34 10.94
N PRO C 217 -51.02 24.60 10.72
CA PRO C 217 -51.29 25.64 11.72
C PRO C 217 -52.77 25.62 12.15
N ALA C 218 -53.65 25.34 11.20
CA ALA C 218 -55.10 25.36 11.38
C ALA C 218 -55.57 24.36 12.42
N ASP C 219 -54.75 23.37 12.65
CA ASP C 219 -55.16 22.24 13.46
C ASP C 219 -54.48 22.17 14.79
N ILE C 220 -53.16 22.36 14.78
CA ILE C 220 -52.37 22.12 15.95
C ILE C 220 -51.73 23.41 16.43
N GLY C 221 -51.78 24.44 15.60
CA GLY C 221 -51.13 25.69 15.92
C GLY C 221 -51.67 26.38 17.16
N MET C 222 -52.98 26.40 17.29
CA MET C 222 -53.60 27.17 18.36
C MET C 222 -53.36 26.50 19.70
N GLU C 223 -53.34 25.17 19.70
CA GLU C 223 -53.12 24.43 20.94
C GLU C 223 -51.77 24.77 21.52
N MET C 224 -50.80 24.98 20.65
CA MET C 224 -49.45 25.38 21.06
C MET C 224 -49.44 26.72 21.82
N ILE C 225 -50.44 27.54 21.54
CA ILE C 225 -50.50 28.86 22.12
C ILE C 225 -51.38 28.92 23.38
N THR C 226 -52.38 28.06 23.46
CA THR C 226 -53.43 28.19 24.47
C THR C 226 -53.47 27.05 25.48
N ASN C 227 -52.73 25.97 25.23
CA ASN C 227 -52.70 24.88 26.19
C ASN C 227 -52.50 25.40 27.61
N PRO C 228 -53.36 24.99 28.54
CA PRO C 228 -53.33 25.54 29.90
C PRO C 228 -52.05 25.20 30.68
N HIS C 229 -51.30 24.17 30.25
CA HIS C 229 -50.07 23.81 30.97
C HIS C 229 -48.90 24.70 30.54
N VAL C 230 -49.10 25.44 29.47
CA VAL C 230 -47.96 26.20 28.94
C VAL C 230 -47.68 27.48 29.73
N ASP C 231 -46.50 27.56 30.33
CA ASP C 231 -46.12 28.71 31.11
C ASP C 231 -45.46 29.77 30.23
N LEU C 232 -44.87 29.33 29.13
CA LEU C 232 -44.13 30.24 28.28
C LEU C 232 -44.18 29.75 26.83
N VAL C 233 -44.52 30.65 25.91
CA VAL C 233 -44.43 30.40 24.49
C VAL C 233 -43.20 31.09 23.91
N THR C 234 -42.33 30.33 23.29
CA THR C 234 -41.20 30.93 22.60
C THR C 234 -41.31 30.69 21.10
N PHE C 235 -41.41 31.79 20.38
CA PHE C 235 -41.77 31.75 18.96
C PHE C 235 -40.79 32.57 18.13
N THR C 236 -40.31 31.99 17.04
CA THR C 236 -39.53 32.73 16.06
C THR C 236 -40.27 32.57 14.73
N GLY C 237 -40.54 33.68 14.05
CA GLY C 237 -41.33 33.61 12.84
C GLY C 237 -41.68 34.98 12.28
N SER C 238 -42.77 35.07 11.53
CA SER C 238 -43.16 36.32 10.86
C SER C 238 -43.87 37.30 11.79
N VAL C 239 -43.89 38.58 11.41
CA VAL C 239 -44.55 39.59 12.22
C VAL C 239 -46.06 39.27 12.40
N PRO C 240 -46.76 39.01 11.31
CA PRO C 240 -48.21 38.73 11.41
C PRO C 240 -48.53 37.56 12.31
N VAL C 241 -47.83 36.44 12.17
CA VAL C 241 -48.07 35.31 13.04
C VAL C 241 -47.67 35.63 14.47
N GLY C 242 -46.54 36.32 14.64
CA GLY C 242 -46.14 36.79 15.95
C GLY C 242 -47.20 37.65 16.64
N LYS C 243 -47.75 38.62 15.91
CA LYS C 243 -48.71 39.54 16.48
C LYS C 243 -49.98 38.80 16.87
N LEU C 244 -50.35 37.86 16.02
CA LEU C 244 -51.42 36.92 16.34
C LEU C 244 -51.19 36.19 17.66
N ILE C 245 -50.00 35.58 17.81
CA ILE C 245 -49.67 34.86 19.01
C ILE C 245 -49.78 35.80 20.21
N ALA C 246 -49.28 37.01 20.03
CA ALA C 246 -49.25 37.94 21.14
C ALA C 246 -50.66 38.22 21.62
N ALA C 247 -51.60 38.17 20.68
CA ALA C 247 -53.00 38.43 21.00
C ALA C 247 -53.70 37.23 21.65
N ASN C 248 -53.28 36.00 21.31
CA ASN C 248 -53.96 34.78 21.78
C ASN C 248 -53.36 34.04 22.98
N ALA C 249 -52.12 34.37 23.35
CA ALA C 249 -51.48 33.66 24.46
C ALA C 249 -51.59 34.44 25.77
N HIS C 250 -52.83 34.80 26.11
CA HIS C 250 -53.10 35.56 27.31
C HIS C 250 -52.43 34.98 28.54
N TYR C 251 -51.79 35.85 29.30
CA TYR C 251 -51.29 35.51 30.61
C TYR C 251 -50.30 34.36 30.59
N LYS C 252 -49.66 34.18 29.44
CA LYS C 252 -48.51 33.32 29.34
C LYS C 252 -47.35 34.23 29.02
N ARG C 253 -46.17 33.94 29.56
CA ARG C 253 -45.00 34.63 29.10
C ARG C 253 -44.79 34.30 27.62
N GLN C 254 -44.31 35.27 26.86
CA GLN C 254 -44.06 35.08 25.44
C GLN C 254 -42.72 35.69 25.08
N VAL C 255 -41.92 34.93 24.36
CA VAL C 255 -40.68 35.45 23.81
C VAL C 255 -40.84 35.36 22.30
N LEU C 256 -41.01 36.52 21.68
CA LEU C 256 -41.36 36.58 20.27
C LEU C 256 -40.26 37.22 19.46
N GLU C 257 -39.75 36.45 18.51
CA GLU C 257 -38.62 36.86 17.68
C GLU C 257 -39.12 36.94 16.27
N LEU C 258 -39.26 38.15 15.78
CA LEU C 258 -39.92 38.37 14.52
C LEU C 258 -38.82 38.75 13.54
N GLY C 259 -39.16 39.33 12.40
CA GLY C 259 -38.09 39.61 11.47
C GLY C 259 -37.15 40.76 11.83
N GLY C 260 -36.28 41.05 10.86
CA GLY C 260 -35.43 42.22 10.89
C GLY C 260 -35.36 42.78 9.48
N ASN C 261 -34.72 43.93 9.35
CA ASN C 261 -34.53 44.57 8.06
C ASN C 261 -33.22 45.32 8.22
N ASP C 262 -32.16 44.53 8.42
CA ASP C 262 -30.96 45.04 9.04
C ASP C 262 -30.01 45.64 8.04
N PRO C 263 -29.46 46.80 8.39
CA PRO C 263 -28.53 47.50 7.51
C PRO C 263 -27.07 47.09 7.70
N LEU C 264 -26.31 47.16 6.62
CA LEU C 264 -24.85 47.23 6.70
C LEU C 264 -24.51 48.64 6.23
N ILE C 265 -23.93 49.45 7.12
CA ILE C 265 -23.73 50.87 6.85
C ILE C 265 -22.28 51.16 6.52
N ILE C 266 -22.05 51.77 5.37
CA ILE C 266 -20.68 52.01 4.88
C ILE C 266 -20.32 53.52 4.98
N LEU C 267 -19.48 53.88 5.93
CA LEU C 267 -19.16 55.28 6.18
C LEU C 267 -18.07 55.80 5.25
N ASN C 268 -18.08 57.12 5.01
CA ASN C 268 -17.23 57.71 3.97
C ASN C 268 -15.77 57.89 4.39
N ASP C 269 -15.40 57.44 5.58
CA ASP C 269 -13.98 57.54 5.97
C ASP C 269 -13.14 56.38 5.41
N LEU C 270 -13.79 55.41 4.79
CA LEU C 270 -13.06 54.19 4.45
C LEU C 270 -12.14 54.37 3.25
N SER C 271 -10.94 53.80 3.35
CA SER C 271 -10.05 53.64 2.20
C SER C 271 -10.61 52.63 1.20
N ASP C 272 -9.99 52.55 0.03
CA ASP C 272 -10.42 51.60 -0.99
C ASP C 272 -10.23 50.17 -0.54
N ASP C 273 -9.12 49.92 0.16
CA ASP C 273 -8.87 48.63 0.77
C ASP C 273 -10.02 48.26 1.71
N ASP C 274 -10.50 49.23 2.50
CA ASP C 274 -11.56 48.92 3.44
C ASP C 274 -12.86 48.75 2.73
N LEU C 275 -13.04 49.52 1.66
CA LEU C 275 -14.26 49.37 0.91
C LEU C 275 -14.39 47.94 0.42
N ALA C 276 -13.26 47.34 0.08
CA ALA C 276 -13.23 45.99 -0.43
C ALA C 276 -13.65 44.99 0.65
N ARG C 277 -13.15 45.18 1.87
CA ARG C 277 -13.55 44.32 2.98
C ARG C 277 -15.02 44.54 3.28
N ALA C 278 -15.45 45.79 3.20
CA ALA C 278 -16.84 46.10 3.50
C ALA C 278 -17.68 45.41 2.43
N ALA C 279 -17.20 45.42 1.20
CA ALA C 279 -17.90 44.72 0.12
C ALA C 279 -18.03 43.22 0.41
N ASP C 280 -16.97 42.61 0.94
CA ASP C 280 -17.03 41.19 1.32
C ASP C 280 -18.17 40.94 2.30
N LEU C 281 -18.27 41.80 3.32
CA LEU C 281 -19.29 41.69 4.35
C LEU C 281 -20.65 41.86 3.73
N ALA C 282 -20.80 42.85 2.84
CA ALA C 282 -22.11 43.11 2.25
C ALA C 282 -22.61 41.92 1.49
N VAL C 283 -21.76 41.34 0.65
CA VAL C 283 -22.19 40.19 -0.13
C VAL C 283 -22.46 38.96 0.72
N ALA C 284 -21.54 38.62 1.62
CA ALA C 284 -21.79 37.49 2.54
C ALA C 284 -23.04 37.71 3.38
N GLY C 285 -23.17 38.88 3.98
CA GLY C 285 -24.30 39.15 4.85
C GLY C 285 -25.62 39.18 4.09
N ALA C 286 -25.59 39.61 2.83
CA ALA C 286 -26.80 39.63 2.03
C ALA C 286 -27.24 38.25 1.53
N THR C 287 -26.29 37.32 1.34
CA THR C 287 -26.64 36.10 0.60
C THR C 287 -26.53 34.79 1.37
N LYS C 288 -25.87 34.85 2.52
CA LYS C 288 -25.73 33.69 3.38
C LYS C 288 -27.09 33.10 3.70
N ASN C 289 -27.17 31.77 3.76
CA ASN C 289 -28.43 31.08 4.03
C ASN C 289 -29.48 31.50 3.01
N SER C 290 -29.02 31.82 1.80
CA SER C 290 -29.89 32.39 0.78
C SER C 290 -30.59 33.66 1.27
N GLY C 291 -29.93 34.43 2.13
CA GLY C 291 -30.50 35.67 2.62
C GLY C 291 -31.64 35.46 3.62
N GLN C 292 -31.87 34.20 3.96
CA GLN C 292 -33.00 33.90 4.83
C GLN C 292 -32.58 33.94 6.30
N ARG C 293 -32.31 35.14 6.80
CA ARG C 293 -31.98 35.34 8.21
C ARG C 293 -32.70 36.58 8.66
N CYS C 294 -33.28 36.53 9.86
CA CYS C 294 -33.84 37.73 10.47
C CYS C 294 -32.80 38.87 10.42
N THR C 295 -31.52 38.52 10.58
CA THR C 295 -30.42 39.48 10.64
C THR C 295 -29.59 39.55 9.34
N ALA C 296 -30.14 39.05 8.24
CA ALA C 296 -29.45 39.17 6.95
C ALA C 296 -29.20 40.65 6.68
N VAL C 297 -28.17 40.94 5.88
CA VAL C 297 -28.03 42.28 5.35
C VAL C 297 -29.13 42.49 4.31
N LYS C 298 -30.10 43.34 4.61
CA LYS C 298 -31.21 43.59 3.70
C LYS C 298 -31.21 44.98 3.11
N ARG C 299 -30.31 45.81 3.63
CA ARG C 299 -30.15 47.20 3.19
C ARG C 299 -28.68 47.56 3.32
N ILE C 300 -28.03 47.84 2.21
CA ILE C 300 -26.66 48.29 2.30
C ILE C 300 -26.67 49.80 2.14
N LEU C 301 -26.46 50.50 3.26
CA LEU C 301 -26.51 51.94 3.29
C LEU C 301 -25.12 52.50 3.03
N CYS C 302 -24.87 52.88 1.79
CA CYS C 302 -23.56 53.40 1.45
C CYS C 302 -23.59 54.93 1.28
N GLN C 303 -22.79 55.62 2.08
CA GLN C 303 -22.70 57.07 1.94
C GLN C 303 -22.21 57.46 0.54
N GLU C 304 -22.83 58.50 -0.03
CA GLU C 304 -22.63 58.88 -1.43
C GLU C 304 -21.16 58.94 -1.82
N SER C 305 -20.39 59.64 -1.02
CA SER C 305 -18.98 59.88 -1.34
C SER C 305 -18.26 58.63 -1.80
N VAL C 306 -18.59 57.48 -1.24
CA VAL C 306 -17.78 56.30 -1.52
C VAL C 306 -18.50 55.27 -2.35
N ALA C 307 -19.74 55.55 -2.71
CA ALA C 307 -20.57 54.59 -3.40
C ALA C 307 -19.94 54.17 -4.76
N ASP C 308 -19.40 55.13 -5.50
CA ASP C 308 -18.86 54.84 -6.83
C ASP C 308 -17.65 53.90 -6.78
N ARG C 309 -16.91 53.93 -5.68
CA ARG C 309 -15.84 52.96 -5.47
C ARG C 309 -16.35 51.65 -4.82
N PHE C 310 -17.37 51.77 -3.97
CA PHE C 310 -17.90 50.62 -3.26
C PHE C 310 -18.68 49.66 -4.16
N VAL C 311 -19.57 50.22 -4.97
CA VAL C 311 -20.52 49.39 -5.71
C VAL C 311 -19.84 48.40 -6.65
N PRO C 312 -18.82 48.85 -7.40
CA PRO C 312 -18.12 47.89 -8.27
C PRO C 312 -17.49 46.74 -7.50
N LEU C 313 -16.98 47.02 -6.31
CA LEU C 313 -16.40 45.98 -5.47
C LEU C 313 -17.45 44.94 -5.07
N VAL C 314 -18.65 45.41 -4.74
CA VAL C 314 -19.75 44.52 -4.42
C VAL C 314 -20.13 43.69 -5.62
N LEU C 315 -20.29 44.37 -6.75
CA LEU C 315 -20.67 43.71 -7.99
C LEU C 315 -19.71 42.56 -8.34
N GLU C 316 -18.42 42.85 -8.29
CA GLU C 316 -17.39 41.87 -8.59
C GLU C 316 -17.54 40.62 -7.71
N ARG C 317 -17.83 40.81 -6.43
CA ARG C 317 -17.88 39.69 -5.49
C ARG C 317 -19.16 38.89 -5.66
N ALA C 318 -20.25 39.58 -5.96
CA ALA C 318 -21.51 38.91 -6.18
C ALA C 318 -21.40 37.98 -7.38
N LYS C 319 -20.69 38.43 -8.41
CA LYS C 319 -20.54 37.62 -9.61
C LYS C 319 -19.73 36.36 -9.40
N ARG C 320 -18.97 36.28 -8.32
CA ARG C 320 -18.17 35.08 -8.08
C ARG C 320 -19.02 33.96 -7.48
N LEU C 321 -20.16 34.34 -6.90
CA LEU C 321 -20.95 33.35 -6.15
C LEU C 321 -21.54 32.32 -7.09
N ARG C 322 -21.43 31.06 -6.71
CA ARG C 322 -22.06 30.00 -7.46
C ARG C 322 -23.43 29.67 -6.89
N PHE C 323 -24.44 29.81 -7.71
CA PHE C 323 -25.80 29.51 -7.28
C PHE C 323 -26.34 28.40 -8.16
N GLY C 324 -27.03 27.45 -7.55
CA GLY C 324 -27.55 26.30 -8.26
C GLY C 324 -27.85 25.15 -7.33
N ASP C 325 -27.58 23.93 -7.79
CA ASP C 325 -27.90 22.69 -7.08
C ASP C 325 -27.39 22.74 -5.64
N PRO C 326 -28.31 22.74 -4.67
CA PRO C 326 -27.87 22.88 -3.28
C PRO C 326 -27.09 21.68 -2.79
N MET C 327 -27.35 20.50 -3.37
CA MET C 327 -26.63 19.30 -2.98
C MET C 327 -25.22 19.27 -3.54
N ASP C 328 -24.92 20.18 -4.46
CA ASP C 328 -23.57 20.26 -5.04
C ASP C 328 -22.65 21.03 -4.11
N ARG C 329 -21.58 20.38 -3.65
CA ARG C 329 -20.74 20.91 -2.58
C ARG C 329 -19.96 22.16 -2.99
N SER C 330 -19.97 22.50 -4.27
CA SER C 330 -19.32 23.74 -4.66
C SER C 330 -20.33 24.87 -4.82
N THR C 331 -21.60 24.56 -4.58
CA THR C 331 -22.62 25.61 -4.59
C THR C 331 -22.47 26.50 -3.35
N ASP C 332 -22.44 27.82 -3.57
CA ASP C 332 -22.45 28.77 -2.45
C ASP C 332 -23.87 29.06 -2.02
N LEU C 333 -24.69 29.39 -3.02
CA LEU C 333 -26.05 29.83 -2.78
C LEU C 333 -27.06 28.87 -3.39
N GLY C 334 -27.86 28.25 -2.53
CA GLY C 334 -28.94 27.35 -2.96
C GLY C 334 -30.19 28.19 -3.23
N THR C 335 -31.36 27.57 -3.08
CA THR C 335 -32.63 28.24 -3.37
C THR C 335 -33.15 28.95 -2.13
N VAL C 336 -34.23 29.73 -2.29
CA VAL C 336 -34.99 30.18 -1.11
C VAL C 336 -36.08 29.16 -0.85
N ILE C 337 -36.88 29.38 0.19
CA ILE C 337 -37.82 28.38 0.67
C ILE C 337 -38.84 27.87 -0.37
N HIS C 338 -39.29 28.75 -1.26
CA HIS C 338 -40.13 28.26 -2.36
C HIS C 338 -40.24 29.28 -3.47
N GLU C 339 -40.89 28.86 -4.55
CA GLU C 339 -40.89 29.64 -5.77
C GLU C 339 -41.69 30.93 -5.63
N LYS C 340 -42.74 30.94 -4.84
CA LYS C 340 -43.44 32.19 -4.77
C LYS C 340 -42.73 33.22 -3.90
N ALA C 341 -41.90 32.77 -2.95
CA ALA C 341 -41.05 33.72 -2.25
C ALA C 341 -40.09 34.32 -3.24
N ALA C 342 -39.47 33.45 -4.03
CA ALA C 342 -38.48 33.87 -4.99
C ALA C 342 -39.14 34.86 -5.94
N ALA C 343 -40.32 34.50 -6.44
CA ALA C 343 -41.05 35.37 -7.38
C ALA C 343 -41.34 36.74 -6.77
N LEU C 344 -41.82 36.73 -5.53
CA LEU C 344 -42.11 37.95 -4.84
C LEU C 344 -40.87 38.85 -4.73
N PHE C 345 -39.72 38.25 -4.39
CA PHE C 345 -38.49 39.01 -4.22
C PHE C 345 -38.03 39.64 -5.54
N GLU C 346 -38.09 38.88 -6.62
CA GLU C 346 -37.68 39.38 -7.93
C GLU C 346 -38.61 40.53 -8.36
N GLU C 347 -39.89 40.32 -8.09
CA GLU C 347 -40.87 41.40 -8.26
C GLU C 347 -40.46 42.71 -7.63
N ARG C 348 -39.97 42.61 -6.40
CA ARG C 348 -39.63 43.80 -5.66
C ARG C 348 -38.44 44.46 -6.29
N VAL C 349 -37.54 43.65 -6.84
CA VAL C 349 -36.40 44.19 -7.54
C VAL C 349 -36.84 44.95 -8.80
N MET C 350 -37.66 44.32 -9.65
CA MET C 350 -38.12 44.93 -10.91
C MET C 350 -38.77 46.29 -10.64
N ARG C 351 -39.50 46.30 -9.55
CA ARG C 351 -40.27 47.44 -9.14
C ARG C 351 -39.37 48.59 -8.68
N ALA C 352 -38.34 48.23 -7.91
CA ALA C 352 -37.35 49.20 -7.49
C ALA C 352 -36.71 49.82 -8.73
N ALA C 353 -36.46 48.98 -9.75
CA ALA C 353 -35.81 49.44 -10.97
C ALA C 353 -36.70 50.45 -11.68
N GLU C 354 -38.01 50.21 -11.65
CA GLU C 354 -38.97 51.12 -12.23
C GLU C 354 -39.03 52.42 -11.49
N GLU C 355 -38.67 52.38 -10.21
CA GLU C 355 -38.68 53.58 -9.39
C GLU C 355 -37.32 54.24 -9.40
N GLY C 356 -36.44 53.76 -10.27
CA GLY C 356 -35.15 54.41 -10.45
C GLY C 356 -33.93 53.61 -10.02
N ALA C 357 -34.14 52.41 -9.50
CA ALA C 357 -33.01 51.58 -9.10
C ALA C 357 -32.26 51.08 -10.34
N ASP C 358 -31.02 50.68 -10.13
CA ASP C 358 -30.15 50.27 -11.23
C ASP C 358 -29.71 48.82 -10.98
N ILE C 359 -30.29 47.90 -11.73
CA ILE C 359 -29.95 46.48 -11.61
C ILE C 359 -28.65 46.21 -12.36
N LEU C 360 -27.64 45.77 -11.60
CA LEU C 360 -26.29 45.62 -12.12
C LEU C 360 -25.96 44.18 -12.43
N TYR C 361 -26.66 43.26 -11.77
CA TYR C 361 -26.42 41.83 -11.97
C TYR C 361 -27.71 41.07 -11.68
N HIS C 362 -28.20 40.37 -12.67
CA HIS C 362 -29.38 39.55 -12.51
C HIS C 362 -29.42 38.50 -13.61
N PRO C 363 -28.72 37.39 -13.40
CA PRO C 363 -28.63 36.36 -14.45
C PRO C 363 -29.95 35.61 -14.66
N GLY C 364 -30.99 35.97 -13.91
CA GLY C 364 -32.30 35.34 -14.09
C GLY C 364 -32.70 34.32 -13.04
N ARG C 365 -33.98 34.39 -12.65
CA ARG C 365 -34.54 33.47 -11.68
C ARG C 365 -35.00 32.14 -12.29
N SER C 366 -34.87 31.07 -11.51
CA SER C 366 -35.28 29.76 -11.94
C SER C 366 -36.02 29.06 -10.80
N GLY C 367 -37.34 29.12 -10.82
CA GLY C 367 -38.14 28.49 -9.79
C GLY C 367 -37.82 29.18 -8.47
N ALA C 368 -37.38 28.40 -7.49
CA ALA C 368 -37.05 28.94 -6.18
C ALA C 368 -35.61 29.43 -6.16
N LEU C 369 -34.91 29.23 -7.26
CA LEU C 369 -33.50 29.60 -7.29
C LEU C 369 -33.35 31.06 -7.73
N LEU C 370 -32.89 31.88 -6.81
CA LEU C 370 -32.65 33.27 -7.06
C LEU C 370 -31.15 33.51 -7.05
N PRO C 371 -30.63 34.17 -8.08
CA PRO C 371 -29.20 34.52 -8.06
C PRO C 371 -28.97 35.66 -7.08
N PRO C 372 -27.70 35.97 -6.76
CA PRO C 372 -27.44 37.07 -5.83
C PRO C 372 -27.57 38.41 -6.54
N ILE C 373 -28.81 38.84 -6.78
CA ILE C 373 -29.08 40.03 -7.60
C ILE C 373 -28.52 41.29 -6.97
N VAL C 374 -27.70 42.03 -7.73
CA VAL C 374 -27.12 43.27 -7.24
C VAL C 374 -27.93 44.43 -7.78
N VAL C 375 -28.46 45.26 -6.89
CA VAL C 375 -29.18 46.46 -7.30
C VAL C 375 -28.62 47.71 -6.61
N ASP C 376 -28.40 48.78 -7.39
CA ASP C 376 -27.78 50.00 -6.88
C ASP C 376 -28.83 51.09 -6.88
N ARG C 377 -28.57 52.16 -6.15
CA ARG C 377 -29.45 53.34 -6.16
C ARG C 377 -30.88 52.97 -5.80
N VAL C 378 -31.04 52.00 -4.91
CA VAL C 378 -32.37 51.60 -4.49
C VAL C 378 -33.05 52.70 -3.68
N PRO C 379 -34.24 53.13 -4.14
CA PRO C 379 -34.98 54.12 -3.38
C PRO C 379 -35.31 53.45 -2.08
N HIS C 380 -35.12 54.16 -0.99
CA HIS C 380 -35.17 53.48 0.28
C HIS C 380 -36.62 53.36 0.75
N GLN C 381 -37.50 54.04 0.03
CA GLN C 381 -38.94 53.91 0.22
C GLN C 381 -39.47 52.68 -0.49
N SER C 382 -38.69 52.15 -1.42
CA SER C 382 -39.20 51.07 -2.25
C SER C 382 -39.41 49.80 -1.43
N ASP C 383 -40.44 49.06 -1.78
CA ASP C 383 -40.78 47.81 -1.08
C ASP C 383 -39.59 46.89 -0.83
N LEU C 384 -38.73 46.75 -1.84
CA LEU C 384 -37.54 45.92 -1.73
C LEU C 384 -36.82 46.12 -0.40
N VAL C 385 -36.64 47.36 0.01
CA VAL C 385 -35.85 47.63 1.21
C VAL C 385 -36.65 48.16 2.39
N LEU C 386 -37.90 48.57 2.15
CA LEU C 386 -38.72 49.12 3.23
C LEU C 386 -39.42 47.98 3.93
N GLU C 387 -39.84 47.02 3.12
CA GLU C 387 -40.26 45.72 3.58
C GLU C 387 -39.08 44.81 3.81
N GLU C 388 -39.28 43.79 4.65
CA GLU C 388 -38.27 42.75 4.82
C GLU C 388 -38.30 41.84 3.58
N THR C 389 -37.20 41.79 2.86
CA THR C 389 -37.06 40.90 1.71
C THR C 389 -36.11 39.74 2.02
N PHE C 390 -36.70 38.57 2.20
CA PHE C 390 -36.03 37.40 2.81
C PHE C 390 -35.36 36.54 1.73
N GLY C 391 -34.46 37.13 0.96
CA GLY C 391 -33.80 36.46 -0.15
C GLY C 391 -32.44 37.09 -0.41
N PRO C 392 -31.63 36.44 -1.27
CA PRO C 392 -30.23 36.87 -1.41
C PRO C 392 -30.05 38.07 -2.35
N ILE C 393 -30.94 39.05 -2.22
CA ILE C 393 -30.79 40.30 -2.96
C ILE C 393 -29.69 41.13 -2.29
N ILE C 394 -28.89 41.80 -3.11
CA ILE C 394 -27.84 42.69 -2.61
C ILE C 394 -28.21 44.15 -3.00
N PRO C 395 -28.92 44.84 -2.11
CA PRO C 395 -29.47 46.14 -2.54
C PRO C 395 -28.73 47.30 -1.92
N ILE C 396 -28.14 48.15 -2.76
CA ILE C 396 -27.37 49.31 -2.25
C ILE C 396 -28.28 50.53 -2.25
N VAL C 397 -28.49 51.07 -1.06
CA VAL C 397 -29.17 52.35 -0.91
C VAL C 397 -28.11 53.44 -0.67
N ARG C 398 -28.08 54.43 -1.55
CA ARG C 398 -27.14 55.52 -1.41
C ARG C 398 -27.72 56.51 -0.42
N VAL C 399 -26.94 56.83 0.60
CA VAL C 399 -27.41 57.71 1.65
C VAL C 399 -26.49 58.92 1.74
N PRO C 400 -26.96 60.01 2.35
CA PRO C 400 -26.14 61.23 2.38
C PRO C 400 -24.83 61.05 3.15
N ASP C 401 -23.87 61.91 2.87
CA ASP C 401 -22.65 62.00 3.65
C ASP C 401 -22.92 62.79 4.92
N ASP C 402 -23.90 62.30 5.68
CA ASP C 402 -24.29 62.93 6.93
C ASP C 402 -24.73 61.79 7.82
N ASP C 403 -24.12 61.70 9.00
CA ASP C 403 -24.44 60.61 9.91
C ASP C 403 -25.84 60.72 10.52
N ASP C 404 -26.23 61.92 10.91
CA ASP C 404 -27.59 62.11 11.40
C ASP C 404 -28.62 61.64 10.38
N ALA C 405 -28.46 62.06 9.11
CA ALA C 405 -29.40 61.63 8.08
C ALA C 405 -29.32 60.11 7.90
N THR C 406 -28.10 59.57 7.93
CA THR C 406 -27.92 58.12 7.75
C THR C 406 -28.60 57.34 8.88
N ILE C 407 -28.38 57.78 10.10
CA ILE C 407 -29.03 57.15 11.24
C ILE C 407 -30.57 57.21 11.17
N THR C 408 -31.11 58.39 10.88
CA THR C 408 -32.57 58.55 10.70
C THR C 408 -33.10 57.57 9.67
N LEU C 409 -32.44 57.52 8.52
CA LEU C 409 -32.81 56.61 7.46
C LEU C 409 -32.72 55.16 7.90
N SER C 410 -31.61 54.82 8.55
CA SER C 410 -31.45 53.46 9.01
C SER C 410 -32.58 53.07 9.97
N ASN C 411 -32.97 54.03 10.81
CA ASN C 411 -34.01 53.83 11.83
C ASN C 411 -35.45 53.90 11.32
N SER C 412 -35.65 54.18 10.04
CA SER C 412 -36.99 54.54 9.54
C SER C 412 -37.89 53.35 9.16
N THR C 413 -37.46 52.11 9.38
CA THR C 413 -38.32 50.97 9.09
C THR C 413 -39.08 50.54 10.36
N ALA C 414 -39.97 49.56 10.22
CA ALA C 414 -40.75 49.08 11.37
C ALA C 414 -39.88 48.11 12.19
N PHE C 415 -38.72 47.77 11.67
CA PHE C 415 -37.85 46.80 12.35
C PHE C 415 -36.69 47.40 13.13
N GLY C 416 -36.13 46.62 14.04
CA GLY C 416 -34.95 47.01 14.79
C GLY C 416 -34.36 45.78 15.45
N LEU C 417 -33.52 45.08 14.73
CA LEU C 417 -32.98 43.87 15.28
C LEU C 417 -31.48 44.03 15.41
N SER C 418 -30.76 43.94 14.30
CA SER C 418 -29.32 44.11 14.34
C SER C 418 -28.85 45.08 13.27
N SER C 419 -27.52 45.25 13.21
CA SER C 419 -26.93 46.18 12.25
C SER C 419 -25.42 45.95 12.17
N GLY C 420 -24.84 46.37 11.06
CA GLY C 420 -23.40 46.40 10.94
C GLY C 420 -22.94 47.77 10.51
N VAL C 421 -21.78 48.21 11.00
CA VAL C 421 -21.27 49.52 10.61
C VAL C 421 -19.80 49.38 10.30
N CYS C 422 -19.42 49.77 9.09
CA CYS C 422 -18.02 49.75 8.72
C CYS C 422 -17.43 51.16 8.73
N THR C 423 -16.50 51.38 9.65
CA THR C 423 -15.85 52.68 9.77
C THR C 423 -14.59 52.47 10.62
N ASN C 424 -13.67 53.40 10.58
CA ASN C 424 -12.55 53.35 11.51
C ASN C 424 -12.52 54.56 12.41
N ASP C 425 -13.50 55.44 12.23
CA ASP C 425 -13.60 56.66 13.03
C ASP C 425 -14.37 56.33 14.33
N TYR C 426 -13.65 56.27 15.46
CA TYR C 426 -14.30 55.86 16.71
C TYR C 426 -15.46 56.78 17.05
N ARG C 427 -15.28 58.07 16.87
CA ARG C 427 -16.31 59.01 17.20
C ARG C 427 -17.59 58.64 16.49
N ARG C 428 -17.48 58.25 15.21
CA ARG C 428 -18.66 57.95 14.42
C ARG C 428 -19.23 56.58 14.83
N MET C 429 -18.32 55.66 15.11
CA MET C 429 -18.68 54.36 15.63
C MET C 429 -19.59 54.48 16.83
N GLN C 430 -19.18 55.27 17.83
CA GLN C 430 -20.00 55.38 19.03
C GLN C 430 -21.30 56.10 18.80
N LYS C 431 -21.29 57.08 17.89
CA LYS C 431 -22.51 57.76 17.50
C LYS C 431 -23.54 56.76 16.96
N TYR C 432 -23.10 55.86 16.07
CA TYR C 432 -24.00 54.85 15.51
C TYR C 432 -24.43 53.84 16.56
N ILE C 433 -23.49 53.38 17.38
CA ILE C 433 -23.83 52.48 18.47
C ILE C 433 -24.91 53.08 19.36
N ALA C 434 -24.77 54.35 19.72
CA ALA C 434 -25.74 55.02 20.54
C ALA C 434 -27.07 55.28 19.81
N GLY C 435 -27.00 55.58 18.51
CA GLY C 435 -28.15 56.15 17.82
C GLY C 435 -29.02 55.19 17.02
N LEU C 436 -28.47 54.04 16.65
CA LEU C 436 -29.27 53.05 15.90
C LEU C 436 -30.29 52.41 16.80
N LYS C 437 -31.55 52.39 16.38
CA LYS C 437 -32.61 51.84 17.22
C LYS C 437 -32.72 50.33 16.96
N VAL C 438 -31.80 49.58 17.54
CA VAL C 438 -31.71 48.17 17.29
C VAL C 438 -31.25 47.43 18.55
N GLY C 439 -31.33 46.10 18.53
CA GLY C 439 -30.83 45.30 19.65
C GLY C 439 -29.33 45.09 19.65
N THR C 440 -28.71 45.18 18.47
CA THR C 440 -27.28 44.92 18.31
C THR C 440 -26.66 45.80 17.22
N VAL C 441 -25.48 46.33 17.50
CA VAL C 441 -24.69 47.08 16.55
C VAL C 441 -23.32 46.42 16.43
N ASN C 442 -23.08 45.77 15.31
CA ASN C 442 -21.75 45.16 15.09
C ASN C 442 -20.83 46.09 14.29
N ILE C 443 -19.67 46.42 14.87
CA ILE C 443 -18.72 47.25 14.16
C ILE C 443 -17.84 46.33 13.28
N TRP C 444 -17.82 46.57 11.98
CA TRP C 444 -17.01 45.75 11.07
C TRP C 444 -17.41 44.27 11.09
N GLU C 445 -18.68 43.98 11.25
CA GLU C 445 -19.20 42.65 11.04
C GLU C 445 -20.60 42.77 10.45
N VAL C 446 -21.14 41.67 9.95
CA VAL C 446 -22.49 41.69 9.44
C VAL C 446 -23.44 41.76 10.65
N PRO C 447 -24.67 42.25 10.44
CA PRO C 447 -25.67 42.30 11.52
C PRO C 447 -25.85 40.92 12.16
N GLY C 448 -25.65 39.89 11.35
CA GLY C 448 -25.95 38.52 11.78
C GLY C 448 -24.90 37.99 12.76
N TYR C 449 -23.81 38.72 12.97
CA TYR C 449 -22.77 38.17 13.82
C TYR C 449 -23.14 38.20 15.31
N ARG C 450 -23.04 37.06 15.98
CA ARG C 450 -23.14 36.98 17.44
C ARG C 450 -22.48 35.68 17.89
N ILE C 451 -22.35 35.47 19.19
CA ILE C 451 -22.06 34.12 19.66
C ILE C 451 -23.38 33.51 20.09
N GLU C 452 -23.48 32.19 20.22
CA GLU C 452 -24.78 31.59 20.44
C GLU C 452 -25.25 31.84 21.87
N MET C 453 -24.43 32.46 22.69
CA MET C 453 -24.86 32.70 24.07
C MET C 453 -24.92 34.18 24.50
N SER C 454 -24.67 35.10 23.60
CA SER C 454 -24.79 36.52 23.94
C SER C 454 -26.27 36.95 23.82
N PRO C 455 -26.65 38.07 24.46
CA PRO C 455 -28.05 38.48 24.41
C PRO C 455 -28.47 38.83 22.99
N PHE C 456 -29.55 38.21 22.54
CA PHE C 456 -30.04 38.40 21.18
C PHE C 456 -31.51 38.74 21.20
N GLY C 457 -31.90 39.75 20.44
CA GLY C 457 -33.31 40.11 20.35
C GLY C 457 -33.48 41.55 19.93
N GLY C 458 -34.59 41.82 19.25
CA GLY C 458 -34.83 43.15 18.73
C GLY C 458 -35.93 43.91 19.44
N ILE C 459 -36.27 45.07 18.89
CA ILE C 459 -37.30 45.93 19.43
C ILE C 459 -38.20 46.26 18.26
N LYS C 460 -39.14 47.18 18.46
CA LYS C 460 -40.10 47.54 17.42
C LYS C 460 -40.75 46.24 16.89
N ASP C 461 -40.87 46.09 15.59
CA ASP C 461 -41.54 44.91 15.07
C ASP C 461 -40.63 43.69 15.02
N SER C 462 -39.40 43.81 15.50
CA SER C 462 -38.47 42.69 15.44
C SER C 462 -38.65 41.71 16.59
N GLY C 463 -39.26 42.15 17.68
CA GLY C 463 -39.51 41.27 18.80
C GLY C 463 -40.24 42.02 19.89
N ASN C 464 -40.80 41.29 20.85
CA ASN C 464 -41.61 41.91 21.90
C ASN C 464 -40.78 42.39 23.07
N GLY C 465 -39.46 42.32 22.92
CA GLY C 465 -38.55 42.98 23.84
C GLY C 465 -37.84 42.13 24.88
N TYR C 466 -37.82 40.82 24.67
CA TYR C 466 -37.09 39.94 25.58
C TYR C 466 -35.92 39.35 24.84
N LYS C 467 -34.83 39.13 25.56
CA LYS C 467 -33.64 38.58 24.92
C LYS C 467 -33.63 37.06 24.92
N GLU C 468 -33.00 36.53 23.88
CA GLU C 468 -32.77 35.12 23.70
C GLU C 468 -31.25 34.90 23.69
N GLY C 469 -30.82 33.81 23.04
CA GLY C 469 -29.45 33.33 23.15
C GLY C 469 -29.43 32.41 24.35
N VAL C 470 -28.43 31.56 24.40
CA VAL C 470 -28.42 30.47 25.38
C VAL C 470 -28.56 30.97 26.84
N ILE C 471 -27.77 31.95 27.21
CA ILE C 471 -27.86 32.44 28.59
C ILE C 471 -29.20 33.12 28.94
N GLU C 472 -29.67 34.02 28.08
CA GLU C 472 -30.89 34.74 28.39
C GLU C 472 -32.12 33.81 28.28
N ALA C 473 -32.04 32.82 27.39
CA ALA C 473 -33.09 31.82 27.30
C ALA C 473 -33.18 31.02 28.60
N MET C 474 -32.05 30.57 29.12
CA MET C 474 -32.04 29.79 30.35
C MET C 474 -32.70 30.58 31.51
N LYS C 475 -32.35 31.87 31.66
CA LYS C 475 -33.03 32.73 32.63
C LYS C 475 -34.52 32.82 32.36
N SER C 476 -34.82 33.12 31.12
CA SER C 476 -36.19 33.26 30.64
C SER C 476 -37.05 32.02 30.95
N PHE C 477 -36.42 30.84 30.92
CA PHE C 477 -37.13 29.57 31.10
C PHE C 477 -37.25 29.14 32.57
N THR C 478 -37.01 30.07 33.47
CA THR C 478 -37.12 29.73 34.90
C THR C 478 -37.90 30.77 35.69
N ASN C 479 -38.34 30.40 36.89
CA ASN C 479 -38.84 31.37 37.85
C ASN C 479 -37.78 31.62 38.93
N VAL C 480 -37.59 32.87 39.31
CA VAL C 480 -36.72 33.16 40.43
C VAL C 480 -37.50 33.03 41.73
N LYS C 481 -37.01 32.21 42.64
CA LYS C 481 -37.62 32.11 43.95
C LYS C 481 -36.61 32.69 44.91
N THR C 482 -37.04 33.59 45.78
CA THR C 482 -36.16 34.08 46.84
C THR C 482 -36.53 33.40 48.14
N PHE C 483 -35.54 33.22 49.03
CA PHE C 483 -35.83 32.87 50.41
C PHE C 483 -34.99 33.73 51.34
N SER C 484 -35.49 33.95 52.56
CA SER C 484 -34.72 34.72 53.52
C SER C 484 -34.57 34.01 54.84
N LEU C 485 -33.41 34.20 55.47
CA LEU C 485 -33.04 33.50 56.71
C LEU C 485 -32.64 34.51 57.78
N PRO C 486 -33.03 34.25 59.02
CA PRO C 486 -32.48 35.06 60.12
C PRO C 486 -30.94 35.07 60.07
N TRP C 487 -30.38 36.21 60.34
CA TRP C 487 -28.99 36.36 60.32
C TRP C 487 -28.51 37.30 61.36
N HIS D 15 48.98 -0.90 -16.75
CA HIS D 15 48.28 -0.46 -17.94
C HIS D 15 47.13 -1.34 -18.50
N GLU D 16 45.89 -1.18 -18.03
CA GLU D 16 44.82 -2.17 -18.40
C GLU D 16 43.60 -1.56 -19.07
N PRO D 17 43.28 -2.05 -20.28
CA PRO D 17 42.04 -1.64 -20.96
C PRO D 17 40.84 -2.20 -20.23
N MET D 18 39.66 -1.66 -20.52
CA MET D 18 38.42 -2.27 -20.07
C MET D 18 38.25 -3.65 -20.72
N ARG D 19 37.46 -4.50 -20.08
CA ARG D 19 37.07 -5.76 -20.69
C ARG D 19 35.60 -5.72 -21.03
N ILE D 20 35.28 -5.52 -22.29
CA ILE D 20 33.89 -5.47 -22.72
C ILE D 20 33.51 -6.71 -23.51
N ALA D 21 32.74 -7.57 -22.87
CA ALA D 21 32.43 -8.90 -23.41
C ALA D 21 33.64 -9.57 -24.02
N GLY D 22 34.75 -9.61 -23.29
CA GLY D 22 35.93 -10.32 -23.74
C GLY D 22 36.87 -9.51 -24.61
N ARG D 23 36.45 -8.33 -25.05
CA ARG D 23 37.31 -7.47 -25.86
C ARG D 23 38.00 -6.47 -25.00
N LEU D 24 39.26 -6.19 -25.34
CA LEU D 24 40.00 -5.13 -24.68
C LEU D 24 39.60 -3.79 -25.30
N VAL D 25 39.10 -2.88 -24.48
CA VAL D 25 38.65 -1.60 -25.01
C VAL D 25 39.35 -0.46 -24.32
N ASP D 26 39.96 0.39 -25.13
CA ASP D 26 40.81 1.43 -24.59
C ASP D 26 40.26 2.81 -24.88
N THR D 27 40.90 3.80 -24.30
CA THR D 27 40.45 5.17 -24.47
C THR D 27 41.73 6.03 -24.36
N ASP D 28 41.66 7.29 -24.80
CA ASP D 28 42.82 8.17 -24.75
C ASP D 28 43.15 8.59 -23.33
N ASP D 29 42.16 9.16 -22.66
CA ASP D 29 42.33 9.58 -21.29
C ASP D 29 42.47 8.35 -20.40
N ARG D 30 43.26 8.51 -19.34
CA ARG D 30 43.54 7.44 -18.42
C ARG D 30 43.13 7.84 -17.02
N VAL D 31 42.84 6.82 -16.21
CA VAL D 31 42.72 7.01 -14.77
C VAL D 31 43.97 6.38 -14.16
N GLU D 32 44.74 7.14 -13.40
CA GLU D 32 45.92 6.58 -12.78
C GLU D 32 45.52 5.89 -11.49
N VAL D 33 46.09 4.72 -11.25
CA VAL D 33 45.90 4.03 -9.97
C VAL D 33 47.18 4.10 -9.15
N ARG D 34 47.08 4.65 -7.95
CA ARG D 34 48.26 4.84 -7.11
C ARG D 34 48.30 3.87 -5.93
N TYR D 35 49.51 3.46 -5.58
CA TYR D 35 49.79 2.61 -4.45
C TYR D 35 49.81 3.50 -3.24
N PRO D 36 48.89 3.27 -2.29
CA PRO D 36 48.79 4.18 -1.13
C PRO D 36 50.01 4.18 -0.21
N TRP D 37 50.89 3.18 -0.32
CA TRP D 37 52.05 3.14 0.56
C TRP D 37 53.03 4.28 0.23
N ASN D 38 53.24 4.56 -1.05
CA ASN D 38 54.20 5.57 -1.45
C ASN D 38 53.64 6.54 -2.50
N ASP D 39 52.34 6.46 -2.75
CA ASP D 39 51.64 7.35 -3.68
C ASP D 39 52.21 7.33 -5.11
N THR D 40 52.82 6.24 -5.52
CA THR D 40 53.28 6.14 -6.90
C THR D 40 52.26 5.46 -7.81
N VAL D 41 52.34 5.74 -9.09
CA VAL D 41 51.44 5.15 -10.07
C VAL D 41 51.87 3.72 -10.32
N VAL D 42 50.97 2.77 -10.02
CA VAL D 42 51.24 1.35 -10.28
C VAL D 42 50.44 0.83 -11.47
N GLY D 43 49.49 1.63 -11.96
CA GLY D 43 48.72 1.21 -13.11
C GLY D 43 47.85 2.32 -13.65
N THR D 44 47.24 2.05 -14.77
CA THR D 44 46.38 3.01 -15.41
C THR D 44 45.25 2.21 -16.10
N VAL D 45 44.04 2.76 -16.07
CA VAL D 45 42.90 2.13 -16.75
C VAL D 45 42.16 3.20 -17.54
N PRO D 46 41.28 2.79 -18.45
CA PRO D 46 40.62 3.81 -19.27
C PRO D 46 39.68 4.71 -18.49
N ALA D 47 39.62 5.98 -18.89
CA ALA D 47 38.55 6.87 -18.44
C ALA D 47 37.35 6.59 -19.35
N GLY D 48 36.69 5.46 -19.12
CA GLY D 48 35.51 5.07 -19.86
C GLY D 48 34.38 6.08 -19.77
N ARG D 49 33.49 6.02 -20.74
CA ARG D 49 32.36 6.95 -20.83
C ARG D 49 31.03 6.20 -20.93
N ALA D 50 29.94 6.93 -20.81
CA ALA D 50 28.60 6.34 -20.87
C ALA D 50 28.49 5.36 -22.03
N GLU D 51 29.02 5.76 -23.19
CA GLU D 51 28.91 4.90 -24.37
C GLU D 51 29.48 3.48 -24.14
N HIS D 52 30.58 3.39 -23.40
CA HIS D 52 31.20 2.09 -23.11
C HIS D 52 30.28 1.22 -22.23
N ALA D 53 29.74 1.80 -21.16
CA ALA D 53 28.80 1.07 -20.32
C ALA D 53 27.60 0.69 -21.17
N ARG D 54 27.17 1.65 -21.98
CA ARG D 54 26.01 1.46 -22.80
C ARG D 54 26.20 0.27 -23.76
N GLU D 55 27.39 0.17 -24.31
CA GLU D 55 27.67 -0.95 -25.19
C GLU D 55 27.72 -2.26 -24.40
N ALA D 56 28.35 -2.22 -23.24
CA ALA D 56 28.41 -3.40 -22.39
C ALA D 56 27.01 -3.91 -22.04
N PHE D 57 26.09 -3.00 -21.76
CA PHE D 57 24.73 -3.41 -21.40
C PHE D 57 23.91 -3.94 -22.59
N ALA D 58 24.15 -3.38 -23.78
CA ALA D 58 23.46 -3.83 -24.99
C ALA D 58 23.89 -5.27 -25.29
N ILE D 59 25.19 -5.53 -25.21
CA ILE D 59 25.69 -6.89 -25.38
C ILE D 59 25.11 -7.83 -24.34
N ALA D 60 25.10 -7.40 -23.07
CA ALA D 60 24.54 -8.19 -21.98
C ALA D 60 23.07 -8.55 -22.23
N ALA D 61 22.26 -7.55 -22.62
CA ALA D 61 20.83 -7.72 -22.85
C ALA D 61 20.55 -8.66 -24.02
N ALA D 62 21.33 -8.55 -25.10
CA ALA D 62 21.05 -9.34 -26.29
C ALA D 62 21.47 -10.80 -26.11
N TYR D 63 22.43 -11.05 -25.25
CA TYR D 63 22.88 -12.42 -25.06
C TYR D 63 22.00 -13.18 -24.05
N GLN D 64 21.49 -14.34 -24.47
CA GLN D 64 20.74 -15.23 -23.59
C GLN D 64 21.60 -16.43 -23.24
N PRO D 65 22.20 -16.42 -22.04
CA PRO D 65 23.01 -17.57 -21.59
C PRO D 65 22.20 -18.86 -21.70
N LYS D 66 22.85 -19.95 -22.14
CA LYS D 66 22.19 -21.25 -22.24
C LYS D 66 22.98 -22.28 -21.46
N LEU D 67 23.93 -21.84 -20.65
CA LEU D 67 24.74 -22.78 -19.86
C LEU D 67 23.89 -23.70 -19.00
N THR D 68 24.15 -25.00 -19.07
CA THR D 68 23.56 -25.93 -18.11
C THR D 68 24.12 -25.61 -16.73
N ARG D 69 23.45 -26.08 -15.69
CA ARG D 69 23.94 -25.96 -14.34
C ARG D 69 25.33 -26.61 -14.22
N TYR D 70 25.50 -27.76 -14.86
CA TYR D 70 26.83 -28.36 -14.91
C TYR D 70 27.89 -27.41 -15.50
N GLU D 71 27.59 -26.78 -16.63
CA GLU D 71 28.58 -25.90 -17.24
C GLU D 71 28.89 -24.69 -16.36
N ARG D 72 27.85 -24.12 -15.76
CA ARG D 72 28.03 -23.05 -14.79
C ARG D 72 28.96 -23.46 -13.65
N GLN D 73 28.65 -24.60 -13.04
CA GLN D 73 29.48 -25.11 -11.96
C GLN D 73 30.95 -25.27 -12.40
N LYS D 74 31.17 -25.85 -13.58
CA LYS D 74 32.55 -26.00 -14.08
C LYS D 74 33.28 -24.68 -14.19
N ILE D 75 32.60 -23.67 -14.73
CA ILE D 75 33.23 -22.36 -14.84
C ILE D 75 33.56 -21.80 -13.47
N LEU D 76 32.61 -21.89 -12.54
CA LEU D 76 32.80 -21.30 -11.20
C LEU D 76 33.89 -22.05 -10.42
N LEU D 77 33.90 -23.38 -10.50
CA LEU D 77 34.94 -24.16 -9.84
C LEU D 77 36.31 -23.99 -10.51
N ALA D 78 36.34 -23.88 -11.84
CA ALA D 78 37.61 -23.58 -12.53
C ALA D 78 38.16 -22.21 -12.09
N THR D 79 37.27 -21.24 -11.95
CA THR D 79 37.66 -19.92 -11.45
C THR D 79 38.23 -20.03 -10.04
N ALA D 80 37.59 -20.80 -9.18
CA ALA D 80 38.09 -20.97 -7.84
C ALA D 80 39.53 -21.50 -7.86
N GLU D 81 39.82 -22.48 -8.73
CA GLU D 81 41.18 -23.00 -8.72
C GLU D 81 42.16 -22.01 -9.25
N ALA D 82 41.74 -21.24 -10.24
CA ALA D 82 42.64 -20.25 -10.81
C ALA D 82 43.01 -19.24 -9.73
N LEU D 83 42.04 -18.87 -8.91
CA LEU D 83 42.31 -17.95 -7.80
C LEU D 83 43.33 -18.55 -6.84
N ALA D 84 43.13 -19.81 -6.45
CA ALA D 84 44.10 -20.50 -5.60
C ALA D 84 45.46 -20.55 -6.29
N ALA D 85 45.46 -20.95 -7.56
CA ALA D 85 46.71 -21.12 -8.25
C ALA D 85 47.46 -19.80 -8.37
N ARG D 86 46.73 -18.72 -8.60
CA ARG D 86 47.36 -17.44 -8.85
C ARG D 86 47.29 -16.49 -7.67
N LYS D 87 47.06 -17.02 -6.47
CA LYS D 87 46.80 -16.12 -5.36
C LYS D 87 47.91 -15.09 -5.12
N GLU D 88 49.17 -15.45 -5.34
CA GLU D 88 50.25 -14.53 -5.01
C GLU D 88 50.20 -13.35 -5.94
N GLU D 89 49.98 -13.64 -7.22
CA GLU D 89 49.82 -12.62 -8.22
C GLU D 89 48.62 -11.71 -7.95
N ILE D 90 47.49 -12.31 -7.65
CA ILE D 90 46.25 -11.56 -7.42
C ILE D 90 46.33 -10.67 -6.17
N SER D 91 46.92 -11.19 -5.10
CA SER D 91 47.05 -10.40 -3.90
C SER D 91 48.10 -9.28 -4.06
N ASP D 92 49.10 -9.50 -4.89
CA ASP D 92 50.02 -8.42 -5.21
C ASP D 92 49.20 -7.26 -5.84
N VAL D 93 48.35 -7.57 -6.81
CA VAL D 93 47.55 -6.53 -7.44
C VAL D 93 46.69 -5.81 -6.42
N ILE D 94 46.03 -6.57 -5.56
CA ILE D 94 45.20 -5.98 -4.52
C ILE D 94 45.98 -5.03 -3.66
N THR D 95 47.10 -5.50 -3.12
CA THR D 95 47.88 -4.72 -2.19
C THR D 95 48.44 -3.46 -2.87
N LEU D 96 48.82 -3.62 -4.14
CA LEU D 96 49.40 -2.50 -4.85
C LEU D 96 48.37 -1.38 -5.13
N GLU D 97 47.08 -1.71 -5.22
CA GLU D 97 46.11 -0.63 -5.42
C GLU D 97 45.37 -0.19 -4.15
N LEU D 98 45.29 -1.08 -3.17
CA LEU D 98 44.51 -0.81 -1.96
C LEU D 98 45.43 -0.42 -0.81
N GLY D 99 46.59 -1.07 -0.73
CA GLY D 99 47.55 -0.77 0.33
C GLY D 99 47.41 -1.63 1.58
N ILE D 100 46.41 -2.52 1.62
CA ILE D 100 46.32 -3.48 2.70
C ILE D 100 47.51 -4.42 2.63
N SER D 101 47.89 -4.97 3.78
CA SER D 101 49.00 -5.94 3.83
C SER D 101 48.77 -7.17 2.94
N LYS D 102 49.86 -7.77 2.47
CA LYS D 102 49.76 -9.07 1.81
C LYS D 102 49.03 -10.14 2.67
N ALA D 103 49.21 -10.11 3.97
CA ALA D 103 48.42 -11.00 4.84
C ALA D 103 46.92 -10.84 4.60
N ASP D 104 46.44 -9.60 4.68
CA ASP D 104 45.02 -9.29 4.40
C ASP D 104 44.63 -9.59 2.94
N SER D 105 45.49 -9.28 1.99
CA SER D 105 45.12 -9.50 0.60
C SER D 105 45.16 -10.97 0.21
N LEU D 106 46.05 -11.74 0.83
CA LEU D 106 46.04 -13.19 0.62
C LEU D 106 44.77 -13.75 1.20
N TYR D 107 44.38 -13.24 2.36
CA TYR D 107 43.14 -13.68 2.98
C TYR D 107 41.95 -13.38 2.04
N GLU D 108 41.98 -12.22 1.40
CA GLU D 108 40.88 -11.84 0.52
C GLU D 108 40.75 -12.85 -0.62
N VAL D 109 41.88 -13.30 -1.17
CA VAL D 109 41.82 -14.27 -2.24
C VAL D 109 41.18 -15.56 -1.74
N GLY D 110 41.47 -15.94 -0.50
CA GLY D 110 40.78 -17.06 0.12
C GLY D 110 39.26 -16.89 0.20
N ARG D 111 38.79 -15.69 0.56
CA ARG D 111 37.35 -15.44 0.60
C ARG D 111 36.79 -15.60 -0.80
N ALA D 112 37.46 -15.04 -1.79
CA ALA D 112 36.93 -15.09 -3.15
C ALA D 112 36.91 -16.54 -3.64
N PHE D 113 37.94 -17.30 -3.26
CA PHE D 113 37.95 -18.74 -3.48
C PHE D 113 36.70 -19.41 -2.88
N ASP D 114 36.32 -19.03 -1.67
CA ASP D 114 35.09 -19.57 -1.08
C ASP D 114 33.84 -19.14 -1.88
N VAL D 115 33.77 -17.87 -2.25
CA VAL D 115 32.61 -17.36 -2.97
C VAL D 115 32.38 -18.21 -4.23
N PHE D 116 33.41 -18.36 -5.04
CA PHE D 116 33.26 -19.11 -6.27
C PHE D 116 32.97 -20.59 -6.03
N THR D 117 33.63 -21.16 -5.03
CA THR D 117 33.39 -22.55 -4.71
C THR D 117 31.95 -22.76 -4.29
N LEU D 118 31.47 -21.91 -3.37
CA LEU D 118 30.11 -22.13 -2.88
C LEU D 118 29.08 -21.81 -3.96
N ALA D 119 29.33 -20.78 -4.75
CA ALA D 119 28.41 -20.49 -5.85
C ALA D 119 28.40 -21.69 -6.80
N GLY D 120 29.56 -22.27 -7.06
CA GLY D 120 29.66 -23.41 -7.97
C GLY D 120 28.81 -24.58 -7.45
N GLN D 121 28.98 -24.88 -6.17
CA GLN D 121 28.26 -25.96 -5.53
C GLN D 121 26.76 -25.72 -5.39
N MET D 122 26.34 -24.46 -5.28
CA MET D 122 24.92 -24.14 -5.17
C MET D 122 24.19 -24.30 -6.51
N CYS D 123 24.95 -24.44 -7.58
CA CYS D 123 24.38 -24.66 -8.91
C CYS D 123 23.53 -25.92 -9.08
N ILE D 124 23.80 -26.96 -8.31
CA ILE D 124 23.06 -28.19 -8.44
C ILE D 124 21.69 -28.07 -7.76
N ARG D 125 21.45 -26.91 -7.14
CA ARG D 125 20.27 -26.66 -6.31
C ARG D 125 19.08 -26.04 -6.99
N ASP D 126 17.93 -26.66 -6.87
CA ASP D 126 16.72 -26.10 -7.40
C ASP D 126 15.74 -25.87 -6.23
N ASP D 127 15.42 -24.60 -5.92
CA ASP D 127 14.55 -24.35 -4.79
C ASP D 127 13.10 -24.18 -5.22
N GLY D 128 12.76 -24.70 -6.40
CA GLY D 128 11.37 -24.68 -6.82
C GLY D 128 10.41 -25.24 -5.76
N GLU D 129 9.19 -24.71 -5.77
CA GLU D 129 8.17 -25.26 -4.87
C GLU D 129 6.97 -25.71 -5.66
N ILE D 130 6.11 -26.46 -4.98
CA ILE D 130 4.86 -26.96 -5.51
C ILE D 130 3.77 -26.61 -4.53
N PHE D 131 2.69 -26.06 -5.05
CA PHE D 131 1.48 -25.82 -4.26
C PHE D 131 0.33 -26.67 -4.79
N SER D 132 -0.45 -27.24 -3.88
CA SER D 132 -1.70 -27.90 -4.23
C SER D 132 -2.76 -26.83 -4.14
N CYS D 133 -3.77 -26.91 -4.99
CA CYS D 133 -4.72 -25.83 -5.10
C CYS D 133 -6.13 -26.12 -4.55
N ASP D 134 -6.36 -27.28 -3.93
CA ASP D 134 -7.68 -27.69 -3.49
C ASP D 134 -7.82 -27.35 -2.00
N LEU D 135 -7.54 -26.08 -1.68
CA LEU D 135 -7.27 -25.63 -0.32
C LEU D 135 -8.39 -24.94 0.39
N THR D 136 -9.27 -24.33 -0.40
CA THR D 136 -10.33 -23.51 0.16
C THR D 136 -11.62 -23.77 -0.61
N PRO D 137 -12.71 -23.07 -0.24
CA PRO D 137 -13.95 -23.23 -1.02
C PRO D 137 -13.75 -22.83 -2.47
N HIS D 138 -12.74 -22.01 -2.73
CA HIS D 138 -12.39 -21.66 -4.11
C HIS D 138 -11.38 -22.60 -4.77
N GLY D 139 -11.12 -23.75 -4.16
CA GLY D 139 -10.04 -24.62 -4.61
C GLY D 139 -10.23 -25.22 -5.99
N LYS D 140 -9.16 -25.73 -6.57
CA LYS D 140 -9.26 -26.49 -7.81
C LYS D 140 -8.31 -27.65 -7.86
N ALA D 141 -8.65 -28.67 -8.65
CA ALA D 141 -7.81 -29.85 -8.79
C ALA D 141 -6.64 -29.46 -9.70
N ARG D 142 -5.62 -28.85 -9.09
CA ARG D 142 -4.56 -28.22 -9.83
C ARG D 142 -3.32 -28.07 -8.98
N LYS D 143 -2.16 -28.04 -9.63
CA LYS D 143 -0.90 -27.78 -8.94
C LYS D 143 -0.24 -26.55 -9.52
N ILE D 144 0.36 -25.77 -8.63
CA ILE D 144 1.23 -24.67 -9.04
C ILE D 144 2.69 -25.05 -8.78
N PHE D 145 3.54 -24.75 -9.75
CA PHE D 145 4.97 -25.09 -9.69
C PHE D 145 5.78 -23.79 -9.80
N THR D 146 6.95 -23.76 -9.19
CA THR D 146 7.82 -22.60 -9.25
C THR D 146 9.11 -22.86 -9.98
N MET D 147 9.66 -21.82 -10.56
CA MET D 147 10.95 -21.90 -11.22
C MET D 147 11.56 -20.52 -11.37
N ARG D 148 12.89 -20.46 -11.52
CA ARG D 148 13.59 -19.17 -11.60
C ARG D 148 14.16 -18.91 -12.99
N GLU D 149 14.17 -17.65 -13.39
CA GLU D 149 14.74 -17.28 -14.66
C GLU D 149 15.68 -16.07 -14.47
N PRO D 150 16.67 -15.93 -15.36
CA PRO D 150 17.59 -14.79 -15.25
C PRO D 150 16.96 -13.48 -15.70
N LEU D 151 17.63 -12.39 -15.36
CA LEU D 151 17.17 -11.07 -15.69
C LEU D 151 17.82 -10.69 -17.04
N THR D 152 17.44 -9.52 -17.55
CA THR D 152 18.01 -9.04 -18.80
C THR D 152 19.51 -8.70 -18.66
N ALA D 153 19.82 -7.90 -17.65
CA ALA D 153 21.19 -7.49 -17.38
C ALA D 153 21.28 -7.00 -15.94
N ILE D 154 22.45 -7.17 -15.34
CA ILE D 154 22.69 -6.75 -13.97
C ILE D 154 23.83 -5.74 -13.93
N SER D 155 23.65 -4.69 -13.15
CA SER D 155 24.67 -3.67 -12.95
C SER D 155 25.32 -3.83 -11.59
N ALA D 156 26.65 -4.01 -11.60
CA ALA D 156 27.35 -4.17 -10.33
C ALA D 156 28.36 -3.06 -10.10
N ILE D 157 28.25 -2.40 -8.96
CA ILE D 157 29.11 -1.28 -8.64
C ILE D 157 29.82 -1.60 -7.34
N THR D 158 31.13 -1.66 -7.39
CA THR D 158 31.90 -2.18 -6.24
C THR D 158 32.89 -1.16 -5.65
N PRO D 159 33.19 -1.28 -4.35
CA PRO D 159 34.00 -0.30 -3.63
C PRO D 159 35.45 -0.76 -3.52
N PHE D 160 36.29 0.06 -2.90
CA PHE D 160 37.73 -0.16 -2.83
C PHE D 160 38.15 -1.21 -1.78
N ASN D 161 37.32 -1.37 -0.75
CA ASN D 161 37.66 -2.20 0.40
C ASN D 161 37.96 -3.69 0.15
N HIS D 162 37.29 -4.33 -0.81
CA HIS D 162 37.63 -5.70 -1.18
C HIS D 162 37.61 -5.74 -2.69
N PRO D 163 38.70 -5.28 -3.32
CA PRO D 163 38.78 -5.12 -4.77
C PRO D 163 38.45 -6.42 -5.50
N LEU D 164 38.66 -7.53 -4.79
CA LEU D 164 38.41 -8.84 -5.39
C LEU D 164 37.12 -9.44 -4.86
N ASN D 165 37.04 -9.59 -3.54
CA ASN D 165 35.89 -10.29 -2.97
C ASN D 165 34.53 -9.66 -3.25
N MET D 166 34.47 -8.33 -3.31
CA MET D 166 33.24 -7.61 -3.64
C MET D 166 32.78 -7.87 -5.06
N VAL D 167 33.74 -8.01 -5.99
CA VAL D 167 33.41 -8.30 -7.35
C VAL D 167 32.95 -9.75 -7.41
N ALA D 168 33.72 -10.63 -6.76
CA ALA D 168 33.32 -12.03 -6.70
C ALA D 168 31.88 -12.21 -6.20
N HIS D 169 31.53 -11.53 -5.09
CA HIS D 169 30.19 -11.69 -4.54
C HIS D 169 29.08 -11.26 -5.50
N LYS D 170 29.38 -10.32 -6.40
CA LYS D 170 28.37 -9.85 -7.32
C LYS D 170 28.37 -10.67 -8.59
N VAL D 171 29.54 -11.13 -9.01
CA VAL D 171 29.66 -11.80 -10.31
C VAL D 171 29.39 -13.30 -10.26
N ALA D 172 29.84 -13.97 -9.21
CA ALA D 172 29.64 -15.41 -9.14
C ALA D 172 28.16 -15.84 -9.08
N PRO D 173 27.35 -15.15 -8.27
CA PRO D 173 25.93 -15.51 -8.27
C PRO D 173 25.27 -15.22 -9.60
N ALA D 174 25.78 -14.22 -10.33
CA ALA D 174 25.23 -13.85 -11.65
C ALA D 174 25.52 -14.97 -12.64
N ILE D 175 26.77 -15.46 -12.62
CA ILE D 175 27.15 -16.59 -13.46
C ILE D 175 26.28 -17.79 -13.15
N ALA D 176 26.13 -18.06 -11.85
CA ALA D 176 25.44 -19.26 -11.37
C ALA D 176 24.00 -19.28 -11.83
N THR D 177 23.49 -18.11 -12.21
CA THR D 177 22.07 -17.99 -12.55
C THR D 177 21.83 -17.63 -14.00
N ASN D 178 22.88 -17.72 -14.81
CA ASN D 178 22.76 -17.38 -16.22
C ASN D 178 22.39 -15.93 -16.52
N ASN D 179 22.85 -15.02 -15.67
CA ASN D 179 22.73 -13.62 -15.89
C ASN D 179 23.93 -13.03 -16.62
N CYS D 180 23.81 -11.79 -17.07
CA CYS D 180 24.88 -11.09 -17.72
C CYS D 180 25.12 -9.87 -16.92
N VAL D 181 26.34 -9.74 -16.44
CA VAL D 181 26.65 -8.66 -15.54
C VAL D 181 27.69 -7.68 -16.10
N VAL D 182 27.50 -6.41 -15.78
CA VAL D 182 28.47 -5.39 -16.11
C VAL D 182 28.96 -4.79 -14.84
N VAL D 183 30.26 -4.88 -14.60
CA VAL D 183 30.85 -4.36 -13.38
C VAL D 183 31.58 -3.03 -13.56
N LYS D 184 31.31 -2.07 -12.68
CA LYS D 184 32.13 -0.88 -12.61
C LYS D 184 32.81 -0.76 -11.23
N PRO D 185 34.07 -1.17 -11.14
CA PRO D 185 34.78 -1.07 -9.87
C PRO D 185 35.14 0.39 -9.62
N THR D 186 35.41 0.74 -8.38
CA THR D 186 35.83 2.07 -8.08
C THR D 186 37.12 2.38 -8.82
N GLU D 187 37.28 3.62 -9.21
CA GLU D 187 38.46 4.03 -9.96
C GLU D 187 39.70 3.99 -9.05
N LEU D 188 39.50 3.88 -7.74
CA LEU D 188 40.62 3.69 -6.82
C LEU D 188 41.26 2.30 -6.91
N THR D 189 40.47 1.27 -7.22
CA THR D 189 40.99 -0.11 -7.19
C THR D 189 40.41 -0.98 -8.31
N PRO D 190 40.59 -0.56 -9.57
CA PRO D 190 39.89 -1.19 -10.70
C PRO D 190 40.64 -2.37 -11.28
N MET D 191 41.91 -2.47 -11.00
CA MET D 191 42.74 -3.46 -11.66
C MET D 191 42.42 -4.90 -11.27
N THR D 192 42.06 -5.10 -10.01
CA THR D 192 41.74 -6.44 -9.56
C THR D 192 40.54 -6.95 -10.32
N ALA D 193 39.54 -6.09 -10.52
CA ALA D 193 38.35 -6.48 -11.27
C ALA D 193 38.72 -6.91 -12.71
N LEU D 194 39.61 -6.15 -13.34
CA LEU D 194 40.00 -6.43 -14.71
C LEU D 194 40.67 -7.80 -14.81
N LEU D 195 41.57 -8.08 -13.87
CA LEU D 195 42.20 -9.37 -13.74
C LEU D 195 41.19 -10.49 -13.50
N LEU D 196 40.22 -10.28 -12.61
CA LEU D 196 39.20 -11.31 -12.37
C LEU D 196 38.42 -11.65 -13.64
N ALA D 197 38.07 -10.63 -14.42
CA ALA D 197 37.40 -10.84 -15.70
C ALA D 197 38.25 -11.76 -16.61
N ASP D 198 39.56 -11.50 -16.69
CA ASP D 198 40.46 -12.32 -17.54
C ASP D 198 40.45 -13.78 -17.07
N ILE D 199 40.47 -13.97 -15.76
CA ILE D 199 40.44 -15.29 -15.18
C ILE D 199 39.14 -15.97 -15.59
N LEU D 200 38.03 -15.25 -15.50
CA LEU D 200 36.73 -15.83 -15.82
C LEU D 200 36.63 -16.22 -17.30
N TYR D 201 37.16 -15.38 -18.18
CA TYR D 201 37.11 -15.72 -19.61
C TYR D 201 37.92 -17.00 -19.86
N GLU D 202 39.09 -17.09 -19.24
CA GLU D 202 39.94 -18.26 -19.33
C GLU D 202 39.28 -19.51 -18.76
N ALA D 203 38.55 -19.35 -17.67
CA ALA D 203 37.83 -20.46 -17.05
C ALA D 203 36.66 -20.92 -17.91
N GLY D 204 36.41 -20.22 -19.01
CA GLY D 204 35.39 -20.64 -19.97
C GLY D 204 34.06 -19.90 -19.96
N LEU D 205 34.01 -18.77 -19.29
CA LEU D 205 32.77 -18.01 -19.28
C LEU D 205 32.49 -17.48 -20.69
N PRO D 206 31.27 -17.69 -21.22
CA PRO D 206 30.93 -16.91 -22.42
C PRO D 206 31.13 -15.42 -22.14
N PRO D 207 31.96 -14.75 -22.96
CA PRO D 207 32.40 -13.37 -22.70
C PRO D 207 31.26 -12.37 -22.57
N GLU D 208 30.17 -12.57 -23.32
CA GLU D 208 29.01 -11.68 -23.23
C GLU D 208 28.41 -11.59 -21.81
N MET D 209 28.72 -12.58 -20.98
CA MET D 209 28.16 -12.63 -19.63
C MET D 209 28.86 -11.71 -18.63
N LEU D 210 30.03 -11.18 -19.01
CA LEU D 210 30.75 -10.29 -18.13
C LEU D 210 31.47 -9.16 -18.86
N SER D 211 31.23 -7.93 -18.41
CA SER D 211 32.07 -6.82 -18.79
C SER D 211 32.52 -6.11 -17.55
N VAL D 212 33.71 -5.53 -17.62
CA VAL D 212 34.20 -4.68 -16.55
C VAL D 212 34.60 -3.37 -17.19
N VAL D 213 33.92 -2.29 -16.79
CA VAL D 213 34.19 -0.99 -17.35
C VAL D 213 34.73 -0.08 -16.26
N THR D 214 35.55 0.89 -16.64
CA THR D 214 36.21 1.75 -15.66
C THR D 214 36.01 3.18 -16.09
N GLY D 215 36.03 4.10 -15.13
CA GLY D 215 36.10 5.51 -15.46
C GLY D 215 35.68 6.39 -14.30
N TRP D 216 35.58 7.68 -14.55
CA TRP D 216 35.17 8.60 -13.47
C TRP D 216 33.68 8.51 -13.24
N PRO D 217 33.26 8.64 -11.98
CA PRO D 217 31.84 8.54 -11.67
C PRO D 217 31.02 9.53 -12.51
N ALA D 218 31.57 10.69 -12.87
CA ALA D 218 30.82 11.76 -13.57
C ALA D 218 30.66 11.40 -15.04
N ASP D 219 31.45 10.45 -15.48
CA ASP D 219 31.29 10.05 -16.86
C ASP D 219 30.48 8.78 -17.07
N ILE D 220 30.77 7.76 -16.29
CA ILE D 220 30.23 6.44 -16.59
C ILE D 220 29.32 5.98 -15.45
N GLY D 221 29.41 6.65 -14.32
CA GLY D 221 28.65 6.24 -13.14
C GLY D 221 27.15 6.23 -13.33
N MET D 222 26.61 7.23 -14.01
CA MET D 222 25.18 7.37 -14.08
C MET D 222 24.62 6.33 -15.03
N GLU D 223 25.36 6.04 -16.09
CA GLU D 223 24.91 5.03 -17.05
C GLU D 223 24.69 3.68 -16.34
N MET D 224 25.55 3.37 -15.36
CA MET D 224 25.38 2.12 -14.61
C MET D 224 24.07 2.04 -13.90
N ILE D 225 23.51 3.21 -13.62
CA ILE D 225 22.31 3.31 -12.77
C ILE D 225 21.03 3.42 -13.60
N THR D 226 21.15 3.96 -14.82
CA THR D 226 19.97 4.36 -15.56
C THR D 226 19.83 3.62 -16.88
N ASN D 227 20.84 2.85 -17.27
CA ASN D 227 20.73 2.13 -18.54
C ASN D 227 19.41 1.36 -18.57
N PRO D 228 18.67 1.48 -19.68
CA PRO D 228 17.33 0.88 -19.76
C PRO D 228 17.34 -0.67 -19.73
N HIS D 229 18.45 -1.32 -20.09
CA HIS D 229 18.50 -2.77 -20.05
C HIS D 229 18.72 -3.33 -18.63
N VAL D 230 19.07 -2.46 -17.70
CA VAL D 230 19.43 -2.92 -16.36
C VAL D 230 18.20 -3.23 -15.51
N ASP D 231 18.07 -4.49 -15.11
CA ASP D 231 16.93 -4.95 -14.33
C ASP D 231 17.20 -4.79 -12.83
N LEU D 232 18.48 -4.83 -12.50
CA LEU D 232 18.89 -4.80 -11.11
C LEU D 232 20.24 -4.10 -10.94
N VAL D 233 20.31 -3.20 -9.97
CA VAL D 233 21.56 -2.57 -9.57
C VAL D 233 22.00 -3.16 -8.24
N THR D 234 23.19 -3.74 -8.21
CA THR D 234 23.74 -4.19 -6.94
C THR D 234 24.98 -3.36 -6.59
N PHE D 235 24.90 -2.67 -5.46
CA PHE D 235 25.88 -1.67 -5.10
C PHE D 235 26.34 -1.86 -3.68
N THR D 236 27.65 -1.79 -3.50
CA THR D 236 28.23 -1.74 -2.17
C THR D 236 29.15 -0.51 -2.09
N GLY D 237 28.96 0.32 -1.07
CA GLY D 237 29.67 1.58 -1.01
C GLY D 237 29.21 2.46 0.14
N SER D 238 29.43 3.77 0.01
CA SER D 238 29.10 4.72 1.08
C SER D 238 27.58 5.06 1.14
N VAL D 239 27.12 5.55 2.29
CA VAL D 239 25.75 5.96 2.45
C VAL D 239 25.28 7.01 1.46
N PRO D 240 26.05 8.12 1.30
CA PRO D 240 25.66 9.19 0.36
C PRO D 240 25.55 8.71 -1.07
N VAL D 241 26.50 7.91 -1.54
CA VAL D 241 26.42 7.42 -2.90
C VAL D 241 25.25 6.45 -3.00
N GLY D 242 25.12 5.56 -2.02
CA GLY D 242 23.98 4.68 -1.95
C GLY D 242 22.63 5.35 -2.02
N LYS D 243 22.46 6.41 -1.25
CA LYS D 243 21.18 7.13 -1.22
C LYS D 243 20.91 7.81 -2.54
N LEU D 244 21.99 8.29 -3.17
CA LEU D 244 21.93 8.88 -4.50
C LEU D 244 21.39 7.87 -5.50
N ILE D 245 21.95 6.66 -5.43
CA ILE D 245 21.61 5.61 -6.38
C ILE D 245 20.15 5.27 -6.19
N ALA D 246 19.75 5.15 -4.94
CA ALA D 246 18.38 4.81 -4.64
C ALA D 246 17.43 5.83 -5.25
N ALA D 247 17.83 7.10 -5.26
CA ALA D 247 17.02 8.15 -5.89
C ALA D 247 16.98 8.08 -7.43
N ASN D 248 18.08 7.64 -8.05
CA ASN D 248 18.21 7.73 -9.49
C ASN D 248 17.90 6.45 -10.26
N ALA D 249 17.89 5.31 -9.59
CA ALA D 249 17.58 4.05 -10.25
C ALA D 249 16.12 3.68 -10.16
N HIS D 250 15.24 4.59 -10.59
CA HIS D 250 13.79 4.39 -10.60
C HIS D 250 13.41 3.05 -11.20
N TYR D 251 12.49 2.37 -10.53
CA TYR D 251 11.82 1.22 -11.10
C TYR D 251 12.85 0.16 -11.52
N LYS D 252 14.01 0.16 -10.88
CA LYS D 252 14.93 -0.95 -11.03
C LYS D 252 15.06 -1.56 -9.67
N ARG D 253 15.17 -2.87 -9.60
CA ARG D 253 15.48 -3.49 -8.32
C ARG D 253 16.85 -3.05 -7.89
N GLN D 254 17.02 -2.84 -6.60
CA GLN D 254 18.29 -2.33 -6.08
C GLN D 254 18.65 -3.13 -4.85
N VAL D 255 19.90 -3.55 -4.79
CA VAL D 255 20.39 -4.16 -3.57
C VAL D 255 21.56 -3.32 -3.13
N LEU D 256 21.34 -2.56 -2.05
CA LEU D 256 22.28 -1.54 -1.62
C LEU D 256 22.89 -1.91 -0.29
N GLU D 257 24.21 -1.99 -0.29
CA GLU D 257 24.96 -2.38 0.89
C GLU D 257 25.86 -1.21 1.29
N LEU D 258 25.50 -0.57 2.38
CA LEU D 258 26.11 0.67 2.70
C LEU D 258 26.99 0.37 3.90
N GLY D 259 27.39 1.36 4.66
CA GLY D 259 28.32 1.01 5.73
C GLY D 259 27.77 0.25 6.94
N GLY D 260 28.63 0.10 7.94
CA GLY D 260 28.21 -0.32 9.26
C GLY D 260 28.95 0.52 10.29
N ASN D 261 28.58 0.32 11.55
CA ASN D 261 29.27 0.96 12.63
C ASN D 261 29.16 -0.04 13.76
N ASP D 262 29.84 -1.17 13.57
CA ASP D 262 29.46 -2.37 14.31
C ASP D 262 30.15 -2.52 15.68
N PRO D 263 29.38 -2.91 16.69
CA PRO D 263 29.96 -3.04 18.03
C PRO D 263 30.48 -4.43 18.32
N LEU D 264 31.52 -4.46 19.14
CA LEU D 264 31.88 -5.69 19.85
C LEU D 264 31.56 -5.38 21.31
N ILE D 265 30.58 -6.11 21.86
CA ILE D 265 30.04 -5.83 23.18
C ILE D 265 30.64 -6.81 24.22
N ILE D 266 31.22 -6.27 25.29
CA ILE D 266 31.88 -7.11 26.29
C ILE D 266 31.08 -7.06 27.60
N LEU D 267 30.42 -8.17 27.93
CA LEU D 267 29.53 -8.20 29.10
C LEU D 267 30.30 -8.48 30.39
N ASN D 268 29.75 -8.06 31.52
CA ASN D 268 30.47 -8.10 32.78
C ASN D 268 30.51 -9.46 33.49
N ASP D 269 30.01 -10.52 32.83
CA ASP D 269 30.09 -11.87 33.42
C ASP D 269 31.41 -12.54 33.13
N LEU D 270 32.19 -11.96 32.23
CA LEU D 270 33.39 -12.65 31.75
C LEU D 270 34.52 -12.76 32.77
N SER D 271 35.16 -13.92 32.78
CA SER D 271 36.36 -14.15 33.57
C SER D 271 37.54 -13.45 32.90
N ASP D 272 38.66 -13.33 33.61
CA ASP D 272 39.85 -12.70 33.04
C ASP D 272 40.37 -13.45 31.81
N ASP D 273 40.27 -14.77 31.84
CA ASP D 273 40.63 -15.57 30.67
C ASP D 273 39.79 -15.17 29.48
N ASP D 274 38.49 -14.95 29.74
CA ASP D 274 37.56 -14.66 28.66
C ASP D 274 37.80 -13.25 28.19
N LEU D 275 38.01 -12.34 29.12
CA LEU D 275 38.38 -11.00 28.72
C LEU D 275 39.53 -11.01 27.71
N ALA D 276 40.48 -11.92 27.91
CA ALA D 276 41.64 -11.95 27.03
C ALA D 276 41.24 -12.41 25.64
N ARG D 277 40.33 -13.39 25.55
CA ARG D 277 39.85 -13.83 24.24
C ARG D 277 39.04 -12.74 23.58
N ALA D 278 38.25 -12.04 24.38
CA ALA D 278 37.43 -10.96 23.85
C ALA D 278 38.38 -9.88 23.32
N ALA D 279 39.47 -9.63 24.03
CA ALA D 279 40.46 -8.67 23.56
C ALA D 279 41.06 -9.09 22.21
N ASP D 280 41.32 -10.38 22.05
CA ASP D 280 41.82 -10.85 20.76
C ASP D 280 40.83 -10.49 19.65
N LEU D 281 39.55 -10.69 19.91
CA LEU D 281 38.52 -10.42 18.92
C LEU D 281 38.47 -8.94 18.64
N ALA D 282 38.46 -8.13 19.70
CA ALA D 282 38.43 -6.68 19.57
C ALA D 282 39.53 -6.19 18.65
N VAL D 283 40.76 -6.61 18.91
CA VAL D 283 41.87 -6.12 18.12
C VAL D 283 41.81 -6.62 16.68
N ALA D 284 41.58 -7.91 16.50
CA ALA D 284 41.44 -8.45 15.16
C ALA D 284 40.29 -7.80 14.40
N GLY D 285 39.18 -7.57 15.09
CA GLY D 285 38.00 -7.08 14.42
C GLY D 285 38.12 -5.64 14.05
N ALA D 286 38.90 -4.91 14.83
CA ALA D 286 39.07 -3.49 14.60
C ALA D 286 40.10 -3.20 13.52
N THR D 287 40.94 -4.18 13.23
CA THR D 287 42.17 -3.81 12.59
C THR D 287 42.42 -4.60 11.28
N LYS D 288 41.78 -5.76 11.16
CA LYS D 288 41.76 -6.51 9.89
C LYS D 288 41.42 -5.67 8.69
N ASN D 289 42.07 -5.94 7.55
CA ASN D 289 41.85 -5.20 6.33
C ASN D 289 42.04 -3.69 6.60
N SER D 290 42.95 -3.38 7.51
CA SER D 290 43.16 -2.00 7.95
C SER D 290 41.87 -1.37 8.48
N GLY D 291 41.00 -2.19 9.07
CA GLY D 291 39.72 -1.72 9.61
C GLY D 291 38.72 -1.32 8.52
N GLN D 292 39.05 -1.61 7.26
CA GLN D 292 38.21 -1.20 6.14
C GLN D 292 37.18 -2.30 5.81
N ARG D 293 36.24 -2.51 6.72
CA ARG D 293 35.14 -3.44 6.49
C ARG D 293 33.86 -2.80 6.95
N CYS D 294 32.78 -2.98 6.20
CA CYS D 294 31.48 -2.48 6.61
C CYS D 294 31.17 -3.02 8.01
N THR D 295 31.70 -4.21 8.28
CA THR D 295 31.44 -4.94 9.54
C THR D 295 32.64 -4.96 10.48
N ALA D 296 33.59 -4.06 10.27
CA ALA D 296 34.73 -3.98 11.17
C ALA D 296 34.20 -3.67 12.58
N VAL D 297 34.95 -4.05 13.60
CA VAL D 297 34.67 -3.55 14.94
C VAL D 297 35.04 -2.07 14.97
N LYS D 298 34.05 -1.21 15.10
CA LYS D 298 34.25 0.23 15.10
C LYS D 298 33.90 0.81 16.48
N ARG D 299 33.36 -0.02 17.34
CA ARG D 299 32.94 0.42 18.69
C ARG D 299 33.11 -0.76 19.61
N ILE D 300 34.01 -0.67 20.57
CA ILE D 300 34.11 -1.73 21.55
C ILE D 300 33.38 -1.29 22.80
N LEU D 301 32.19 -1.84 23.00
CA LEU D 301 31.36 -1.44 24.11
C LEU D 301 31.65 -2.35 25.29
N CYS D 302 32.41 -1.80 26.23
CA CYS D 302 32.85 -2.57 27.37
C CYS D 302 32.12 -2.15 28.65
N GLN D 303 31.44 -3.10 29.28
CA GLN D 303 30.72 -2.76 30.52
C GLN D 303 31.70 -2.32 31.64
N GLU D 304 31.35 -1.24 32.34
CA GLU D 304 32.27 -0.58 33.26
C GLU D 304 33.01 -1.56 34.17
N SER D 305 32.26 -2.43 34.84
CA SER D 305 32.80 -3.41 35.77
C SER D 305 34.06 -4.08 35.29
N VAL D 306 34.17 -4.37 34.00
CA VAL D 306 35.30 -5.18 33.54
C VAL D 306 36.28 -4.39 32.68
N ALA D 307 36.01 -3.11 32.52
CA ALA D 307 36.83 -2.28 31.65
C ALA D 307 38.28 -2.22 32.12
N ASP D 308 38.49 -2.04 33.41
CA ASP D 308 39.86 -1.93 33.93
C ASP D 308 40.69 -3.17 33.70
N ARG D 309 40.02 -4.34 33.65
CA ARG D 309 40.75 -5.57 33.35
C ARG D 309 40.88 -5.76 31.84
N PHE D 310 39.88 -5.29 31.11
CA PHE D 310 39.79 -5.55 29.67
C PHE D 310 40.76 -4.68 28.89
N VAL D 311 40.77 -3.38 29.20
CA VAL D 311 41.55 -2.44 28.40
C VAL D 311 43.04 -2.78 28.28
N PRO D 312 43.69 -3.12 29.41
CA PRO D 312 45.10 -3.50 29.32
C PRO D 312 45.36 -4.68 28.40
N LEU D 313 44.44 -5.64 28.38
CA LEU D 313 44.56 -6.79 27.50
C LEU D 313 44.50 -6.34 26.04
N VAL D 314 43.59 -5.41 25.75
CA VAL D 314 43.50 -4.86 24.40
C VAL D 314 44.78 -4.10 24.03
N LEU D 315 45.23 -3.28 24.97
CA LEU D 315 46.41 -2.49 24.72
C LEU D 315 47.59 -3.36 24.37
N GLU D 316 47.80 -4.40 25.19
CA GLU D 316 48.91 -5.32 25.00
C GLU D 316 48.88 -5.96 23.60
N ARG D 317 47.70 -6.32 23.12
CA ARG D 317 47.60 -6.99 21.83
C ARG D 317 47.80 -6.01 20.70
N ALA D 318 47.29 -4.81 20.88
CA ALA D 318 47.44 -3.81 19.83
C ALA D 318 48.90 -3.49 19.60
N LYS D 319 49.70 -3.52 20.68
CA LYS D 319 51.12 -3.20 20.55
C LYS D 319 51.93 -4.25 19.79
N ARG D 320 51.40 -5.47 19.72
CA ARG D 320 52.12 -6.54 19.04
C ARG D 320 52.00 -6.42 17.55
N LEU D 321 51.00 -5.67 17.07
CA LEU D 321 50.74 -5.62 15.63
C LEU D 321 51.87 -4.89 14.90
N ARG D 322 52.29 -5.46 13.78
CA ARG D 322 53.31 -4.84 12.94
C ARG D 322 52.68 -4.11 11.77
N PHE D 323 52.83 -2.78 11.76
CA PHE D 323 52.25 -1.93 10.72
C PHE D 323 53.36 -1.32 9.92
N GLY D 324 53.19 -1.31 8.60
CA GLY D 324 54.24 -0.83 7.74
C GLY D 324 54.05 -1.32 6.32
N ASP D 325 55.18 -1.58 5.64
CA ASP D 325 55.22 -1.95 4.23
C ASP D 325 54.29 -3.12 3.91
N PRO D 326 53.26 -2.85 3.13
CA PRO D 326 52.24 -3.87 2.91
C PRO D 326 52.77 -5.03 2.10
N MET D 327 53.80 -4.80 1.29
CA MET D 327 54.36 -5.90 0.51
C MET D 327 55.26 -6.78 1.36
N ASP D 328 55.51 -6.37 2.59
CA ASP D 328 56.33 -7.17 3.50
C ASP D 328 55.41 -8.20 4.11
N ARG D 329 55.74 -9.46 3.87
CA ARG D 329 54.93 -10.56 4.37
C ARG D 329 54.81 -10.72 5.86
N SER D 330 55.64 -10.03 6.63
CA SER D 330 55.48 -10.06 8.09
C SER D 330 54.67 -8.88 8.59
N THR D 331 54.27 -8.00 7.66
CA THR D 331 53.36 -6.92 8.05
C THR D 331 51.99 -7.49 8.37
N ASP D 332 51.42 -7.05 9.50
CA ASP D 332 50.05 -7.38 9.81
C ASP D 332 49.11 -6.36 9.18
N LEU D 333 49.42 -5.08 9.43
CA LEU D 333 48.55 -3.98 9.10
C LEU D 333 49.25 -3.05 8.12
N GLY D 334 48.70 -3.00 6.91
CA GLY D 334 49.13 -2.06 5.90
C GLY D 334 48.45 -0.70 6.03
N THR D 335 48.33 0.01 4.92
CA THR D 335 47.79 1.37 4.98
C THR D 335 46.29 1.32 4.86
N VAL D 336 45.65 2.48 4.99
CA VAL D 336 44.27 2.64 4.56
C VAL D 336 44.28 3.17 3.12
N ILE D 337 43.11 3.33 2.54
CA ILE D 337 42.99 3.65 1.10
C ILE D 337 43.79 4.91 0.67
N HIS D 338 43.83 5.95 1.49
CA HIS D 338 44.70 7.08 1.15
C HIS D 338 44.95 7.96 2.35
N GLU D 339 45.83 8.94 2.14
CA GLU D 339 46.32 9.73 3.24
C GLU D 339 45.22 10.59 3.84
N LYS D 340 44.30 11.05 3.00
CA LYS D 340 43.31 11.94 3.59
C LYS D 340 42.23 11.21 4.41
N ALA D 341 41.96 9.94 4.07
CA ALA D 341 41.21 9.08 4.98
C ALA D 341 41.95 8.88 6.32
N ALA D 342 43.22 8.51 6.24
CA ALA D 342 44.03 8.36 7.44
C ALA D 342 44.00 9.65 8.27
N ALA D 343 44.13 10.81 7.60
CA ALA D 343 44.20 12.08 8.31
C ALA D 343 42.89 12.34 9.04
N LEU D 344 41.79 12.08 8.35
CA LEU D 344 40.47 12.22 8.93
C LEU D 344 40.24 11.31 10.13
N PHE D 345 40.73 10.08 10.05
CA PHE D 345 40.59 9.17 11.18
C PHE D 345 41.39 9.64 12.41
N GLU D 346 42.63 10.09 12.18
CA GLU D 346 43.47 10.55 13.29
C GLU D 346 42.84 11.78 13.95
N GLU D 347 42.31 12.64 13.08
CA GLU D 347 41.55 13.79 13.53
C GLU D 347 40.42 13.47 14.49
N ARG D 348 39.64 12.47 14.12
CA ARG D 348 38.56 12.01 14.99
C ARG D 348 39.05 11.47 16.33
N VAL D 349 40.22 10.82 16.30
CA VAL D 349 40.86 10.40 17.53
C VAL D 349 41.22 11.62 18.42
N MET D 350 41.91 12.62 17.84
CA MET D 350 42.42 13.75 18.59
C MET D 350 41.27 14.45 19.26
N ARG D 351 40.21 14.50 18.49
CA ARG D 351 38.98 15.14 18.88
C ARG D 351 38.25 14.46 20.02
N ALA D 352 38.23 13.13 19.97
CA ALA D 352 37.68 12.34 21.06
C ALA D 352 38.51 12.63 22.30
N ALA D 353 39.82 12.74 22.15
CA ALA D 353 40.71 12.97 23.29
C ALA D 353 40.36 14.30 23.92
N GLU D 354 40.05 15.28 23.10
CA GLU D 354 39.72 16.57 23.64
C GLU D 354 38.41 16.55 24.35
N GLU D 355 37.59 15.59 23.96
CA GLU D 355 36.31 15.43 24.62
C GLU D 355 36.40 14.52 25.85
N GLY D 356 37.60 14.07 26.18
CA GLY D 356 37.78 13.30 27.39
C GLY D 356 38.33 11.92 27.16
N ALA D 357 38.47 11.49 25.91
CA ALA D 357 38.99 10.15 25.62
C ALA D 357 40.47 10.04 26.05
N ASP D 358 40.94 8.83 26.26
CA ASP D 358 42.26 8.62 26.77
C ASP D 358 43.04 7.78 25.73
N ILE D 359 43.92 8.43 24.97
CA ILE D 359 44.71 7.71 23.98
C ILE D 359 45.83 6.94 24.67
N LEU D 360 45.87 5.64 24.45
CA LEU D 360 46.76 4.75 25.18
C LEU D 360 47.92 4.33 24.30
N TYR D 361 47.70 4.35 23.00
CA TYR D 361 48.72 3.89 22.05
C TYR D 361 48.50 4.61 20.75
N HIS D 362 49.51 5.36 20.34
CA HIS D 362 49.47 6.06 19.07
C HIS D 362 50.90 6.39 18.63
N PRO D 363 51.59 5.42 18.03
CA PRO D 363 52.98 5.65 17.65
C PRO D 363 53.15 6.66 16.50
N GLY D 364 52.07 7.24 16.00
CA GLY D 364 52.20 8.26 14.97
C GLY D 364 51.79 7.84 13.57
N ARG D 365 51.04 8.71 12.90
CA ARG D 365 50.64 8.47 11.53
C ARG D 365 51.70 8.83 10.47
N SER D 366 51.74 8.08 9.37
CA SER D 366 52.70 8.36 8.32
C SER D 366 52.02 8.25 6.96
N GLY D 367 51.53 9.36 6.44
CA GLY D 367 50.82 9.32 5.18
C GLY D 367 49.52 8.56 5.34
N ALA D 368 49.32 7.54 4.51
CA ALA D 368 48.14 6.67 4.60
C ALA D 368 48.33 5.56 5.65
N LEU D 369 49.51 5.50 6.25
CA LEU D 369 49.79 4.44 7.22
C LEU D 369 49.34 4.88 8.60
N LEU D 370 48.28 4.28 9.10
CA LEU D 370 47.80 4.51 10.46
C LEU D 370 48.16 3.30 11.31
N PRO D 371 48.73 3.55 12.50
CA PRO D 371 48.97 2.44 13.43
C PRO D 371 47.64 2.03 14.05
N PRO D 372 47.60 0.89 14.77
CA PRO D 372 46.33 0.49 15.40
C PRO D 372 46.10 1.26 16.70
N ILE D 373 45.64 2.49 16.56
CA ILE D 373 45.51 3.40 17.69
C ILE D 373 44.51 2.91 18.72
N VAL D 374 44.94 2.81 19.97
CA VAL D 374 44.06 2.39 21.05
C VAL D 374 43.58 3.62 21.80
N VAL D 375 42.27 3.79 21.86
CA VAL D 375 41.69 4.87 22.66
C VAL D 375 40.63 4.36 23.63
N ASP D 376 40.67 4.85 24.87
CA ASP D 376 39.82 4.34 25.94
C ASP D 376 38.90 5.47 26.35
N ARG D 377 37.82 5.13 27.03
CA ARG D 377 36.85 6.11 27.53
C ARG D 377 36.34 7.03 26.43
N VAL D 378 36.23 6.51 25.22
CA VAL D 378 35.64 7.28 24.13
C VAL D 378 34.19 7.66 24.42
N PRO D 379 33.91 8.98 24.43
CA PRO D 379 32.52 9.42 24.57
C PRO D 379 31.81 8.81 23.37
N HIS D 380 30.64 8.29 23.59
CA HIS D 380 30.04 7.55 22.52
C HIS D 380 29.27 8.47 21.57
N GLN D 381 29.16 9.75 21.95
CA GLN D 381 28.64 10.77 21.06
C GLN D 381 29.71 11.22 20.09
N SER D 382 30.96 10.96 20.42
CA SER D 382 32.03 11.62 19.66
C SER D 382 32.05 11.03 18.25
N ASP D 383 32.42 11.88 17.28
CA ASP D 383 32.45 11.52 15.88
C ASP D 383 33.14 10.18 15.65
N LEU D 384 34.26 9.96 16.34
CA LEU D 384 35.06 8.73 16.16
C LEU D 384 34.14 7.50 16.13
N VAL D 385 33.20 7.44 17.07
CA VAL D 385 32.37 6.24 17.16
C VAL D 385 30.91 6.43 16.76
N LEU D 386 30.46 7.67 16.68
CA LEU D 386 29.09 7.91 16.25
C LEU D 386 29.01 7.81 14.73
N GLU D 387 29.99 8.40 14.05
CA GLU D 387 30.23 8.23 12.64
C GLU D 387 30.92 6.90 12.39
N GLU D 388 30.79 6.42 11.16
CA GLU D 388 31.58 5.28 10.74
C GLU D 388 33.01 5.70 10.45
N THR D 389 33.97 5.10 11.19
CA THR D 389 35.40 5.39 11.02
C THR D 389 36.12 4.20 10.40
N PHE D 390 36.46 4.34 9.13
CA PHE D 390 36.84 3.21 8.30
C PHE D 390 38.33 2.96 8.32
N GLY D 391 38.90 2.86 9.53
CA GLY D 391 40.33 2.63 9.71
C GLY D 391 40.63 1.80 10.95
N PRO D 392 41.90 1.48 11.20
CA PRO D 392 42.24 0.49 12.22
C PRO D 392 42.31 1.09 13.64
N ILE D 393 41.37 1.95 13.96
CA ILE D 393 41.24 2.47 15.31
C ILE D 393 40.61 1.42 16.21
N ILE D 394 41.10 1.36 17.46
CA ILE D 394 40.59 0.46 18.48
C ILE D 394 39.98 1.32 19.58
N PRO D 395 38.70 1.65 19.45
CA PRO D 395 38.11 2.59 20.40
C PRO D 395 37.22 1.93 21.43
N ILE D 396 37.53 2.12 22.69
CA ILE D 396 36.74 1.51 23.74
C ILE D 396 35.79 2.52 24.33
N VAL D 397 34.52 2.18 24.25
CA VAL D 397 33.48 2.94 24.88
C VAL D 397 33.03 2.22 26.15
N ARG D 398 33.11 2.94 27.26
CA ARG D 398 32.71 2.34 28.54
C ARG D 398 31.24 2.52 28.71
N VAL D 399 30.53 1.41 28.85
CA VAL D 399 29.08 1.47 28.92
C VAL D 399 28.64 0.98 30.29
N PRO D 400 27.40 1.33 30.70
CA PRO D 400 26.92 0.91 32.02
C PRO D 400 26.82 -0.60 32.17
N ASP D 401 26.88 -1.07 33.42
CA ASP D 401 26.62 -2.46 33.76
C ASP D 401 25.10 -2.70 33.77
N ASP D 402 24.47 -2.36 32.66
CA ASP D 402 23.05 -2.55 32.49
C ASP D 402 22.87 -2.88 31.04
N ASP D 403 22.22 -4.01 30.77
CA ASP D 403 22.04 -4.47 29.39
C ASP D 403 21.07 -3.61 28.59
N ASP D 404 20.03 -3.11 29.24
CA ASP D 404 19.08 -2.26 28.54
C ASP D 404 19.77 -0.99 28.09
N ALA D 405 20.53 -0.38 28.99
CA ALA D 405 21.30 0.80 28.60
C ALA D 405 22.33 0.45 27.51
N THR D 406 22.99 -0.69 27.66
CA THR D 406 23.99 -1.10 26.68
C THR D 406 23.36 -1.27 25.29
N ILE D 407 22.21 -1.93 25.25
CA ILE D 407 21.51 -2.16 24.01
C ILE D 407 21.04 -0.86 23.36
N THR D 408 20.47 0.04 24.16
CA THR D 408 20.03 1.34 23.67
C THR D 408 21.21 2.13 23.07
N LEU D 409 22.34 2.09 23.75
CA LEU D 409 23.54 2.72 23.26
C LEU D 409 24.05 2.07 21.98
N SER D 410 24.07 0.75 21.98
CA SER D 410 24.53 0.06 20.79
C SER D 410 23.66 0.44 19.58
N ASN D 411 22.37 0.61 19.82
CA ASN D 411 21.39 0.92 18.79
C ASN D 411 21.27 2.38 18.43
N SER D 412 22.06 3.23 19.06
CA SER D 412 21.86 4.67 18.89
C SER D 412 22.50 5.29 17.64
N THR D 413 23.17 4.50 16.81
CA THR D 413 23.74 5.10 15.59
C THR D 413 22.78 4.97 14.41
N ALA D 414 23.14 5.59 13.29
CA ALA D 414 22.31 5.51 12.08
C ALA D 414 22.50 4.14 11.38
N PHE D 415 23.43 3.34 11.88
CA PHE D 415 23.75 2.09 11.24
C PHE D 415 23.13 0.87 11.94
N GLY D 416 23.16 -0.25 11.24
CA GLY D 416 22.64 -1.48 11.80
C GLY D 416 22.94 -2.60 10.83
N LEU D 417 24.14 -3.17 10.95
CA LEU D 417 24.61 -4.17 10.02
C LEU D 417 24.88 -5.42 10.80
N SER D 418 26.01 -5.47 11.49
CA SER D 418 26.34 -6.62 12.30
C SER D 418 26.77 -6.24 13.72
N SER D 419 27.19 -7.24 14.48
CA SER D 419 27.55 -7.04 15.88
C SER D 419 28.17 -8.30 16.43
N GLY D 420 28.91 -8.14 17.53
CA GLY D 420 29.54 -9.25 18.22
C GLY D 420 29.24 -9.08 19.69
N VAL D 421 28.94 -10.18 20.38
CA VAL D 421 28.68 -10.12 21.81
C VAL D 421 29.45 -11.22 22.55
N CYS D 422 30.23 -10.81 23.53
CA CYS D 422 31.04 -11.78 24.28
C CYS D 422 30.45 -11.93 25.66
N THR D 423 29.92 -13.11 25.93
CA THR D 423 29.27 -13.40 27.20
C THR D 423 29.09 -14.89 27.27
N ASN D 424 28.87 -15.41 28.49
CA ASN D 424 28.59 -16.83 28.64
C ASN D 424 27.23 -17.05 29.23
N ASP D 425 26.52 -15.95 29.45
CA ASP D 425 25.21 -15.98 30.08
C ASP D 425 24.13 -16.06 29.01
N TYR D 426 23.57 -17.25 28.80
CA TYR D 426 22.61 -17.45 27.72
C TYR D 426 21.46 -16.43 27.77
N ARG D 427 20.95 -16.19 28.96
CA ARG D 427 19.84 -15.28 29.10
C ARG D 427 20.18 -13.92 28.49
N ARG D 428 21.41 -13.50 28.69
CA ARG D 428 21.84 -12.19 28.23
C ARG D 428 22.11 -12.25 26.74
N MET D 429 22.77 -13.32 26.31
CA MET D 429 22.91 -13.65 24.89
C MET D 429 21.62 -13.43 24.12
N GLN D 430 20.52 -14.04 24.58
CA GLN D 430 19.31 -14.01 23.77
C GLN D 430 18.65 -12.67 23.85
N LYS D 431 18.87 -11.95 24.96
CA LYS D 431 18.38 -10.59 25.11
C LYS D 431 19.05 -9.68 24.05
N TYR D 432 20.38 -9.81 23.90
CA TYR D 432 21.08 -9.06 22.86
C TYR D 432 20.68 -9.48 21.47
N ILE D 433 20.60 -10.79 21.22
CA ILE D 433 20.17 -11.27 19.92
C ILE D 433 18.84 -10.62 19.56
N ALA D 434 17.91 -10.59 20.51
CA ALA D 434 16.57 -10.09 20.19
C ALA D 434 16.58 -8.57 20.09
N GLY D 435 17.43 -7.91 20.87
CA GLY D 435 17.31 -6.48 21.06
C GLY D 435 18.18 -5.59 20.20
N LEU D 436 19.31 -6.11 19.70
CA LEU D 436 20.17 -5.30 18.84
C LEU D 436 19.44 -5.09 17.53
N LYS D 437 19.42 -3.84 17.05
CA LYS D 437 18.75 -3.54 15.77
C LYS D 437 19.77 -3.66 14.61
N VAL D 438 20.03 -4.89 14.20
CA VAL D 438 21.07 -5.16 13.24
C VAL D 438 20.64 -6.34 12.38
N GLY D 439 21.38 -6.61 11.33
CA GLY D 439 21.09 -7.76 10.49
C GLY D 439 21.68 -9.05 11.05
N THR D 440 22.74 -8.95 11.85
CA THR D 440 23.49 -10.11 12.33
C THR D 440 23.99 -9.87 13.75
N VAL D 441 23.81 -10.87 14.60
CA VAL D 441 24.40 -10.85 15.93
C VAL D 441 25.26 -12.07 16.12
N ASN D 442 26.57 -11.88 16.23
CA ASN D 442 27.49 -13.00 16.41
C ASN D 442 27.90 -13.14 17.87
N ILE D 443 27.58 -14.28 18.46
CA ILE D 443 28.01 -14.55 19.83
C ILE D 443 29.44 -15.08 19.84
N TRP D 444 30.33 -14.36 20.52
CA TRP D 444 31.73 -14.74 20.61
C TRP D 444 32.43 -14.78 19.25
N GLU D 445 32.10 -13.85 18.37
CA GLU D 445 32.86 -13.67 17.14
C GLU D 445 32.78 -12.19 16.80
N VAL D 446 33.63 -11.74 15.89
CA VAL D 446 33.57 -10.35 15.44
C VAL D 446 32.32 -10.17 14.60
N PRO D 447 31.83 -8.93 14.49
CA PRO D 447 30.67 -8.62 13.64
C PRO D 447 30.90 -9.13 12.23
N GLY D 448 32.15 -9.14 11.80
CA GLY D 448 32.52 -9.44 10.42
C GLY D 448 32.39 -10.91 10.10
N TYR D 449 32.22 -11.75 11.12
CA TYR D 449 32.14 -13.19 10.86
C TYR D 449 30.84 -13.62 10.16
N ARG D 450 31.00 -14.38 9.07
CA ARG D 450 29.88 -15.03 8.35
C ARG D 450 30.49 -16.06 7.41
N ILE D 451 29.67 -16.93 6.82
CA ILE D 451 30.13 -17.74 5.69
C ILE D 451 29.68 -17.00 4.42
N GLU D 452 30.30 -17.32 3.28
CA GLU D 452 30.11 -16.46 2.11
C GLU D 452 28.72 -16.69 1.52
N MET D 453 28.00 -17.66 2.08
CA MET D 453 26.68 -17.97 1.53
C MET D 453 25.50 -17.80 2.49
N SER D 454 25.77 -17.39 3.73
CA SER D 454 24.68 -17.07 4.66
C SER D 454 24.09 -15.68 4.37
N PRO D 455 22.86 -15.43 4.87
CA PRO D 455 22.20 -14.16 4.50
C PRO D 455 22.92 -12.98 5.14
N PHE D 456 23.25 -11.99 4.32
CA PHE D 456 24.10 -10.88 4.76
C PHE D 456 23.47 -9.57 4.32
N GLY D 457 23.30 -8.65 5.25
CA GLY D 457 22.71 -7.36 4.92
C GLY D 457 22.22 -6.66 6.17
N GLY D 458 22.18 -5.34 6.09
CA GLY D 458 21.79 -4.54 7.24
C GLY D 458 20.48 -3.82 7.04
N ILE D 459 20.13 -3.02 8.04
CA ILE D 459 18.95 -2.20 8.06
C ILE D 459 19.39 -0.76 8.38
N LYS D 460 18.43 0.13 8.58
CA LYS D 460 18.72 1.53 8.80
C LYS D 460 19.62 2.05 7.69
N ASP D 461 20.67 2.78 8.01
CA ASP D 461 21.52 3.32 6.97
C ASP D 461 22.49 2.28 6.40
N SER D 462 22.45 1.04 6.86
CA SER D 462 23.41 0.03 6.43
C SER D 462 23.03 -0.69 5.15
N GLY D 463 21.75 -0.69 4.83
CA GLY D 463 21.31 -1.21 3.56
C GLY D 463 19.84 -0.94 3.37
N ASN D 464 19.34 -1.11 2.15
CA ASN D 464 17.92 -0.86 1.85
C ASN D 464 17.03 -2.04 2.19
N GLY D 465 17.60 -3.06 2.82
CA GLY D 465 16.80 -4.13 3.40
C GLY D 465 16.73 -5.46 2.66
N TYR D 466 17.59 -5.68 1.69
CA TYR D 466 17.64 -6.94 1.00
C TYR D 466 18.91 -7.70 1.36
N LYS D 467 18.83 -9.03 1.37
CA LYS D 467 19.99 -9.81 1.74
C LYS D 467 20.87 -10.16 0.55
N GLU D 468 22.12 -10.42 0.87
CA GLU D 468 23.17 -10.74 -0.07
C GLU D 468 23.80 -12.00 0.49
N GLY D 469 25.01 -12.28 0.03
CA GLY D 469 25.64 -13.56 0.25
C GLY D 469 25.24 -14.40 -0.95
N VAL D 470 25.95 -15.49 -1.16
CA VAL D 470 25.81 -16.26 -2.38
C VAL D 470 24.39 -16.74 -2.62
N ILE D 471 23.76 -17.33 -1.60
CA ILE D 471 22.42 -17.87 -1.80
C ILE D 471 21.36 -16.80 -2.08
N GLU D 472 21.29 -15.77 -1.23
CA GLU D 472 20.32 -14.71 -1.40
C GLU D 472 20.59 -13.85 -2.64
N ALA D 473 21.86 -13.65 -2.99
CA ALA D 473 22.18 -13.01 -4.27
C ALA D 473 21.62 -13.80 -5.46
N MET D 474 21.82 -15.12 -5.45
CA MET D 474 21.27 -15.97 -6.53
C MET D 474 19.75 -15.85 -6.68
N LYS D 475 19.04 -15.78 -5.56
CA LYS D 475 17.59 -15.55 -5.61
C LYS D 475 17.27 -14.18 -6.14
N SER D 476 18.01 -13.21 -5.62
CA SER D 476 17.83 -11.81 -5.90
C SER D 476 18.03 -11.54 -7.40
N PHE D 477 18.87 -12.35 -8.01
CA PHE D 477 19.25 -12.16 -9.41
C PHE D 477 18.33 -12.91 -10.37
N THR D 478 17.17 -13.33 -9.91
CA THR D 478 16.24 -14.07 -10.78
C THR D 478 14.82 -13.59 -10.63
N ASN D 479 13.98 -13.91 -11.60
CA ASN D 479 12.55 -13.73 -11.43
C ASN D 479 11.95 -15.10 -11.16
N VAL D 480 11.02 -15.19 -10.21
CA VAL D 480 10.26 -16.41 -10.05
C VAL D 480 9.12 -16.40 -11.04
N LYS D 481 9.02 -17.47 -11.84
CA LYS D 481 7.87 -17.72 -12.69
C LYS D 481 7.09 -18.91 -12.12
N THR D 482 5.78 -18.78 -12.00
CA THR D 482 4.95 -19.92 -11.60
C THR D 482 4.23 -20.46 -12.81
N PHE D 483 3.92 -21.74 -12.77
CA PHE D 483 3.01 -22.28 -13.78
C PHE D 483 2.12 -23.28 -13.08
N SER D 484 0.92 -23.43 -13.59
CA SER D 484 -0.03 -24.37 -13.00
C SER D 484 -0.54 -25.33 -14.06
N LEU D 485 -0.74 -26.58 -13.66
CA LEU D 485 -1.25 -27.64 -14.51
C LEU D 485 -2.51 -28.23 -13.91
N PRO D 486 -3.46 -28.63 -14.76
CA PRO D 486 -4.61 -29.42 -14.29
C PRO D 486 -4.09 -30.65 -13.55
N TRP D 487 -4.70 -31.03 -12.44
CA TRP D 487 -4.26 -32.22 -11.74
C TRP D 487 -5.47 -32.97 -11.16
N HIS E 15 10.74 20.80 -2.47
CA HIS E 15 11.70 19.80 -2.81
C HIS E 15 11.64 18.97 -4.12
N GLU E 16 12.24 19.44 -5.22
CA GLU E 16 11.95 18.84 -6.53
C GLU E 16 13.17 18.38 -7.30
N PRO E 17 13.23 17.06 -7.62
CA PRO E 17 14.34 16.54 -8.41
C PRO E 17 14.24 17.05 -9.84
N MET E 18 15.29 16.86 -10.60
CA MET E 18 15.22 17.07 -12.04
C MET E 18 14.33 16.03 -12.67
N ARG E 19 13.75 16.40 -13.82
CA ARG E 19 12.97 15.46 -14.62
C ARG E 19 13.80 15.14 -15.88
N ILE E 20 14.44 13.97 -15.89
CA ILE E 20 15.19 13.57 -17.06
C ILE E 20 14.49 12.42 -17.78
N ALA E 21 13.87 12.78 -18.89
CA ALA E 21 13.10 11.82 -19.70
C ALA E 21 12.12 10.99 -18.84
N GLY E 22 11.39 11.67 -17.96
CA GLY E 22 10.39 11.03 -17.14
C GLY E 22 10.89 10.55 -15.79
N ARG E 23 12.19 10.50 -15.61
CA ARG E 23 12.75 10.01 -14.36
C ARG E 23 13.04 11.15 -13.44
N LEU E 24 12.85 10.93 -12.15
CA LEU E 24 13.26 11.87 -11.15
C LEU E 24 14.76 11.68 -10.91
N VAL E 25 15.53 12.72 -11.11
CA VAL E 25 16.96 12.60 -10.86
C VAL E 25 17.44 13.61 -9.82
N ASP E 26 18.08 13.11 -8.77
CA ASP E 26 18.42 13.96 -7.64
C ASP E 26 19.92 14.13 -7.53
N THR E 27 20.32 14.99 -6.63
CA THR E 27 21.72 15.21 -6.39
C THR E 27 21.88 15.59 -4.92
N ASP E 28 23.10 15.55 -4.37
CA ASP E 28 23.31 15.88 -2.94
C ASP E 28 23.14 17.34 -2.67
N ASP E 29 23.91 18.13 -3.40
CA ASP E 29 23.83 19.58 -3.26
C ASP E 29 22.51 20.08 -3.83
N ARG E 30 21.99 21.13 -3.20
CA ARG E 30 20.69 21.66 -3.53
C ARG E 30 20.83 23.12 -3.91
N VAL E 31 19.90 23.60 -4.74
CA VAL E 31 19.74 25.04 -4.98
C VAL E 31 18.45 25.45 -4.27
N GLU E 32 18.57 26.40 -3.37
CA GLU E 32 17.40 26.87 -2.64
C GLU E 32 16.65 27.88 -3.49
N VAL E 33 15.33 27.73 -3.56
CA VAL E 33 14.47 28.71 -4.22
C VAL E 33 13.72 29.53 -3.13
N ARG E 34 13.95 30.84 -3.14
CA ARG E 34 13.34 31.76 -2.18
C ARG E 34 12.17 32.57 -2.73
N TYR E 35 11.19 32.77 -1.86
CA TYR E 35 10.02 33.61 -2.12
C TYR E 35 10.41 35.07 -1.93
N PRO E 36 10.36 35.90 -2.98
CA PRO E 36 10.88 37.26 -2.87
C PRO E 36 10.10 38.14 -1.88
N TRP E 37 8.89 37.75 -1.58
CA TRP E 37 8.07 38.53 -0.66
C TRP E 37 8.70 38.59 0.73
N ASN E 38 9.15 37.46 1.24
CA ASN E 38 9.72 37.41 2.58
C ASN E 38 11.06 36.68 2.67
N ASP E 39 11.65 36.38 1.52
CA ASP E 39 12.98 35.79 1.44
C ASP E 39 13.10 34.46 2.16
N THR E 40 11.98 33.74 2.30
CA THR E 40 12.10 32.41 2.85
C THR E 40 12.17 31.33 1.78
N VAL E 41 12.75 30.19 2.14
CA VAL E 41 12.90 29.06 1.24
C VAL E 41 11.56 28.38 1.05
N VAL E 42 11.10 28.33 -0.20
CA VAL E 42 9.85 27.66 -0.50
C VAL E 42 10.10 26.36 -1.28
N GLY E 43 11.33 26.17 -1.70
CA GLY E 43 11.63 24.95 -2.40
C GLY E 43 13.11 24.75 -2.61
N THR E 44 13.44 23.55 -3.07
CA THR E 44 14.81 23.24 -3.35
C THR E 44 14.85 22.32 -4.60
N VAL E 45 15.87 22.49 -5.44
CA VAL E 45 16.02 21.65 -6.63
C VAL E 45 17.48 21.25 -6.74
N PRO E 46 17.78 20.24 -7.57
CA PRO E 46 19.16 19.75 -7.59
C PRO E 46 20.18 20.78 -8.14
N ALA E 47 21.38 20.75 -7.59
CA ALA E 47 22.51 21.42 -8.20
C ALA E 47 23.10 20.54 -9.31
N GLY E 48 22.39 20.47 -10.45
CA GLY E 48 22.71 19.56 -11.52
C GLY E 48 24.04 19.90 -12.15
N ARG E 49 24.65 18.94 -12.81
CA ARG E 49 25.99 19.15 -13.34
C ARG E 49 25.98 18.88 -14.83
N ALA E 50 27.09 19.17 -15.49
CA ALA E 50 27.20 18.86 -16.91
C ALA E 50 26.75 17.45 -17.29
N GLU E 51 27.10 16.45 -16.49
CA GLU E 51 26.76 15.08 -16.79
C GLU E 51 25.25 14.92 -16.94
N HIS E 52 24.47 15.65 -16.14
CA HIS E 52 23.03 15.44 -16.15
C HIS E 52 22.46 15.95 -17.45
N ALA E 53 22.92 17.13 -17.85
CA ALA E 53 22.49 17.72 -19.11
C ALA E 53 22.93 16.83 -20.25
N ARG E 54 24.16 16.36 -20.12
CA ARG E 54 24.75 15.43 -21.09
C ARG E 54 23.89 14.16 -21.26
N GLU E 55 23.38 13.64 -20.15
CA GLU E 55 22.54 12.47 -20.21
C GLU E 55 21.18 12.83 -20.86
N ALA E 56 20.63 13.98 -20.50
CA ALA E 56 19.38 14.44 -21.07
C ALA E 56 19.49 14.55 -22.58
N PHE E 57 20.60 15.11 -23.05
CA PHE E 57 20.80 15.28 -24.50
C PHE E 57 21.03 13.97 -25.25
N ALA E 58 21.74 13.02 -24.63
CA ALA E 58 21.95 11.71 -25.25
C ALA E 58 20.62 11.00 -25.45
N ILE E 59 19.74 11.11 -24.46
CA ILE E 59 18.45 10.46 -24.55
C ILE E 59 17.63 11.13 -25.63
N ALA E 60 17.65 12.46 -25.66
CA ALA E 60 16.90 13.23 -26.65
C ALA E 60 17.38 12.86 -28.06
N ALA E 61 18.69 12.80 -28.25
CA ALA E 61 19.26 12.47 -29.56
C ALA E 61 18.89 11.08 -30.03
N ALA E 62 18.84 10.11 -29.13
CA ALA E 62 18.68 8.74 -29.53
C ALA E 62 17.21 8.45 -29.84
N TYR E 63 16.33 9.22 -29.23
CA TYR E 63 14.91 8.99 -29.40
C TYR E 63 14.36 9.70 -30.64
N GLN E 64 13.71 8.94 -31.54
CA GLN E 64 13.08 9.48 -32.75
C GLN E 64 11.57 9.50 -32.58
N PRO E 65 11.01 10.68 -32.27
CA PRO E 65 9.56 10.74 -32.08
C PRO E 65 8.83 10.26 -33.33
N LYS E 66 7.73 9.54 -33.14
CA LYS E 66 6.96 9.03 -34.28
C LYS E 66 5.51 9.45 -34.16
N LEU E 67 5.25 10.40 -33.26
CA LEU E 67 3.88 10.83 -33.02
C LEU E 67 3.24 11.36 -34.30
N THR E 68 2.01 10.94 -34.56
CA THR E 68 1.24 11.55 -35.63
C THR E 68 0.90 12.98 -35.24
N ARG E 69 0.49 13.78 -36.23
CA ARG E 69 0.05 15.14 -35.93
C ARG E 69 -1.13 15.11 -35.00
N TYR E 70 -2.05 14.17 -35.21
CA TYR E 70 -3.15 13.95 -34.28
C TYR E 70 -2.66 13.73 -32.85
N GLU E 71 -1.72 12.80 -32.66
CA GLU E 71 -1.27 12.48 -31.30
C GLU E 71 -0.62 13.72 -30.65
N ARG E 72 0.18 14.44 -31.43
CA ARG E 72 0.81 15.67 -30.96
C ARG E 72 -0.24 16.67 -30.52
N GLN E 73 -1.25 16.86 -31.36
CA GLN E 73 -2.35 17.75 -30.99
C GLN E 73 -3.06 17.32 -29.70
N LYS E 74 -3.33 16.03 -29.54
CA LYS E 74 -3.95 15.51 -28.31
C LYS E 74 -3.13 15.86 -27.09
N ILE E 75 -1.82 15.63 -27.18
CA ILE E 75 -0.95 15.91 -26.05
C ILE E 75 -1.01 17.40 -25.69
N LEU E 76 -0.91 18.24 -26.71
CA LEU E 76 -0.81 19.67 -26.49
C LEU E 76 -2.13 20.20 -25.95
N LEU E 77 -3.24 19.69 -26.48
CA LEU E 77 -4.54 20.16 -26.01
C LEU E 77 -4.86 19.63 -24.61
N ALA E 78 -4.41 18.40 -24.33
CA ALA E 78 -4.61 17.84 -23.01
C ALA E 78 -3.81 18.70 -22.04
N THR E 79 -2.62 19.10 -22.47
CA THR E 79 -1.80 19.95 -21.60
C THR E 79 -2.47 21.28 -21.34
N ALA E 80 -3.03 21.87 -22.38
CA ALA E 80 -3.79 23.08 -22.16
C ALA E 80 -4.88 22.93 -21.10
N GLU E 81 -5.67 21.85 -21.16
CA GLU E 81 -6.73 21.70 -20.17
C GLU E 81 -6.19 21.44 -18.79
N ALA E 82 -5.06 20.74 -18.69
CA ALA E 82 -4.49 20.53 -17.39
C ALA E 82 -4.10 21.88 -16.81
N LEU E 83 -3.56 22.76 -17.65
CA LEU E 83 -3.19 24.10 -17.17
C LEU E 83 -4.41 24.86 -16.66
N ALA E 84 -5.50 24.82 -17.43
CA ALA E 84 -6.75 25.45 -16.98
C ALA E 84 -7.26 24.82 -15.69
N ALA E 85 -7.31 23.50 -15.66
CA ALA E 85 -7.79 22.79 -14.49
C ALA E 85 -6.97 23.11 -13.24
N ARG E 86 -5.65 23.21 -13.39
CA ARG E 86 -4.79 23.34 -12.24
C ARG E 86 -4.23 24.74 -12.06
N LYS E 87 -4.92 25.73 -12.63
CA LYS E 87 -4.32 27.05 -12.70
C LYS E 87 -4.05 27.67 -11.32
N GLU E 88 -4.87 27.35 -10.32
CA GLU E 88 -4.64 27.93 -9.00
C GLU E 88 -3.35 27.39 -8.40
N GLU E 89 -3.16 26.08 -8.52
CA GLU E 89 -1.95 25.42 -8.04
C GLU E 89 -0.70 25.93 -8.79
N ILE E 90 -0.80 26.00 -10.11
CA ILE E 90 0.34 26.46 -10.92
C ILE E 90 0.71 27.93 -10.63
N SER E 91 -0.29 28.80 -10.59
CA SER E 91 0.03 30.19 -10.29
C SER E 91 0.51 30.40 -8.84
N ASP E 92 0.11 29.52 -7.93
CA ASP E 92 0.71 29.50 -6.61
C ASP E 92 2.21 29.30 -6.74
N VAL E 93 2.60 28.29 -7.51
CA VAL E 93 4.02 27.96 -7.63
C VAL E 93 4.82 29.12 -8.25
N ILE E 94 4.28 29.71 -9.31
CA ILE E 94 4.88 30.87 -9.92
C ILE E 94 5.04 32.05 -8.92
N THR E 95 3.94 32.41 -8.25
CA THR E 95 4.00 33.51 -7.30
C THR E 95 5.03 33.26 -6.19
N LEU E 96 5.06 32.03 -5.69
CA LEU E 96 5.97 31.68 -4.61
C LEU E 96 7.44 31.74 -4.99
N GLU E 97 7.79 31.52 -6.26
CA GLU E 97 9.19 31.65 -6.64
C GLU E 97 9.56 32.98 -7.31
N LEU E 98 8.57 33.66 -7.90
CA LEU E 98 8.83 34.87 -8.67
C LEU E 98 8.42 36.09 -7.86
N GLY E 99 7.33 35.96 -7.11
CA GLY E 99 6.89 37.07 -6.28
C GLY E 99 5.87 37.98 -6.98
N ILE E 100 5.57 37.72 -8.25
CA ILE E 100 4.51 38.48 -8.90
C ILE E 100 3.17 38.15 -8.26
N SER E 101 2.23 39.09 -8.33
CA SER E 101 0.90 38.90 -7.79
C SER E 101 0.21 37.68 -8.41
N LYS E 102 -0.69 37.07 -7.64
CA LYS E 102 -1.56 36.04 -8.16
C LYS E 102 -2.33 36.51 -9.40
N ALA E 103 -2.71 37.79 -9.42
CA ALA E 103 -3.39 38.29 -10.61
C ALA E 103 -2.48 38.12 -11.86
N ASP E 104 -1.22 38.53 -11.75
CA ASP E 104 -0.27 38.35 -12.83
C ASP E 104 -0.01 36.87 -13.08
N SER E 105 0.13 36.06 -12.03
CA SER E 105 0.49 34.67 -12.28
C SER E 105 -0.68 33.84 -12.83
N LEU E 106 -1.90 34.20 -12.46
CA LEU E 106 -3.05 33.55 -13.08
C LEU E 106 -3.09 33.95 -14.56
N TYR E 107 -2.73 35.20 -14.82
CA TYR E 107 -2.70 35.67 -16.19
C TYR E 107 -1.67 34.90 -17.00
N GLU E 108 -0.53 34.60 -16.38
CA GLU E 108 0.51 33.83 -17.03
C GLU E 108 0.03 32.43 -17.40
N VAL E 109 -0.76 31.81 -16.54
CA VAL E 109 -1.30 30.50 -16.86
C VAL E 109 -2.22 30.59 -18.07
N GLY E 110 -2.98 31.68 -18.12
CA GLY E 110 -3.80 31.97 -19.29
C GLY E 110 -2.99 32.06 -20.59
N ARG E 111 -1.85 32.75 -20.53
CA ARG E 111 -0.97 32.82 -21.70
C ARG E 111 -0.46 31.45 -22.11
N ALA E 112 0.03 30.66 -21.15
CA ALA E 112 0.52 29.32 -21.45
C ALA E 112 -0.61 28.45 -22.01
N PHE E 113 -1.81 28.63 -21.50
CA PHE E 113 -3.00 27.92 -22.00
C PHE E 113 -3.18 28.22 -23.49
N ASP E 114 -2.99 29.47 -23.87
CA ASP E 114 -3.00 29.89 -25.27
C ASP E 114 -1.86 29.28 -26.08
N VAL E 115 -0.66 29.25 -25.51
CA VAL E 115 0.48 28.70 -26.23
C VAL E 115 0.17 27.27 -26.62
N PHE E 116 -0.24 26.49 -25.62
CA PHE E 116 -0.45 25.07 -25.89
C PHE E 116 -1.64 24.87 -26.81
N THR E 117 -2.67 25.69 -26.61
CA THR E 117 -3.87 25.58 -27.46
C THR E 117 -3.53 25.86 -28.92
N LEU E 118 -2.80 26.94 -29.14
CA LEU E 118 -2.48 27.31 -30.50
C LEU E 118 -1.48 26.39 -31.12
N ALA E 119 -0.47 25.97 -30.36
CA ALA E 119 0.45 24.97 -30.87
C ALA E 119 -0.29 23.71 -31.25
N GLY E 120 -1.24 23.28 -30.42
CA GLY E 120 -2.00 22.08 -30.72
C GLY E 120 -2.76 22.23 -32.03
N GLN E 121 -3.42 23.37 -32.19
CA GLN E 121 -4.24 23.60 -33.37
C GLN E 121 -3.42 23.80 -34.63
N MET E 122 -2.20 24.32 -34.50
CA MET E 122 -1.30 24.45 -35.65
C MET E 122 -0.77 23.10 -36.19
N CYS E 123 -0.88 22.04 -35.39
CA CYS E 123 -0.45 20.69 -35.83
C CYS E 123 -1.07 20.13 -37.09
N ILE E 124 -2.31 20.51 -37.37
CA ILE E 124 -2.99 20.00 -38.56
C ILE E 124 -2.46 20.65 -39.82
N ARG E 125 -1.52 21.55 -39.63
CA ARG E 125 -1.02 22.46 -40.65
C ARG E 125 0.26 22.02 -41.37
N ASP E 126 0.21 21.88 -42.70
CA ASP E 126 1.42 21.49 -43.47
C ASP E 126 1.71 22.68 -44.38
N ASP E 127 2.87 23.33 -44.21
CA ASP E 127 3.20 24.48 -45.04
C ASP E 127 4.09 24.11 -46.22
N GLY E 128 4.06 22.84 -46.59
CA GLY E 128 4.83 22.35 -47.71
C GLY E 128 4.51 23.12 -48.98
N GLU E 129 5.51 23.32 -49.83
CA GLU E 129 5.27 24.05 -51.08
C GLU E 129 5.56 23.14 -52.25
N ILE E 130 5.13 23.57 -53.43
CA ILE E 130 5.46 22.89 -54.66
C ILE E 130 6.01 23.86 -55.72
N PHE E 131 7.06 23.46 -56.40
CA PHE E 131 7.71 24.29 -57.42
C PHE E 131 7.62 23.52 -58.72
N SER E 132 7.21 24.22 -59.78
CA SER E 132 7.34 23.68 -61.13
C SER E 132 8.73 24.04 -61.65
N CYS E 133 9.35 23.13 -62.40
CA CYS E 133 10.74 23.33 -62.81
C CYS E 133 10.98 23.74 -64.26
N ASP E 134 9.90 23.90 -65.02
CA ASP E 134 10.03 24.29 -66.44
C ASP E 134 9.97 25.79 -66.65
N LEU E 135 10.87 26.50 -65.98
CA LEU E 135 10.74 27.95 -65.74
C LEU E 135 11.64 28.82 -66.59
N THR E 136 12.76 28.26 -67.05
CA THR E 136 13.81 29.04 -67.67
C THR E 136 14.37 28.21 -68.80
N PRO E 137 15.36 28.75 -69.52
CA PRO E 137 15.96 27.91 -70.56
C PRO E 137 16.59 26.65 -69.94
N HIS E 138 16.95 26.69 -68.66
CA HIS E 138 17.50 25.49 -68.00
C HIS E 138 16.42 24.57 -67.42
N GLY E 139 15.17 24.82 -67.78
CA GLY E 139 14.04 24.18 -67.11
C GLY E 139 13.88 22.70 -67.40
N LYS E 140 13.10 22.03 -66.57
CA LYS E 140 12.88 20.60 -66.76
C LYS E 140 11.46 20.18 -66.43
N ALA E 141 11.03 19.04 -66.98
CA ALA E 141 9.68 18.58 -66.73
C ALA E 141 9.62 17.83 -65.40
N ARG E 142 9.49 18.58 -64.32
CA ARG E 142 9.78 18.07 -63.00
C ARG E 142 9.08 18.97 -62.00
N LYS E 143 8.80 18.41 -60.83
CA LYS E 143 8.31 19.20 -59.68
C LYS E 143 9.18 19.01 -58.46
N ILE E 144 9.33 20.09 -57.69
CA ILE E 144 10.06 20.04 -56.43
C ILE E 144 8.97 20.18 -55.36
N PHE E 145 9.10 19.38 -54.29
CA PHE E 145 8.16 19.42 -53.17
C PHE E 145 8.89 19.67 -51.86
N THR E 146 8.22 20.31 -50.90
CA THR E 146 8.88 20.64 -49.63
C THR E 146 8.27 19.88 -48.47
N MET E 147 9.09 19.52 -47.51
CA MET E 147 8.57 19.02 -46.26
C MET E 147 9.53 19.35 -45.10
N ARG E 148 9.04 19.25 -43.87
CA ARG E 148 9.83 19.57 -42.68
C ARG E 148 10.13 18.35 -41.84
N GLU E 149 11.34 18.30 -41.29
CA GLU E 149 11.71 17.22 -40.39
C GLU E 149 12.26 17.81 -39.09
N PRO E 150 12.16 17.06 -37.99
CA PRO E 150 12.67 17.55 -36.69
C PRO E 150 14.20 17.53 -36.61
N LEU E 151 14.74 18.23 -35.60
CA LEU E 151 16.17 18.24 -35.36
C LEU E 151 16.54 17.10 -34.43
N THR E 152 17.84 16.92 -34.20
CA THR E 152 18.33 15.90 -33.30
C THR E 152 17.93 16.15 -31.86
N ALA E 153 18.23 17.36 -31.38
CA ALA E 153 17.87 17.78 -30.02
C ALA E 153 17.87 19.30 -29.97
N ILE E 154 17.01 19.85 -29.12
CA ILE E 154 16.92 21.26 -28.91
C ILE E 154 17.24 21.59 -27.45
N SER E 155 17.98 22.69 -27.26
CA SER E 155 18.39 23.16 -25.94
C SER E 155 17.63 24.44 -25.64
N ALA E 156 16.84 24.44 -24.58
CA ALA E 156 16.04 25.62 -24.23
C ALA E 156 16.47 26.19 -22.88
N ILE E 157 16.82 27.47 -22.88
CA ILE E 157 17.27 28.15 -21.66
C ILE E 157 16.33 29.29 -21.38
N THR E 158 15.68 29.26 -20.22
CA THR E 158 14.60 30.21 -19.89
C THR E 158 14.91 31.06 -18.66
N PRO E 159 14.36 32.28 -18.64
CA PRO E 159 14.61 33.26 -17.59
C PRO E 159 13.50 33.25 -16.52
N PHE E 160 13.61 34.13 -15.52
CA PHE E 160 12.72 34.15 -14.34
C PHE E 160 11.36 34.84 -14.55
N ASN E 161 11.40 35.81 -15.41
CA ASN E 161 10.31 36.54 -16.01
C ASN E 161 8.90 35.90 -16.13
N HIS E 162 8.85 34.77 -16.86
CA HIS E 162 7.63 34.01 -17.03
C HIS E 162 8.07 32.56 -16.83
N PRO E 163 8.11 32.11 -15.58
CA PRO E 163 8.60 30.77 -15.25
C PRO E 163 7.79 29.69 -15.96
N LEU E 164 6.56 30.00 -16.32
CA LEU E 164 5.72 29.04 -17.05
C LEU E 164 5.67 29.33 -18.54
N ASN E 165 5.27 30.55 -18.90
CA ASN E 165 5.01 30.86 -20.30
C ASN E 165 6.24 30.80 -21.22
N MET E 166 7.38 31.16 -20.68
CA MET E 166 8.64 31.04 -21.39
C MET E 166 9.01 29.59 -21.71
N VAL E 167 8.76 28.70 -20.77
CA VAL E 167 9.01 27.30 -20.99
C VAL E 167 7.98 26.82 -22.01
N ALA E 168 6.72 27.20 -21.82
CA ALA E 168 5.66 26.83 -22.77
C ALA E 168 6.01 27.20 -24.23
N HIS E 169 6.52 28.41 -24.41
CA HIS E 169 6.88 28.88 -25.75
C HIS E 169 8.00 28.11 -26.39
N LYS E 170 8.86 27.51 -25.59
CA LYS E 170 9.95 26.75 -26.14
C LYS E 170 9.60 25.29 -26.25
N VAL E 171 8.78 24.78 -25.34
CA VAL E 171 8.47 23.36 -25.34
C VAL E 171 7.33 22.97 -26.29
N ALA E 172 6.28 23.76 -26.29
CA ALA E 172 5.11 23.40 -27.09
C ALA E 172 5.42 23.28 -28.60
N PRO E 173 6.17 24.23 -29.16
CA PRO E 173 6.50 24.08 -30.59
C PRO E 173 7.40 22.87 -30.85
N ALA E 174 8.24 22.52 -29.88
CA ALA E 174 9.11 21.35 -30.03
C ALA E 174 8.25 20.11 -30.13
N ILE E 175 7.30 19.95 -29.19
CA ILE E 175 6.37 18.83 -29.20
C ILE E 175 5.62 18.76 -30.53
N ALA E 176 5.11 19.91 -30.95
CA ALA E 176 4.29 20.00 -32.15
C ALA E 176 5.08 19.56 -33.38
N THR E 177 6.41 19.63 -33.30
CA THR E 177 7.25 19.24 -34.45
C THR E 177 8.05 17.95 -34.27
N ASN E 178 7.70 17.15 -33.25
CA ASN E 178 8.40 15.89 -32.98
C ASN E 178 9.89 16.08 -32.69
N ASN E 179 10.23 17.17 -32.01
CA ASN E 179 11.57 17.37 -31.47
C ASN E 179 11.72 16.86 -30.04
N CYS E 180 12.96 16.76 -29.59
CA CYS E 180 13.23 16.40 -28.20
C CYS E 180 13.93 17.57 -27.58
N VAL E 181 13.35 18.10 -26.52
CA VAL E 181 13.93 19.30 -25.95
C VAL E 181 14.44 19.08 -24.52
N VAL E 182 15.53 19.76 -24.20
CA VAL E 182 16.03 19.76 -22.84
C VAL E 182 15.97 21.20 -22.34
N VAL E 183 15.27 21.42 -21.24
CA VAL E 183 15.11 22.75 -20.71
C VAL E 183 15.91 22.97 -19.45
N LYS E 184 16.66 24.07 -19.42
CA LYS E 184 17.25 24.51 -18.17
C LYS E 184 16.67 25.85 -17.76
N PRO E 185 15.76 25.83 -16.80
CA PRO E 185 15.17 27.08 -16.31
C PRO E 185 16.16 27.77 -15.39
N THR E 186 16.02 29.08 -15.23
CA THR E 186 16.88 29.79 -14.30
C THR E 186 16.75 29.20 -12.90
N GLU E 187 17.84 29.21 -12.15
CA GLU E 187 17.83 28.66 -10.80
C GLU E 187 16.96 29.49 -9.86
N LEU E 188 16.60 30.68 -10.30
CA LEU E 188 15.75 31.55 -9.50
C LEU E 188 14.29 31.08 -9.52
N THR E 189 13.86 30.47 -10.63
CA THR E 189 12.46 30.05 -10.76
C THR E 189 12.29 28.70 -11.49
N PRO E 190 12.93 27.66 -10.97
CA PRO E 190 12.95 26.37 -11.67
C PRO E 190 11.72 25.52 -11.39
N MET E 191 10.98 25.82 -10.33
CA MET E 191 9.97 24.87 -9.91
C MET E 191 8.79 24.78 -10.90
N THR E 192 8.40 25.91 -11.46
CA THR E 192 7.32 25.91 -12.43
C THR E 192 7.65 25.05 -13.66
N ALA E 193 8.89 25.08 -14.13
CA ALA E 193 9.32 24.22 -15.23
C ALA E 193 9.19 22.74 -14.89
N LEU E 194 9.58 22.37 -13.67
CA LEU E 194 9.51 20.96 -13.24
C LEU E 194 8.07 20.49 -13.21
N LEU E 195 7.18 21.37 -12.72
CA LEU E 195 5.76 21.08 -12.67
C LEU E 195 5.21 20.93 -14.09
N LEU E 196 5.65 21.80 -15.01
CA LEU E 196 5.11 21.71 -16.36
C LEU E 196 5.53 20.38 -17.02
N ALA E 197 6.76 19.94 -16.74
CA ALA E 197 7.21 18.64 -17.23
C ALA E 197 6.28 17.53 -16.75
N ASP E 198 5.92 17.54 -15.46
CA ASP E 198 5.02 16.53 -14.90
C ASP E 198 3.69 16.52 -15.64
N ILE E 199 3.15 17.72 -15.86
CA ILE E 199 1.88 17.85 -16.55
C ILE E 199 1.98 17.28 -17.96
N LEU E 200 3.07 17.60 -18.66
CA LEU E 200 3.29 17.02 -20.00
C LEU E 200 3.38 15.52 -20.02
N TYR E 201 4.12 14.92 -19.08
CA TYR E 201 4.18 13.46 -19.01
C TYR E 201 2.79 12.87 -18.80
N GLU E 202 2.01 13.49 -17.92
CA GLU E 202 0.66 13.00 -17.61
C GLU E 202 -0.26 13.15 -18.83
N ALA E 203 -0.02 14.18 -19.61
CA ALA E 203 -0.81 14.45 -20.83
C ALA E 203 -0.45 13.48 -21.93
N GLY E 204 0.51 12.57 -21.67
CA GLY E 204 0.86 11.54 -22.62
C GLY E 204 2.08 11.77 -23.50
N LEU E 205 2.88 12.79 -23.21
CA LEU E 205 4.12 12.98 -23.96
C LEU E 205 5.11 11.85 -23.73
N PRO E 206 5.64 11.25 -24.82
CA PRO E 206 6.74 10.28 -24.60
C PRO E 206 7.83 11.01 -23.83
N PRO E 207 8.25 10.46 -22.68
CA PRO E 207 9.11 11.15 -21.74
C PRO E 207 10.46 11.58 -22.35
N GLU E 208 10.95 10.82 -23.35
CA GLU E 208 12.23 11.11 -23.98
C GLU E 208 12.20 12.45 -24.69
N MET E 209 11.01 12.97 -24.93
CA MET E 209 10.88 14.22 -25.67
C MET E 209 11.11 15.49 -24.81
N LEU E 210 11.18 15.32 -23.49
CA LEU E 210 11.34 16.45 -22.60
C LEU E 210 12.14 16.10 -21.35
N SER E 211 13.21 16.86 -21.12
CA SER E 211 13.86 16.81 -19.81
C SER E 211 13.92 18.24 -19.29
N VAL E 212 13.88 18.39 -17.98
CA VAL E 212 14.11 19.68 -17.34
C VAL E 212 15.21 19.49 -16.31
N VAL E 213 16.33 20.15 -16.53
CA VAL E 213 17.47 20.03 -15.63
C VAL E 213 17.64 21.36 -14.92
N THR E 214 18.22 21.32 -13.74
CA THR E 214 18.44 22.51 -12.96
C THR E 214 19.88 22.54 -12.44
N GLY E 215 20.36 23.72 -12.10
CA GLY E 215 21.66 23.82 -11.47
C GLY E 215 22.26 25.20 -11.60
N TRP E 216 23.46 25.38 -11.08
CA TRP E 216 24.15 26.65 -11.22
C TRP E 216 24.65 26.79 -12.66
N PRO E 217 24.60 28.02 -13.21
CA PRO E 217 25.07 28.30 -14.57
C PRO E 217 26.50 27.84 -14.77
N ALA E 218 27.35 28.11 -13.79
CA ALA E 218 28.75 27.73 -13.86
C ALA E 218 29.01 26.20 -13.96
N ASP E 219 27.99 25.37 -13.67
CA ASP E 219 28.08 23.90 -13.67
C ASP E 219 27.42 23.24 -14.86
N ILE E 220 26.18 23.61 -15.12
CA ILE E 220 25.39 22.92 -16.10
C ILE E 220 25.11 23.85 -17.29
N GLY E 221 25.38 25.13 -17.09
CA GLY E 221 25.05 26.11 -18.10
C GLY E 221 25.77 25.91 -19.42
N MET E 222 27.04 25.62 -19.35
CA MET E 222 27.84 25.48 -20.56
C MET E 222 27.48 24.23 -21.37
N GLU E 223 27.14 23.14 -20.69
CA GLU E 223 26.77 21.92 -21.40
C GLU E 223 25.55 22.20 -22.30
N MET E 224 24.63 23.06 -21.83
CA MET E 224 23.39 23.40 -22.56
C MET E 224 23.73 24.06 -23.86
N ILE E 225 24.94 24.64 -23.91
CA ILE E 225 25.33 25.39 -25.17
C ILE E 225 26.26 24.66 -26.07
N THR E 226 27.00 23.70 -25.52
CA THR E 226 28.04 23.08 -26.28
C THR E 226 27.84 21.60 -26.54
N ASN E 227 26.86 20.99 -25.89
CA ASN E 227 26.58 19.58 -26.11
C ASN E 227 26.53 19.27 -27.60
N PRO E 228 27.25 18.25 -28.03
CA PRO E 228 27.37 17.95 -29.46
C PRO E 228 26.06 17.50 -30.12
N HIS E 229 25.09 17.02 -29.35
CA HIS E 229 23.82 16.61 -29.96
C HIS E 229 22.92 17.79 -30.27
N VAL E 230 23.24 18.95 -29.71
CA VAL E 230 22.34 20.08 -29.81
C VAL E 230 22.39 20.74 -31.19
N ASP E 231 21.25 20.74 -31.88
CA ASP E 231 21.17 21.38 -33.19
C ASP E 231 20.79 22.83 -33.06
N LEU E 232 20.10 23.17 -31.98
CA LEU E 232 19.59 24.51 -31.86
C LEU E 232 19.50 24.88 -30.37
N VAL E 233 19.98 26.07 -30.06
CA VAL E 233 19.83 26.65 -28.73
C VAL E 233 18.81 27.78 -28.83
N THR E 234 17.73 27.68 -28.07
CA THR E 234 16.80 28.77 -27.95
C THR E 234 16.84 29.35 -26.53
N PHE E 235 17.25 30.61 -26.48
CA PHE E 235 17.54 31.28 -25.23
C PHE E 235 16.78 32.57 -25.13
N THR E 236 16.18 32.81 -23.96
CA THR E 236 15.58 34.09 -23.62
C THR E 236 16.20 34.53 -22.30
N GLY E 237 16.79 35.72 -22.28
CA GLY E 237 17.46 36.20 -21.09
C GLY E 237 18.13 37.56 -21.30
N SER E 238 19.24 37.78 -20.60
CA SER E 238 19.86 39.11 -20.60
C SER E 238 20.80 39.26 -21.80
N VAL E 239 21.17 40.50 -22.10
CA VAL E 239 22.08 40.75 -23.20
C VAL E 239 23.47 40.11 -22.98
N PRO E 240 24.06 40.32 -21.80
CA PRO E 240 25.38 39.75 -21.55
C PRO E 240 25.41 38.22 -21.66
N VAL E 241 24.44 37.53 -21.06
CA VAL E 241 24.40 36.07 -21.16
C VAL E 241 24.16 35.67 -22.60
N GLY E 242 23.24 36.35 -23.26
CA GLY E 242 22.98 36.10 -24.66
C GLY E 242 24.23 36.23 -25.54
N LYS E 243 24.99 37.30 -25.32
CA LYS E 243 26.17 37.54 -26.16
C LYS E 243 27.19 36.46 -25.89
N LEU E 244 27.26 36.05 -24.63
CA LEU E 244 28.09 34.93 -24.24
C LEU E 244 27.72 33.68 -25.02
N ILE E 245 26.42 33.37 -25.04
CA ILE E 245 25.93 32.18 -25.70
C ILE E 245 26.27 32.25 -27.18
N ALA E 246 26.07 33.42 -27.76
CA ALA E 246 26.31 33.59 -29.19
C ALA E 246 27.76 33.31 -29.51
N ALA E 247 28.64 33.56 -28.55
CA ALA E 247 30.07 33.33 -28.72
C ALA E 247 30.47 31.87 -28.56
N ASN E 248 29.75 31.12 -27.73
CA ASN E 248 30.13 29.76 -27.37
C ASN E 248 29.40 28.63 -28.12
N ALA E 249 28.24 28.92 -28.71
CA ALA E 249 27.44 27.89 -29.37
C ALA E 249 27.77 27.81 -30.86
N HIS E 250 29.06 27.70 -31.16
CA HIS E 250 29.57 27.63 -32.52
C HIS E 250 28.82 26.63 -33.37
N TYR E 251 28.44 27.05 -34.57
CA TYR E 251 27.89 26.16 -35.56
C TYR E 251 26.62 25.46 -35.07
N LYS E 252 25.94 26.04 -34.10
CA LYS E 252 24.60 25.61 -33.79
C LYS E 252 23.69 26.74 -34.21
N ARG E 253 22.46 26.43 -34.59
CA ARG E 253 21.51 27.50 -34.79
C ARG E 253 21.17 28.05 -33.42
N GLN E 254 20.93 29.35 -33.35
CA GLN E 254 20.63 30.00 -32.08
C GLN E 254 19.47 30.96 -32.26
N VAL E 255 18.49 30.89 -31.39
CA VAL E 255 17.45 31.87 -31.39
C VAL E 255 17.57 32.59 -30.06
N LEU E 256 18.07 33.81 -30.11
CA LEU E 256 18.36 34.56 -28.89
C LEU E 256 17.38 35.72 -28.72
N GLU E 257 16.68 35.70 -27.61
CA GLU E 257 15.73 36.75 -27.29
C GLU E 257 16.25 37.49 -26.08
N LEU E 258 16.64 38.73 -26.29
CA LEU E 258 17.27 39.48 -25.22
C LEU E 258 16.29 40.54 -24.75
N GLY E 259 16.75 41.53 -24.04
CA GLY E 259 15.76 42.45 -23.53
C GLY E 259 15.12 43.38 -24.56
N GLY E 260 14.32 44.30 -24.05
CA GLY E 260 13.88 45.44 -24.83
C GLY E 260 13.99 46.65 -23.92
N ASN E 261 13.62 47.79 -24.46
CA ASN E 261 13.54 49.01 -23.69
C ASN E 261 12.45 49.78 -24.38
N ASP E 262 11.24 49.25 -24.27
CA ASP E 262 10.20 49.58 -25.25
C ASP E 262 9.42 50.84 -24.89
N PRO E 263 9.17 51.72 -25.86
CA PRO E 263 8.42 52.96 -25.60
C PRO E 263 6.92 52.80 -25.80
N LEU E 264 6.14 53.54 -25.01
CA LEU E 264 4.76 53.86 -25.35
C LEU E 264 4.85 55.33 -25.77
N ILE E 265 4.42 55.64 -26.99
CA ILE E 265 4.58 56.99 -27.52
C ILE E 265 3.23 57.67 -27.58
N ILE E 266 3.11 58.85 -26.96
CA ILE E 266 1.84 59.60 -26.91
C ILE E 266 1.92 60.81 -27.82
N LEU E 267 1.21 60.78 -28.93
CA LEU E 267 1.29 61.88 -29.90
C LEU E 267 0.35 63.04 -29.52
N ASN E 268 0.67 64.25 -29.99
CA ASN E 268 -0.06 65.45 -29.59
C ASN E 268 -1.43 65.68 -30.25
N ASP E 269 -1.91 64.75 -31.06
CA ASP E 269 -3.23 64.90 -31.66
C ASP E 269 -4.34 64.44 -30.72
N LEU E 270 -3.97 63.83 -29.60
CA LEU E 270 -4.99 63.17 -28.77
C LEU E 270 -5.89 64.11 -27.98
N SER E 271 -7.17 63.80 -27.95
CA SER E 271 -8.11 64.48 -27.05
C SER E 271 -7.88 64.07 -25.61
N ASP E 272 -8.48 64.80 -24.67
CA ASP E 272 -8.33 64.47 -23.25
C ASP E 272 -8.89 63.09 -22.95
N ASP E 273 -10.00 62.75 -23.56
CA ASP E 273 -10.53 61.39 -23.49
C ASP E 273 -9.52 60.32 -23.88
N ASP E 274 -8.89 60.50 -25.04
CA ASP E 274 -7.85 59.60 -25.52
C ASP E 274 -6.58 59.61 -24.66
N LEU E 275 -6.20 60.77 -24.12
CA LEU E 275 -5.08 60.81 -23.20
C LEU E 275 -5.37 59.90 -22.00
N ALA E 276 -6.63 59.85 -21.58
CA ALA E 276 -6.97 59.00 -20.44
C ALA E 276 -6.80 57.52 -20.78
N ARG E 277 -7.21 57.15 -21.99
CA ARG E 277 -7.01 55.76 -22.42
C ARG E 277 -5.54 55.43 -22.58
N ALA E 278 -4.79 56.37 -23.16
CA ALA E 278 -3.36 56.21 -23.30
C ALA E 278 -2.74 56.08 -21.91
N ALA E 279 -3.27 56.83 -20.94
CA ALA E 279 -2.74 56.72 -19.59
C ALA E 279 -2.96 55.31 -19.03
N ASP E 280 -4.14 54.75 -19.31
CA ASP E 280 -4.43 53.38 -18.88
C ASP E 280 -3.37 52.42 -19.43
N LEU E 281 -3.09 52.55 -20.73
CA LEU E 281 -2.06 51.71 -21.36
C LEU E 281 -0.71 51.90 -20.71
N ALA E 282 -0.35 53.15 -20.43
CA ALA E 282 0.99 53.46 -19.91
C ALA E 282 1.16 52.77 -18.56
N VAL E 283 0.13 52.86 -17.71
CA VAL E 283 0.25 52.32 -16.37
C VAL E 283 0.27 50.78 -16.43
N ALA E 284 -0.66 50.22 -17.18
CA ALA E 284 -0.68 48.77 -17.30
C ALA E 284 0.60 48.26 -17.93
N GLY E 285 1.04 48.92 -19.00
CA GLY E 285 2.20 48.44 -19.75
C GLY E 285 3.47 48.55 -18.91
N ALA E 286 3.49 49.54 -18.02
CA ALA E 286 4.69 49.74 -17.20
C ALA E 286 4.76 48.84 -15.98
N THR E 287 3.62 48.32 -15.52
CA THR E 287 3.61 47.67 -14.22
C THR E 287 3.17 46.21 -14.24
N LYS E 288 2.53 45.79 -15.31
CA LYS E 288 2.18 44.37 -15.46
C LYS E 288 3.39 43.49 -15.18
N ASN E 289 3.13 42.33 -14.59
CA ASN E 289 4.19 41.40 -14.24
C ASN E 289 5.27 42.11 -13.47
N SER E 290 4.89 43.12 -12.68
CA SER E 290 5.83 43.95 -11.94
C SER E 290 6.85 44.62 -12.88
N GLY E 291 6.42 44.88 -14.12
CA GLY E 291 7.28 45.49 -15.11
C GLY E 291 8.32 44.52 -15.66
N GLN E 292 8.19 43.25 -15.33
CA GLN E 292 9.23 42.32 -15.70
C GLN E 292 8.91 41.67 -17.01
N ARG E 293 8.86 42.46 -18.07
CA ARG E 293 8.72 41.93 -19.41
C ARG E 293 9.79 42.54 -20.31
N CYS E 294 10.32 41.74 -21.22
CA CYS E 294 11.18 42.29 -22.26
C CYS E 294 10.48 43.44 -22.97
N THR E 295 9.17 43.36 -23.08
CA THR E 295 8.35 44.32 -23.82
C THR E 295 7.54 45.26 -22.89
N ALA E 296 7.91 45.31 -21.61
CA ALA E 296 7.28 46.27 -20.70
C ALA E 296 7.41 47.71 -21.23
N VAL E 297 6.46 48.56 -20.92
CA VAL E 297 6.64 49.97 -21.18
C VAL E 297 7.72 50.43 -20.25
N LYS E 298 8.90 50.75 -20.79
CA LYS E 298 10.01 51.26 -20.00
C LYS E 298 10.31 52.74 -20.25
N ARG E 299 9.67 53.33 -21.25
CA ARG E 299 9.82 54.74 -21.56
C ARG E 299 8.49 55.20 -22.06
N ILE E 300 7.90 56.17 -21.41
CA ILE E 300 6.69 56.76 -21.96
C ILE E 300 7.10 58.05 -22.61
N LEU E 301 7.11 58.05 -23.94
CA LEU E 301 7.48 59.26 -24.67
C LEU E 301 6.26 60.11 -24.97
N CYS E 302 6.09 61.16 -24.16
CA CYS E 302 4.94 62.02 -24.30
C CYS E 302 5.31 63.34 -24.96
N GLN E 303 4.70 63.64 -26.10
CA GLN E 303 4.99 64.92 -26.75
C GLN E 303 4.59 66.10 -25.82
N GLU E 304 5.47 67.11 -25.75
CA GLU E 304 5.35 68.24 -24.82
C GLU E 304 3.93 68.80 -24.74
N SER E 305 3.36 69.11 -25.90
CA SER E 305 2.05 69.76 -25.98
C SER E 305 1.01 69.15 -25.06
N VAL E 306 1.06 67.83 -24.87
CA VAL E 306 -0.01 67.16 -24.14
C VAL E 306 0.45 66.61 -22.83
N ALA E 307 1.73 66.78 -22.51
CA ALA E 307 2.25 66.22 -21.27
C ALA E 307 1.51 66.71 -20.00
N ASP E 308 1.21 68.00 -19.95
CA ASP E 308 0.56 68.57 -18.76
C ASP E 308 -0.83 67.96 -18.54
N ARG E 309 -1.52 67.59 -19.61
CA ARG E 309 -2.80 66.93 -19.46
C ARG E 309 -2.64 65.42 -19.21
N PHE E 310 -1.61 64.84 -19.81
CA PHE E 310 -1.40 63.39 -19.74
C PHE E 310 -0.89 62.94 -18.37
N VAL E 311 0.14 63.61 -17.87
CA VAL E 311 0.79 63.17 -16.66
C VAL E 311 -0.17 62.99 -15.47
N PRO E 312 -1.05 63.98 -15.24
CA PRO E 312 -1.96 63.84 -14.09
C PRO E 312 -2.87 62.59 -14.21
N LEU E 313 -3.26 62.27 -15.45
CA LEU E 313 -4.07 61.08 -15.71
C LEU E 313 -3.27 59.80 -15.35
N VAL E 314 -1.98 59.79 -15.67
CA VAL E 314 -1.14 58.67 -15.33
C VAL E 314 -1.01 58.57 -13.80
N LEU E 315 -0.73 59.70 -13.19
CA LEU E 315 -0.52 59.73 -11.76
C LEU E 315 -1.73 59.13 -11.06
N GLU E 316 -2.90 59.60 -11.47
CA GLU E 316 -4.14 59.20 -10.81
C GLU E 316 -4.36 57.69 -10.92
N ARG E 317 -3.96 57.11 -12.04
CA ARG E 317 -4.15 55.67 -12.22
C ARG E 317 -3.11 54.85 -11.47
N ALA E 318 -1.87 55.32 -11.41
CA ALA E 318 -0.84 54.60 -10.69
C ALA E 318 -1.26 54.52 -9.22
N LYS E 319 -1.84 55.61 -8.71
CA LYS E 319 -2.19 55.66 -7.28
C LYS E 319 -3.28 54.66 -6.91
N ARG E 320 -4.01 54.18 -7.91
CA ARG E 320 -5.04 53.20 -7.63
C ARG E 320 -4.51 51.78 -7.48
N LEU E 321 -3.31 51.53 -7.96
CA LEU E 321 -2.77 50.18 -7.93
C LEU E 321 -2.50 49.76 -6.51
N ARG E 322 -2.90 48.54 -6.20
CA ARG E 322 -2.55 47.94 -4.92
C ARG E 322 -1.32 47.07 -5.04
N PHE E 323 -0.30 47.43 -4.27
CA PHE E 323 0.96 46.71 -4.26
C PHE E 323 1.16 46.14 -2.87
N GLY E 324 1.60 44.90 -2.79
CA GLY E 324 1.83 44.27 -1.51
C GLY E 324 1.84 42.76 -1.68
N ASP E 325 1.26 42.08 -0.68
CA ASP E 325 1.32 40.62 -0.58
C ASP E 325 0.86 39.95 -1.87
N PRO E 326 1.79 39.26 -2.56
CA PRO E 326 1.43 38.73 -3.88
C PRO E 326 0.38 37.64 -3.78
N MET E 327 0.34 36.92 -2.65
CA MET E 327 -0.66 35.86 -2.49
C MET E 327 -2.05 36.44 -2.19
N ASP E 328 -2.12 37.73 -1.90
CA ASP E 328 -3.41 38.37 -1.69
C ASP E 328 -4.07 38.66 -3.02
N ARG E 329 -5.26 38.11 -3.21
CA ARG E 329 -5.92 38.16 -4.51
C ARG E 329 -6.40 39.51 -4.94
N SER E 330 -6.36 40.48 -4.06
CA SER E 330 -6.72 41.81 -4.53
C SER E 330 -5.44 42.65 -4.79
N THR E 331 -4.29 42.01 -4.64
CA THR E 331 -3.04 42.68 -5.03
C THR E 331 -2.92 42.79 -6.55
N ASP E 332 -2.60 43.98 -7.03
CA ASP E 332 -2.34 44.16 -8.46
C ASP E 332 -0.87 43.86 -8.74
N LEU E 333 -0.01 44.51 -7.97
CA LEU E 333 1.39 44.46 -8.18
C LEU E 333 2.09 43.81 -6.99
N GLY E 334 2.74 42.68 -7.26
CA GLY E 334 3.58 42.01 -6.27
C GLY E 334 5.01 42.54 -6.32
N THR E 335 5.99 41.70 -5.98
CA THR E 335 7.36 42.17 -5.88
C THR E 335 8.04 42.05 -7.24
N VAL E 336 9.30 42.48 -7.30
CA VAL E 336 10.18 42.09 -8.39
C VAL E 336 11.02 40.91 -7.93
N ILE E 337 11.89 40.42 -8.81
CA ILE E 337 12.56 39.14 -8.58
C ILE E 337 13.35 39.08 -7.26
N HIS E 338 13.98 40.18 -6.89
CA HIS E 338 14.65 40.21 -5.59
C HIS E 338 14.94 41.62 -5.15
N GLU E 339 15.40 41.72 -3.91
CA GLU E 339 15.59 43.02 -3.30
C GLU E 339 16.67 43.85 -3.94
N LYS E 340 17.72 43.23 -4.45
CA LYS E 340 18.78 44.03 -5.03
C LYS E 340 18.38 44.62 -6.37
N ALA E 341 17.55 43.90 -7.12
CA ALA E 341 16.96 44.46 -8.34
C ALA E 341 16.10 45.68 -7.97
N ALA E 342 15.22 45.49 -6.99
CA ALA E 342 14.37 46.57 -6.51
C ALA E 342 15.21 47.77 -6.05
N ALA E 343 16.26 47.50 -5.29
CA ALA E 343 17.21 48.55 -4.88
C ALA E 343 17.86 49.30 -6.05
N LEU E 344 18.30 48.54 -7.06
CA LEU E 344 18.91 49.13 -8.24
C LEU E 344 17.92 50.04 -8.96
N PHE E 345 16.69 49.60 -9.09
CA PHE E 345 15.70 50.36 -9.83
C PHE E 345 15.38 51.69 -9.11
N GLU E 346 15.22 51.61 -7.80
CA GLU E 346 14.90 52.81 -7.03
C GLU E 346 16.04 53.81 -7.10
N GLU E 347 17.26 53.28 -7.00
CA GLU E 347 18.47 54.04 -7.29
C GLU E 347 18.40 54.84 -8.56
N ARG E 348 17.99 54.19 -9.65
CA ARG E 348 17.95 54.83 -10.94
C ARG E 348 16.94 55.95 -10.87
N VAL E 349 15.90 55.73 -10.06
CA VAL E 349 14.86 56.73 -9.98
C VAL E 349 15.36 58.00 -9.27
N MET E 350 16.04 57.80 -8.12
CA MET E 350 16.63 58.89 -7.32
C MET E 350 17.60 59.72 -8.13
N ARG E 351 18.40 59.00 -8.89
CA ARG E 351 19.40 59.57 -9.78
C ARG E 351 18.78 60.45 -10.85
N ALA E 352 17.71 59.95 -11.48
CA ALA E 352 17.04 60.70 -12.51
C ALA E 352 16.48 61.98 -11.92
N ALA E 353 16.07 61.90 -10.66
CA ALA E 353 15.56 63.06 -9.95
C ALA E 353 16.66 64.10 -9.72
N GLU E 354 17.85 63.64 -9.39
CA GLU E 354 19.02 64.51 -9.32
C GLU E 354 19.36 65.16 -10.63
N GLU E 355 19.03 64.48 -11.73
CA GLU E 355 19.34 64.98 -13.05
C GLU E 355 18.15 65.72 -13.62
N GLY E 356 17.16 66.00 -12.77
CA GLY E 356 16.10 66.92 -13.15
C GLY E 356 14.73 66.29 -13.20
N ALA E 357 14.66 64.97 -13.01
CA ALA E 357 13.37 64.30 -13.03
C ALA E 357 12.49 64.72 -11.84
N ASP E 358 11.18 64.54 -12.00
CA ASP E 358 10.22 64.98 -11.02
C ASP E 358 9.44 63.76 -10.49
N ILE E 359 9.76 63.32 -9.28
CA ILE E 359 9.09 62.15 -8.72
C ILE E 359 7.73 62.53 -8.16
N LEU E 360 6.67 62.01 -8.76
CA LEU E 360 5.32 62.41 -8.44
C LEU E 360 4.62 61.47 -7.47
N TYR E 361 5.10 60.23 -7.41
CA TYR E 361 4.50 59.23 -6.56
C TYR E 361 5.53 58.16 -6.24
N HIS E 362 5.86 58.05 -4.96
CA HIS E 362 6.84 57.06 -4.49
C HIS E 362 6.54 56.81 -3.02
N PRO E 363 5.59 55.94 -2.73
CA PRO E 363 5.29 55.62 -1.35
C PRO E 363 6.34 54.82 -0.58
N GLY E 364 7.46 54.49 -1.21
CA GLY E 364 8.53 53.84 -0.49
C GLY E 364 8.74 52.37 -0.82
N ARG E 365 10.00 51.98 -0.99
CA ARG E 365 10.32 50.60 -1.29
C ARG E 365 10.38 49.74 -0.02
N SER E 366 10.04 48.47 -0.16
CA SER E 366 10.13 47.56 0.96
C SER E 366 10.69 46.23 0.50
N GLY E 367 11.98 46.00 0.73
CA GLY E 367 12.61 44.80 0.23
C GLY E 367 12.47 44.73 -1.28
N ALA E 368 11.90 43.65 -1.77
CA ALA E 368 11.72 43.43 -3.20
C ALA E 368 10.43 44.07 -3.69
N LEU E 369 9.68 44.64 -2.76
CA LEU E 369 8.42 45.28 -3.12
C LEU E 369 8.62 46.74 -3.54
N LEU E 370 8.41 47.01 -4.82
CA LEU E 370 8.54 48.34 -5.37
C LEU E 370 7.13 48.81 -5.67
N PRO E 371 6.76 50.01 -5.20
CA PRO E 371 5.49 50.58 -5.66
C PRO E 371 5.59 51.03 -7.11
N PRO E 372 4.45 51.31 -7.75
CA PRO E 372 4.50 51.78 -9.14
C PRO E 372 4.91 53.25 -9.19
N ILE E 373 6.20 53.51 -8.98
CA ILE E 373 6.73 54.86 -8.94
C ILE E 373 6.44 55.63 -10.24
N VAL E 374 5.76 56.78 -10.11
CA VAL E 374 5.57 57.70 -11.22
C VAL E 374 6.64 58.80 -11.25
N VAL E 375 7.38 58.89 -12.34
CA VAL E 375 8.40 59.96 -12.51
C VAL E 375 8.14 60.69 -13.81
N ASP E 376 8.14 62.02 -13.74
CA ASP E 376 7.90 62.87 -14.89
C ASP E 376 9.20 63.59 -15.27
N ARG E 377 9.26 64.16 -16.48
CA ARG E 377 10.43 64.89 -16.95
C ARG E 377 11.71 64.07 -16.78
N VAL E 378 11.64 62.76 -16.99
CA VAL E 378 12.85 61.96 -16.98
C VAL E 378 13.78 62.28 -18.14
N PRO E 379 15.03 62.69 -17.85
CA PRO E 379 16.01 62.89 -18.92
C PRO E 379 16.15 61.60 -19.68
N HIS E 380 16.13 61.64 -21.00
CA HIS E 380 16.10 60.37 -21.69
C HIS E 380 17.57 59.73 -21.81
N GLN E 381 18.57 60.50 -21.36
CA GLN E 381 19.93 60.04 -21.25
C GLN E 381 20.09 59.30 -19.94
N SER E 382 19.14 59.49 -19.02
CA SER E 382 19.38 58.97 -17.69
C SER E 382 19.30 57.46 -17.66
N ASP E 383 19.99 56.85 -16.72
CA ASP E 383 20.11 55.42 -16.67
C ASP E 383 18.76 54.72 -16.57
N LEU E 384 17.91 55.27 -15.73
CA LEU E 384 16.54 54.83 -15.64
C LEU E 384 15.92 54.42 -16.98
N VAL E 385 16.01 55.27 -17.99
CA VAL E 385 15.37 55.01 -19.27
C VAL E 385 16.31 54.64 -20.43
N LEU E 386 17.61 54.81 -20.25
CA LEU E 386 18.57 54.56 -21.32
C LEU E 386 18.97 53.10 -21.22
N GLU E 387 19.16 52.67 -19.98
CA GLU E 387 19.23 51.27 -19.66
C GLU E 387 17.82 50.65 -19.63
N GLU E 388 17.77 49.32 -19.72
CA GLU E 388 16.56 48.56 -19.43
C GLU E 388 16.36 48.45 -17.90
N THR E 389 15.24 49.00 -17.42
CA THR E 389 14.90 48.98 -15.99
C THR E 389 13.70 48.05 -15.73
N PHE E 390 13.98 46.88 -15.18
CA PHE E 390 13.07 45.73 -15.25
C PHE E 390 12.13 45.71 -14.02
N GLY E 391 11.48 46.84 -13.76
CA GLY E 391 10.58 46.96 -12.62
C GLY E 391 9.42 47.88 -12.94
N PRO E 392 8.48 48.03 -12.00
CA PRO E 392 7.23 48.74 -12.28
C PRO E 392 7.33 50.26 -12.15
N ILE E 393 8.42 50.82 -12.63
CA ILE E 393 8.57 52.26 -12.73
C ILE E 393 7.72 52.76 -13.87
N ILE E 394 7.11 53.93 -13.68
CA ILE E 394 6.31 54.59 -14.72
C ILE E 394 7.00 55.89 -15.08
N PRO E 395 7.91 55.85 -16.07
CA PRO E 395 8.75 57.02 -16.33
C PRO E 395 8.31 57.76 -17.59
N ILE E 396 7.96 59.04 -17.43
CA ILE E 396 7.50 59.87 -18.53
C ILE E 396 8.65 60.73 -19.02
N VAL E 397 9.03 60.53 -20.28
CA VAL E 397 10.03 61.35 -20.94
C VAL E 397 9.28 62.32 -21.85
N ARG E 398 9.48 63.60 -21.62
CA ARG E 398 8.85 64.61 -22.46
C ARG E 398 9.68 64.81 -23.70
N VAL E 399 9.03 64.70 -24.86
CA VAL E 399 9.74 64.69 -26.13
C VAL E 399 9.13 65.80 -26.94
N PRO E 400 9.89 66.31 -27.93
CA PRO E 400 9.40 67.44 -28.75
C PRO E 400 8.10 67.12 -29.49
N ASP E 401 7.36 68.17 -29.82
CA ASP E 401 6.22 68.06 -30.72
C ASP E 401 6.70 67.97 -32.17
N ASP E 402 7.60 67.03 -32.41
CA ASP E 402 8.15 66.77 -33.73
C ASP E 402 8.35 65.27 -33.86
N ASP E 403 7.72 64.67 -34.86
CA ASP E 403 7.77 63.23 -35.04
C ASP E 403 9.18 62.72 -35.38
N ASP E 404 9.88 63.42 -36.24
CA ASP E 404 11.24 63.01 -36.59
C ASP E 404 12.11 62.99 -35.34
N ALA E 405 12.01 64.02 -34.52
CA ALA E 405 12.77 64.03 -33.28
C ALA E 405 12.31 62.91 -32.35
N THR E 406 11.01 62.67 -32.32
CA THR E 406 10.49 61.65 -31.43
C THR E 406 11.00 60.29 -31.87
N ILE E 407 10.89 60.02 -33.16
CA ILE E 407 11.36 58.74 -33.69
C ILE E 407 12.89 58.55 -33.46
N THR E 408 13.67 59.60 -33.66
CA THR E 408 15.12 59.51 -33.43
C THR E 408 15.41 59.19 -31.96
N LEU E 409 14.73 59.89 -31.06
CA LEU E 409 14.81 59.60 -29.65
C LEU E 409 14.40 58.16 -29.33
N SER E 410 13.28 57.72 -29.87
CA SER E 410 12.79 56.40 -29.57
C SER E 410 13.82 55.35 -30.01
N ASN E 411 14.45 55.61 -31.16
CA ASN E 411 15.44 54.69 -31.72
C ASN E 411 16.85 54.77 -31.14
N SER E 412 17.06 55.68 -30.20
CA SER E 412 18.40 55.96 -29.73
C SER E 412 18.99 54.96 -28.73
N THR E 413 18.24 53.94 -28.30
CA THR E 413 18.82 53.00 -27.34
C THR E 413 19.45 51.84 -28.10
N ALA E 414 20.14 50.96 -27.38
CA ALA E 414 20.72 49.75 -27.97
C ALA E 414 19.65 48.69 -28.30
N PHE E 415 18.44 48.89 -27.83
CA PHE E 415 17.39 47.90 -28.03
C PHE E 415 16.47 48.22 -29.19
N GLY E 416 15.71 47.21 -29.63
CA GLY E 416 14.65 47.38 -30.61
C GLY E 416 13.81 46.12 -30.63
N LEU E 417 12.80 46.08 -29.78
CA LEU E 417 11.96 44.90 -29.66
C LEU E 417 10.56 45.26 -30.08
N SER E 418 9.81 45.91 -29.19
CA SER E 418 8.46 46.34 -29.52
C SER E 418 8.23 47.81 -29.23
N SER E 419 7.00 48.26 -29.44
CA SER E 419 6.63 49.65 -29.19
C SER E 419 5.12 49.79 -29.25
N GLY E 420 4.61 50.86 -28.67
CA GLY E 420 3.21 51.18 -28.82
C GLY E 420 3.14 52.65 -29.19
N VAL E 421 2.12 53.01 -29.95
CA VAL E 421 1.95 54.40 -30.37
C VAL E 421 0.48 54.73 -30.23
N CYS E 422 0.17 55.77 -29.46
CA CYS E 422 -1.21 56.22 -29.36
C CYS E 422 -1.43 57.50 -30.20
N THR E 423 -2.25 57.40 -31.24
CA THR E 423 -2.55 58.54 -32.09
C THR E 423 -3.76 58.16 -32.90
N ASN E 424 -4.46 59.13 -33.49
CA ASN E 424 -5.55 58.81 -34.40
C ASN E 424 -5.24 59.31 -35.80
N ASP E 425 -4.05 59.85 -35.97
CA ASP E 425 -3.65 60.42 -37.24
C ASP E 425 -2.97 59.32 -38.05
N TYR E 426 -3.64 58.83 -39.07
CA TYR E 426 -3.09 57.72 -39.83
C TYR E 426 -1.71 58.03 -40.43
N ARG E 427 -1.59 59.24 -40.93
CA ARG E 427 -0.35 59.63 -41.57
C ARG E 427 0.82 59.45 -40.61
N ARG E 428 0.58 59.83 -39.36
CA ARG E 428 1.59 59.75 -38.33
C ARG E 428 1.80 58.30 -37.89
N MET E 429 0.70 57.57 -37.77
CA MET E 429 0.75 56.15 -37.51
C MET E 429 1.73 55.44 -38.46
N GLN E 430 1.57 55.69 -39.75
CA GLN E 430 2.33 54.95 -40.76
C GLN E 430 3.78 55.42 -40.69
N LYS E 431 4.01 56.69 -40.43
CA LYS E 431 5.37 57.19 -40.26
C LYS E 431 6.11 56.48 -39.12
N TYR E 432 5.44 56.29 -37.99
CA TYR E 432 6.07 55.59 -36.87
C TYR E 432 6.22 54.09 -37.18
N ILE E 433 5.22 53.50 -37.82
CA ILE E 433 5.31 52.08 -38.20
C ILE E 433 6.53 51.90 -39.08
N ALA E 434 6.71 52.79 -40.05
CA ALA E 434 7.87 52.66 -40.94
C ALA E 434 9.20 52.99 -40.28
N GLY E 435 9.20 53.94 -39.34
CA GLY E 435 10.45 54.55 -38.88
C GLY E 435 11.00 54.03 -37.56
N LEU E 436 10.16 53.41 -36.72
CA LEU E 436 10.66 52.84 -35.47
C LEU E 436 11.51 51.62 -35.78
N LYS E 437 12.73 51.58 -35.25
CA LYS E 437 13.62 50.47 -35.50
C LYS E 437 13.39 49.31 -34.50
N VAL E 438 12.29 48.58 -34.69
CA VAL E 438 11.86 47.58 -33.73
C VAL E 438 11.30 46.38 -34.49
N GLY E 439 10.97 45.32 -33.76
CA GLY E 439 10.34 44.16 -34.35
C GLY E 439 8.84 44.31 -34.50
N THR E 440 8.23 45.14 -33.65
CA THR E 440 6.78 45.27 -33.60
C THR E 440 6.40 46.70 -33.24
N VAL E 441 5.41 47.24 -33.94
CA VAL E 441 4.78 48.52 -33.60
C VAL E 441 3.32 48.30 -33.38
N ASN E 442 2.88 48.47 -32.15
CA ASN E 442 1.46 48.36 -31.82
C ASN E 442 0.77 49.72 -31.75
N ILE E 443 -0.22 49.95 -32.60
CA ILE E 443 -1.01 51.17 -32.55
C ILE E 443 -2.11 51.01 -31.49
N TRP E 444 -2.08 51.89 -30.51
CA TRP E 444 -3.11 51.88 -29.45
C TRP E 444 -3.10 50.59 -28.61
N GLU E 445 -1.92 50.03 -28.42
CA GLU E 445 -1.74 48.92 -27.49
C GLU E 445 -0.36 49.03 -26.91
N VAL E 446 -0.11 48.28 -25.84
CA VAL E 446 1.18 48.31 -25.21
C VAL E 446 2.14 47.50 -26.05
N PRO E 447 3.43 47.80 -25.95
CA PRO E 447 4.43 47.10 -26.77
C PRO E 447 4.31 45.59 -26.56
N GLY E 448 3.88 45.19 -25.39
CA GLY E 448 3.84 43.77 -25.08
C GLY E 448 2.69 43.05 -25.74
N TYR E 449 1.78 43.76 -26.41
CA TYR E 449 0.66 43.06 -26.99
C TYR E 449 1.06 42.20 -28.19
N ARG E 450 0.63 40.93 -28.19
CA ARG E 450 0.77 40.07 -29.36
C ARG E 450 -0.15 38.87 -29.14
N ILE E 451 -0.34 38.03 -30.15
CA ILE E 451 -0.97 36.74 -29.91
C ILE E 451 0.19 35.76 -29.77
N GLU E 452 -0.03 34.62 -29.12
CA GLU E 452 1.11 33.76 -28.78
C GLU E 452 1.63 33.08 -30.04
N MET E 453 0.97 33.28 -31.19
CA MET E 453 1.43 32.65 -32.45
C MET E 453 1.89 33.61 -33.54
N SER E 454 1.88 34.92 -33.31
CA SER E 454 2.36 35.87 -34.31
C SER E 454 3.88 36.02 -34.24
N PRO E 455 4.49 36.59 -35.28
CA PRO E 455 5.96 36.60 -35.25
C PRO E 455 6.46 37.57 -34.19
N PHE E 456 7.37 37.10 -33.36
CA PHE E 456 7.85 37.86 -32.22
C PHE E 456 9.35 37.82 -32.19
N GLY E 457 9.97 38.99 -32.08
CA GLY E 457 11.42 39.06 -31.96
C GLY E 457 11.93 40.44 -32.32
N GLY E 458 13.09 40.78 -31.80
CA GLY E 458 13.63 42.10 -31.96
C GLY E 458 14.87 42.14 -32.80
N ILE E 459 15.45 43.33 -32.87
CA ILE E 459 16.70 43.52 -33.61
C ILE E 459 17.65 44.26 -32.67
N LYS E 460 18.76 44.72 -33.20
CA LYS E 460 19.77 45.38 -32.39
C LYS E 460 20.15 44.46 -31.21
N ASP E 461 20.19 44.97 -29.99
CA ASP E 461 20.55 44.16 -28.83
C ASP E 461 19.40 43.31 -28.31
N SER E 462 18.23 43.43 -28.93
CA SER E 462 17.03 42.75 -28.41
C SER E 462 16.94 41.32 -28.88
N GLY E 463 17.64 41.00 -29.95
CA GLY E 463 17.62 39.63 -30.43
C GLY E 463 18.57 39.47 -31.60
N ASN E 464 18.99 38.24 -31.88
CA ASN E 464 19.93 38.01 -32.98
C ASN E 464 19.26 37.96 -34.35
N GLY E 465 17.96 38.27 -34.40
CA GLY E 465 17.30 38.44 -35.68
C GLY E 465 16.41 37.31 -36.20
N TYR E 466 16.10 36.34 -35.36
CA TYR E 466 15.14 35.31 -35.73
C TYR E 466 13.86 35.49 -34.96
N LYS E 467 12.74 35.11 -35.57
CA LYS E 467 11.45 35.27 -34.96
C LYS E 467 11.04 34.05 -34.15
N GLU E 468 10.20 34.30 -33.15
CA GLU E 468 9.69 33.29 -32.24
C GLU E 468 8.15 33.40 -32.33
N GLY E 469 7.46 32.98 -31.27
CA GLY E 469 6.03 32.80 -31.32
C GLY E 469 5.79 31.40 -31.85
N VAL E 470 4.60 30.85 -31.64
CA VAL E 470 4.38 29.44 -31.87
C VAL E 470 4.69 29.03 -33.32
N ILE E 471 4.17 29.80 -34.28
CA ILE E 471 4.36 29.44 -35.69
C ILE E 471 5.82 29.53 -36.12
N GLU E 472 6.46 30.66 -35.83
CA GLU E 472 7.85 30.80 -36.26
C GLU E 472 8.79 29.86 -35.50
N ALA E 473 8.48 29.61 -34.23
CA ALA E 473 9.22 28.62 -33.47
C ALA E 473 9.16 27.23 -34.15
N MET E 474 7.97 26.84 -34.57
CA MET E 474 7.77 25.53 -35.20
C MET E 474 8.59 25.40 -36.47
N LYS E 475 8.63 26.46 -37.27
CA LYS E 475 9.49 26.46 -38.47
C LYS E 475 10.97 26.37 -38.08
N SER E 476 11.32 27.21 -37.13
CA SER E 476 12.67 27.30 -36.60
C SER E 476 13.21 25.94 -36.11
N PHE E 477 12.29 25.11 -35.60
CA PHE E 477 12.67 23.87 -34.96
C PHE E 477 12.68 22.71 -35.93
N THR E 478 12.70 23.02 -37.23
CA THR E 478 12.72 21.96 -38.24
C THR E 478 13.73 22.21 -39.34
N ASN E 479 14.09 21.17 -40.06
CA ASN E 479 14.85 21.34 -41.30
C ASN E 479 13.92 21.15 -42.45
N VAL E 480 14.02 22.01 -43.45
CA VAL E 480 13.28 21.79 -44.66
C VAL E 480 14.05 20.83 -45.57
N LYS E 481 13.38 19.74 -45.95
CA LYS E 481 13.93 18.84 -46.96
C LYS E 481 13.14 18.98 -48.24
N THR E 482 13.81 19.11 -49.38
CA THR E 482 13.08 19.16 -50.65
C THR E 482 13.25 17.81 -51.35
N PHE E 483 12.24 17.43 -52.12
CA PHE E 483 12.44 16.33 -53.07
C PHE E 483 11.82 16.65 -54.41
N SER E 484 12.37 16.04 -55.46
CA SER E 484 11.88 16.36 -56.81
C SER E 484 11.53 15.04 -57.51
N LEU E 485 10.48 15.11 -58.30
CA LEU E 485 10.01 13.96 -59.07
C LEU E 485 9.89 14.28 -60.54
N PRO E 486 10.12 13.29 -61.42
CA PRO E 486 9.93 13.51 -62.85
C PRO E 486 8.45 13.81 -63.06
N TRP E 487 8.13 14.77 -63.91
CA TRP E 487 6.73 15.08 -64.09
C TRP E 487 6.42 15.43 -65.55
N HIS F 15 43.31 -61.93 -6.14
CA HIS F 15 43.49 -62.28 -4.77
C HIS F 15 43.35 -61.20 -3.65
N GLU F 16 42.15 -61.00 -3.08
CA GLU F 16 41.94 -59.79 -2.26
C GLU F 16 41.41 -60.08 -0.87
N PRO F 17 42.15 -59.65 0.17
CA PRO F 17 41.66 -59.82 1.55
C PRO F 17 40.51 -58.86 1.83
N MET F 18 39.83 -59.07 2.94
CA MET F 18 38.84 -58.14 3.38
C MET F 18 39.54 -56.87 3.81
N ARG F 19 38.79 -55.77 3.79
CA ARG F 19 39.31 -54.50 4.32
C ARG F 19 38.54 -54.17 5.60
N ILE F 20 39.17 -54.39 6.74
CA ILE F 20 38.49 -54.14 7.99
C ILE F 20 39.16 -52.96 8.68
N ALA F 21 38.46 -51.83 8.65
CA ALA F 21 38.98 -50.55 9.12
C ALA F 21 40.41 -50.32 8.67
N GLY F 22 40.67 -50.46 7.38
CA GLY F 22 41.97 -50.16 6.84
C GLY F 22 42.95 -51.32 6.85
N ARG F 23 42.64 -52.37 7.61
CA ARG F 23 43.51 -53.53 7.68
C ARG F 23 43.13 -54.56 6.68
N LEU F 24 44.13 -55.26 6.13
CA LEU F 24 43.86 -56.38 5.26
C LEU F 24 43.65 -57.58 6.16
N VAL F 25 42.50 -58.23 6.01
CA VAL F 25 42.23 -59.39 6.83
C VAL F 25 41.91 -60.61 5.97
N ASP F 26 42.66 -61.68 6.21
CA ASP F 26 42.57 -62.82 5.35
C ASP F 26 42.00 -64.00 6.09
N THR F 27 41.74 -65.06 5.34
CA THR F 27 41.20 -66.28 5.89
C THR F 27 41.77 -67.46 5.06
N ASP F 28 41.65 -68.69 5.55
CA ASP F 28 42.18 -69.85 4.79
C ASP F 28 41.31 -70.15 3.62
N ASP F 29 40.03 -70.37 3.91
CA ASP F 29 39.09 -70.66 2.85
C ASP F 29 38.91 -69.45 1.97
N ARG F 30 38.67 -69.69 0.70
CA ARG F 30 38.52 -68.63 -0.29
C ARG F 30 37.17 -68.76 -0.97
N VAL F 31 36.67 -67.62 -1.46
CA VAL F 31 35.56 -67.58 -2.38
C VAL F 31 36.13 -67.24 -3.75
N GLU F 32 35.90 -68.09 -4.72
CA GLU F 32 36.40 -67.80 -6.06
C GLU F 32 35.42 -66.88 -6.77
N VAL F 33 35.94 -65.90 -7.48
CA VAL F 33 35.12 -65.01 -8.29
C VAL F 33 35.42 -65.33 -9.75
N ARG F 34 34.38 -65.70 -10.51
CA ARG F 34 34.50 -66.11 -11.91
C ARG F 34 33.98 -65.07 -12.89
N TYR F 35 34.70 -64.91 -13.99
CA TYR F 35 34.34 -64.06 -15.11
C TYR F 35 33.24 -64.78 -15.89
N PRO F 36 32.04 -64.19 -15.95
CA PRO F 36 30.93 -64.90 -16.61
C PRO F 36 31.10 -65.07 -18.12
N TRP F 37 32.02 -64.37 -18.74
CA TRP F 37 32.24 -64.55 -20.17
C TRP F 37 32.75 -65.97 -20.46
N ASN F 38 33.74 -66.44 -19.69
CA ASN F 38 34.36 -67.73 -19.96
C ASN F 38 34.48 -68.62 -18.71
N ASP F 39 33.79 -68.22 -17.66
CA ASP F 39 33.74 -69.00 -16.43
C ASP F 39 35.09 -69.29 -15.78
N THR F 40 36.10 -68.46 -16.05
CA THR F 40 37.39 -68.67 -15.41
C THR F 40 37.53 -67.84 -14.12
N VAL F 41 38.39 -68.30 -13.21
CA VAL F 41 38.64 -67.60 -11.96
C VAL F 41 39.49 -66.37 -12.22
N VAL F 42 38.95 -65.20 -11.89
CA VAL F 42 39.69 -63.96 -12.09
C VAL F 42 40.10 -63.38 -10.76
N GLY F 43 39.60 -63.97 -9.68
CA GLY F 43 40.01 -63.49 -8.37
C GLY F 43 39.48 -64.34 -7.25
N THR F 44 39.90 -63.99 -6.04
CA THR F 44 39.51 -64.76 -4.90
C THR F 44 39.46 -63.79 -3.69
N VAL F 45 38.47 -63.98 -2.82
CA VAL F 45 38.36 -63.16 -1.61
C VAL F 45 38.10 -64.09 -0.45
N PRO F 46 38.25 -63.59 0.79
CA PRO F 46 38.12 -64.46 1.95
C PRO F 46 36.71 -65.01 2.13
N ALA F 47 36.62 -66.25 2.59
CA ALA F 47 35.36 -66.76 3.11
C ALA F 47 35.19 -66.26 4.55
N GLY F 48 34.87 -64.98 4.70
CA GLY F 48 34.71 -64.37 6.02
C GLY F 48 33.62 -65.00 6.87
N ARG F 49 33.71 -64.81 8.17
CA ARG F 49 32.76 -65.45 9.06
C ARG F 49 32.13 -64.38 9.96
N ALA F 50 31.12 -64.77 10.71
CA ALA F 50 30.44 -63.89 11.65
C ALA F 50 31.41 -63.03 12.48
N GLU F 51 32.46 -63.64 13.00
CA GLU F 51 33.46 -62.93 13.79
C GLU F 51 34.06 -61.71 13.07
N HIS F 52 34.27 -61.82 11.76
CA HIS F 52 34.90 -60.74 11.02
C HIS F 52 33.97 -59.54 10.92
N ALA F 53 32.70 -59.81 10.62
CA ALA F 53 31.70 -58.75 10.57
C ALA F 53 31.58 -58.18 11.98
N ARG F 54 31.58 -59.08 12.95
CA ARG F 54 31.41 -58.66 14.33
C ARG F 54 32.50 -57.69 14.72
N GLU F 55 33.72 -57.99 14.31
CA GLU F 55 34.84 -57.11 14.60
C GLU F 55 34.71 -55.78 13.86
N ALA F 56 34.27 -55.84 12.61
CA ALA F 56 34.06 -54.62 11.87
C ALA F 56 33.03 -53.72 12.56
N PHE F 57 31.96 -54.31 13.07
CA PHE F 57 30.93 -53.52 13.73
C PHE F 57 31.35 -52.95 15.07
N ALA F 58 32.16 -53.70 15.80
CA ALA F 58 32.68 -53.21 17.06
C ALA F 58 33.52 -51.97 16.82
N ILE F 59 34.37 -52.04 15.79
CA ILE F 59 35.23 -50.90 15.45
C ILE F 59 34.38 -49.72 14.99
N ALA F 60 33.40 -49.99 14.12
CA ALA F 60 32.49 -48.94 13.66
C ALA F 60 31.79 -48.27 14.82
N ALA F 61 31.26 -49.06 15.75
CA ALA F 61 30.54 -48.53 16.92
C ALA F 61 31.41 -47.70 17.85
N ALA F 62 32.67 -48.11 18.04
CA ALA F 62 33.50 -47.44 19.03
C ALA F 62 34.00 -46.11 18.49
N TYR F 63 34.11 -46.01 17.18
CA TYR F 63 34.68 -44.81 16.58
C TYR F 63 33.63 -43.71 16.35
N GLN F 64 33.89 -42.53 16.89
CA GLN F 64 33.03 -41.37 16.69
C GLN F 64 33.68 -40.43 15.70
N PRO F 65 33.23 -40.46 14.45
CA PRO F 65 33.78 -39.53 13.46
C PRO F 65 33.66 -38.08 13.94
N LYS F 66 34.69 -37.29 13.69
CA LYS F 66 34.64 -35.87 14.07
C LYS F 66 34.92 -34.99 12.85
N LEU F 67 34.90 -35.57 11.65
CA LEU F 67 35.18 -34.81 10.44
C LEU F 67 34.26 -33.61 10.33
N THR F 68 34.82 -32.45 10.04
CA THR F 68 33.99 -31.31 9.66
C THR F 68 33.32 -31.58 8.32
N ARG F 69 32.30 -30.80 7.99
CA ARG F 69 31.67 -30.91 6.68
C ARG F 69 32.68 -30.65 5.56
N TYR F 70 33.57 -29.69 5.78
CA TYR F 70 34.65 -29.48 4.81
C TYR F 70 35.51 -30.74 4.58
N GLU F 71 35.95 -31.38 5.66
CA GLU F 71 36.77 -32.59 5.52
C GLU F 71 36.04 -33.71 4.78
N ARG F 72 34.78 -33.91 5.14
CA ARG F 72 33.95 -34.91 4.48
C ARG F 72 33.86 -34.60 2.99
N GLN F 73 33.57 -33.33 2.66
CA GLN F 73 33.50 -32.96 1.26
C GLN F 73 34.82 -33.28 0.51
N LYS F 74 35.96 -32.95 1.12
CA LYS F 74 37.27 -33.21 0.51
C LYS F 74 37.44 -34.68 0.20
N ILE F 75 37.13 -35.51 1.19
CA ILE F 75 37.22 -36.94 1.01
C ILE F 75 36.34 -37.39 -0.15
N LEU F 76 35.09 -36.94 -0.14
CA LEU F 76 34.16 -37.40 -1.16
C LEU F 76 34.58 -36.94 -2.57
N LEU F 77 35.09 -35.71 -2.64
CA LEU F 77 35.46 -35.12 -3.91
C LEU F 77 36.81 -35.70 -4.40
N ALA F 78 37.70 -35.97 -3.47
CA ALA F 78 38.92 -36.71 -3.79
C ALA F 78 38.56 -38.08 -4.37
N THR F 79 37.62 -38.76 -3.73
CA THR F 79 37.16 -40.06 -4.19
C THR F 79 36.63 -39.98 -5.62
N ALA F 80 35.76 -39.00 -5.87
CA ALA F 80 35.26 -38.81 -7.23
C ALA F 80 36.37 -38.63 -8.26
N GLU F 81 37.39 -37.85 -7.93
CA GLU F 81 38.47 -37.74 -8.91
C GLU F 81 39.23 -39.01 -9.09
N ALA F 82 39.44 -39.74 -8.01
CA ALA F 82 40.19 -40.99 -8.17
C ALA F 82 39.37 -41.91 -9.07
N LEU F 83 38.05 -41.89 -8.91
CA LEU F 83 37.21 -42.73 -9.78
C LEU F 83 37.37 -42.37 -11.24
N ALA F 84 37.37 -41.06 -11.52
CA ALA F 84 37.58 -40.59 -12.89
C ALA F 84 38.99 -40.94 -13.36
N ALA F 85 39.99 -40.68 -12.51
CA ALA F 85 41.37 -40.99 -12.88
C ALA F 85 41.56 -42.48 -13.18
N ARG F 86 40.94 -43.33 -12.37
CA ARG F 86 41.20 -44.77 -12.50
C ARG F 86 40.10 -45.54 -13.21
N LYS F 87 39.29 -44.85 -14.00
CA LYS F 87 38.07 -45.48 -14.47
C LYS F 87 38.33 -46.73 -15.33
N GLU F 88 39.41 -46.73 -16.11
CA GLU F 88 39.71 -47.86 -16.96
C GLU F 88 39.99 -49.11 -16.11
N GLU F 89 40.81 -48.92 -15.09
CA GLU F 89 41.13 -49.99 -14.14
C GLU F 89 39.88 -50.47 -13.40
N ILE F 90 39.07 -49.52 -12.90
CA ILE F 90 37.89 -49.90 -12.15
C ILE F 90 36.86 -50.65 -13.01
N SER F 91 36.65 -50.16 -14.22
CA SER F 91 35.67 -50.83 -15.07
C SER F 91 36.14 -52.21 -15.55
N ASP F 92 37.47 -52.36 -15.67
CA ASP F 92 38.02 -53.68 -15.90
C ASP F 92 37.58 -54.64 -14.81
N VAL F 93 37.79 -54.23 -13.57
CA VAL F 93 37.40 -55.08 -12.44
C VAL F 93 35.91 -55.40 -12.48
N ILE F 94 35.08 -54.40 -12.76
CA ILE F 94 33.64 -54.61 -12.83
C ILE F 94 33.29 -55.62 -13.92
N THR F 95 33.81 -55.39 -15.11
CA THR F 95 33.52 -56.25 -16.25
C THR F 95 33.98 -57.68 -15.98
N LEU F 96 35.16 -57.81 -15.37
CA LEU F 96 35.73 -59.13 -15.12
C LEU F 96 34.95 -59.94 -14.10
N GLU F 97 34.24 -59.29 -13.17
CA GLU F 97 33.42 -60.09 -12.25
C GLU F 97 31.93 -60.14 -12.59
N LEU F 98 31.45 -59.14 -13.32
CA LEU F 98 30.04 -59.04 -13.61
C LEU F 98 29.75 -59.53 -15.03
N GLY F 99 30.63 -59.22 -15.97
CA GLY F 99 30.45 -59.68 -17.33
C GLY F 99 29.75 -58.68 -18.24
N ILE F 100 29.29 -57.56 -17.68
CA ILE F 100 28.74 -56.48 -18.53
C ILE F 100 29.86 -55.88 -19.35
N SER F 101 29.48 -55.34 -20.50
CA SER F 101 30.41 -54.71 -21.43
C SER F 101 31.18 -53.56 -20.79
N LYS F 102 32.37 -53.28 -21.31
CA LYS F 102 33.16 -52.14 -20.87
C LYS F 102 32.37 -50.83 -21.05
N ALA F 103 31.59 -50.76 -22.11
CA ALA F 103 30.71 -49.61 -22.30
C ALA F 103 29.83 -49.42 -21.04
N ASP F 104 29.11 -50.45 -20.64
CA ASP F 104 28.30 -50.38 -19.45
C ASP F 104 29.13 -50.15 -18.19
N SER F 105 30.28 -50.80 -18.06
CA SER F 105 31.03 -50.64 -16.80
C SER F 105 31.71 -49.26 -16.75
N LEU F 106 32.10 -48.73 -17.89
CA LEU F 106 32.64 -47.35 -17.86
C LEU F 106 31.52 -46.39 -17.45
N TYR F 107 30.32 -46.68 -17.93
CA TYR F 107 29.16 -45.87 -17.59
C TYR F 107 28.88 -45.96 -16.08
N GLU F 108 29.07 -47.15 -15.52
CA GLU F 108 28.89 -47.31 -14.08
C GLU F 108 29.84 -46.45 -13.28
N VAL F 109 31.09 -46.37 -13.71
CA VAL F 109 32.05 -45.52 -13.03
C VAL F 109 31.61 -44.06 -13.09
N GLY F 110 31.05 -43.65 -14.22
CA GLY F 110 30.48 -42.33 -14.33
C GLY F 110 29.37 -42.05 -13.29
N ARG F 111 28.47 -43.02 -13.11
CA ARG F 111 27.44 -42.90 -12.10
C ARG F 111 28.05 -42.76 -10.72
N ALA F 112 29.00 -43.63 -10.37
CA ALA F 112 29.65 -43.53 -9.05
C ALA F 112 30.35 -42.19 -8.89
N PHE F 113 30.94 -41.70 -9.97
CA PHE F 113 31.56 -40.37 -9.97
C PHE F 113 30.53 -39.29 -9.58
N ASP F 114 29.32 -39.40 -10.14
CA ASP F 114 28.19 -38.53 -9.78
C ASP F 114 27.76 -38.71 -8.32
N VAL F 115 27.66 -39.96 -7.87
CA VAL F 115 27.27 -40.20 -6.49
C VAL F 115 28.21 -39.46 -5.57
N PHE F 116 29.51 -39.63 -5.77
CA PHE F 116 30.45 -39.08 -4.81
C PHE F 116 30.52 -37.55 -4.94
N THR F 117 30.35 -37.06 -6.15
CA THR F 117 30.39 -35.63 -6.37
C THR F 117 29.20 -34.95 -5.71
N LEU F 118 28.03 -35.55 -5.87
CA LEU F 118 26.83 -34.92 -5.34
C LEU F 118 26.77 -35.07 -3.83
N ALA F 119 27.17 -36.24 -3.32
CA ALA F 119 27.31 -36.39 -1.88
C ALA F 119 28.30 -35.36 -1.32
N GLY F 120 29.43 -35.17 -2.01
CA GLY F 120 30.41 -34.17 -1.59
C GLY F 120 29.81 -32.76 -1.51
N GLN F 121 29.08 -32.41 -2.56
CA GLN F 121 28.48 -31.08 -2.63
C GLN F 121 27.31 -30.89 -1.67
N MET F 122 26.60 -31.97 -1.33
CA MET F 122 25.52 -31.89 -0.36
C MET F 122 25.96 -31.69 1.10
N CYS F 123 27.26 -31.86 1.36
CA CYS F 123 27.84 -31.65 2.70
C CYS F 123 27.74 -30.26 3.28
N ILE F 124 27.69 -29.24 2.43
CA ILE F 124 27.63 -27.88 2.88
C ILE F 124 26.23 -27.55 3.37
N ARG F 125 25.36 -28.53 3.24
CA ARG F 125 23.94 -28.36 3.39
C ARG F 125 23.38 -28.73 4.78
N ASP F 126 22.72 -27.80 5.47
CA ASP F 126 22.12 -28.07 6.78
C ASP F 126 20.61 -27.88 6.67
N ASP F 127 19.84 -28.95 6.80
CA ASP F 127 18.41 -28.85 6.59
C ASP F 127 17.67 -28.66 7.91
N GLY F 128 18.37 -28.17 8.92
CA GLY F 128 17.75 -27.88 10.21
C GLY F 128 16.56 -26.96 10.07
N GLU F 129 15.61 -27.08 10.98
CA GLU F 129 14.44 -26.23 10.97
C GLU F 129 14.28 -25.53 12.30
N ILE F 130 13.47 -24.49 12.28
CA ILE F 130 13.13 -23.76 13.45
C ILE F 130 11.61 -23.69 13.58
N PHE F 131 11.10 -23.89 14.79
CA PHE F 131 9.68 -23.78 15.10
C PHE F 131 9.49 -22.73 16.17
N SER F 132 8.51 -21.88 15.98
CA SER F 132 8.08 -20.96 17.03
C SER F 132 7.04 -21.68 17.84
N CYS F 133 7.00 -21.42 19.15
CA CYS F 133 6.16 -22.22 20.01
C CYS F 133 4.90 -21.53 20.58
N ASP F 134 4.69 -20.25 20.23
CA ASP F 134 3.57 -19.46 20.70
C ASP F 134 2.34 -19.58 19.77
N LEU F 135 1.93 -20.82 19.51
CA LEU F 135 1.07 -21.14 18.37
C LEU F 135 -0.38 -21.40 18.73
N THR F 136 -0.61 -21.83 19.97
CA THR F 136 -1.93 -22.28 20.37
C THR F 136 -2.16 -21.79 21.80
N PRO F 137 -3.32 -22.12 22.39
CA PRO F 137 -3.56 -21.69 23.77
C PRO F 137 -2.53 -22.32 24.69
N HIS F 138 -1.90 -23.42 24.27
CA HIS F 138 -0.85 -24.00 25.09
C HIS F 138 0.54 -23.45 24.74
N GLY F 139 0.61 -22.37 23.98
CA GLY F 139 1.87 -21.88 23.44
C GLY F 139 2.85 -21.36 24.47
N LYS F 140 4.11 -21.24 24.10
CA LYS F 140 5.11 -20.64 24.98
C LYS F 140 6.12 -19.79 24.21
N ALA F 141 6.77 -18.87 24.92
CA ALA F 141 7.74 -17.97 24.33
C ALA F 141 9.06 -18.72 24.20
N ARG F 142 9.20 -19.47 23.12
CA ARG F 142 10.23 -20.47 23.02
C ARG F 142 10.41 -20.81 21.55
N LYS F 143 11.61 -21.27 21.20
CA LYS F 143 11.86 -21.80 19.86
C LYS F 143 12.43 -23.20 19.94
N ILE F 144 12.00 -24.04 19.01
CA ILE F 144 12.56 -25.36 18.81
C ILE F 144 13.46 -25.34 17.58
N PHE F 145 14.62 -25.97 17.71
CA PHE F 145 15.61 -26.10 16.64
C PHE F 145 15.88 -27.56 16.32
N THR F 146 16.23 -27.84 15.08
CA THR F 146 16.50 -29.20 14.65
C THR F 146 17.94 -29.39 14.25
N MET F 147 18.48 -30.57 14.49
CA MET F 147 19.79 -30.93 13.97
C MET F 147 19.85 -32.45 13.75
N ARG F 148 20.81 -32.88 12.94
CA ARG F 148 21.00 -34.29 12.67
C ARG F 148 22.29 -34.83 13.28
N GLU F 149 22.25 -36.08 13.75
CA GLU F 149 23.42 -36.76 14.29
C GLU F 149 23.54 -38.14 13.64
N PRO F 150 24.78 -38.65 13.53
CA PRO F 150 24.99 -39.96 12.93
C PRO F 150 24.50 -41.10 13.82
N LEU F 151 24.47 -42.28 13.25
CA LEU F 151 24.06 -43.48 13.99
C LEU F 151 25.29 -44.19 14.55
N THR F 152 25.06 -45.26 15.29
CA THR F 152 26.18 -46.01 15.85
C THR F 152 26.98 -46.72 14.76
N ALA F 153 26.28 -47.49 13.93
CA ALA F 153 26.88 -48.23 12.83
C ALA F 153 25.80 -48.54 11.79
N ILE F 154 26.21 -48.58 10.53
CA ILE F 154 25.30 -48.90 9.46
C ILE F 154 25.77 -50.16 8.77
N SER F 155 24.82 -51.02 8.41
CA SER F 155 25.13 -52.26 7.72
C SER F 155 24.63 -52.14 6.27
N ALA F 156 25.51 -52.39 5.31
CA ALA F 156 25.15 -52.21 3.91
C ALA F 156 25.38 -53.51 3.17
N ILE F 157 24.35 -53.99 2.50
CA ILE F 157 24.43 -55.25 1.79
C ILE F 157 24.09 -54.95 0.34
N THR F 158 25.02 -55.25 -0.56
CA THR F 158 24.89 -54.86 -1.97
C THR F 158 24.88 -56.05 -2.95
N PRO F 159 24.20 -55.90 -4.09
CA PRO F 159 24.01 -56.92 -5.11
C PRO F 159 25.02 -56.86 -6.27
N PHE F 160 24.90 -57.79 -7.23
CA PHE F 160 25.92 -57.98 -8.26
C PHE F 160 25.79 -56.97 -9.40
N ASN F 161 24.56 -56.55 -9.57
CA ASN F 161 24.05 -55.56 -10.48
C ASN F 161 24.91 -54.33 -10.86
N HIS F 162 25.36 -53.62 -9.84
CA HIS F 162 26.24 -52.46 -9.98
C HIS F 162 27.25 -52.61 -8.86
N PRO F 163 28.27 -53.41 -9.10
CA PRO F 163 29.26 -53.76 -8.07
C PRO F 163 29.91 -52.49 -7.52
N LEU F 164 29.91 -51.41 -8.29
CA LEU F 164 30.51 -50.17 -7.84
C LEU F 164 29.46 -49.17 -7.34
N ASN F 165 28.51 -48.84 -8.21
CA ASN F 165 27.55 -47.78 -7.92
C ASN F 165 26.65 -48.05 -6.72
N MET F 166 26.25 -49.30 -6.56
CA MET F 166 25.51 -49.74 -5.38
C MET F 166 26.25 -49.51 -4.08
N VAL F 167 27.54 -49.80 -4.08
CA VAL F 167 28.33 -49.56 -2.90
C VAL F 167 28.45 -48.04 -2.68
N ALA F 168 28.72 -47.33 -3.76
CA ALA F 168 28.81 -45.87 -3.75
C ALA F 168 27.58 -45.25 -3.13
N HIS F 169 26.40 -45.72 -3.52
CA HIS F 169 25.16 -45.13 -3.00
C HIS F 169 24.99 -45.36 -1.52
N LYS F 170 25.60 -46.43 -0.99
CA LYS F 170 25.40 -46.72 0.42
C LYS F 170 26.51 -46.10 1.23
N VAL F 171 27.70 -46.03 0.64
CA VAL F 171 28.87 -45.55 1.39
C VAL F 171 29.04 -44.01 1.39
N ALA F 172 28.81 -43.38 0.24
CA ALA F 172 28.99 -41.93 0.16
C ALA F 172 28.08 -41.13 1.12
N PRO F 173 26.80 -41.50 1.20
CA PRO F 173 25.97 -40.75 2.15
C PRO F 173 26.39 -41.03 3.58
N ALA F 174 26.93 -42.22 3.86
CA ALA F 174 27.38 -42.52 5.24
C ALA F 174 28.55 -41.62 5.60
N ILE F 175 29.51 -41.52 4.68
CA ILE F 175 30.67 -40.64 4.90
C ILE F 175 30.19 -39.22 5.13
N ALA F 176 29.27 -38.77 4.24
CA ALA F 176 28.79 -37.39 4.24
C ALA F 176 28.13 -37.05 5.61
N THR F 177 27.72 -38.07 6.37
CA THR F 177 27.00 -37.87 7.62
C THR F 177 27.79 -38.28 8.85
N ASN F 178 29.05 -38.57 8.69
CA ASN F 178 29.85 -39.00 9.84
C ASN F 178 29.35 -40.31 10.45
N ASN F 179 28.90 -41.22 9.60
CA ASN F 179 28.57 -42.57 10.01
C ASN F 179 29.74 -43.53 9.83
N CYS F 180 29.62 -44.72 10.38
CA CYS F 180 30.60 -45.77 10.13
C CYS F 180 29.86 -46.92 9.49
N VAL F 181 30.30 -47.34 8.32
CA VAL F 181 29.55 -48.34 7.62
C VAL F 181 30.36 -49.60 7.42
N VAL F 182 29.67 -50.72 7.46
CA VAL F 182 30.30 -52.00 7.09
C VAL F 182 29.53 -52.56 5.92
N VAL F 183 30.26 -52.85 4.85
CA VAL F 183 29.66 -53.33 3.63
C VAL F 183 29.97 -54.79 3.40
N LYS F 184 28.93 -55.57 3.10
CA LYS F 184 29.12 -56.91 2.58
C LYS F 184 28.58 -57.02 1.16
N PRO F 185 29.44 -56.90 0.18
CA PRO F 185 29.01 -57.07 -1.23
C PRO F 185 28.68 -58.53 -1.48
N THR F 186 27.88 -58.81 -2.50
CA THR F 186 27.62 -60.18 -2.89
C THR F 186 28.92 -60.90 -3.24
N GLU F 187 28.97 -62.18 -2.91
CA GLU F 187 30.17 -62.98 -3.17
C GLU F 187 30.38 -63.12 -4.67
N LEU F 188 29.38 -62.75 -5.47
CA LEU F 188 29.52 -62.82 -6.92
C LEU F 188 30.41 -61.73 -7.50
N THR F 189 30.42 -60.58 -6.84
CA THR F 189 31.11 -59.40 -7.37
C THR F 189 31.72 -58.54 -6.25
N PRO F 190 32.55 -59.17 -5.40
CA PRO F 190 33.03 -58.49 -4.20
C PRO F 190 34.27 -57.60 -4.46
N MET F 191 34.95 -57.82 -5.58
CA MET F 191 36.25 -57.17 -5.78
C MET F 191 36.17 -55.68 -6.01
N THR F 192 35.12 -55.25 -6.72
CA THR F 192 34.93 -53.82 -6.93
C THR F 192 34.77 -53.10 -5.62
N ALA F 193 34.03 -53.69 -4.68
CA ALA F 193 33.83 -53.09 -3.36
C ALA F 193 35.16 -52.93 -2.63
N LEU F 194 36.01 -53.95 -2.70
CA LEU F 194 37.29 -53.95 -2.00
C LEU F 194 38.18 -52.83 -2.56
N LEU F 195 38.18 -52.70 -3.88
CA LEU F 195 38.92 -51.62 -4.56
C LEU F 195 38.35 -50.25 -4.15
N LEU F 196 37.05 -50.13 -4.03
CA LEU F 196 36.50 -48.82 -3.66
C LEU F 196 36.97 -48.44 -2.28
N ALA F 197 37.05 -49.44 -1.39
CA ALA F 197 37.54 -49.21 -0.03
C ALA F 197 38.94 -48.63 -0.06
N ASP F 198 39.81 -49.25 -0.85
CA ASP F 198 41.19 -48.79 -1.00
C ASP F 198 41.23 -47.33 -1.49
N ILE F 199 40.41 -47.02 -2.48
CA ILE F 199 40.34 -45.65 -2.98
C ILE F 199 39.91 -44.68 -1.88
N LEU F 200 38.89 -45.06 -1.12
CA LEU F 200 38.45 -44.23 0.01
C LEU F 200 39.51 -44.00 1.08
N TYR F 201 40.26 -45.04 1.44
CA TYR F 201 41.31 -44.87 2.43
C TYR F 201 42.37 -43.90 1.90
N GLU F 202 42.72 -44.04 0.63
CA GLU F 202 43.71 -43.19 0.00
C GLU F 202 43.22 -41.76 -0.10
N ALA F 203 41.91 -41.59 -0.29
CA ALA F 203 41.32 -40.26 -0.35
C ALA F 203 41.27 -39.60 1.01
N GLY F 204 41.67 -40.31 2.06
CA GLY F 204 41.75 -39.71 3.38
C GLY F 204 40.66 -40.07 4.37
N LEU F 205 39.79 -41.03 4.04
CA LEU F 205 38.79 -41.45 4.99
C LEU F 205 39.45 -42.09 6.24
N PRO F 206 39.02 -41.67 7.44
CA PRO F 206 39.47 -42.42 8.61
C PRO F 206 38.99 -43.85 8.45
N PRO F 207 39.92 -44.82 8.54
CA PRO F 207 39.64 -46.20 8.14
C PRO F 207 38.51 -46.81 8.97
N GLU F 208 38.32 -46.33 10.21
CA GLU F 208 37.29 -46.90 11.07
C GLU F 208 35.90 -46.68 10.50
N MET F 209 35.79 -45.74 9.58
CA MET F 209 34.49 -45.40 9.00
C MET F 209 33.99 -46.35 7.89
N LEU F 210 34.85 -47.22 7.40
CA LEU F 210 34.47 -48.16 6.37
C LEU F 210 35.17 -49.52 6.52
N SER F 211 34.39 -50.59 6.55
CA SER F 211 34.99 -51.92 6.35
C SER F 211 34.24 -52.56 5.21
N VAL F 212 34.90 -53.47 4.51
CA VAL F 212 34.24 -54.29 3.53
C VAL F 212 34.58 -55.73 3.86
N VAL F 213 33.55 -56.52 4.18
CA VAL F 213 33.76 -57.92 4.49
C VAL F 213 33.16 -58.77 3.40
N THR F 214 33.66 -59.98 3.26
CA THR F 214 33.21 -60.88 2.20
C THR F 214 32.99 -62.27 2.79
N GLY F 215 32.13 -63.07 2.17
CA GLY F 215 31.92 -64.42 2.62
C GLY F 215 30.63 -65.00 2.11
N TRP F 216 30.37 -66.26 2.47
CA TRP F 216 29.13 -66.89 2.05
C TRP F 216 27.99 -66.35 2.90
N PRO F 217 26.81 -66.19 2.30
CA PRO F 217 25.67 -65.67 3.04
C PRO F 217 25.45 -66.46 4.33
N ALA F 218 25.59 -67.78 4.23
CA ALA F 218 25.34 -68.72 5.35
C ALA F 218 26.29 -68.55 6.54
N ASP F 219 27.38 -67.83 6.35
CA ASP F 219 28.39 -67.62 7.38
C ASP F 219 28.38 -66.21 7.96
N ILE F 220 28.40 -65.21 7.10
CA ILE F 220 28.61 -63.84 7.53
C ILE F 220 27.34 -63.02 7.30
N GLY F 221 26.43 -63.56 6.51
CA GLY F 221 25.24 -62.81 6.15
C GLY F 221 24.37 -62.40 7.31
N MET F 222 24.19 -63.29 8.27
CA MET F 222 23.23 -63.08 9.34
C MET F 222 23.79 -62.06 10.31
N GLU F 223 25.10 -62.07 10.50
CA GLU F 223 25.73 -61.13 11.40
C GLU F 223 25.44 -59.69 10.92
N MET F 224 25.47 -59.50 9.60
CA MET F 224 25.19 -58.19 9.00
C MET F 224 23.80 -57.69 9.37
N ILE F 225 22.93 -58.63 9.69
CA ILE F 225 21.52 -58.30 9.96
C ILE F 225 21.22 -58.16 11.47
N THR F 226 21.98 -58.86 12.31
CA THR F 226 21.60 -59.00 13.70
C THR F 226 22.58 -58.39 14.67
N ASN F 227 23.76 -58.03 14.15
CA ASN F 227 24.74 -57.42 15.03
C ASN F 227 24.14 -56.32 15.88
N PRO F 228 24.39 -56.37 17.19
CA PRO F 228 23.76 -55.43 18.12
C PRO F 228 24.16 -53.96 17.94
N HIS F 229 25.30 -53.69 17.33
CA HIS F 229 25.69 -52.30 17.10
C HIS F 229 24.96 -51.66 15.92
N VAL F 230 24.33 -52.47 15.08
CA VAL F 230 23.75 -51.98 13.84
C VAL F 230 22.43 -51.23 14.08
N ASP F 231 22.44 -49.95 13.72
CA ASP F 231 21.27 -49.11 13.87
C ASP F 231 20.40 -49.16 12.63
N LEU F 232 21.04 -49.46 11.50
CA LEU F 232 20.33 -49.44 10.25
C LEU F 232 20.93 -50.42 9.26
N VAL F 233 20.06 -51.21 8.64
CA VAL F 233 20.46 -52.10 7.55
C VAL F 233 19.95 -51.52 6.25
N THR F 234 20.86 -51.27 5.32
CA THR F 234 20.45 -50.85 3.99
C THR F 234 20.84 -51.92 2.96
N PHE F 235 19.83 -52.45 2.32
CA PHE F 235 19.97 -53.63 1.48
C PHE F 235 19.35 -53.42 0.11
N THR F 236 20.07 -53.83 -0.92
CA THR F 236 19.53 -53.83 -2.27
C THR F 236 19.76 -55.24 -2.78
N GLY F 237 18.70 -55.88 -3.28
CA GLY F 237 18.78 -57.27 -3.66
C GLY F 237 17.44 -57.85 -4.08
N SER F 238 17.32 -59.18 -3.96
CA SER F 238 16.13 -59.88 -4.43
C SER F 238 14.99 -59.80 -3.42
N VAL F 239 13.77 -60.04 -3.87
CA VAL F 239 12.59 -60.03 -2.99
C VAL F 239 12.69 -61.04 -1.83
N PRO F 240 13.02 -62.29 -2.15
CA PRO F 240 13.13 -63.33 -1.12
C PRO F 240 14.15 -63.00 -0.04
N VAL F 241 15.35 -62.59 -0.44
CA VAL F 241 16.35 -62.21 0.56
C VAL F 241 15.90 -60.97 1.33
N GLY F 242 15.29 -60.01 0.63
CA GLY F 242 14.77 -58.83 1.29
C GLY F 242 13.74 -59.17 2.36
N LYS F 243 12.83 -60.08 2.01
CA LYS F 243 11.75 -60.44 2.92
C LYS F 243 12.32 -61.15 4.14
N LEU F 244 13.36 -61.94 3.88
CA LEU F 244 14.10 -62.60 4.92
C LEU F 244 14.70 -61.59 5.88
N ILE F 245 15.40 -60.61 5.32
CA ILE F 245 16.04 -59.57 6.11
C ILE F 245 14.98 -58.87 6.96
N ALA F 246 13.84 -58.55 6.35
CA ALA F 246 12.81 -57.81 7.05
C ALA F 246 12.37 -58.58 8.27
N ALA F 247 12.41 -59.91 8.15
CA ALA F 247 11.97 -60.78 9.22
C ALA F 247 12.98 -60.92 10.35
N ASN F 248 14.27 -60.79 10.01
CA ASN F 248 15.33 -61.05 10.98
C ASN F 248 15.98 -59.82 11.61
N ALA F 249 15.82 -58.65 11.01
CA ALA F 249 16.45 -57.43 11.56
C ALA F 249 15.48 -56.68 12.47
N HIS F 250 14.96 -57.37 13.47
CA HIS F 250 14.04 -56.78 14.42
C HIS F 250 14.54 -55.48 15.02
N TYR F 251 13.66 -54.49 15.08
CA TYR F 251 13.96 -53.28 15.80
C TYR F 251 15.22 -52.58 15.30
N LYS F 252 15.58 -52.84 14.05
CA LYS F 252 16.58 -52.03 13.37
C LYS F 252 15.86 -51.35 12.24
N ARG F 253 16.19 -50.10 11.98
CA ARG F 253 15.68 -49.50 10.77
C ARG F 253 16.21 -50.32 9.60
N GLN F 254 15.41 -50.43 8.56
CA GLN F 254 15.81 -51.14 7.35
C GLN F 254 15.38 -50.33 6.18
N VAL F 255 16.28 -50.20 5.20
CA VAL F 255 15.92 -49.62 3.94
C VAL F 255 16.14 -50.75 2.95
N LEU F 256 15.03 -51.28 2.43
CA LEU F 256 15.11 -52.41 1.52
C LEU F 256 14.72 -52.06 0.09
N GLU F 257 15.62 -52.31 -0.83
CA GLU F 257 15.40 -51.98 -2.23
C GLU F 257 15.41 -53.27 -2.99
N LEU F 258 14.25 -53.67 -3.47
CA LEU F 258 14.10 -54.98 -4.06
C LEU F 258 13.93 -54.80 -5.56
N GLY F 259 13.42 -55.79 -6.27
CA GLY F 259 13.37 -55.61 -7.70
C GLY F 259 12.35 -54.61 -8.23
N GLY F 260 12.25 -54.57 -9.55
CA GLY F 260 11.18 -53.87 -10.23
C GLY F 260 10.74 -54.74 -11.39
N ASN F 261 9.67 -54.35 -12.07
CA ASN F 261 9.22 -55.02 -13.28
C ASN F 261 8.65 -53.90 -14.12
N ASP F 262 9.54 -53.02 -14.56
CA ASP F 262 9.09 -51.68 -14.91
C ASP F 262 8.67 -51.59 -16.38
N PRO F 263 7.54 -50.91 -16.63
CA PRO F 263 7.05 -50.75 -17.99
C PRO F 263 7.61 -49.51 -18.72
N LEU F 264 7.78 -49.65 -20.04
CA LEU F 264 7.85 -48.49 -20.92
C LEU F 264 6.55 -48.51 -21.73
N ILE F 265 5.72 -47.50 -21.53
CA ILE F 265 4.36 -47.49 -22.09
C ILE F 265 4.32 -46.57 -23.29
N ILE F 266 3.81 -47.10 -24.41
CA ILE F 266 3.79 -46.35 -25.64
C ILE F 266 2.36 -46.05 -26.02
N LEU F 267 1.99 -44.77 -25.96
CA LEU F 267 0.59 -44.37 -26.16
C LEU F 267 0.27 -44.14 -27.63
N ASN F 268 -0.99 -44.31 -28.02
CA ASN F 268 -1.36 -44.29 -29.44
C ASN F 268 -1.40 -42.92 -30.12
N ASP F 269 -1.04 -41.86 -29.42
CA ASP F 269 -1.03 -40.52 -30.03
C ASP F 269 0.26 -40.26 -30.81
N LEU F 270 1.23 -41.15 -30.66
CA LEU F 270 2.53 -40.87 -31.20
C LEU F 270 2.64 -40.96 -32.73
N SER F 271 3.39 -40.03 -33.31
CA SER F 271 3.71 -40.05 -34.74
C SER F 271 4.78 -41.09 -35.01
N ASP F 272 5.01 -41.40 -36.28
CA ASP F 272 6.00 -42.43 -36.60
C ASP F 272 7.39 -41.99 -36.16
N ASP F 273 7.66 -40.69 -36.31
CA ASP F 273 8.88 -40.09 -35.79
C ASP F 273 9.07 -40.32 -34.30
N ASP F 274 8.01 -40.12 -33.52
CA ASP F 274 8.11 -40.37 -32.08
C ASP F 274 8.14 -41.84 -31.72
N LEU F 275 7.50 -42.68 -32.54
CA LEU F 275 7.54 -44.11 -32.32
C LEU F 275 8.98 -44.55 -32.47
N ALA F 276 9.71 -43.89 -33.35
CA ALA F 276 11.13 -44.23 -33.51
C ALA F 276 11.97 -43.85 -32.28
N ARG F 277 11.68 -42.69 -31.70
CA ARG F 277 12.37 -42.31 -30.46
C ARG F 277 12.00 -43.22 -29.30
N ALA F 278 10.73 -43.55 -29.20
CA ALA F 278 10.28 -44.48 -28.19
C ALA F 278 10.98 -45.82 -28.40
N ALA F 279 11.12 -46.25 -29.64
CA ALA F 279 11.82 -47.50 -29.89
C ALA F 279 13.24 -47.44 -29.34
N ASP F 280 13.90 -46.29 -29.54
CA ASP F 280 15.26 -46.12 -29.05
C ASP F 280 15.28 -46.33 -27.53
N LEU F 281 14.29 -45.74 -26.85
CA LEU F 281 14.21 -45.87 -25.40
C LEU F 281 13.97 -47.31 -25.02
N ALA F 282 13.06 -47.95 -25.74
CA ALA F 282 12.67 -49.31 -25.43
C ALA F 282 13.90 -50.21 -25.48
N VAL F 283 14.67 -50.11 -26.57
CA VAL F 283 15.82 -50.98 -26.72
C VAL F 283 16.90 -50.68 -25.68
N ALA F 284 17.21 -49.41 -25.49
CA ALA F 284 18.22 -49.02 -24.51
C ALA F 284 17.77 -49.41 -23.10
N GLY F 285 16.52 -49.12 -22.77
CA GLY F 285 16.03 -49.39 -21.43
C GLY F 285 16.01 -50.88 -21.13
N ALA F 286 15.75 -51.68 -22.16
CA ALA F 286 15.64 -53.13 -21.96
C ALA F 286 17.00 -53.82 -21.89
N THR F 287 18.05 -53.21 -22.46
CA THR F 287 19.28 -53.98 -22.65
C THR F 287 20.50 -53.42 -21.93
N LYS F 288 20.41 -52.18 -21.54
CA LYS F 288 21.45 -51.51 -20.78
C LYS F 288 21.87 -52.33 -19.55
N ASN F 289 23.16 -52.36 -19.25
CA ASN F 289 23.67 -53.18 -18.15
C ASN F 289 23.23 -54.64 -18.32
N SER F 290 23.07 -55.08 -19.57
CA SER F 290 22.55 -56.43 -19.87
C SER F 290 21.17 -56.59 -19.23
N GLY F 291 20.42 -55.50 -19.15
CA GLY F 291 19.07 -55.57 -18.63
C GLY F 291 19.09 -55.84 -17.14
N GLN F 292 20.27 -55.77 -16.53
CA GLN F 292 20.34 -56.07 -15.10
C GLN F 292 20.16 -54.80 -14.25
N ARG F 293 18.97 -54.23 -14.30
CA ARG F 293 18.63 -53.10 -13.41
C ARG F 293 17.28 -53.35 -12.78
N CYS F 294 17.14 -52.97 -11.50
CA CYS F 294 15.83 -53.01 -10.86
C CYS F 294 14.82 -52.24 -11.72
N THR F 295 15.30 -51.20 -12.38
CA THR F 295 14.48 -50.28 -13.18
C THR F 295 14.63 -50.47 -14.71
N ALA F 296 15.18 -51.61 -15.12
CA ALA F 296 15.27 -51.92 -16.54
C ALA F 296 13.86 -51.91 -17.14
N VAL F 297 13.76 -51.62 -18.43
CA VAL F 297 12.50 -51.84 -19.13
C VAL F 297 12.29 -53.36 -19.23
N LYS F 298 11.30 -53.90 -18.54
CA LYS F 298 11.05 -55.34 -18.54
C LYS F 298 9.71 -55.66 -19.22
N ARG F 299 8.97 -54.62 -19.55
CA ARG F 299 7.66 -54.79 -20.18
C ARG F 299 7.49 -53.58 -21.06
N ILE F 300 7.37 -53.81 -22.36
CA ILE F 300 7.04 -52.70 -23.27
C ILE F 300 5.55 -52.80 -23.56
N LEU F 301 4.78 -51.88 -22.97
CA LEU F 301 3.34 -51.89 -23.14
C LEU F 301 2.95 -50.99 -24.27
N CYS F 302 2.73 -51.59 -25.44
CA CYS F 302 2.42 -50.81 -26.63
C CYS F 302 0.94 -50.89 -26.99
N GLN F 303 0.31 -49.74 -27.12
CA GLN F 303 -1.11 -49.74 -27.41
C GLN F 303 -1.34 -50.29 -28.81
N GLU F 304 -2.37 -51.13 -28.97
CA GLU F 304 -2.59 -51.91 -30.21
C GLU F 304 -2.45 -51.06 -31.46
N SER F 305 -3.17 -49.94 -31.50
CA SER F 305 -3.19 -49.05 -32.65
C SER F 305 -1.84 -48.80 -33.29
N VAL F 306 -0.78 -48.72 -32.49
CA VAL F 306 0.51 -48.31 -33.01
C VAL F 306 1.55 -49.43 -33.01
N ALA F 307 1.15 -50.61 -32.54
CA ALA F 307 2.10 -51.72 -32.39
C ALA F 307 2.73 -52.12 -33.74
N ASP F 308 1.92 -52.17 -34.79
CA ASP F 308 2.43 -52.58 -36.10
C ASP F 308 3.47 -51.61 -36.64
N ARG F 309 3.36 -50.34 -36.30
CA ARG F 309 4.42 -49.39 -36.69
C ARG F 309 5.59 -49.39 -35.72
N PHE F 310 5.30 -49.64 -34.44
CA PHE F 310 6.32 -49.57 -33.39
C PHE F 310 7.27 -50.77 -33.41
N VAL F 311 6.71 -51.97 -33.45
CA VAL F 311 7.52 -53.19 -33.35
C VAL F 311 8.68 -53.28 -34.37
N PRO F 312 8.43 -52.96 -35.64
CA PRO F 312 9.53 -53.02 -36.62
C PRO F 312 10.64 -52.06 -36.27
N LEU F 313 10.29 -50.91 -35.71
CA LEU F 313 11.30 -49.94 -35.32
C LEU F 313 12.15 -50.49 -34.18
N VAL F 314 11.52 -51.17 -33.23
CA VAL F 314 12.26 -51.84 -32.17
C VAL F 314 13.16 -52.94 -32.73
N LEU F 315 12.58 -53.78 -33.56
CA LEU F 315 13.33 -54.89 -34.13
C LEU F 315 14.60 -54.40 -34.80
N GLU F 316 14.44 -53.39 -35.64
CA GLU F 316 15.56 -52.79 -36.36
C GLU F 316 16.67 -52.31 -35.45
N ARG F 317 16.31 -51.73 -34.30
CA ARG F 317 17.32 -51.21 -33.38
C ARG F 317 18.02 -52.33 -32.61
N ALA F 318 17.25 -53.34 -32.23
CA ALA F 318 17.79 -54.44 -31.47
C ALA F 318 18.87 -55.15 -32.31
N LYS F 319 18.60 -55.25 -33.62
CA LYS F 319 19.55 -55.93 -34.51
C LYS F 319 20.89 -55.20 -34.66
N ARG F 320 20.92 -53.92 -34.31
CA ARG F 320 22.14 -53.16 -34.46
C ARG F 320 23.09 -53.41 -33.32
N LEU F 321 22.56 -53.92 -32.19
CA LEU F 321 23.36 -54.08 -30.99
C LEU F 321 24.41 -55.17 -31.18
N ARG F 322 25.61 -54.86 -30.72
CA ARG F 322 26.69 -55.83 -30.75
C ARG F 322 26.84 -56.48 -29.39
N PHE F 323 26.63 -57.80 -29.36
CA PHE F 323 26.71 -58.58 -28.15
C PHE F 323 27.87 -59.57 -28.25
N GLY F 324 28.65 -59.70 -27.20
CA GLY F 324 29.83 -60.52 -27.29
C GLY F 324 30.84 -60.22 -26.20
N ASP F 325 32.11 -60.36 -26.55
CA ASP F 325 33.22 -60.17 -25.62
C ASP F 325 33.13 -58.83 -24.88
N PRO F 326 32.86 -58.89 -23.56
CA PRO F 326 32.63 -57.66 -22.81
C PRO F 326 33.87 -56.78 -22.74
N MET F 327 35.06 -57.37 -22.86
CA MET F 327 36.29 -56.58 -22.81
C MET F 327 36.56 -55.90 -24.17
N ASP F 328 35.79 -56.29 -25.18
CA ASP F 328 35.90 -55.61 -26.47
C ASP F 328 35.13 -54.30 -26.44
N ARG F 329 35.85 -53.20 -26.67
CA ARG F 329 35.29 -51.86 -26.50
C ARG F 329 34.22 -51.50 -27.51
N SER F 330 33.98 -52.33 -28.50
CA SER F 330 32.90 -52.04 -29.42
C SER F 330 31.72 -52.93 -29.10
N THR F 331 31.85 -53.73 -28.06
CA THR F 331 30.68 -54.48 -27.59
C THR F 331 29.69 -53.52 -26.90
N ASP F 332 28.41 -53.65 -27.25
CA ASP F 332 27.37 -52.91 -26.55
C ASP F 332 26.88 -53.70 -25.35
N LEU F 333 26.51 -54.94 -25.61
CA LEU F 333 25.89 -55.81 -24.64
C LEU F 333 26.81 -56.99 -24.33
N GLY F 334 27.23 -57.10 -23.07
CA GLY F 334 28.00 -58.24 -22.59
C GLY F 334 27.08 -59.31 -22.04
N THR F 335 27.56 -60.07 -21.06
CA THR F 335 26.80 -61.22 -20.58
C THR F 335 25.89 -60.81 -19.44
N VAL F 336 25.01 -61.71 -19.01
CA VAL F 336 24.35 -61.56 -17.72
C VAL F 336 25.18 -62.28 -16.67
N ILE F 337 24.76 -62.23 -15.41
CA ILE F 337 25.61 -62.58 -14.28
C ILE F 337 26.12 -64.01 -14.35
N HIS F 338 25.32 -64.93 -14.88
CA HIS F 338 25.80 -66.30 -15.09
C HIS F 338 24.90 -67.07 -16.03
N GLU F 339 25.35 -68.27 -16.37
CA GLU F 339 24.73 -69.04 -17.43
C GLU F 339 23.37 -69.54 -17.00
N LYS F 340 23.21 -69.79 -15.72
CA LYS F 340 21.91 -70.33 -15.38
C LYS F 340 20.83 -69.24 -15.36
N ALA F 341 21.21 -68.00 -15.06
CA ALA F 341 20.30 -66.87 -15.24
C ALA F 341 19.95 -66.72 -16.73
N ALA F 342 20.97 -66.69 -17.59
CA ALA F 342 20.74 -66.63 -19.02
C ALA F 342 19.80 -67.76 -19.47
N ALA F 343 20.03 -68.96 -18.96
CA ALA F 343 19.24 -70.12 -19.38
C ALA F 343 17.79 -69.93 -18.96
N LEU F 344 17.58 -69.50 -17.72
CA LEU F 344 16.25 -69.24 -17.20
C LEU F 344 15.51 -68.20 -18.04
N PHE F 345 16.21 -67.13 -18.42
CA PHE F 345 15.58 -66.08 -19.20
C PHE F 345 15.15 -66.55 -20.59
N GLU F 346 16.03 -67.30 -21.25
CA GLU F 346 15.69 -67.84 -22.57
C GLU F 346 14.48 -68.76 -22.45
N GLU F 347 14.49 -69.56 -21.41
CA GLU F 347 13.37 -70.45 -21.11
C GLU F 347 12.04 -69.73 -21.09
N ARG F 348 12.03 -68.61 -20.37
CA ARG F 348 10.83 -67.83 -20.25
C ARG F 348 10.40 -67.32 -21.62
N VAL F 349 11.38 -67.06 -22.48
CA VAL F 349 11.06 -66.56 -23.81
C VAL F 349 10.39 -67.68 -24.61
N MET F 350 10.97 -68.88 -24.57
CA MET F 350 10.45 -70.03 -25.34
C MET F 350 9.03 -70.29 -24.94
N ARG F 351 8.84 -70.20 -23.65
CA ARG F 351 7.56 -70.48 -23.04
C ARG F 351 6.50 -69.47 -23.43
N ALA F 352 6.90 -68.20 -23.52
CA ALA F 352 5.98 -67.18 -23.93
C ALA F 352 5.56 -67.46 -25.36
N ALA F 353 6.50 -67.93 -26.17
CA ALA F 353 6.22 -68.23 -27.58
C ALA F 353 5.22 -69.37 -27.71
N GLU F 354 5.34 -70.33 -26.81
CA GLU F 354 4.40 -71.44 -26.76
C GLU F 354 3.03 -70.94 -26.37
N GLU F 355 3.00 -69.82 -25.66
CA GLU F 355 1.75 -69.30 -25.17
C GLU F 355 1.21 -68.27 -26.15
N GLY F 356 1.87 -68.18 -27.30
CA GLY F 356 1.38 -67.30 -28.35
C GLY F 356 2.30 -66.15 -28.73
N ALA F 357 3.39 -65.97 -27.99
CA ALA F 357 4.29 -64.86 -28.29
C ALA F 357 5.02 -65.10 -29.61
N ASP F 358 5.55 -64.04 -30.19
CA ASP F 358 6.13 -64.11 -31.53
C ASP F 358 7.57 -63.65 -31.44
N ILE F 359 8.51 -64.59 -31.53
CA ILE F 359 9.92 -64.27 -31.39
C ILE F 359 10.41 -63.73 -32.71
N LEU F 360 10.93 -62.51 -32.71
CA LEU F 360 11.27 -61.82 -33.94
C LEU F 360 12.76 -61.79 -34.18
N TYR F 361 13.51 -61.93 -33.10
CA TYR F 361 14.96 -61.87 -33.19
C TYR F 361 15.54 -62.65 -32.03
N HIS F 362 16.31 -63.69 -32.35
CA HIS F 362 16.94 -64.53 -31.35
C HIS F 362 18.07 -65.29 -31.99
N PRO F 363 19.24 -64.65 -32.12
CA PRO F 363 20.38 -65.27 -32.78
C PRO F 363 21.04 -66.36 -31.94
N GLY F 364 20.48 -66.67 -30.78
CA GLY F 364 20.97 -67.82 -30.03
C GLY F 364 21.78 -67.48 -28.79
N ARG F 365 21.52 -68.19 -27.71
CA ARG F 365 22.27 -68.01 -26.48
C ARG F 365 23.61 -68.74 -26.46
N SER F 366 24.59 -68.15 -25.80
CA SER F 366 25.88 -68.78 -25.66
C SER F 366 26.41 -68.65 -24.25
N GLY F 367 26.15 -69.65 -23.41
CA GLY F 367 26.58 -69.61 -22.03
C GLY F 367 25.83 -68.48 -21.33
N ALA F 368 26.55 -67.53 -20.74
CA ALA F 368 25.91 -66.42 -20.05
C ALA F 368 25.60 -65.30 -21.02
N LEU F 369 26.00 -65.46 -22.28
CA LEU F 369 25.76 -64.41 -23.26
C LEU F 369 24.40 -64.54 -23.91
N LEU F 370 23.52 -63.63 -23.58
CA LEU F 370 22.18 -63.57 -24.16
C LEU F 370 22.15 -62.41 -25.15
N PRO F 371 21.67 -62.67 -26.37
CA PRO F 371 21.48 -61.57 -27.32
C PRO F 371 20.25 -60.76 -26.91
N PRO F 372 20.07 -59.57 -27.49
CA PRO F 372 18.90 -58.76 -27.15
C PRO F 372 17.66 -59.29 -27.83
N ILE F 373 17.14 -60.40 -27.32
CA ILE F 373 15.98 -61.08 -27.89
C ILE F 373 14.73 -60.20 -27.97
N VAL F 374 14.17 -60.08 -29.17
CA VAL F 374 12.95 -59.32 -29.38
C VAL F 374 11.79 -60.28 -29.48
N VAL F 375 10.79 -60.08 -28.62
CA VAL F 375 9.57 -60.88 -28.65
C VAL F 375 8.34 -59.99 -28.66
N ASP F 376 7.41 -60.27 -29.57
CA ASP F 376 6.21 -59.46 -29.73
C ASP F 376 5.00 -60.26 -29.26
N ARG F 377 3.91 -59.58 -28.99
CA ARG F 377 2.65 -60.23 -28.61
C ARG F 377 2.84 -61.12 -27.37
N VAL F 378 3.73 -60.70 -26.48
CA VAL F 378 3.88 -61.40 -25.22
C VAL F 378 2.61 -61.36 -24.35
N PRO F 379 2.06 -62.54 -24.02
CA PRO F 379 0.92 -62.56 -23.10
C PRO F 379 1.41 -61.99 -21.82
N HIS F 380 0.60 -61.14 -21.22
CA HIS F 380 1.16 -60.38 -20.13
C HIS F 380 1.05 -61.16 -18.82
N GLN F 381 0.35 -62.30 -18.89
CA GLN F 381 0.32 -63.28 -17.81
C GLN F 381 1.55 -64.16 -17.83
N SER F 382 2.29 -64.15 -18.92
CA SER F 382 3.35 -65.12 -19.08
C SER F 382 4.52 -64.78 -18.13
N ASP F 383 5.23 -65.80 -17.68
CA ASP F 383 6.30 -65.64 -16.71
C ASP F 383 7.32 -64.58 -17.14
N LEU F 384 7.63 -64.57 -18.43
CA LEU F 384 8.59 -63.63 -18.96
C LEU F 384 8.34 -62.18 -18.45
N VAL F 385 7.08 -61.76 -18.43
CA VAL F 385 6.78 -60.38 -18.06
C VAL F 385 6.01 -60.22 -16.74
N LEU F 386 5.44 -61.31 -16.24
CA LEU F 386 4.73 -61.24 -14.98
C LEU F 386 5.75 -61.32 -13.84
N GLU F 387 6.73 -62.20 -14.03
CA GLU F 387 7.93 -62.26 -13.20
C GLU F 387 8.93 -61.20 -13.64
N GLU F 388 9.81 -60.79 -12.71
CA GLU F 388 10.96 -59.99 -13.07
C GLU F 388 12.00 -60.83 -13.85
N THR F 389 12.26 -60.45 -15.10
CA THR F 389 13.27 -61.11 -15.92
C THR F 389 14.49 -60.21 -16.13
N PHE F 390 15.57 -60.55 -15.45
CA PHE F 390 16.73 -59.68 -15.23
C PHE F 390 17.77 -59.86 -16.32
N GLY F 391 17.34 -59.72 -17.57
CA GLY F 391 18.20 -59.90 -18.71
C GLY F 391 17.76 -59.05 -19.89
N PRO F 392 18.56 -59.02 -20.96
CA PRO F 392 18.32 -58.07 -22.05
C PRO F 392 17.23 -58.48 -23.02
N ILE F 393 16.17 -59.08 -22.49
CA ILE F 393 15.02 -59.36 -23.33
C ILE F 393 14.25 -58.08 -23.64
N ILE F 394 13.77 -57.98 -24.88
CA ILE F 394 12.94 -56.88 -25.34
C ILE F 394 11.54 -57.37 -25.63
N PRO F 395 10.68 -57.39 -24.60
CA PRO F 395 9.37 -57.99 -24.76
C PRO F 395 8.23 -56.99 -24.96
N ILE F 396 7.53 -57.10 -26.08
CA ILE F 396 6.43 -56.19 -26.37
C ILE F 396 5.09 -56.83 -26.01
N VAL F 397 4.39 -56.24 -25.05
CA VAL F 397 3.05 -56.66 -24.68
C VAL F 397 2.09 -55.67 -25.33
N ARG F 398 1.21 -56.19 -26.19
CA ARG F 398 0.23 -55.36 -26.86
C ARG F 398 -0.94 -55.13 -25.92
N VAL F 399 -1.25 -53.86 -25.67
CA VAL F 399 -2.25 -53.53 -24.67
C VAL F 399 -3.35 -52.75 -25.37
N PRO F 400 -4.54 -52.66 -24.74
CA PRO F 400 -5.65 -52.00 -25.43
C PRO F 400 -5.43 -50.51 -25.65
N ASP F 401 -6.16 -49.95 -26.60
CA ASP F 401 -6.16 -48.50 -26.83
C ASP F 401 -7.12 -47.86 -25.81
N ASP F 402 -6.86 -48.15 -24.54
CA ASP F 402 -7.66 -47.64 -23.45
C ASP F 402 -6.71 -47.43 -22.30
N ASP F 403 -6.63 -46.19 -21.83
CA ASP F 403 -5.69 -45.86 -20.77
C ASP F 403 -6.02 -46.52 -19.46
N ASP F 404 -7.30 -46.60 -19.13
CA ASP F 404 -7.69 -47.27 -17.89
C ASP F 404 -7.25 -48.71 -17.90
N ALA F 405 -7.46 -49.41 -19.02
CA ALA F 405 -7.07 -50.81 -19.09
C ALA F 405 -5.54 -50.89 -19.08
N THR F 406 -4.88 -49.99 -19.79
CA THR F 406 -3.40 -50.00 -19.82
C THR F 406 -2.82 -49.82 -18.43
N ILE F 407 -3.33 -48.81 -17.71
CA ILE F 407 -2.91 -48.58 -16.34
C ILE F 407 -3.15 -49.78 -15.42
N THR F 408 -4.32 -50.41 -15.54
CA THR F 408 -4.63 -51.58 -14.72
C THR F 408 -3.64 -52.69 -15.00
N LEU F 409 -3.38 -52.89 -16.28
CA LEU F 409 -2.41 -53.87 -16.71
C LEU F 409 -1.02 -53.55 -16.15
N SER F 410 -0.65 -52.28 -16.29
CA SER F 410 0.68 -51.90 -15.85
C SER F 410 0.83 -52.17 -14.36
N ASN F 411 -0.25 -51.93 -13.62
CA ASN F 411 -0.24 -52.08 -12.16
C ASN F 411 -0.44 -53.51 -11.64
N SER F 412 -0.59 -54.46 -12.55
CA SER F 412 -1.03 -55.78 -12.15
C SER F 412 0.09 -56.72 -11.67
N THR F 413 1.32 -56.26 -11.59
CA THR F 413 2.38 -57.12 -11.06
C THR F 413 2.59 -56.87 -9.56
N ALA F 414 3.41 -57.70 -8.93
CA ALA F 414 3.76 -57.54 -7.52
C ALA F 414 4.71 -56.35 -7.27
N PHE F 415 5.25 -55.79 -8.34
CA PHE F 415 6.22 -54.70 -8.24
C PHE F 415 5.65 -53.30 -8.46
N GLY F 416 6.41 -52.30 -8.05
CA GLY F 416 6.03 -50.93 -8.30
C GLY F 416 7.22 -50.05 -7.98
N LEU F 417 8.11 -49.89 -8.96
CA LEU F 417 9.33 -49.15 -8.75
C LEU F 417 9.32 -47.92 -9.65
N SER F 418 9.64 -48.11 -10.93
CA SER F 418 9.60 -46.99 -11.84
C SER F 418 8.78 -47.30 -13.09
N SER F 419 8.74 -46.34 -14.01
CA SER F 419 8.00 -46.50 -15.25
C SER F 419 8.42 -45.43 -16.24
N GLY F 420 8.19 -45.68 -17.52
CA GLY F 420 8.38 -44.68 -18.56
C GLY F 420 7.10 -44.59 -19.34
N VAL F 421 6.72 -43.39 -19.75
CA VAL F 421 5.53 -43.21 -20.59
C VAL F 421 5.89 -42.28 -21.74
N CYS F 422 5.69 -42.76 -22.96
CA CYS F 422 5.92 -41.95 -24.14
C CYS F 422 4.58 -41.48 -24.71
N THR F 423 4.33 -40.18 -24.63
CA THR F 423 3.10 -39.58 -25.16
C THR F 423 3.35 -38.08 -25.29
N ASN F 424 2.57 -37.38 -26.11
CA ASN F 424 2.65 -35.92 -26.10
C ASN F 424 1.37 -35.27 -25.59
N ASP F 425 0.42 -36.10 -25.22
CA ASP F 425 -0.86 -35.64 -24.74
C ASP F 425 -0.74 -35.40 -23.24
N TYR F 426 -0.73 -34.15 -22.84
CA TYR F 426 -0.56 -33.81 -21.42
C TYR F 426 -1.63 -34.48 -20.53
N ARG F 427 -2.87 -34.42 -20.98
CA ARG F 427 -3.97 -35.00 -20.23
C ARG F 427 -3.66 -36.45 -19.86
N ARG F 428 -3.11 -37.19 -20.81
CA ARG F 428 -2.87 -38.61 -20.63
C ARG F 428 -1.62 -38.81 -19.77
N MET F 429 -0.62 -37.98 -20.01
CA MET F 429 0.54 -37.90 -19.15
C MET F 429 0.12 -37.83 -17.70
N GLN F 430 -0.73 -36.87 -17.36
CA GLN F 430 -0.99 -36.69 -15.93
C GLN F 430 -1.85 -37.81 -15.38
N LYS F 431 -2.70 -38.38 -16.23
CA LYS F 431 -3.47 -39.57 -15.87
C LYS F 431 -2.54 -40.73 -15.49
N TYR F 432 -1.52 -40.98 -16.31
CA TYR F 432 -0.55 -42.01 -15.99
C TYR F 432 0.30 -41.66 -14.75
N ILE F 433 0.74 -40.41 -14.66
CA ILE F 433 1.49 -39.98 -13.49
C ILE F 433 0.70 -40.26 -12.22
N ALA F 434 -0.58 -39.91 -12.24
CA ALA F 434 -1.43 -40.10 -11.07
C ALA F 434 -1.78 -41.56 -10.80
N GLY F 435 -1.92 -42.36 -11.86
CA GLY F 435 -2.51 -43.69 -11.76
C GLY F 435 -1.55 -44.86 -11.66
N LEU F 436 -0.32 -44.69 -12.12
CA LEU F 436 0.64 -45.78 -12.04
C LEU F 436 1.02 -45.96 -10.58
N LYS F 437 0.96 -47.20 -10.11
CA LYS F 437 1.31 -47.45 -8.72
C LYS F 437 2.79 -47.74 -8.59
N VAL F 438 3.61 -46.70 -8.62
CA VAL F 438 5.06 -46.85 -8.66
C VAL F 438 5.71 -45.71 -7.87
N GLY F 439 7.03 -45.79 -7.69
CA GLY F 439 7.76 -44.71 -7.06
C GLY F 439 8.12 -43.57 -7.99
N THR F 440 8.21 -43.86 -9.28
CA THR F 440 8.65 -42.87 -10.26
C THR F 440 7.92 -43.09 -11.59
N VAL F 441 7.46 -41.99 -12.18
CA VAL F 441 6.96 -42.01 -13.54
C VAL F 441 7.76 -41.04 -14.41
N ASN F 442 8.52 -41.57 -15.35
CA ASN F 442 9.30 -40.73 -16.25
C ASN F 442 8.58 -40.56 -17.59
N ILE F 443 8.27 -39.31 -17.93
CA ILE F 443 7.67 -39.00 -19.23
C ILE F 443 8.80 -38.86 -20.24
N TRP F 444 8.76 -39.69 -21.27
CA TRP F 444 9.73 -39.69 -22.35
C TRP F 444 11.14 -40.00 -21.89
N GLU F 445 11.25 -40.89 -20.92
CA GLU F 445 12.53 -41.43 -20.53
C GLU F 445 12.33 -42.87 -20.08
N VAL F 446 13.42 -43.63 -19.99
CA VAL F 446 13.32 -45.00 -19.48
C VAL F 446 13.03 -44.93 -17.99
N PRO F 447 12.42 -45.99 -17.41
CA PRO F 447 12.14 -46.05 -15.98
C PRO F 447 13.40 -45.83 -15.18
N GLY F 448 14.52 -46.26 -15.73
CA GLY F 448 15.80 -46.17 -15.03
C GLY F 448 16.36 -44.77 -14.88
N TYR F 449 15.76 -43.78 -15.56
CA TYR F 449 16.29 -42.43 -15.49
C TYR F 449 16.05 -41.73 -14.15
N ARG F 450 17.12 -41.24 -13.54
CA ARG F 450 17.02 -40.40 -12.34
C ARG F 450 18.35 -39.65 -12.20
N ILE F 451 18.43 -38.68 -11.29
CA ILE F 451 19.74 -38.17 -10.94
C ILE F 451 20.17 -38.90 -9.68
N GLU F 452 21.45 -38.92 -9.35
CA GLU F 452 21.89 -39.79 -8.26
C GLU F 452 21.44 -39.24 -6.88
N MET F 453 20.83 -38.07 -6.88
CA MET F 453 20.39 -37.48 -5.61
C MET F 453 18.89 -37.23 -5.46
N SER F 454 18.09 -37.60 -6.46
CA SER F 454 16.64 -37.49 -6.34
C SER F 454 16.04 -38.68 -5.59
N PRO F 455 14.81 -38.53 -5.07
CA PRO F 455 14.27 -39.60 -4.21
C PRO F 455 14.04 -40.84 -5.06
N PHE F 456 14.57 -41.96 -4.59
CA PHE F 456 14.48 -43.20 -5.33
C PHE F 456 13.99 -44.32 -4.45
N GLY F 457 12.94 -45.01 -4.90
CA GLY F 457 12.46 -46.16 -4.17
C GLY F 457 11.07 -46.55 -4.62
N GLY F 458 10.74 -47.82 -4.40
CA GLY F 458 9.49 -48.39 -4.86
C GLY F 458 8.50 -48.71 -3.73
N ILE F 459 7.38 -49.26 -4.12
CA ILE F 459 6.36 -49.69 -3.18
C ILE F 459 6.10 -51.15 -3.53
N LYS F 460 5.05 -51.73 -2.92
CA LYS F 460 4.70 -53.13 -3.14
C LYS F 460 5.92 -54.01 -2.93
N ASP F 461 6.18 -54.96 -3.81
CA ASP F 461 7.34 -55.83 -3.60
C ASP F 461 8.67 -55.18 -3.95
N SER F 462 8.65 -53.95 -4.47
CA SER F 462 9.90 -53.30 -4.92
C SER F 462 10.71 -52.67 -3.78
N GLY F 463 10.06 -52.40 -2.65
CA GLY F 463 10.78 -51.86 -1.50
C GLY F 463 9.86 -51.75 -0.31
N ASN F 464 10.44 -51.60 0.88
CA ASN F 464 9.62 -51.49 2.09
C ASN F 464 9.13 -50.09 2.35
N GLY F 465 9.35 -49.18 1.40
CA GLY F 465 8.71 -47.87 1.43
C GLY F 465 9.53 -46.69 1.88
N TYR F 466 10.85 -46.85 1.94
CA TYR F 466 11.72 -45.70 2.25
C TYR F 466 12.51 -45.29 1.01
N LYS F 467 12.77 -44.01 0.89
CA LYS F 467 13.50 -43.52 -0.27
C LYS F 467 14.98 -43.55 -0.02
N GLU F 468 15.69 -43.66 -1.13
CA GLU F 468 17.13 -43.67 -1.21
C GLU F 468 17.54 -42.54 -2.17
N GLY F 469 18.75 -42.68 -2.72
CA GLY F 469 19.38 -41.62 -3.49
C GLY F 469 20.16 -40.81 -2.48
N VAL F 470 21.11 -40.02 -2.95
CA VAL F 470 22.05 -39.38 -2.05
C VAL F 470 21.40 -38.57 -0.95
N ILE F 471 20.44 -37.71 -1.31
CA ILE F 471 19.81 -36.82 -0.29
C ILE F 471 18.99 -37.60 0.74
N GLU F 472 18.11 -38.50 0.27
CA GLU F 472 17.26 -39.24 1.20
C GLU F 472 18.06 -40.26 2.01
N ALA F 473 19.10 -40.82 1.41
CA ALA F 473 20.04 -41.66 2.15
C ALA F 473 20.69 -40.91 3.33
N MET F 474 21.16 -39.69 3.08
CA MET F 474 21.79 -38.89 4.12
C MET F 474 20.82 -38.63 5.27
N LYS F 475 19.56 -38.30 4.98
CA LYS F 475 18.55 -38.15 6.02
C LYS F 475 18.32 -39.45 6.77
N SER F 476 18.26 -40.52 6.00
CA SER F 476 17.93 -41.82 6.52
C SER F 476 19.02 -42.30 7.47
N PHE F 477 20.24 -41.88 7.19
CA PHE F 477 21.40 -42.32 7.96
C PHE F 477 21.65 -41.45 9.21
N THR F 478 20.67 -40.67 9.61
CA THR F 478 20.85 -39.82 10.80
C THR F 478 19.67 -39.94 11.76
N ASN F 479 19.86 -39.47 12.99
CA ASN F 479 18.73 -39.20 13.88
C ASN F 479 18.51 -37.69 13.98
N VAL F 480 17.26 -37.25 13.92
CA VAL F 480 17.00 -35.86 14.17
C VAL F 480 16.94 -35.67 15.69
N LYS F 481 17.68 -34.71 16.19
CA LYS F 481 17.56 -34.26 17.58
C LYS F 481 17.01 -32.86 17.54
N THR F 482 16.00 -32.58 18.37
CA THR F 482 15.46 -31.23 18.52
C THR F 482 15.95 -30.66 19.85
N PHE F 483 16.10 -29.34 19.90
CA PHE F 483 16.30 -28.68 21.19
C PHE F 483 15.49 -27.43 21.19
N SER F 484 15.07 -27.00 22.38
CA SER F 484 14.31 -25.79 22.53
C SER F 484 15.01 -24.84 23.52
N LEU F 485 14.87 -23.55 23.25
CA LEU F 485 15.44 -22.49 24.07
C LEU F 485 14.36 -21.50 24.45
N PRO F 486 14.43 -20.97 25.69
CA PRO F 486 13.56 -19.85 26.08
C PRO F 486 13.76 -18.70 25.09
N TRP F 487 12.68 -18.06 24.66
CA TRP F 487 12.82 -16.99 23.72
C TRP F 487 11.82 -15.88 24.00
N HIS G 15 -41.73 12.49 -34.60
CA HIS G 15 -42.45 13.72 -34.75
C HIS G 15 -41.74 15.09 -34.59
N GLU G 16 -41.18 15.66 -35.65
CA GLU G 16 -40.32 16.85 -35.46
C GLU G 16 -40.76 18.06 -36.28
N PRO G 17 -40.98 19.19 -35.60
CA PRO G 17 -41.23 20.46 -36.30
C PRO G 17 -39.97 20.95 -36.97
N MET G 18 -40.11 21.94 -37.86
CA MET G 18 -38.98 22.65 -38.43
C MET G 18 -38.31 23.48 -37.35
N ARG G 19 -37.02 23.78 -37.55
CA ARG G 19 -36.32 24.68 -36.66
C ARG G 19 -36.04 25.96 -37.45
N ILE G 20 -36.83 26.99 -37.17
CA ILE G 20 -36.65 28.27 -37.83
C ILE G 20 -36.10 29.28 -36.85
N ALA G 21 -34.83 29.62 -37.03
CA ALA G 21 -34.09 30.46 -36.08
C ALA G 21 -34.34 30.11 -34.62
N GLY G 22 -34.31 28.82 -34.30
CA GLY G 22 -34.45 28.40 -32.91
C GLY G 22 -35.89 28.13 -32.49
N ARG G 23 -36.84 28.53 -33.33
CA ARG G 23 -38.25 28.26 -33.02
C ARG G 23 -38.71 26.97 -33.66
N LEU G 24 -39.55 26.24 -32.93
CA LEU G 24 -40.20 25.08 -33.48
C LEU G 24 -41.39 25.52 -34.31
N VAL G 25 -41.40 25.18 -35.59
CA VAL G 25 -42.47 25.62 -36.47
C VAL G 25 -43.13 24.43 -37.13
N ASP G 26 -44.44 24.34 -36.93
CA ASP G 26 -45.16 23.16 -37.36
C ASP G 26 -46.16 23.50 -38.46
N THR G 27 -46.71 22.46 -39.06
CA THR G 27 -47.69 22.62 -40.09
C THR G 27 -48.68 21.44 -39.98
N ASP G 28 -49.86 21.57 -40.57
CA ASP G 28 -50.88 20.52 -40.51
C ASP G 28 -50.44 19.29 -41.26
N ASP G 29 -50.16 19.45 -42.55
CA ASP G 29 -49.70 18.35 -43.36
C ASP G 29 -48.32 17.88 -42.89
N ARG G 30 -48.09 16.59 -43.03
CA ARG G 30 -46.87 15.98 -42.54
C ARG G 30 -46.18 15.25 -43.68
N VAL G 31 -44.86 15.12 -43.57
CA VAL G 31 -44.11 14.22 -44.44
C VAL G 31 -43.72 13.03 -43.56
N GLU G 32 -44.09 11.83 -43.96
CA GLU G 32 -43.72 10.66 -43.18
C GLU G 32 -42.33 10.22 -43.57
N VAL G 33 -41.52 9.90 -42.55
CA VAL G 33 -40.21 9.35 -42.82
C VAL G 33 -40.23 7.87 -42.48
N ARG G 34 -39.89 7.04 -43.46
CA ARG G 34 -39.93 5.58 -43.29
C ARG G 34 -38.56 4.93 -43.18
N TYR G 35 -38.49 3.88 -42.35
CA TYR G 35 -37.28 3.11 -42.11
C TYR G 35 -37.18 2.10 -43.24
N PRO G 36 -36.14 2.19 -44.08
CA PRO G 36 -36.09 1.34 -45.29
C PRO G 36 -35.96 -0.16 -44.98
N TRP G 37 -35.56 -0.50 -43.76
CA TRP G 37 -35.46 -1.91 -43.39
C TRP G 37 -36.81 -2.62 -43.42
N ASN G 38 -37.84 -1.99 -42.87
CA ASN G 38 -39.15 -2.62 -42.81
C ASN G 38 -40.29 -1.73 -43.29
N ASP G 39 -39.93 -0.58 -43.88
CA ASP G 39 -40.87 0.37 -44.47
C ASP G 39 -41.90 0.91 -43.49
N THR G 40 -41.55 0.92 -42.21
CA THR G 40 -42.46 1.52 -41.22
C THR G 40 -42.16 2.99 -40.96
N VAL G 41 -43.17 3.72 -40.49
CA VAL G 41 -43.02 5.14 -40.20
C VAL G 41 -42.28 5.29 -38.89
N VAL G 42 -41.14 5.95 -38.94
CA VAL G 42 -40.34 6.17 -37.74
C VAL G 42 -40.41 7.62 -37.32
N GLY G 43 -40.92 8.46 -38.20
CA GLY G 43 -41.03 9.86 -37.89
C GLY G 43 -41.85 10.68 -38.83
N THR G 44 -42.15 11.89 -38.41
CA THR G 44 -42.85 12.75 -39.35
C THR G 44 -42.29 14.20 -39.14
N VAL G 45 -42.22 14.97 -40.22
CA VAL G 45 -41.77 16.37 -40.17
C VAL G 45 -42.78 17.19 -41.00
N PRO G 46 -42.75 18.52 -40.84
CA PRO G 46 -43.74 19.35 -41.52
C PRO G 46 -43.61 19.30 -43.02
N ALA G 47 -44.75 19.41 -43.70
CA ALA G 47 -44.76 19.72 -45.12
C ALA G 47 -44.64 21.23 -45.26
N GLY G 48 -43.45 21.75 -45.01
CA GLY G 48 -43.18 23.17 -45.13
C GLY G 48 -43.47 23.76 -46.52
N ARG G 49 -43.70 25.07 -46.55
CA ARG G 49 -44.08 25.76 -47.77
C ARG G 49 -43.13 26.92 -48.02
N ALA G 50 -43.20 27.48 -49.23
CA ALA G 50 -42.36 28.61 -49.60
C ALA G 50 -42.27 29.68 -48.50
N GLU G 51 -43.40 29.96 -47.85
CA GLU G 51 -43.44 31.00 -46.84
C GLU G 51 -42.47 30.68 -45.70
N HIS G 52 -42.35 29.41 -45.33
CA HIS G 52 -41.46 29.03 -44.23
C HIS G 52 -40.01 29.28 -44.54
N ALA G 53 -39.58 28.86 -45.72
CA ALA G 53 -38.23 29.14 -46.21
C ALA G 53 -38.05 30.64 -46.30
N ARG G 54 -39.07 31.30 -46.83
CA ARG G 54 -39.01 32.74 -47.03
C ARG G 54 -38.76 33.47 -45.70
N GLU G 55 -39.43 33.00 -44.65
CA GLU G 55 -39.24 33.58 -43.34
C GLU G 55 -37.85 33.23 -42.78
N ALA G 56 -37.42 32.00 -42.97
CA ALA G 56 -36.08 31.63 -42.53
C ALA G 56 -35.02 32.53 -43.18
N PHE G 57 -35.18 32.82 -44.47
CA PHE G 57 -34.22 33.65 -45.20
C PHE G 57 -34.26 35.13 -44.78
N ALA G 58 -35.44 35.59 -44.39
CA ALA G 58 -35.59 36.99 -43.97
C ALA G 58 -34.88 37.18 -42.66
N ILE G 59 -35.04 36.19 -41.79
CA ILE G 59 -34.34 36.25 -40.51
C ILE G 59 -32.82 36.17 -40.73
N ALA G 60 -32.40 35.25 -41.57
CA ALA G 60 -30.99 35.09 -41.94
C ALA G 60 -30.36 36.38 -42.46
N ALA G 61 -31.05 37.04 -43.39
CA ALA G 61 -30.56 38.26 -44.00
C ALA G 61 -30.45 39.41 -43.00
N ALA G 62 -31.40 39.50 -42.07
CA ALA G 62 -31.50 40.67 -41.21
C ALA G 62 -30.48 40.58 -40.08
N TYR G 63 -30.11 39.36 -39.74
CA TYR G 63 -29.17 39.14 -38.67
C TYR G 63 -27.73 39.25 -39.14
N GLN G 64 -26.95 40.11 -38.50
CA GLN G 64 -25.52 40.25 -38.77
C GLN G 64 -24.72 39.61 -37.64
N PRO G 65 -24.24 38.39 -37.84
CA PRO G 65 -23.40 37.75 -36.83
C PRO G 65 -22.22 38.64 -36.43
N LYS G 66 -21.90 38.68 -35.14
CA LYS G 66 -20.78 39.47 -34.65
C LYS G 66 -19.84 38.60 -33.82
N LEU G 67 -19.97 37.29 -33.98
CA LEU G 67 -19.17 36.36 -33.20
C LEU G 67 -17.68 36.57 -33.47
N THR G 68 -16.89 36.63 -32.42
CA THR G 68 -15.44 36.63 -32.57
C THR G 68 -15.00 35.26 -33.10
N ARG G 69 -13.78 35.19 -33.65
CA ARG G 69 -13.27 33.88 -34.07
C ARG G 69 -13.25 32.92 -32.90
N TYR G 70 -12.88 33.42 -31.73
CA TYR G 70 -12.91 32.60 -30.52
C TYR G 70 -14.30 32.02 -30.23
N GLU G 71 -15.34 32.84 -30.32
CA GLU G 71 -16.71 32.38 -30.04
C GLU G 71 -17.15 31.33 -31.06
N ARG G 72 -16.89 31.60 -32.33
CA ARG G 72 -17.18 30.64 -33.37
C ARG G 72 -16.48 29.29 -33.10
N GLN G 73 -15.21 29.35 -32.75
CA GLN G 73 -14.48 28.11 -32.47
C GLN G 73 -15.13 27.36 -31.30
N LYS G 74 -15.47 28.07 -30.23
CA LYS G 74 -16.13 27.45 -29.07
C LYS G 74 -17.39 26.73 -29.46
N ILE G 75 -18.22 27.38 -30.28
CA ILE G 75 -19.47 26.76 -30.71
C ILE G 75 -19.16 25.53 -31.53
N LEU G 76 -18.22 25.66 -32.47
CA LEU G 76 -17.91 24.52 -33.34
C LEU G 76 -17.33 23.34 -32.57
N LEU G 77 -16.42 23.63 -31.65
CA LEU G 77 -15.81 22.55 -30.85
C LEU G 77 -16.82 21.95 -29.82
N ALA G 78 -17.66 22.80 -29.23
CA ALA G 78 -18.73 22.28 -28.38
C ALA G 78 -19.62 21.33 -29.17
N THR G 79 -19.89 21.68 -30.42
CA THR G 79 -20.73 20.84 -31.27
C THR G 79 -20.08 19.52 -31.56
N ALA G 80 -18.79 19.56 -31.88
CA ALA G 80 -18.03 18.32 -32.00
C ALA G 80 -18.16 17.41 -30.77
N GLU G 81 -18.08 17.97 -29.58
CA GLU G 81 -18.14 17.09 -28.43
C GLU G 81 -19.51 16.53 -28.25
N ALA G 82 -20.54 17.32 -28.56
CA ALA G 82 -21.89 16.85 -28.39
C ALA G 82 -22.11 15.71 -29.37
N LEU G 83 -21.54 15.81 -30.57
CA LEU G 83 -21.65 14.71 -31.53
C LEU G 83 -21.01 13.43 -30.99
N ALA G 84 -19.81 13.55 -30.43
CA ALA G 84 -19.14 12.41 -29.79
C ALA G 84 -19.96 11.93 -28.59
N ALA G 85 -20.39 12.85 -27.74
CA ALA G 85 -21.14 12.43 -26.55
C ALA G 85 -22.42 11.69 -26.93
N ARG G 86 -23.09 12.14 -28.00
CA ARG G 86 -24.40 11.64 -28.35
C ARG G 86 -24.39 10.73 -29.57
N LYS G 87 -23.23 10.19 -29.90
CA LYS G 87 -23.13 9.48 -31.16
C LYS G 87 -24.11 8.31 -31.30
N GLU G 88 -24.43 7.64 -30.21
CA GLU G 88 -25.27 6.44 -30.32
C GLU G 88 -26.68 6.87 -30.72
N GLU G 89 -27.13 7.93 -30.07
CA GLU G 89 -28.43 8.50 -30.36
C GLU G 89 -28.49 9.01 -31.79
N ILE G 90 -27.49 9.79 -32.19
CA ILE G 90 -27.47 10.37 -33.52
C ILE G 90 -27.42 9.30 -34.62
N SER G 91 -26.56 8.31 -34.45
CA SER G 91 -26.47 7.26 -35.46
C SER G 91 -27.74 6.37 -35.50
N ASP G 92 -28.47 6.28 -34.39
CA ASP G 92 -29.77 5.61 -34.38
C ASP G 92 -30.71 6.36 -35.33
N VAL G 93 -30.73 7.67 -35.23
CA VAL G 93 -31.59 8.48 -36.07
C VAL G 93 -31.18 8.34 -37.54
N ILE G 94 -29.89 8.37 -37.82
CA ILE G 94 -29.43 8.19 -39.19
C ILE G 94 -29.87 6.84 -39.74
N THR G 95 -29.53 5.77 -39.02
CA THR G 95 -29.91 4.45 -39.45
C THR G 95 -31.42 4.29 -39.66
N LEU G 96 -32.19 4.84 -38.75
CA LEU G 96 -33.63 4.68 -38.82
C LEU G 96 -34.26 5.37 -40.03
N GLU G 97 -33.66 6.45 -40.53
CA GLU G 97 -34.23 7.05 -41.73
C GLU G 97 -33.54 6.65 -43.03
N LEU G 98 -32.27 6.23 -42.95
CA LEU G 98 -31.49 5.93 -44.16
C LEU G 98 -31.36 4.42 -44.37
N GLY G 99 -31.23 3.67 -43.29
CA GLY G 99 -31.19 2.23 -43.41
C GLY G 99 -29.77 1.69 -43.50
N ILE G 100 -28.77 2.56 -43.49
CA ILE G 100 -27.39 2.07 -43.45
C ILE G 100 -27.10 1.46 -42.09
N SER G 101 -26.15 0.54 -42.05
CA SER G 101 -25.83 -0.14 -40.79
C SER G 101 -25.37 0.84 -39.74
N LYS G 102 -25.51 0.49 -38.48
CA LYS G 102 -25.01 1.29 -37.38
C LYS G 102 -23.50 1.50 -37.56
N ALA G 103 -22.80 0.49 -38.09
CA ALA G 103 -21.35 0.65 -38.29
C ALA G 103 -21.12 1.87 -39.16
N ASP G 104 -21.81 1.90 -40.29
CA ASP G 104 -21.72 3.04 -41.21
C ASP G 104 -22.24 4.34 -40.57
N SER G 105 -23.33 4.29 -39.81
CA SER G 105 -23.83 5.53 -39.24
C SER G 105 -22.98 6.05 -38.09
N LEU G 106 -22.39 5.13 -37.32
CA LEU G 106 -21.47 5.58 -36.29
C LEU G 106 -20.30 6.24 -36.97
N TYR G 107 -19.84 5.66 -38.09
CA TYR G 107 -18.72 6.20 -38.80
C TYR G 107 -19.08 7.62 -39.30
N GLU G 108 -20.31 7.81 -39.76
CA GLU G 108 -20.69 9.12 -40.25
C GLU G 108 -20.60 10.16 -39.14
N VAL G 109 -21.03 9.79 -37.94
CA VAL G 109 -20.90 10.70 -36.83
C VAL G 109 -19.45 11.09 -36.61
N GLY G 110 -18.55 10.12 -36.78
CA GLY G 110 -17.12 10.40 -36.68
C GLY G 110 -16.69 11.42 -37.71
N ARG G 111 -17.18 11.27 -38.94
CA ARG G 111 -16.86 12.23 -39.99
C ARG G 111 -17.37 13.63 -39.61
N ALA G 112 -18.61 13.71 -39.16
CA ALA G 112 -19.12 15.01 -38.76
C ALA G 112 -18.29 15.60 -37.62
N PHE G 113 -17.88 14.75 -36.68
CA PHE G 113 -17.03 15.18 -35.57
C PHE G 113 -15.76 15.86 -36.13
N ASP G 114 -15.17 15.24 -37.15
CA ASP G 114 -14.03 15.83 -37.88
C ASP G 114 -14.38 17.15 -38.56
N VAL G 115 -15.50 17.21 -39.26
CA VAL G 115 -15.89 18.44 -39.91
C VAL G 115 -15.95 19.58 -38.89
N PHE G 116 -16.66 19.36 -37.79
CA PHE G 116 -16.79 20.46 -36.82
C PHE G 116 -15.46 20.79 -36.16
N THR G 117 -14.66 19.76 -35.86
CA THR G 117 -13.38 19.97 -35.22
C THR G 117 -12.47 20.80 -36.14
N LEU G 118 -12.35 20.36 -37.39
CA LEU G 118 -11.47 21.07 -38.29
C LEU G 118 -12.01 22.46 -38.61
N ALA G 119 -13.31 22.62 -38.80
CA ALA G 119 -13.86 23.97 -38.98
C ALA G 119 -13.56 24.86 -37.76
N GLY G 120 -13.70 24.29 -36.57
CA GLY G 120 -13.40 25.06 -35.35
C GLY G 120 -11.95 25.53 -35.34
N GLN G 121 -11.05 24.60 -35.67
CA GLN G 121 -9.62 24.89 -35.61
C GLN G 121 -9.17 25.86 -36.72
N MET G 122 -9.84 25.84 -37.87
CA MET G 122 -9.52 26.74 -38.96
C MET G 122 -9.94 28.19 -38.66
N CYS G 123 -10.74 28.37 -37.62
CA CYS G 123 -11.19 29.72 -37.21
C CYS G 123 -10.10 30.69 -36.81
N ILE G 124 -8.99 30.18 -36.31
CA ILE G 124 -7.93 31.05 -35.86
C ILE G 124 -7.13 31.56 -37.06
N ARG G 125 -7.50 31.09 -38.25
CA ARG G 125 -6.77 31.35 -39.50
C ARG G 125 -7.22 32.56 -40.29
N ASP G 126 -6.29 33.43 -40.61
CA ASP G 126 -6.60 34.55 -41.47
C ASP G 126 -5.75 34.44 -42.74
N ASP G 127 -6.40 34.20 -43.88
CA ASP G 127 -5.62 34.05 -45.12
C ASP G 127 -5.46 35.37 -45.90
N GLY G 128 -5.65 36.49 -45.19
CA GLY G 128 -5.43 37.79 -45.81
C GLY G 128 -4.07 37.88 -46.50
N GLU G 129 -4.00 38.66 -47.57
CA GLU G 129 -2.73 38.86 -48.25
C GLU G 129 -2.43 40.35 -48.27
N ILE G 130 -1.18 40.66 -48.61
CA ILE G 130 -0.72 42.02 -48.76
C ILE G 130 0.01 42.14 -50.08
N PHE G 131 -0.30 43.19 -50.85
CA PHE G 131 0.38 43.47 -52.12
C PHE G 131 1.11 44.79 -51.98
N SER G 132 2.36 44.83 -52.44
CA SER G 132 3.04 46.10 -52.65
C SER G 132 2.70 46.64 -54.03
N CYS G 133 2.54 47.97 -54.15
CA CYS G 133 2.01 48.54 -55.39
C CYS G 133 3.04 49.21 -56.26
N ASP G 134 4.31 49.22 -55.84
CA ASP G 134 5.37 49.89 -56.60
C ASP G 134 6.05 48.92 -57.59
N LEU G 135 5.25 48.34 -58.46
CA LEU G 135 5.63 47.16 -59.22
C LEU G 135 5.96 47.37 -60.69
N THR G 136 5.36 48.39 -61.29
CA THR G 136 5.47 48.65 -62.72
C THR G 136 5.66 50.14 -62.94
N PRO G 137 5.74 50.56 -64.21
CA PRO G 137 5.79 52.00 -64.48
C PRO G 137 4.57 52.74 -63.95
N HIS G 138 3.47 52.03 -63.76
CA HIS G 138 2.27 52.64 -63.20
C HIS G 138 2.24 52.53 -61.67
N GLY G 139 3.36 52.18 -61.05
CA GLY G 139 3.33 51.81 -59.65
C GLY G 139 3.17 52.96 -58.68
N LYS G 140 2.80 52.63 -57.45
CA LYS G 140 2.57 53.67 -56.44
C LYS G 140 3.09 53.24 -55.04
N ALA G 141 3.39 54.21 -54.21
CA ALA G 141 3.89 53.93 -52.88
C ALA G 141 2.73 53.60 -51.94
N ARG G 142 2.27 52.37 -52.04
CA ARG G 142 0.97 52.00 -51.48
C ARG G 142 0.99 50.50 -51.20
N LYS G 143 0.16 50.09 -50.27
CA LYS G 143 -0.10 48.68 -50.07
C LYS G 143 -1.57 48.32 -50.19
N ILE G 144 -1.86 47.14 -50.75
CA ILE G 144 -3.20 46.59 -50.81
C ILE G 144 -3.26 45.41 -49.82
N PHE G 145 -4.32 45.39 -49.02
CA PHE G 145 -4.56 44.37 -48.04
C PHE G 145 -5.87 43.66 -48.38
N THR G 146 -5.98 42.40 -47.96
CA THR G 146 -7.15 41.58 -48.25
C THR G 146 -7.83 41.16 -46.98
N MET G 147 -9.15 41.02 -47.03
CA MET G 147 -9.90 40.48 -45.91
C MET G 147 -11.23 39.86 -46.38
N ARG G 148 -11.84 39.02 -45.55
CA ARG G 148 -13.06 38.29 -45.94
C ARG G 148 -14.25 38.75 -45.12
N GLU G 149 -15.41 38.81 -45.76
CA GLU G 149 -16.64 39.15 -45.09
C GLU G 149 -17.70 38.11 -45.44
N PRO G 150 -18.69 37.93 -44.56
CA PRO G 150 -19.74 36.93 -44.80
C PRO G 150 -20.76 37.43 -45.86
N LEU G 151 -21.55 36.50 -46.39
CA LEU G 151 -22.61 36.82 -47.30
C LEU G 151 -23.90 37.19 -46.54
N THR G 152 -24.92 37.58 -47.29
CA THR G 152 -26.24 37.89 -46.70
C THR G 152 -26.91 36.63 -46.16
N ALA G 153 -27.01 35.61 -46.99
CA ALA G 153 -27.62 34.36 -46.56
C ALA G 153 -27.14 33.25 -47.45
N ILE G 154 -27.03 32.04 -46.89
CA ILE G 154 -26.64 30.89 -47.66
C ILE G 154 -27.79 29.86 -47.66
N SER G 155 -28.02 29.24 -48.80
CA SER G 155 -29.03 28.22 -48.94
C SER G 155 -28.33 26.88 -49.13
N ALA G 156 -28.61 25.93 -48.23
CA ALA G 156 -27.95 24.62 -48.30
C ALA G 156 -28.98 23.52 -48.53
N ILE G 157 -28.73 22.70 -49.54
CA ILE G 157 -29.67 21.66 -49.91
C ILE G 157 -28.94 20.33 -49.89
N THR G 158 -29.38 19.43 -49.00
CA THR G 158 -28.64 18.20 -48.76
C THR G 158 -29.39 16.93 -49.14
N PRO G 159 -28.65 15.88 -49.55
CA PRO G 159 -29.18 14.61 -50.02
C PRO G 159 -29.31 13.55 -48.90
N PHE G 160 -29.79 12.35 -49.23
CA PHE G 160 -30.12 11.31 -48.23
C PHE G 160 -28.91 10.50 -47.76
N ASN G 161 -27.92 10.45 -48.65
CA ASN G 161 -26.61 9.87 -48.53
C ASN G 161 -25.89 9.90 -47.17
N HIS G 162 -25.71 11.14 -46.67
CA HIS G 162 -25.06 11.37 -45.40
C HIS G 162 -25.94 12.39 -44.72
N PRO G 163 -27.03 11.93 -44.09
CA PRO G 163 -28.00 12.83 -43.46
C PRO G 163 -27.35 13.77 -42.46
N LEU G 164 -26.18 13.38 -41.98
CA LEU G 164 -25.51 14.19 -40.94
C LEU G 164 -24.31 14.91 -41.54
N ASN G 165 -23.40 14.14 -42.13
CA ASN G 165 -22.16 14.74 -42.60
C ASN G 165 -22.32 15.79 -43.70
N MET G 166 -23.33 15.60 -44.56
CA MET G 166 -23.59 16.57 -45.62
C MET G 166 -24.10 17.88 -45.09
N VAL G 167 -24.90 17.82 -44.03
CA VAL G 167 -25.36 19.03 -43.37
C VAL G 167 -24.17 19.68 -42.68
N ALA G 168 -23.38 18.88 -41.96
CA ALA G 168 -22.20 19.41 -41.28
C ALA G 168 -21.31 20.17 -42.27
N HIS G 169 -21.01 19.56 -43.42
CA HIS G 169 -20.11 20.18 -44.38
C HIS G 169 -20.63 21.52 -44.89
N LYS G 170 -21.94 21.69 -44.90
CA LYS G 170 -22.49 22.96 -45.36
C LYS G 170 -22.69 23.94 -44.23
N VAL G 171 -23.01 23.43 -43.04
CA VAL G 171 -23.28 24.34 -41.90
C VAL G 171 -22.03 24.79 -41.11
N ALA G 172 -21.09 23.89 -40.92
CA ALA G 172 -19.92 24.24 -40.13
C ALA G 172 -19.11 25.41 -40.73
N PRO G 173 -18.82 25.35 -42.04
CA PRO G 173 -18.03 26.44 -42.60
C PRO G 173 -18.81 27.76 -42.58
N ALA G 174 -20.13 27.69 -42.67
CA ALA G 174 -20.94 28.92 -42.57
C ALA G 174 -20.80 29.55 -41.20
N ILE G 175 -20.90 28.73 -40.15
CA ILE G 175 -20.73 29.21 -38.78
C ILE G 175 -19.36 29.87 -38.64
N ALA G 176 -18.35 29.17 -39.16
CA ALA G 176 -16.98 29.59 -38.95
C ALA G 176 -16.75 30.93 -39.60
N THR G 177 -17.61 31.29 -40.54
CA THR G 177 -17.44 32.52 -41.30
C THR G 177 -18.52 33.60 -41.02
N ASN G 178 -19.27 33.42 -39.94
CA ASN G 178 -20.31 34.38 -39.59
C ASN G 178 -21.42 34.55 -40.63
N ASN G 179 -21.74 33.45 -41.31
CA ASN G 179 -22.85 33.44 -42.25
C ASN G 179 -24.11 32.97 -41.57
N CYS G 180 -25.24 33.16 -42.24
CA CYS G 180 -26.53 32.62 -41.76
C CYS G 180 -26.99 31.65 -42.79
N VAL G 181 -27.23 30.42 -42.38
CA VAL G 181 -27.58 29.40 -43.36
C VAL G 181 -28.96 28.83 -43.13
N VAL G 182 -29.63 28.49 -44.22
CA VAL G 182 -30.89 27.81 -44.14
C VAL G 182 -30.75 26.51 -44.86
N VAL G 183 -31.02 25.43 -44.14
CA VAL G 183 -30.87 24.10 -44.69
C VAL G 183 -32.22 23.45 -45.03
N LYS G 184 -32.28 22.87 -46.21
CA LYS G 184 -33.41 22.01 -46.54
C LYS G 184 -32.93 20.61 -46.86
N PRO G 185 -32.95 19.73 -45.87
CA PRO G 185 -32.54 18.34 -46.10
C PRO G 185 -33.57 17.65 -46.97
N THR G 186 -33.19 16.60 -47.66
CA THR G 186 -34.15 15.79 -48.43
C THR G 186 -35.25 15.27 -47.53
N GLU G 187 -36.45 15.15 -48.08
CA GLU G 187 -37.59 14.71 -47.27
C GLU G 187 -37.46 13.23 -46.88
N LEU G 188 -36.53 12.53 -47.53
CA LEU G 188 -36.25 11.15 -47.19
C LEU G 188 -35.53 10.98 -45.86
N THR G 189 -34.68 11.93 -45.50
CA THR G 189 -33.87 11.82 -44.27
C THR G 189 -33.69 13.17 -43.57
N PRO G 190 -34.80 13.80 -43.16
CA PRO G 190 -34.74 15.18 -42.64
C PRO G 190 -34.49 15.22 -41.15
N MET G 191 -34.69 14.11 -40.47
CA MET G 191 -34.67 14.16 -39.00
C MET G 191 -33.28 14.39 -38.44
N THR G 192 -32.26 13.83 -39.10
CA THR G 192 -30.89 14.03 -38.63
C THR G 192 -30.54 15.52 -38.64
N ALA G 193 -30.95 16.23 -39.70
CA ALA G 193 -30.72 17.66 -39.80
C ALA G 193 -31.38 18.44 -38.66
N LEU G 194 -32.59 18.06 -38.31
CA LEU G 194 -33.33 18.76 -37.27
C LEU G 194 -32.62 18.58 -35.92
N LEU G 195 -32.16 17.36 -35.67
CA LEU G 195 -31.35 17.06 -34.49
C LEU G 195 -30.04 17.86 -34.46
N LEU G 196 -29.37 17.95 -35.60
CA LEU G 196 -28.15 18.71 -35.62
C LEU G 196 -28.38 20.17 -35.26
N ALA G 197 -29.48 20.74 -35.78
CA ALA G 197 -29.84 22.10 -35.43
C ALA G 197 -30.00 22.29 -33.92
N ASP G 198 -30.69 21.34 -33.28
CA ASP G 198 -30.87 21.40 -31.82
C ASP G 198 -29.53 21.36 -31.10
N ILE G 199 -28.63 20.49 -31.56
CA ILE G 199 -27.31 20.43 -30.96
C ILE G 199 -26.58 21.77 -31.11
N LEU G 200 -26.70 22.39 -32.29
CA LEU G 200 -26.03 23.66 -32.52
C LEU G 200 -26.57 24.77 -31.62
N TYR G 201 -27.89 24.82 -31.44
CA TYR G 201 -28.47 25.85 -30.58
C TYR G 201 -27.96 25.66 -29.16
N GLU G 202 -27.92 24.40 -28.71
CA GLU G 202 -27.43 24.07 -27.35
C GLU G 202 -25.95 24.41 -27.18
N ALA G 203 -25.18 24.22 -28.25
CA ALA G 203 -23.77 24.55 -28.23
C ALA G 203 -23.53 26.06 -28.24
N GLY G 204 -24.60 26.84 -28.34
CA GLY G 204 -24.50 28.28 -28.19
C GLY G 204 -24.56 29.10 -29.47
N LEU G 205 -24.96 28.48 -30.58
CA LEU G 205 -25.09 29.23 -31.82
C LEU G 205 -26.24 30.24 -31.70
N PRO G 206 -25.99 31.52 -32.03
CA PRO G 206 -27.13 32.44 -32.19
C PRO G 206 -28.11 31.79 -33.18
N PRO G 207 -29.36 31.61 -32.75
CA PRO G 207 -30.33 30.81 -33.52
C PRO G 207 -30.59 31.39 -34.91
N GLU G 208 -30.46 32.71 -35.10
CA GLU G 208 -30.73 33.32 -36.39
C GLU G 208 -29.78 32.79 -37.48
N MET G 209 -28.67 32.18 -37.03
CA MET G 209 -27.62 31.76 -37.95
C MET G 209 -27.94 30.41 -38.60
N LEU G 210 -28.94 29.72 -38.07
CA LEU G 210 -29.32 28.43 -38.65
C LEU G 210 -30.85 28.17 -38.61
N SER G 211 -31.40 27.83 -39.76
CA SER G 211 -32.74 27.25 -39.80
C SER G 211 -32.66 25.98 -40.59
N VAL G 212 -33.52 25.03 -40.23
CA VAL G 212 -33.69 23.81 -40.99
C VAL G 212 -35.17 23.68 -41.31
N VAL G 213 -35.49 23.67 -42.60
CA VAL G 213 -36.86 23.60 -43.03
C VAL G 213 -37.06 22.31 -43.83
N THR G 214 -38.28 21.80 -43.81
CA THR G 214 -38.55 20.53 -44.46
C THR G 214 -39.81 20.68 -45.31
N GLY G 215 -39.93 19.85 -46.34
CA GLY G 215 -41.16 19.78 -47.12
C GLY G 215 -40.94 19.13 -48.46
N TRP G 216 -41.99 19.12 -49.29
CA TRP G 216 -41.87 18.52 -50.60
C TRP G 216 -41.11 19.47 -51.51
N PRO G 217 -40.31 18.91 -52.42
CA PRO G 217 -39.57 19.75 -53.37
C PRO G 217 -40.50 20.73 -54.09
N ALA G 218 -41.71 20.27 -54.44
CA ALA G 218 -42.65 21.07 -55.25
C ALA G 218 -43.30 22.18 -54.46
N ASP G 219 -43.02 22.25 -53.16
CA ASP G 219 -43.54 23.34 -52.35
C ASP G 219 -42.48 24.32 -51.88
N ILE G 220 -41.41 23.79 -51.30
CA ILE G 220 -40.44 24.62 -50.62
C ILE G 220 -39.12 24.60 -51.39
N GLY G 221 -38.98 23.68 -52.32
CA GLY G 221 -37.71 23.54 -53.02
C GLY G 221 -37.27 24.76 -53.80
N MET G 222 -38.22 25.40 -54.49
CA MET G 222 -37.90 26.47 -55.41
C MET G 222 -37.51 27.72 -54.63
N GLU G 223 -38.18 27.93 -53.52
CA GLU G 223 -37.86 29.07 -52.69
C GLU G 223 -36.39 29.02 -52.25
N MET G 224 -35.89 27.81 -52.05
CA MET G 224 -34.51 27.61 -51.61
C MET G 224 -33.53 28.10 -52.67
N ILE G 225 -34.00 28.13 -53.91
CA ILE G 225 -33.15 28.45 -55.05
C ILE G 225 -33.30 29.90 -55.49
N THR G 226 -34.46 30.50 -55.25
CA THR G 226 -34.78 31.79 -55.86
C THR G 226 -34.97 32.91 -54.85
N ASN G 227 -34.99 32.58 -53.56
CA ASN G 227 -35.17 33.62 -52.56
C ASN G 227 -34.18 34.73 -52.79
N PRO G 228 -34.65 35.99 -52.79
CA PRO G 228 -33.79 37.12 -53.16
C PRO G 228 -32.64 37.39 -52.18
N HIS G 229 -32.75 36.91 -50.94
CA HIS G 229 -31.71 37.17 -49.96
C HIS G 229 -30.56 36.19 -50.14
N VAL G 230 -30.79 35.13 -50.88
CA VAL G 230 -29.76 34.10 -51.02
C VAL G 230 -28.60 34.52 -51.92
N ASP G 231 -27.40 34.58 -51.34
CA ASP G 231 -26.20 34.97 -52.08
C ASP G 231 -25.54 33.76 -52.71
N LEU G 232 -25.72 32.60 -52.05
CA LEU G 232 -25.08 31.39 -52.49
C LEU G 232 -25.99 30.17 -52.24
N VAL G 233 -26.08 29.31 -53.26
CA VAL G 233 -26.72 28.02 -53.09
C VAL G 233 -25.66 26.93 -53.07
N THR G 234 -25.62 26.16 -52.01
CA THR G 234 -24.75 24.99 -51.99
C THR G 234 -25.58 23.71 -51.95
N PHE G 235 -25.39 22.92 -53.00
CA PHE G 235 -26.25 21.76 -53.23
C PHE G 235 -25.45 20.51 -53.51
N THR G 236 -25.84 19.42 -52.88
CA THR G 236 -25.27 18.13 -53.18
C THR G 236 -26.43 17.22 -53.47
N GLY G 237 -26.37 16.48 -54.57
CA GLY G 237 -27.48 15.67 -55.01
C GLY G 237 -27.30 15.07 -56.39
N SER G 238 -28.40 14.78 -57.07
CA SER G 238 -28.34 14.12 -58.36
C SER G 238 -28.05 15.10 -59.50
N VAL G 239 -27.58 14.57 -60.62
CA VAL G 239 -27.29 15.40 -61.80
C VAL G 239 -28.51 16.17 -62.32
N PRO G 240 -29.64 15.49 -62.50
CA PRO G 240 -30.84 16.18 -63.00
C PRO G 240 -31.27 17.32 -62.09
N VAL G 241 -31.33 17.09 -60.77
CA VAL G 241 -31.76 18.15 -59.87
C VAL G 241 -30.74 19.28 -59.88
N GLY G 242 -29.47 18.90 -59.94
CA GLY G 242 -28.38 19.87 -59.98
C GLY G 242 -28.45 20.76 -61.22
N LYS G 243 -28.70 20.14 -62.37
CA LYS G 243 -28.78 20.89 -63.64
C LYS G 243 -29.95 21.84 -63.61
N LEU G 244 -31.05 21.38 -63.03
CA LEU G 244 -32.24 22.19 -62.79
C LEU G 244 -31.89 23.41 -61.97
N ILE G 245 -31.15 23.20 -60.87
CA ILE G 245 -30.80 24.28 -59.96
C ILE G 245 -29.94 25.26 -60.70
N ALA G 246 -28.97 24.73 -61.46
CA ALA G 246 -28.08 25.59 -62.19
C ALA G 246 -28.88 26.52 -63.12
N ALA G 247 -29.98 26.02 -63.66
CA ALA G 247 -30.82 26.80 -64.58
C ALA G 247 -31.67 27.84 -63.87
N ASN G 248 -32.08 27.57 -62.64
CA ASN G 248 -33.03 28.44 -61.94
C ASN G 248 -32.44 29.41 -60.94
N ALA G 249 -31.19 29.19 -60.54
CA ALA G 249 -30.57 30.06 -59.54
C ALA G 249 -29.73 31.13 -60.20
N HIS G 250 -30.35 31.89 -61.12
CA HIS G 250 -29.69 32.98 -61.86
C HIS G 250 -28.97 33.96 -60.94
N TYR G 251 -27.75 34.28 -61.31
CA TYR G 251 -27.03 35.35 -60.64
C TYR G 251 -26.90 35.10 -59.16
N LYS G 252 -26.92 33.83 -58.77
CA LYS G 252 -26.48 33.46 -57.44
C LYS G 252 -25.28 32.58 -57.62
N ARG G 253 -24.32 32.69 -56.71
CA ARG G 253 -23.22 31.74 -56.74
C ARG G 253 -23.82 30.37 -56.41
N GLN G 254 -23.25 29.33 -57.02
CA GLN G 254 -23.75 28.00 -56.83
C GLN G 254 -22.53 27.13 -56.65
N VAL G 255 -22.59 26.23 -55.68
CA VAL G 255 -21.60 25.21 -55.55
C VAL G 255 -22.38 23.91 -55.64
N LEU G 256 -22.18 23.18 -56.75
CA LEU G 256 -22.99 22.01 -57.05
C LEU G 256 -22.15 20.76 -57.05
N GLU G 257 -22.51 19.84 -56.18
CA GLU G 257 -21.81 18.56 -56.06
C GLU G 257 -22.75 17.45 -56.53
N LEU G 258 -22.44 16.88 -57.67
CA LEU G 258 -23.33 15.91 -58.25
C LEU G 258 -22.72 14.55 -58.09
N GLY G 259 -23.19 13.57 -58.82
CA GLY G 259 -22.63 12.27 -58.53
C GLY G 259 -21.18 12.04 -58.94
N GLY G 260 -20.76 10.79 -58.81
CA GLY G 260 -19.55 10.31 -59.43
C GLY G 260 -19.81 8.94 -60.02
N ASN G 261 -18.81 8.40 -60.68
CA ASN G 261 -18.85 7.05 -61.18
C ASN G 261 -17.41 6.58 -61.09
N ASP G 262 -16.92 6.50 -59.86
CA ASP G 262 -15.50 6.46 -59.64
C ASP G 262 -14.88 5.08 -59.74
N PRO G 263 -13.75 4.97 -60.45
CA PRO G 263 -13.06 3.70 -60.61
C PRO G 263 -12.04 3.40 -59.49
N LEU G 264 -11.85 2.12 -59.21
CA LEU G 264 -10.66 1.65 -58.55
C LEU G 264 -9.92 0.90 -59.62
N ILE G 265 -8.70 1.32 -59.93
CA ILE G 265 -7.97 0.77 -61.07
C ILE G 265 -6.84 -0.15 -60.56
N ILE G 266 -6.78 -1.37 -61.09
CA ILE G 266 -5.81 -2.33 -60.59
C ILE G 266 -4.79 -2.61 -61.68
N LEU G 267 -3.56 -2.17 -61.49
CA LEU G 267 -2.58 -2.31 -62.55
C LEU G 267 -1.87 -3.65 -62.49
N ASN G 268 -1.28 -4.04 -63.60
CA ASN G 268 -0.76 -5.40 -63.71
C ASN G 268 0.63 -5.65 -63.10
N ASP G 269 1.18 -4.66 -62.41
CA ASP G 269 2.49 -4.84 -61.78
C ASP G 269 2.34 -5.47 -60.41
N LEU G 270 1.13 -5.53 -59.90
CA LEU G 270 0.91 -5.98 -58.53
C LEU G 270 1.23 -7.46 -58.28
N SER G 271 1.88 -7.73 -57.14
CA SER G 271 2.07 -9.08 -56.63
C SER G 271 0.76 -9.61 -56.06
N ASP G 272 0.71 -10.90 -55.77
CA ASP G 272 -0.53 -11.50 -55.26
C ASP G 272 -0.89 -10.90 -53.89
N ASP G 273 0.13 -10.62 -53.09
CA ASP G 273 -0.06 -9.94 -51.81
C ASP G 273 -0.74 -8.60 -51.99
N ASP G 274 -0.27 -7.84 -52.98
CA ASP G 274 -0.85 -6.53 -53.27
C ASP G 274 -2.26 -6.65 -53.85
N LEU G 275 -2.47 -7.66 -54.70
CA LEU G 275 -3.81 -7.88 -55.23
C LEU G 275 -4.78 -8.10 -54.07
N ALA G 276 -4.35 -8.80 -53.04
CA ALA G 276 -5.21 -9.00 -51.86
C ALA G 276 -5.56 -7.68 -51.18
N ARG G 277 -4.59 -6.80 -51.03
CA ARG G 277 -4.86 -5.49 -50.41
C ARG G 277 -5.76 -4.67 -51.31
N ALA G 278 -5.52 -4.75 -52.62
CA ALA G 278 -6.36 -4.05 -53.59
C ALA G 278 -7.79 -4.59 -53.50
N ALA G 279 -7.93 -5.90 -53.32
CA ALA G 279 -9.26 -6.50 -53.14
C ALA G 279 -9.97 -5.92 -51.92
N ASP G 280 -9.23 -5.79 -50.82
CA ASP G 280 -9.79 -5.16 -49.62
C ASP G 280 -10.37 -3.77 -49.96
N LEU G 281 -9.59 -2.98 -50.69
CA LEU G 281 -10.04 -1.64 -51.06
C LEU G 281 -11.27 -1.69 -51.97
N ALA G 282 -11.24 -2.58 -52.94
CA ALA G 282 -12.37 -2.73 -53.84
C ALA G 282 -13.65 -2.99 -53.07
N VAL G 283 -13.61 -3.96 -52.18
CA VAL G 283 -14.83 -4.38 -51.50
C VAL G 283 -15.30 -3.29 -50.55
N ALA G 284 -14.41 -2.76 -49.72
CA ALA G 284 -14.79 -1.64 -48.85
C ALA G 284 -15.29 -0.45 -49.68
N GLY G 285 -14.58 -0.16 -50.77
CA GLY G 285 -14.88 1.04 -51.51
C GLY G 285 -16.20 0.93 -52.22
N ALA G 286 -16.52 -0.30 -52.64
CA ALA G 286 -17.79 -0.54 -53.33
C ALA G 286 -19.00 -0.60 -52.38
N THR G 287 -18.78 -0.90 -51.10
CA THR G 287 -19.93 -1.35 -50.32
C THR G 287 -20.21 -0.50 -49.10
N LYS G 288 -19.21 0.27 -48.66
CA LYS G 288 -19.37 1.24 -47.57
C LYS G 288 -20.56 2.15 -47.76
N ASN G 289 -21.21 2.48 -46.66
CA ASN G 289 -22.41 3.28 -46.71
C ASN G 289 -23.42 2.67 -47.69
N SER G 290 -23.39 1.34 -47.80
CA SER G 290 -24.23 0.62 -48.77
C SER G 290 -23.93 1.12 -50.18
N GLY G 291 -22.69 1.53 -50.42
CA GLY G 291 -22.31 2.01 -51.75
C GLY G 291 -22.95 3.34 -52.09
N GLN G 292 -23.59 3.98 -51.11
CA GLN G 292 -24.26 5.25 -51.40
C GLN G 292 -23.32 6.44 -51.15
N ARG G 293 -22.31 6.58 -52.00
CA ARG G 293 -21.39 7.71 -51.92
C ARG G 293 -21.14 8.19 -53.35
N CYS G 294 -21.08 9.50 -53.51
CA CYS G 294 -20.69 10.08 -54.79
C CYS G 294 -19.36 9.48 -55.24
N THR G 295 -18.49 9.19 -54.27
CA THR G 295 -17.16 8.65 -54.52
C THR G 295 -17.01 7.15 -54.28
N ALA G 296 -18.12 6.42 -54.23
CA ALA G 296 -18.02 4.99 -54.01
C ALA G 296 -17.24 4.37 -55.14
N VAL G 297 -16.65 3.20 -54.90
CA VAL G 297 -16.12 2.44 -56.01
C VAL G 297 -17.29 1.88 -56.81
N LYS G 298 -17.47 2.37 -58.02
CA LYS G 298 -18.57 1.93 -58.86
C LYS G 298 -18.07 1.14 -60.08
N ARG G 299 -16.76 1.15 -60.30
CA ARG G 299 -16.18 0.44 -61.41
C ARG G 299 -14.84 -0.02 -60.95
N ILE G 300 -14.63 -1.33 -60.93
CA ILE G 300 -13.31 -1.85 -60.59
C ILE G 300 -12.64 -2.23 -61.90
N LEU G 301 -11.69 -1.39 -62.34
CA LEU G 301 -11.02 -1.62 -63.62
C LEU G 301 -9.78 -2.44 -63.41
N CYS G 302 -9.89 -3.74 -63.67
CA CYS G 302 -8.77 -4.65 -63.45
C CYS G 302 -8.11 -5.03 -64.76
N GLN G 303 -6.81 -4.78 -64.86
CA GLN G 303 -6.10 -5.13 -66.07
C GLN G 303 -6.13 -6.66 -66.27
N GLU G 304 -6.34 -7.08 -67.51
CA GLU G 304 -6.56 -8.49 -67.85
C GLU G 304 -5.57 -9.44 -67.19
N SER G 305 -4.30 -9.14 -67.35
CA SER G 305 -3.22 -9.98 -66.82
C SER G 305 -3.46 -10.47 -65.40
N VAL G 306 -4.09 -9.67 -64.55
CA VAL G 306 -4.12 -10.01 -63.13
C VAL G 306 -5.51 -10.36 -62.66
N ALA G 307 -6.48 -10.28 -63.57
CA ALA G 307 -7.88 -10.42 -63.19
C ALA G 307 -8.15 -11.79 -62.60
N ASP G 308 -7.57 -12.83 -63.20
CA ASP G 308 -7.83 -14.19 -62.71
C ASP G 308 -7.33 -14.37 -61.29
N ARG G 309 -6.29 -13.63 -60.91
CA ARG G 309 -5.83 -13.71 -59.51
C ARG G 309 -6.60 -12.75 -58.64
N PHE G 310 -7.04 -11.65 -59.20
CA PHE G 310 -7.67 -10.60 -58.41
C PHE G 310 -9.12 -10.95 -58.04
N VAL G 311 -9.88 -11.39 -59.03
CA VAL G 311 -11.30 -11.63 -58.81
C VAL G 311 -11.62 -12.57 -57.66
N PRO G 312 -10.90 -13.72 -57.56
CA PRO G 312 -11.20 -14.63 -56.45
C PRO G 312 -10.97 -13.98 -55.09
N LEU G 313 -9.99 -13.08 -55.01
CA LEU G 313 -9.68 -12.39 -53.76
C LEU G 313 -10.84 -11.47 -53.40
N VAL G 314 -11.41 -10.82 -54.41
CA VAL G 314 -12.56 -9.95 -54.19
C VAL G 314 -13.75 -10.78 -53.73
N LEU G 315 -13.99 -11.88 -54.44
CA LEU G 315 -15.15 -12.74 -54.16
C LEU G 315 -15.10 -13.18 -52.72
N GLU G 316 -13.94 -13.70 -52.32
CA GLU G 316 -13.74 -14.18 -50.96
C GLU G 316 -14.05 -13.12 -49.90
N ARG G 317 -13.64 -11.89 -50.15
CA ARG G 317 -13.93 -10.82 -49.18
C ARG G 317 -15.38 -10.33 -49.18
N ALA G 318 -16.00 -10.32 -50.35
CA ALA G 318 -17.42 -9.95 -50.40
C ALA G 318 -18.24 -10.94 -49.60
N LYS G 319 -17.86 -12.22 -49.68
CA LYS G 319 -18.65 -13.25 -49.01
C LYS G 319 -18.61 -13.14 -47.49
N ARG G 320 -17.64 -12.41 -46.96
CA ARG G 320 -17.49 -12.30 -45.51
C ARG G 320 -18.38 -11.21 -44.96
N LEU G 321 -18.83 -10.30 -45.81
CA LEU G 321 -19.67 -9.20 -45.33
C LEU G 321 -21.00 -9.73 -44.82
N ARG G 322 -21.41 -9.21 -43.68
CA ARG G 322 -22.72 -9.50 -43.11
C ARG G 322 -23.71 -8.38 -43.44
N PHE G 323 -24.76 -8.74 -44.20
CA PHE G 323 -25.78 -7.80 -44.63
C PHE G 323 -27.09 -8.18 -43.98
N GLY G 324 -27.80 -7.19 -43.45
CA GLY G 324 -29.03 -7.48 -42.76
C GLY G 324 -29.48 -6.34 -41.86
N ASP G 325 -30.05 -6.69 -40.73
CA ASP G 325 -30.64 -5.70 -39.82
C ASP G 325 -29.68 -4.57 -39.49
N PRO G 326 -30.01 -3.36 -39.92
CA PRO G 326 -29.02 -2.29 -39.76
C PRO G 326 -28.84 -1.88 -38.32
N MET G 327 -29.82 -2.12 -37.47
CA MET G 327 -29.66 -1.76 -36.08
C MET G 327 -28.81 -2.80 -35.35
N ASP G 328 -28.49 -3.90 -36.02
CA ASP G 328 -27.67 -4.98 -35.44
C ASP G 328 -26.23 -4.53 -35.61
N ARG G 329 -25.58 -4.32 -34.47
CA ARG G 329 -24.19 -3.86 -34.49
C ARG G 329 -23.15 -4.77 -35.12
N SER G 330 -23.47 -6.01 -35.43
CA SER G 330 -22.48 -6.82 -36.13
C SER G 330 -22.74 -6.73 -37.62
N THR G 331 -23.79 -6.01 -38.01
CA THR G 331 -24.09 -5.87 -39.43
C THR G 331 -23.02 -4.97 -40.06
N ASP G 332 -22.46 -5.40 -41.19
CA ASP G 332 -21.59 -4.56 -41.98
C ASP G 332 -22.41 -3.67 -42.93
N LEU G 333 -23.26 -4.31 -43.71
CA LEU G 333 -23.98 -3.65 -44.78
C LEU G 333 -25.48 -3.69 -44.48
N GLY G 334 -26.06 -2.51 -44.30
CA GLY G 334 -27.51 -2.34 -44.14
C GLY G 334 -28.19 -2.20 -45.49
N THR G 335 -29.32 -1.51 -45.54
CA THR G 335 -30.08 -1.41 -46.80
C THR G 335 -29.59 -0.24 -47.64
N VAL G 336 -30.12 -0.11 -48.86
CA VAL G 336 -30.01 1.16 -49.57
C VAL G 336 -31.27 1.97 -49.26
N ILE G 337 -31.36 3.17 -49.82
CA ILE G 337 -32.40 4.15 -49.42
C ILE G 337 -33.84 3.66 -49.55
N HIS G 338 -34.10 2.87 -50.58
CA HIS G 338 -35.42 2.24 -50.67
C HIS G 338 -35.43 1.08 -51.63
N GLU G 339 -36.57 0.39 -51.64
CA GLU G 339 -36.71 -0.84 -52.38
C GLU G 339 -36.65 -0.65 -53.88
N LYS G 340 -37.14 0.48 -54.37
CA LYS G 340 -37.10 0.65 -55.80
C LYS G 340 -35.69 0.99 -56.32
N ALA G 341 -34.88 1.67 -55.51
CA ALA G 341 -33.46 1.81 -55.83
C ALA G 341 -32.83 0.41 -55.90
N ALA G 342 -33.07 -0.38 -54.86
CA ALA G 342 -32.47 -1.72 -54.77
C ALA G 342 -32.88 -2.52 -55.99
N ALA G 343 -34.17 -2.44 -56.34
CA ALA G 343 -34.68 -3.17 -57.49
C ALA G 343 -34.01 -2.73 -58.79
N LEU G 344 -33.84 -1.41 -58.97
CA LEU G 344 -33.16 -0.87 -60.15
C LEU G 344 -31.73 -1.40 -60.24
N PHE G 345 -31.01 -1.38 -59.12
CA PHE G 345 -29.62 -1.84 -59.12
C PHE G 345 -29.51 -3.31 -59.49
N GLU G 346 -30.38 -4.14 -58.90
CA GLU G 346 -30.34 -5.57 -59.21
C GLU G 346 -30.64 -5.81 -60.69
N GLU G 347 -31.62 -5.05 -61.19
CA GLU G 347 -31.90 -5.02 -62.62
C GLU G 347 -30.71 -4.80 -63.50
N ARG G 348 -29.94 -3.78 -63.16
CA ARG G 348 -28.75 -3.47 -63.93
C ARG G 348 -27.77 -4.65 -63.89
N VAL G 349 -27.75 -5.36 -62.79
CA VAL G 349 -26.85 -6.50 -62.67
C VAL G 349 -27.29 -7.62 -63.61
N MET G 350 -28.57 -8.00 -63.53
CA MET G 350 -29.16 -9.03 -64.42
C MET G 350 -28.86 -8.76 -65.87
N ARG G 351 -29.03 -7.49 -66.21
CA ARG G 351 -28.87 -6.99 -67.55
C ARG G 351 -27.43 -7.15 -68.03
N ALA G 352 -26.50 -6.81 -67.15
CA ALA G 352 -25.09 -6.92 -67.47
C ALA G 352 -24.79 -8.38 -67.74
N ALA G 353 -25.42 -9.24 -66.95
CA ALA G 353 -25.18 -10.68 -67.07
C ALA G 353 -25.67 -11.17 -68.43
N GLU G 354 -26.80 -10.63 -68.87
CA GLU G 354 -27.31 -10.93 -70.20
C GLU G 354 -26.36 -10.47 -71.29
N GLU G 355 -25.60 -9.42 -70.99
CA GLU G 355 -24.72 -8.83 -71.98
C GLU G 355 -23.35 -9.49 -71.87
N GLY G 356 -23.27 -10.52 -71.03
CA GLY G 356 -22.04 -11.28 -70.96
C GLY G 356 -21.32 -11.25 -69.61
N ALA G 357 -21.86 -10.50 -68.66
CA ALA G 357 -21.25 -10.42 -67.34
C ALA G 357 -21.37 -11.75 -66.61
N ASP G 358 -20.55 -11.92 -65.59
CA ASP G 358 -20.51 -13.17 -64.86
C ASP G 358 -20.81 -12.93 -63.38
N ILE G 359 -22.02 -13.27 -62.96
CA ILE G 359 -22.40 -13.03 -61.57
C ILE G 359 -21.81 -14.12 -60.69
N LEU G 360 -20.99 -13.72 -59.71
CA LEU G 360 -20.22 -14.69 -58.93
C LEU G 360 -20.79 -14.86 -57.55
N TYR G 361 -21.51 -13.85 -57.10
CA TYR G 361 -22.10 -13.90 -55.77
C TYR G 361 -23.33 -13.03 -55.76
N HIS G 362 -24.47 -13.63 -55.44
CA HIS G 362 -25.74 -12.90 -55.38
C HIS G 362 -26.72 -13.72 -54.57
N PRO G 363 -26.64 -13.62 -53.24
CA PRO G 363 -27.53 -14.39 -52.37
C PRO G 363 -28.99 -13.93 -52.38
N GLY G 364 -29.32 -12.91 -53.16
CA GLY G 364 -30.71 -12.56 -53.33
C GLY G 364 -31.10 -11.29 -52.63
N ARG G 365 -31.86 -10.45 -53.33
CA ARG G 365 -32.32 -9.19 -52.76
C ARG G 365 -33.54 -9.37 -51.88
N SER G 366 -33.68 -8.50 -50.89
CA SER G 366 -34.82 -8.54 -50.01
C SER G 366 -35.30 -7.15 -49.69
N GLY G 367 -36.31 -6.67 -50.41
CA GLY G 367 -36.78 -5.31 -50.21
C GLY G 367 -35.68 -4.36 -50.59
N ALA G 368 -35.34 -3.46 -49.67
CA ALA G 368 -34.27 -2.49 -49.88
C ALA G 368 -32.91 -3.08 -49.51
N LEU G 369 -32.90 -4.33 -49.06
CA LEU G 369 -31.65 -4.91 -48.64
C LEU G 369 -31.01 -5.61 -49.82
N LEU G 370 -29.90 -5.05 -50.29
CA LEU G 370 -29.12 -5.65 -51.38
C LEU G 370 -27.86 -6.27 -50.76
N PRO G 371 -27.56 -7.52 -51.09
CA PRO G 371 -26.26 -8.08 -50.70
C PRO G 371 -25.13 -7.44 -51.51
N PRO G 372 -23.89 -7.67 -51.11
CA PRO G 372 -22.77 -7.10 -51.87
C PRO G 372 -22.48 -7.94 -53.12
N ILE G 373 -23.34 -7.81 -54.12
CA ILE G 373 -23.24 -8.60 -55.34
C ILE G 373 -21.91 -8.44 -56.07
N VAL G 374 -21.24 -9.56 -56.32
CA VAL G 374 -20.01 -9.55 -57.08
C VAL G 374 -20.27 -9.95 -58.53
N VAL G 375 -19.91 -9.07 -59.48
CA VAL G 375 -20.05 -9.39 -60.91
C VAL G 375 -18.73 -9.17 -61.63
N ASP G 376 -18.33 -10.14 -62.45
CA ASP G 376 -17.06 -10.10 -63.15
C ASP G 376 -17.32 -9.94 -64.65
N ARG G 377 -16.32 -9.50 -65.38
CA ARG G 377 -16.43 -9.35 -66.82
C ARG G 377 -17.59 -8.44 -67.21
N VAL G 378 -17.86 -7.41 -66.40
CA VAL G 378 -18.88 -6.43 -66.74
C VAL G 378 -18.49 -5.66 -68.01
N PRO G 379 -19.38 -5.68 -69.03
CA PRO G 379 -19.14 -4.86 -70.23
C PRO G 379 -19.19 -3.44 -69.76
N HIS G 380 -18.26 -2.63 -70.20
CA HIS G 380 -18.13 -1.34 -69.56
C HIS G 380 -19.13 -0.35 -70.14
N GLN G 381 -19.78 -0.78 -71.23
CA GLN G 381 -20.86 -0.03 -71.86
C GLN G 381 -22.16 -0.29 -71.13
N SER G 382 -22.19 -1.35 -70.33
CA SER G 382 -23.45 -1.74 -69.71
C SER G 382 -23.89 -0.70 -68.67
N ASP G 383 -25.21 -0.59 -68.52
CA ASP G 383 -25.81 0.42 -67.67
C ASP G 383 -25.25 0.37 -66.25
N LEU G 384 -25.05 -0.85 -65.76
CA LEU G 384 -24.50 -1.06 -64.43
C LEU G 384 -23.31 -0.12 -64.15
N VAL G 385 -22.37 -0.01 -65.10
CA VAL G 385 -21.14 0.75 -64.85
C VAL G 385 -21.02 2.03 -65.66
N LEU G 386 -21.86 2.18 -66.68
CA LEU G 386 -21.83 3.38 -67.50
C LEU G 386 -22.65 4.47 -66.81
N GLU G 387 -23.79 4.05 -66.27
CA GLU G 387 -24.55 4.84 -65.31
C GLU G 387 -23.97 4.78 -63.92
N GLU G 388 -24.25 5.79 -63.11
CA GLU G 388 -23.93 5.72 -61.69
C GLU G 388 -24.92 4.77 -61.00
N THR G 389 -24.39 3.68 -60.43
CA THR G 389 -25.21 2.73 -59.66
C THR G 389 -24.92 2.85 -58.15
N PHE G 390 -25.88 3.41 -57.43
CA PHE G 390 -25.70 3.93 -56.09
C PHE G 390 -26.02 2.85 -55.06
N GLY G 391 -25.38 1.69 -55.20
CA GLY G 391 -25.61 0.57 -54.30
C GLY G 391 -24.38 -0.31 -54.18
N PRO G 392 -24.43 -1.32 -53.29
CA PRO G 392 -23.21 -2.05 -52.90
C PRO G 392 -22.83 -3.14 -53.89
N ILE G 393 -22.98 -2.84 -55.18
CA ILE G 393 -22.54 -3.75 -56.21
C ILE G 393 -21.02 -3.70 -56.33
N ILE G 394 -20.40 -4.86 -56.56
CA ILE G 394 -18.96 -4.96 -56.73
C ILE G 394 -18.69 -5.41 -58.16
N PRO G 395 -18.57 -4.46 -59.09
CA PRO G 395 -18.50 -4.82 -60.50
C PRO G 395 -17.09 -4.74 -61.06
N ILE G 396 -16.59 -5.84 -61.58
CA ILE G 396 -15.24 -5.85 -62.11
C ILE G 396 -15.33 -5.74 -63.62
N VAL G 397 -14.68 -4.69 -64.16
CA VAL G 397 -14.53 -4.50 -65.58
C VAL G 397 -13.10 -4.86 -65.94
N ARG G 398 -12.95 -5.84 -66.81
CA ARG G 398 -11.62 -6.23 -67.24
C ARG G 398 -11.18 -5.31 -68.34
N VAL G 399 -9.99 -4.72 -68.19
CA VAL G 399 -9.55 -3.70 -69.12
C VAL G 399 -8.23 -4.19 -69.67
N PRO G 400 -7.79 -3.62 -70.81
CA PRO G 400 -6.54 -4.09 -71.42
C PRO G 400 -5.31 -3.86 -70.55
N ASP G 401 -4.25 -4.62 -70.82
CA ASP G 401 -2.95 -4.36 -70.22
C ASP G 401 -2.26 -3.24 -70.99
N ASP G 402 -2.92 -2.10 -71.04
CA ASP G 402 -2.41 -0.91 -71.69
C ASP G 402 -2.98 0.26 -70.92
N ASP G 403 -2.10 1.10 -70.40
CA ASP G 403 -2.51 2.21 -69.55
C ASP G 403 -3.28 3.27 -70.35
N ASP G 404 -2.85 3.51 -71.58
CA ASP G 404 -3.58 4.50 -72.40
C ASP G 404 -5.01 4.06 -72.59
N ALA G 405 -5.19 2.78 -72.87
CA ALA G 405 -6.54 2.25 -73.09
C ALA G 405 -7.31 2.27 -71.78
N THR G 406 -6.63 1.92 -70.70
CA THR G 406 -7.27 1.93 -69.40
C THR G 406 -7.72 3.35 -69.06
N ILE G 407 -6.85 4.33 -69.27
CA ILE G 407 -7.15 5.71 -68.94
C ILE G 407 -8.31 6.22 -69.78
N THR G 408 -8.29 5.92 -71.07
CA THR G 408 -9.40 6.30 -71.95
C THR G 408 -10.73 5.73 -71.49
N LEU G 409 -10.70 4.47 -71.12
CA LEU G 409 -11.88 3.80 -70.60
C LEU G 409 -12.34 4.42 -69.27
N SER G 410 -11.39 4.64 -68.38
CA SER G 410 -11.73 5.27 -67.11
C SER G 410 -12.42 6.62 -67.33
N ASN G 411 -11.93 7.37 -68.32
CA ASN G 411 -12.42 8.71 -68.62
C ASN G 411 -13.68 8.76 -69.47
N SER G 412 -14.23 7.62 -69.82
CA SER G 412 -15.28 7.61 -70.85
C SER G 412 -16.69 7.82 -70.30
N THR G 413 -16.85 8.07 -69.02
CA THR G 413 -18.20 8.33 -68.52
C THR G 413 -18.46 9.83 -68.49
N ALA G 414 -19.68 10.22 -68.15
CA ALA G 414 -20.05 11.63 -68.04
C ALA G 414 -19.54 12.22 -66.74
N PHE G 415 -19.01 11.36 -65.86
CA PHE G 415 -18.58 11.81 -64.52
C PHE G 415 -17.08 12.05 -64.41
N GLY G 416 -16.68 12.78 -63.37
CA GLY G 416 -15.26 12.97 -63.10
C GLY G 416 -15.11 13.54 -61.70
N LEU G 417 -15.17 12.66 -60.70
CA LEU G 417 -15.10 13.12 -59.34
C LEU G 417 -13.80 12.64 -58.72
N SER G 418 -13.71 11.35 -58.38
CA SER G 418 -12.51 10.82 -57.77
C SER G 418 -12.10 9.51 -58.42
N SER G 419 -11.07 8.88 -57.86
CA SER G 419 -10.53 7.65 -58.40
C SER G 419 -9.50 7.09 -57.46
N GLY G 420 -9.28 5.79 -57.55
CA GLY G 420 -8.21 5.13 -56.83
C GLY G 420 -7.36 4.34 -57.82
N VAL G 421 -6.06 4.28 -57.60
CA VAL G 421 -5.17 3.50 -58.44
C VAL G 421 -4.21 2.69 -57.59
N CYS G 422 -4.21 1.37 -57.80
CA CYS G 422 -3.32 0.49 -57.06
C CYS G 422 -2.18 0.05 -57.97
N THR G 423 -0.99 0.54 -57.65
CA THR G 423 0.19 0.18 -58.40
C THR G 423 1.40 0.51 -57.55
N ASN G 424 2.56 -0.05 -57.87
CA ASN G 424 3.78 0.35 -57.18
C ASN G 424 4.77 1.02 -58.11
N ASP G 425 4.36 1.13 -59.37
CA ASP G 425 5.22 1.66 -60.41
C ASP G 425 5.00 3.17 -60.46
N TYR G 426 6.00 3.95 -60.05
CA TYR G 426 5.81 5.38 -59.94
C TYR G 426 5.50 6.02 -61.29
N ARG G 427 6.19 5.55 -62.32
CA ARG G 427 6.00 6.06 -63.65
C ARG G 427 4.54 5.97 -64.07
N ARG G 428 3.91 4.84 -63.74
CA ARG G 428 2.51 4.61 -64.11
C ARG G 428 1.59 5.40 -63.19
N MET G 429 1.97 5.48 -61.92
CA MET G 429 1.26 6.32 -60.97
C MET G 429 1.06 7.75 -61.49
N GLN G 430 2.15 8.33 -61.99
CA GLN G 430 2.10 9.73 -62.37
C GLN G 430 1.37 9.90 -63.70
N LYS G 431 1.47 8.88 -64.53
CA LYS G 431 0.70 8.86 -65.76
C LYS G 431 -0.79 8.91 -65.46
N TYR G 432 -1.24 8.10 -64.50
CA TYR G 432 -2.67 8.12 -64.11
C TYR G 432 -3.06 9.40 -63.40
N ILE G 433 -2.20 9.89 -62.50
CA ILE G 433 -2.50 11.14 -61.82
C ILE G 433 -2.68 12.25 -62.87
N ALA G 434 -1.85 12.27 -63.89
CA ALA G 434 -1.93 13.33 -64.89
C ALA G 434 -3.08 13.10 -65.87
N GLY G 435 -3.39 11.85 -66.13
CA GLY G 435 -4.27 11.49 -67.23
C GLY G 435 -5.74 11.29 -66.89
N LEU G 436 -6.05 10.91 -65.65
CA LEU G 436 -7.45 10.73 -65.26
C LEU G 436 -8.13 12.10 -65.22
N LYS G 437 -9.31 12.19 -65.84
CA LYS G 437 -10.07 13.44 -65.84
C LYS G 437 -11.02 13.49 -64.64
N VAL G 438 -10.45 13.79 -63.47
CA VAL G 438 -11.20 13.74 -62.23
C VAL G 438 -10.72 14.87 -61.34
N GLY G 439 -11.42 15.12 -60.25
CA GLY G 439 -10.94 16.06 -59.27
C GLY G 439 -9.88 15.49 -58.33
N THR G 440 -9.87 14.19 -58.11
CA THR G 440 -8.93 13.58 -57.16
C THR G 440 -8.47 12.22 -57.66
N VAL G 441 -7.18 11.96 -57.53
CA VAL G 441 -6.62 10.65 -57.78
C VAL G 441 -5.92 10.12 -56.53
N ASN G 442 -6.49 9.08 -55.94
CA ASN G 442 -5.90 8.47 -54.76
C ASN G 442 -5.04 7.24 -55.12
N ILE G 443 -3.74 7.30 -54.79
CA ILE G 443 -2.88 6.14 -55.00
C ILE G 443 -2.99 5.23 -53.80
N TRP G 444 -3.47 4.00 -54.03
CA TRP G 444 -3.57 2.97 -52.99
C TRP G 444 -4.59 3.36 -51.91
N GLU G 445 -5.63 4.05 -52.33
CA GLU G 445 -6.79 4.27 -51.45
C GLU G 445 -8.02 4.25 -52.31
N VAL G 446 -9.19 4.15 -51.69
CA VAL G 446 -10.44 4.24 -52.43
C VAL G 446 -10.67 5.68 -52.89
N PRO G 447 -11.46 5.87 -53.96
CA PRO G 447 -11.75 7.21 -54.46
C PRO G 447 -12.32 8.07 -53.37
N GLY G 448 -13.03 7.46 -52.42
CA GLY G 448 -13.70 8.21 -51.40
C GLY G 448 -12.78 8.75 -50.34
N TYR G 449 -11.51 8.38 -50.36
CA TYR G 449 -10.62 8.87 -49.30
C TYR G 449 -10.28 10.37 -49.44
N ARG G 450 -10.47 11.12 -48.36
CA ARG G 450 -9.99 12.50 -48.29
C ARG G 450 -10.02 12.89 -46.82
N ILE G 451 -9.42 14.03 -46.46
CA ILE G 451 -9.65 14.60 -45.12
C ILE G 451 -10.79 15.61 -45.24
N GLU G 452 -11.48 15.90 -44.14
CA GLU G 452 -12.68 16.71 -44.25
C GLU G 452 -12.37 18.14 -44.66
N MET G 453 -11.09 18.48 -44.71
CA MET G 453 -10.73 19.86 -45.05
C MET G 453 -9.91 20.05 -46.33
N SER G 454 -9.59 18.97 -47.05
CA SER G 454 -8.86 19.08 -48.30
C SER G 454 -9.83 19.45 -49.42
N PRO G 455 -9.30 19.98 -50.55
CA PRO G 455 -10.20 20.39 -51.63
C PRO G 455 -10.96 19.22 -52.25
N PHE G 456 -12.26 19.34 -52.30
CA PHE G 456 -13.09 18.27 -52.77
C PHE G 456 -14.05 18.80 -53.82
N GLY G 457 -14.16 18.11 -54.94
CA GLY G 457 -15.09 18.51 -55.97
C GLY G 457 -14.68 17.95 -57.32
N GLY G 458 -15.65 17.77 -58.19
CA GLY G 458 -15.37 17.12 -59.46
C GLY G 458 -15.54 18.03 -60.67
N ILE G 459 -15.45 17.44 -61.86
CA ILE G 459 -15.64 18.16 -63.10
C ILE G 459 -16.66 17.39 -63.93
N LYS G 460 -16.84 17.79 -65.19
CA LYS G 460 -17.86 17.18 -66.06
C LYS G 460 -19.21 17.17 -65.33
N ASP G 461 -19.91 16.04 -65.34
CA ASP G 461 -21.22 16.00 -64.69
C ASP G 461 -21.15 15.90 -63.15
N SER G 462 -19.94 15.75 -62.59
CA SER G 462 -19.79 15.56 -61.14
C SER G 462 -19.94 16.84 -60.32
N GLY G 463 -19.72 17.98 -60.95
CA GLY G 463 -19.87 19.24 -60.24
C GLY G 463 -19.68 20.39 -61.21
N ASN G 464 -20.08 21.59 -60.80
CA ASN G 464 -19.99 22.74 -61.68
C ASN G 464 -18.61 23.42 -61.58
N GLY G 465 -17.67 22.77 -60.90
CA GLY G 465 -16.27 23.22 -60.95
C GLY G 465 -15.71 23.99 -59.75
N TYR G 466 -16.47 24.05 -58.66
CA TYR G 466 -15.96 24.71 -57.44
C TYR G 466 -15.64 23.67 -56.39
N LYS G 467 -14.61 23.95 -55.60
CA LYS G 467 -14.22 23.00 -54.57
C LYS G 467 -14.96 23.23 -53.28
N GLU G 468 -15.07 22.15 -52.51
CA GLU G 468 -15.74 22.08 -51.23
C GLU G 468 -14.70 21.50 -50.27
N GLY G 469 -15.19 20.96 -49.15
CA GLY G 469 -14.32 20.61 -48.04
C GLY G 469 -14.25 21.84 -47.15
N VAL G 470 -13.82 21.68 -45.91
CA VAL G 470 -13.99 22.74 -44.95
C VAL G 470 -13.30 24.05 -45.36
N ILE G 471 -12.05 23.94 -45.78
CA ILE G 471 -11.30 25.13 -46.13
C ILE G 471 -11.87 25.89 -47.35
N GLU G 472 -12.12 25.18 -48.43
CA GLU G 472 -12.63 25.82 -49.63
C GLU G 472 -14.07 26.30 -49.44
N ALA G 473 -14.84 25.55 -48.67
CA ALA G 473 -16.20 26.01 -48.33
C ALA G 473 -16.13 27.36 -47.60
N MET G 474 -15.23 27.47 -46.63
CA MET G 474 -15.06 28.73 -45.89
C MET G 474 -14.74 29.93 -46.78
N LYS G 475 -13.84 29.74 -47.73
CA LYS G 475 -13.54 30.77 -48.72
C LYS G 475 -14.73 31.08 -49.59
N SER G 476 -15.37 30.01 -50.04
CA SER G 476 -16.51 30.07 -50.94
C SER G 476 -17.65 30.89 -50.32
N PHE G 477 -17.77 30.82 -49.01
CA PHE G 477 -18.88 31.43 -48.28
C PHE G 477 -18.60 32.86 -47.87
N THR G 478 -17.58 33.48 -48.47
CA THR G 478 -17.23 34.86 -48.12
C THR G 478 -16.97 35.72 -49.36
N ASN G 479 -17.03 37.03 -49.20
CA ASN G 479 -16.53 37.91 -50.24
C ASN G 479 -15.15 38.47 -49.84
N VAL G 480 -14.24 38.52 -50.79
CA VAL G 480 -12.97 39.16 -50.50
C VAL G 480 -13.14 40.65 -50.74
N LYS G 481 -12.83 41.45 -49.72
CA LYS G 481 -12.77 42.88 -49.87
C LYS G 481 -11.29 43.28 -49.78
N THR G 482 -10.85 44.13 -50.69
CA THR G 482 -9.50 44.68 -50.58
C THR G 482 -9.56 46.11 -50.08
N PHE G 483 -8.52 46.56 -49.40
CA PHE G 483 -8.35 47.96 -49.15
C PHE G 483 -6.90 48.35 -49.32
N SER G 484 -6.66 49.61 -49.69
CA SER G 484 -5.29 50.05 -49.92
C SER G 484 -5.05 51.28 -49.10
N LEU G 485 -3.82 51.40 -48.60
CA LEU G 485 -3.39 52.54 -47.79
C LEU G 485 -2.12 53.18 -48.39
N PRO G 486 -1.97 54.52 -48.22
CA PRO G 486 -0.75 55.19 -48.66
C PRO G 486 0.38 54.57 -47.89
N TRP G 487 1.50 54.33 -48.54
CA TRP G 487 2.62 53.78 -47.82
C TRP G 487 3.97 54.41 -48.23
N HIS H 15 -21.25 -48.82 28.22
CA HIS H 15 -21.58 -49.84 27.28
C HIS H 15 -21.46 -49.54 25.77
N GLU H 16 -20.30 -49.81 25.19
CA GLU H 16 -20.02 -49.29 23.85
C GLU H 16 -19.59 -50.32 22.82
N PRO H 17 -20.32 -50.39 21.70
CA PRO H 17 -19.89 -51.26 20.59
C PRO H 17 -18.67 -50.71 19.88
N MET H 18 -18.05 -51.53 19.03
CA MET H 18 -16.98 -51.07 18.15
C MET H 18 -17.57 -50.13 17.13
N ARG H 19 -16.74 -49.25 16.60
CA ARG H 19 -17.15 -48.42 15.46
C ARG H 19 -16.40 -48.88 14.23
N ILE H 20 -17.08 -49.62 13.37
CA ILE H 20 -16.45 -50.12 12.16
C ILE H 20 -17.01 -49.39 10.97
N ALA H 21 -16.21 -48.47 10.43
CA ALA H 21 -16.63 -47.61 9.30
C ALA H 21 -17.99 -46.99 9.54
N GLY H 22 -18.21 -46.49 10.76
CA GLY H 22 -19.44 -45.79 11.05
C GLY H 22 -20.54 -46.69 11.58
N ARG H 23 -20.35 -48.00 11.51
CA ARG H 23 -21.37 -48.92 12.04
C ARG H 23 -21.04 -49.35 13.43
N LEU H 24 -22.07 -49.47 14.26
CA LEU H 24 -21.88 -50.00 15.60
C LEU H 24 -21.86 -51.51 15.52
N VAL H 25 -20.75 -52.12 15.92
CA VAL H 25 -20.61 -53.55 15.86
C VAL H 25 -20.36 -54.12 17.24
N ASP H 26 -21.20 -55.07 17.61
CA ASP H 26 -21.18 -55.63 18.94
C ASP H 26 -20.82 -57.10 18.93
N THR H 27 -20.56 -57.60 20.11
CA THR H 27 -20.19 -58.99 20.27
C THR H 27 -20.78 -59.42 21.62
N ASP H 28 -20.89 -60.73 21.82
CA ASP H 28 -21.43 -61.32 23.05
C ASP H 28 -20.50 -61.00 24.19
N ASP H 29 -19.26 -61.42 24.05
CA ASP H 29 -18.30 -61.31 25.12
C ASP H 29 -17.93 -59.86 25.26
N ARG H 30 -17.68 -59.45 26.50
CA ARG H 30 -17.41 -58.07 26.81
C ARG H 30 -16.02 -57.95 27.44
N VAL H 31 -15.41 -56.80 27.23
CA VAL H 31 -14.27 -56.42 28.03
C VAL H 31 -14.77 -55.36 29.01
N GLU H 32 -14.59 -55.59 30.31
CA GLU H 32 -15.02 -54.59 31.29
C GLU H 32 -13.95 -53.54 31.48
N VAL H 33 -14.38 -52.28 31.56
CA VAL H 33 -13.44 -51.20 31.84
C VAL H 33 -13.68 -50.71 33.24
N ARG H 34 -12.65 -50.79 34.08
CA ARG H 34 -12.74 -50.34 35.46
C ARG H 34 -12.09 -48.98 35.75
N TYR H 35 -12.74 -48.22 36.64
CA TYR H 35 -12.26 -46.93 37.12
C TYR H 35 -11.21 -47.26 38.18
N PRO H 36 -9.97 -46.86 37.93
CA PRO H 36 -8.90 -47.23 38.86
C PRO H 36 -9.05 -46.60 40.26
N TRP H 37 -9.87 -45.57 40.42
CA TRP H 37 -10.05 -44.95 41.73
C TRP H 37 -10.72 -45.91 42.71
N ASN H 38 -11.74 -46.61 42.28
CA ASN H 38 -12.48 -47.51 43.17
C ASN H 38 -12.71 -48.92 42.56
N ASP H 39 -12.05 -49.18 41.43
CA ASP H 39 -12.10 -50.49 40.79
C ASP H 39 -13.49 -50.95 40.38
N THR H 40 -14.40 -50.01 40.16
CA THR H 40 -15.73 -50.39 39.71
C THR H 40 -15.85 -50.33 38.19
N VAL H 41 -16.81 -51.07 37.65
CA VAL H 41 -17.02 -51.11 36.22
C VAL H 41 -17.74 -49.86 35.79
N VAL H 42 -17.10 -49.09 34.91
CA VAL H 42 -17.72 -47.89 34.40
C VAL H 42 -18.15 -48.07 32.97
N GLY H 43 -17.66 -49.13 32.34
CA GLY H 43 -18.02 -49.36 30.96
C GLY H 43 -17.68 -50.75 30.51
N THR H 44 -18.16 -51.06 29.33
CA THR H 44 -17.91 -52.32 28.70
C THR H 44 -17.82 -52.13 27.17
N VAL H 45 -16.87 -52.80 26.52
CA VAL H 45 -16.74 -52.74 25.07
C VAL H 45 -16.59 -54.17 24.55
N PRO H 46 -16.73 -54.35 23.22
CA PRO H 46 -16.69 -55.72 22.70
C PRO H 46 -15.36 -56.41 22.85
N ALA H 47 -15.40 -57.71 23.10
CA ALA H 47 -14.22 -58.53 22.93
C ALA H 47 -14.15 -58.87 21.45
N GLY H 48 -13.67 -57.93 20.65
CA GLY H 48 -13.57 -58.09 19.22
C GLY H 48 -12.64 -59.22 18.83
N ARG H 49 -12.83 -59.73 17.63
CA ARG H 49 -11.97 -60.81 17.12
C ARG H 49 -11.29 -60.46 15.83
N ALA H 50 -10.32 -61.27 15.42
CA ALA H 50 -9.56 -61.04 14.19
C ALA H 50 -10.49 -60.62 13.06
N GLU H 51 -11.62 -61.30 12.95
CA GLU H 51 -12.55 -61.03 11.84
C GLU H 51 -13.05 -59.58 11.80
N HIS H 52 -13.24 -58.99 12.98
CA HIS H 52 -13.66 -57.60 13.05
C HIS H 52 -12.58 -56.65 12.53
N ALA H 53 -11.35 -56.85 12.98
CA ALA H 53 -10.24 -56.05 12.47
C ALA H 53 -10.14 -56.27 10.97
N ARG H 54 -10.27 -57.54 10.58
CA ARG H 54 -10.08 -57.93 9.19
C ARG H 54 -11.09 -57.21 8.34
N GLU H 55 -12.29 -57.08 8.86
CA GLU H 55 -13.32 -56.40 8.10
C GLU H 55 -13.08 -54.89 8.04
N ALA H 56 -12.65 -54.32 9.15
CA ALA H 56 -12.28 -52.92 9.16
C ALA H 56 -11.20 -52.63 8.11
N PHE H 57 -10.21 -53.51 7.98
CA PHE H 57 -9.09 -53.24 7.07
C PHE H 57 -9.50 -53.41 5.62
N ALA H 58 -10.45 -54.32 5.37
CA ALA H 58 -10.92 -54.58 4.02
C ALA H 58 -11.67 -53.36 3.54
N ILE H 59 -12.50 -52.79 4.41
CA ILE H 59 -13.20 -51.57 4.10
C ILE H 59 -12.22 -50.42 3.87
N ALA H 60 -11.23 -50.28 4.76
CA ALA H 60 -10.20 -49.26 4.65
C ALA H 60 -9.48 -49.36 3.30
N ALA H 61 -9.04 -50.55 2.95
CA ALA H 61 -8.31 -50.77 1.69
C ALA H 61 -9.13 -50.46 0.45
N ALA H 62 -10.41 -50.81 0.49
CA ALA H 62 -11.24 -50.64 -0.68
C ALA H 62 -11.62 -49.18 -0.92
N TYR H 63 -11.65 -48.40 0.15
CA TYR H 63 -12.09 -47.03 0.03
C TYR H 63 -10.94 -46.12 -0.37
N GLN H 64 -11.14 -45.33 -1.42
CA GLN H 64 -10.13 -44.37 -1.83
C GLN H 64 -10.61 -42.98 -1.50
N PRO H 65 -10.04 -42.39 -0.46
CA PRO H 65 -10.52 -41.05 -0.10
C PRO H 65 -10.33 -40.08 -1.26
N LYS H 66 -11.29 -39.19 -1.46
CA LYS H 66 -11.12 -38.16 -2.49
C LYS H 66 -11.27 -36.76 -1.91
N LEU H 67 -11.24 -36.63 -0.59
CA LEU H 67 -11.38 -35.34 0.07
C LEU H 67 -10.36 -34.34 -0.45
N THR H 68 -10.83 -33.14 -0.79
CA THR H 68 -9.88 -32.07 -1.06
C THR H 68 -9.17 -31.68 0.24
N ARG H 69 -8.08 -30.92 0.09
CA ARG H 69 -7.40 -30.42 1.27
C ARG H 69 -8.34 -29.55 2.08
N TYR H 70 -9.16 -28.75 1.41
CA TYR H 70 -10.15 -27.94 2.07
C TYR H 70 -11.11 -28.80 2.89
N GLU H 71 -11.61 -29.89 2.29
CA GLU H 71 -12.56 -30.75 3.00
C GLU H 71 -11.91 -31.41 4.23
N ARG H 72 -10.69 -31.87 4.06
CA ARG H 72 -9.93 -32.45 5.18
C ARG H 72 -9.75 -31.44 6.30
N GLN H 73 -9.30 -30.24 5.95
CA GLN H 73 -9.21 -29.18 6.94
C GLN H 73 -10.53 -28.90 7.69
N LYS H 74 -11.66 -28.88 6.98
CA LYS H 74 -12.93 -28.58 7.63
C LYS H 74 -13.30 -29.68 8.62
N ILE H 75 -13.09 -30.92 8.23
CA ILE H 75 -13.28 -32.05 9.15
C ILE H 75 -12.38 -31.92 10.39
N LEU H 76 -11.09 -31.64 10.17
CA LEU H 76 -10.16 -31.61 11.28
C LEU H 76 -10.47 -30.44 12.25
N LEU H 77 -10.83 -29.29 11.69
CA LEU H 77 -11.11 -28.11 12.48
C LEU H 77 -12.47 -28.23 13.17
N ALA H 78 -13.42 -28.86 12.50
CA ALA H 78 -14.72 -29.13 13.12
C ALA H 78 -14.51 -30.06 14.33
N THR H 79 -13.65 -31.05 14.14
CA THR H 79 -13.31 -31.97 15.24
C THR H 79 -12.69 -31.22 16.42
N ALA H 80 -11.75 -30.32 16.13
CA ALA H 80 -11.17 -29.51 17.17
C ALA H 80 -12.23 -28.78 17.97
N GLU H 81 -13.18 -28.14 17.28
CA GLU H 81 -14.20 -27.41 18.01
C GLU H 81 -15.10 -28.31 18.82
N ALA H 82 -15.36 -29.52 18.33
CA ALA H 82 -16.22 -30.41 19.08
C ALA H 82 -15.47 -30.83 20.34
N LEU H 83 -14.17 -31.02 20.23
CA LEU H 83 -13.37 -31.36 21.42
C LEU H 83 -13.47 -30.26 22.47
N ALA H 84 -13.27 -29.01 22.03
CA ALA H 84 -13.42 -27.86 22.93
C ALA H 84 -14.83 -27.81 23.49
N ALA H 85 -15.82 -27.93 22.62
CA ALA H 85 -17.20 -27.79 23.07
C ALA H 85 -17.55 -28.89 24.08
N ARG H 86 -17.05 -30.09 23.86
CA ARG H 86 -17.40 -31.22 24.72
C ARG H 86 -16.35 -31.60 25.76
N LYS H 87 -15.43 -30.70 26.06
CA LYS H 87 -14.28 -31.12 26.81
C LYS H 87 -14.65 -31.71 28.18
N GLU H 88 -15.73 -31.23 28.79
CA GLU H 88 -16.06 -31.72 30.13
C GLU H 88 -16.48 -33.17 30.08
N GLU H 89 -17.35 -33.46 29.12
CA GLU H 89 -17.79 -34.83 28.87
C GLU H 89 -16.60 -35.73 28.51
N ILE H 90 -15.73 -35.29 27.61
CA ILE H 90 -14.62 -36.13 27.15
C ILE H 90 -13.65 -36.40 28.28
N SER H 91 -13.31 -35.37 29.04
CA SER H 91 -12.36 -35.57 30.12
C SER H 91 -12.96 -36.45 31.24
N ASP H 92 -14.27 -36.36 31.45
CA ASP H 92 -14.93 -37.32 32.34
C ASP H 92 -14.62 -38.75 31.91
N VAL H 93 -14.86 -39.04 30.63
CA VAL H 93 -14.59 -40.37 30.12
C VAL H 93 -13.14 -40.79 30.34
N ILE H 94 -12.22 -39.87 30.07
CA ILE H 94 -10.82 -40.17 30.24
C ILE H 94 -10.50 -40.49 31.70
N THR H 95 -10.94 -39.61 32.59
CA THR H 95 -10.68 -39.82 34.00
C THR H 95 -11.27 -41.13 34.50
N LEU H 96 -12.49 -41.40 34.08
CA LEU H 96 -13.20 -42.60 34.52
C LEU H 96 -12.54 -43.89 34.07
N GLU H 97 -11.75 -43.88 32.99
CA GLU H 97 -11.11 -45.14 32.61
C GLU H 97 -9.63 -45.19 32.93
N LEU H 98 -9.00 -44.03 33.06
CA LEU H 98 -7.57 -43.96 33.30
C LEU H 98 -7.30 -43.64 34.77
N GLY H 99 -8.12 -42.74 35.34
CA GLY H 99 -7.96 -42.41 36.74
C GLY H 99 -7.09 -41.20 37.00
N ILE H 100 -6.60 -40.57 35.94
CA ILE H 100 -5.88 -39.31 36.12
C ILE H 100 -6.88 -38.23 36.57
N SER H 101 -6.38 -37.21 37.26
CA SER H 101 -7.26 -36.11 37.71
C SER H 101 -7.95 -35.41 36.55
N LYS H 102 -9.08 -34.79 36.85
CA LYS H 102 -9.77 -33.97 35.85
C LYS H 102 -8.87 -32.85 35.32
N ALA H 103 -7.97 -32.35 36.17
CA ALA H 103 -7.04 -31.31 35.74
C ALA H 103 -6.20 -31.86 34.58
N ASP H 104 -5.61 -33.04 34.80
CA ASP H 104 -4.83 -33.69 33.76
C ASP H 104 -5.67 -34.05 32.54
N SER H 105 -6.87 -34.55 32.75
CA SER H 105 -7.66 -34.99 31.62
C SER H 105 -8.26 -33.80 30.83
N LEU H 106 -8.56 -32.70 31.51
CA LEU H 106 -8.94 -31.50 30.77
C LEU H 106 -7.76 -31.02 29.94
N TYR H 107 -6.57 -31.13 30.51
CA TYR H 107 -5.36 -30.73 29.81
C TYR H 107 -5.15 -31.60 28.58
N GLU H 108 -5.46 -32.89 28.69
CA GLU H 108 -5.28 -33.79 27.57
C GLU H 108 -6.23 -33.39 26.43
N VAL H 109 -7.44 -32.97 26.77
CA VAL H 109 -8.37 -32.50 25.73
C VAL H 109 -7.80 -31.28 25.00
N GLY H 110 -7.16 -30.39 25.75
CA GLY H 110 -6.47 -29.27 25.12
C GLY H 110 -5.39 -29.74 24.16
N ARG H 111 -4.64 -30.78 24.53
CA ARG H 111 -3.61 -31.29 23.65
C ARG H 111 -4.20 -31.81 22.36
N ALA H 112 -5.27 -32.60 22.48
CA ALA H 112 -5.92 -33.17 21.29
C ALA H 112 -6.51 -32.05 20.43
N PHE H 113 -6.98 -30.99 21.09
CA PHE H 113 -7.48 -29.79 20.40
C PHE H 113 -6.38 -29.19 19.55
N ASP H 114 -5.17 -29.13 20.10
CA ASP H 114 -4.00 -28.67 19.35
C ASP H 114 -3.67 -29.63 18.18
N VAL H 115 -3.71 -30.93 18.45
CA VAL H 115 -3.38 -31.90 17.41
C VAL H 115 -4.28 -31.69 16.21
N PHE H 116 -5.59 -31.63 16.44
CA PHE H 116 -6.52 -31.53 15.32
C PHE H 116 -6.42 -30.15 14.65
N THR H 117 -6.23 -29.11 15.47
CA THR H 117 -6.07 -27.78 14.91
C THR H 117 -4.86 -27.71 13.98
N LEU H 118 -3.70 -28.21 14.44
CA LEU H 118 -2.48 -28.07 13.66
C LEU H 118 -2.52 -28.96 12.44
N ALA H 119 -3.07 -30.17 12.59
CA ALA H 119 -3.22 -31.04 11.45
C ALA H 119 -4.13 -30.37 10.42
N GLY H 120 -5.21 -29.75 10.89
CA GLY H 120 -6.10 -29.04 9.99
C GLY H 120 -5.36 -27.95 9.22
N GLN H 121 -4.57 -27.17 9.95
CA GLN H 121 -3.87 -26.06 9.32
C GLN H 121 -2.73 -26.51 8.41
N MET H 122 -2.15 -27.68 8.70
CA MET H 122 -1.08 -28.21 7.87
C MET H 122 -1.58 -28.74 6.52
N CYS H 123 -2.89 -28.88 6.39
CA CYS H 123 -3.50 -29.34 5.13
C CYS H 123 -3.29 -28.46 3.91
N ILE H 124 -3.10 -27.16 4.12
CA ILE H 124 -2.93 -26.26 2.98
C ILE H 124 -1.53 -26.38 2.41
N ARG H 125 -0.76 -27.24 3.06
CA ARG H 125 0.68 -27.34 2.87
C ARG H 125 1.16 -28.42 1.90
N ASP H 126 1.89 -28.05 0.84
CA ASP H 126 2.40 -29.03 -0.12
C ASP H 126 3.92 -28.94 -0.09
N ASP H 127 4.57 -30.02 0.37
CA ASP H 127 6.01 -29.97 0.52
C ASP H 127 6.73 -30.58 -0.68
N GLY H 128 6.04 -30.63 -1.82
CA GLY H 128 6.67 -31.09 -3.04
C GLY H 128 7.94 -30.36 -3.40
N GLU H 129 8.86 -31.02 -4.08
CA GLU H 129 10.09 -30.39 -4.52
C GLU H 129 10.30 -30.55 -6.00
N ILE H 130 11.22 -29.76 -6.51
CA ILE H 130 11.58 -29.78 -7.90
C ILE H 130 13.09 -29.89 -8.01
N PHE H 131 13.54 -30.76 -8.90
CA PHE H 131 14.95 -30.94 -9.21
C PHE H 131 15.17 -30.65 -10.66
N SER H 132 16.26 -29.93 -10.92
CA SER H 132 16.71 -29.69 -12.31
C SER H 132 17.68 -30.81 -12.61
N CYS H 133 17.69 -31.29 -13.84
CA CYS H 133 18.44 -32.52 -14.17
C CYS H 133 19.73 -32.33 -14.96
N ASP H 134 20.04 -31.10 -15.33
CA ASP H 134 21.20 -30.79 -16.18
C ASP H 134 22.41 -30.51 -15.30
N LEU H 135 22.72 -31.46 -14.43
CA LEU H 135 23.59 -31.24 -13.27
C LEU H 135 24.99 -31.80 -13.37
N THR H 136 25.14 -32.81 -14.24
CA THR H 136 26.41 -33.54 -14.34
C THR H 136 26.66 -33.84 -15.82
N PRO H 137 27.75 -34.56 -16.11
CA PRO H 137 27.96 -35.01 -17.50
C PRO H 137 26.85 -35.95 -17.98
N HIS H 138 26.14 -36.57 -17.04
CA HIS H 138 24.98 -37.38 -17.42
C HIS H 138 23.67 -36.64 -17.43
N GLY H 139 23.71 -35.30 -17.39
CA GLY H 139 22.51 -34.48 -17.20
C GLY H 139 21.60 -34.45 -18.39
N LYS H 140 20.38 -33.99 -18.17
CA LYS H 140 19.41 -33.88 -19.24
C LYS H 140 18.54 -32.66 -19.01
N ALA H 141 17.90 -32.18 -20.10
CA ALA H 141 17.07 -31.00 -20.07
C ALA H 141 15.73 -31.49 -19.60
N ARG H 142 15.62 -31.58 -18.28
CA ARG H 142 14.50 -32.26 -17.65
C ARG H 142 14.29 -31.78 -16.24
N LYS H 143 13.07 -31.86 -15.74
CA LYS H 143 12.79 -31.55 -14.35
C LYS H 143 12.14 -32.75 -13.72
N ILE H 144 12.50 -32.97 -12.46
CA ILE H 144 11.85 -33.97 -11.61
C ILE H 144 11.00 -33.25 -10.59
N PHE H 145 9.79 -33.76 -10.37
CA PHE H 145 8.82 -33.13 -9.46
C PHE H 145 8.43 -34.20 -8.45
N THR H 146 8.05 -33.78 -7.24
CA THR H 146 7.66 -34.70 -6.19
C THR H 146 6.24 -34.48 -5.74
N MET H 147 5.62 -35.54 -5.26
CA MET H 147 4.27 -35.45 -4.80
C MET H 147 3.98 -36.65 -3.85
N ARG H 148 3.06 -36.47 -2.92
CA ARG H 148 2.71 -37.49 -1.95
C ARG H 148 1.37 -38.13 -2.22
N GLU H 149 1.27 -39.43 -1.93
CA GLU H 149 0.01 -40.16 -2.06
C GLU H 149 -0.23 -40.98 -0.81
N PRO H 150 -1.51 -41.28 -0.51
CA PRO H 150 -1.80 -42.03 0.72
C PRO H 150 -1.47 -43.51 0.58
N LEU H 151 -1.51 -44.21 1.71
CA LEU H 151 -1.27 -45.64 1.72
C LEU H 151 -2.61 -46.38 1.54
N THR H 152 -2.55 -47.69 1.50
CA THR H 152 -3.75 -48.52 1.40
C THR H 152 -4.54 -48.49 2.70
N ALA H 153 -3.86 -48.75 3.82
CA ALA H 153 -4.52 -48.74 5.12
C ALA H 153 -3.45 -48.62 6.17
N ILE H 154 -3.79 -47.97 7.28
CA ILE H 154 -2.86 -47.80 8.37
C ILE H 154 -3.45 -48.46 9.60
N SER H 155 -2.60 -49.15 10.36
CA SER H 155 -2.99 -49.73 11.63
C SER H 155 -2.40 -48.91 12.77
N ALA H 156 -3.27 -48.50 13.69
CA ALA H 156 -2.85 -47.68 14.83
C ALA H 156 -3.19 -48.38 16.14
N ILE H 157 -2.17 -48.56 16.97
CA ILE H 157 -2.32 -49.21 18.25
C ILE H 157 -1.86 -48.26 19.35
N THR H 158 -2.76 -47.97 20.27
CA THR H 158 -2.55 -46.90 21.24
C THR H 158 -2.60 -47.40 22.68
N PRO H 159 -1.90 -46.70 23.58
CA PRO H 159 -1.73 -47.11 24.98
C PRO H 159 -2.70 -46.38 25.91
N PHE H 160 -2.67 -46.72 27.20
CA PHE H 160 -3.62 -46.20 28.19
C PHE H 160 -3.37 -44.78 28.68
N ASN H 161 -2.14 -44.39 28.47
CA ASN H 161 -1.47 -43.23 28.94
C ASN H 161 -2.08 -41.85 28.52
N HIS H 162 -2.54 -41.75 27.27
CA HIS H 162 -3.30 -40.61 26.78
C HIS H 162 -4.39 -41.20 25.89
N PRO H 163 -5.51 -41.62 26.50
CA PRO H 163 -6.56 -42.35 25.78
C PRO H 163 -7.11 -41.50 24.64
N LEU H 164 -6.86 -40.20 24.70
CA LEU H 164 -7.43 -39.31 23.69
C LEU H 164 -6.36 -38.80 22.77
N ASN H 165 -5.32 -38.23 23.37
CA ASN H 165 -4.30 -37.55 22.60
C ASN H 165 -3.46 -38.48 21.72
N MET H 166 -3.21 -39.69 22.22
CA MET H 166 -2.51 -40.70 21.45
C MET H 166 -3.26 -41.13 20.21
N VAL H 167 -4.58 -41.23 20.32
CA VAL H 167 -5.43 -41.58 19.20
C VAL H 167 -5.44 -40.38 18.26
N ALA H 168 -5.61 -39.18 18.82
CA ALA H 168 -5.53 -37.97 18.03
C ALA H 168 -4.27 -37.92 17.16
N HIS H 169 -3.12 -38.23 17.76
CA HIS H 169 -1.85 -38.12 17.04
C HIS H 169 -1.73 -39.11 15.89
N LYS H 170 -2.45 -40.22 15.96
CA LYS H 170 -2.37 -41.23 14.94
C LYS H 170 -3.47 -41.01 13.90
N VAL H 171 -4.63 -40.56 14.35
CA VAL H 171 -5.76 -40.40 13.44
C VAL H 171 -5.78 -39.07 12.65
N ALA H 172 -5.47 -37.95 13.31
CA ALA H 172 -5.52 -36.66 12.61
C ALA H 172 -4.58 -36.58 11.38
N PRO H 173 -3.33 -37.05 11.52
CA PRO H 173 -2.45 -37.00 10.34
C PRO H 173 -2.93 -37.92 9.24
N ALA H 174 -3.59 -39.00 9.62
CA ALA H 174 -4.13 -39.94 8.65
C ALA H 174 -5.21 -39.25 7.84
N ILE H 175 -6.15 -38.61 8.52
CA ILE H 175 -7.23 -37.85 7.89
C ILE H 175 -6.66 -36.81 6.96
N ALA H 176 -5.66 -36.10 7.43
CA ALA H 176 -5.08 -34.96 6.75
C ALA H 176 -4.42 -35.42 5.46
N THR H 177 -4.13 -36.71 5.37
CA THR H 177 -3.41 -37.23 4.21
C THR H 177 -4.25 -38.20 3.39
N ASN H 178 -5.56 -38.23 3.66
CA ASN H 178 -6.46 -39.09 2.88
C ASN H 178 -6.16 -40.58 3.02
N ASN H 179 -5.69 -40.96 4.21
CA ASN H 179 -5.53 -42.34 4.59
C ASN H 179 -6.80 -42.92 5.21
N CYS H 180 -6.85 -44.23 5.30
CA CYS H 180 -7.89 -44.91 6.06
C CYS H 180 -7.23 -45.66 7.21
N VAL H 181 -7.64 -45.36 8.43
CA VAL H 181 -6.96 -45.90 9.59
C VAL H 181 -7.90 -46.76 10.43
N VAL H 182 -7.34 -47.82 11.00
CA VAL H 182 -8.06 -48.63 11.94
C VAL H 182 -7.30 -48.58 13.25
N VAL H 183 -7.98 -48.14 14.30
CA VAL H 183 -7.39 -48.01 15.60
C VAL H 183 -7.83 -49.13 16.55
N LYS H 184 -6.88 -49.74 17.23
CA LYS H 184 -7.19 -50.56 18.37
C LYS H 184 -6.56 -49.98 19.61
N PRO H 185 -7.37 -49.29 20.41
CA PRO H 185 -6.89 -48.78 21.72
C PRO H 185 -6.63 -49.94 22.67
N THR H 186 -5.84 -49.70 23.72
CA THR H 186 -5.69 -50.67 24.77
C THR H 186 -7.04 -50.98 25.40
N GLU H 187 -7.20 -52.22 25.84
CA GLU H 187 -8.46 -52.63 26.46
C GLU H 187 -8.64 -51.98 27.83
N LEU H 188 -7.59 -51.37 28.34
CA LEU H 188 -7.68 -50.64 29.60
C LEU H 188 -8.46 -49.32 29.48
N THR H 189 -8.39 -48.69 28.31
CA THR H 189 -8.95 -47.35 28.12
C THR H 189 -9.51 -47.14 26.72
N PRO H 190 -10.44 -48.00 26.32
CA PRO H 190 -10.90 -48.00 24.93
C PRO H 190 -12.02 -47.00 24.67
N MET H 191 -12.65 -46.51 25.73
CA MET H 191 -13.87 -45.76 25.52
C MET H 191 -13.64 -44.38 24.92
N THR H 192 -12.55 -43.74 25.31
CA THR H 192 -12.24 -42.44 24.76
C THR H 192 -12.06 -42.55 23.25
N ALA H 193 -11.38 -43.60 22.79
CA ALA H 193 -11.21 -43.79 21.35
C ALA H 193 -12.56 -43.90 20.63
N LEU H 194 -13.51 -44.63 21.22
CA LEU H 194 -14.80 -44.85 20.59
C LEU H 194 -15.56 -43.52 20.49
N LEU H 195 -15.42 -42.71 21.53
CA LEU H 195 -16.08 -41.42 21.58
C LEU H 195 -15.44 -40.51 20.52
N LEU H 196 -14.13 -40.56 20.37
CA LEU H 196 -13.51 -39.71 19.37
C LEU H 196 -14.00 -40.11 17.96
N ALA H 197 -14.15 -41.41 17.72
CA ALA H 197 -14.69 -41.85 16.44
C ALA H 197 -16.04 -41.19 16.15
N ASP H 198 -16.93 -41.24 17.13
CA ASP H 198 -18.25 -40.63 16.97
C ASP H 198 -18.15 -39.15 16.65
N ILE H 199 -17.22 -38.46 17.31
CA ILE H 199 -17.05 -37.04 17.05
C ILE H 199 -16.56 -36.82 15.61
N LEU H 200 -15.66 -37.69 15.16
CA LEU H 200 -15.14 -37.57 13.79
C LEU H 200 -16.22 -37.80 12.71
N TYR H 201 -17.04 -38.84 12.90
CA TYR H 201 -18.15 -39.08 11.97
C TYR H 201 -19.09 -37.89 11.95
N GLU H 202 -19.41 -37.33 13.11
CA GLU H 202 -20.28 -36.16 13.16
C GLU H 202 -19.67 -34.93 12.49
N ALA H 203 -18.34 -34.80 12.57
CA ALA H 203 -17.62 -33.69 11.99
C ALA H 203 -17.54 -33.87 10.47
N GLY H 204 -18.07 -34.97 9.97
CA GLY H 204 -18.17 -35.18 8.53
C GLY H 204 -17.14 -36.07 7.88
N LEU H 205 -16.31 -36.76 8.67
CA LEU H 205 -15.38 -37.72 8.10
C LEU H 205 -16.11 -38.85 7.36
N PRO H 206 -15.72 -39.16 6.12
CA PRO H 206 -16.27 -40.36 5.50
C PRO H 206 -15.95 -41.57 6.38
N PRO H 207 -16.97 -42.33 6.79
CA PRO H 207 -16.81 -43.34 7.84
C PRO H 207 -15.81 -44.45 7.48
N GLU H 208 -15.66 -44.74 6.19
CA GLU H 208 -14.65 -45.72 5.77
C GLU H 208 -13.23 -45.35 6.18
N MET H 209 -12.99 -44.08 6.46
CA MET H 209 -11.66 -43.62 6.77
C MET H 209 -11.21 -43.92 8.20
N LEU H 210 -12.15 -44.31 9.04
CA LEU H 210 -11.83 -44.60 10.43
C LEU H 210 -12.67 -45.74 11.02
N SER H 211 -12.00 -46.73 11.61
CA SER H 211 -12.65 -47.72 12.46
C SER H 211 -11.91 -47.76 13.79
N VAL H 212 -12.64 -48.06 14.84
CA VAL H 212 -12.03 -48.31 16.14
C VAL H 212 -12.54 -49.65 16.62
N VAL H 213 -11.63 -50.62 16.76
CA VAL H 213 -12.00 -51.96 17.19
C VAL H 213 -11.40 -52.19 18.57
N THR H 214 -12.03 -53.05 19.34
CA THR H 214 -11.56 -53.32 20.69
C THR H 214 -11.49 -54.80 20.91
N GLY H 215 -10.61 -55.24 21.80
CA GLY H 215 -10.61 -56.63 22.21
C GLY H 215 -9.33 -56.96 22.94
N TRP H 216 -9.16 -58.25 23.18
CA TRP H 216 -8.01 -58.73 23.92
C TRP H 216 -6.81 -58.75 22.96
N PRO H 217 -5.63 -58.44 23.47
CA PRO H 217 -4.45 -58.46 22.60
C PRO H 217 -4.11 -59.70 21.82
N ALA H 218 -4.02 -60.89 22.33
CA ALA H 218 -3.62 -61.72 21.23
C ALA H 218 -4.81 -62.32 20.44
N ASP H 219 -6.11 -61.88 20.61
CA ASP H 219 -7.29 -62.22 19.73
C ASP H 219 -7.27 -61.26 18.59
N ILE H 220 -7.44 -60.00 18.87
CA ILE H 220 -7.55 -59.03 17.79
C ILE H 220 -6.23 -58.30 17.57
N GLY H 221 -5.34 -58.34 18.56
CA GLY H 221 -4.04 -57.72 18.44
C GLY H 221 -3.22 -58.13 17.25
N MET H 222 -3.20 -59.42 16.92
CA MET H 222 -2.23 -59.93 15.95
C MET H 222 -2.73 -59.55 14.56
N GLU H 223 -4.05 -59.51 14.41
CA GLU H 223 -4.62 -59.08 13.14
C GLU H 223 -4.23 -57.65 12.80
N MET H 224 -4.14 -56.80 13.82
CA MET H 224 -3.66 -55.43 13.66
C MET H 224 -2.25 -55.34 13.10
N ILE H 225 -1.46 -56.38 13.32
CA ILE H 225 -0.04 -56.38 12.94
C ILE H 225 0.21 -57.05 11.59
N THR H 226 -0.67 -57.99 11.24
CA THR H 226 -0.36 -58.88 10.13
C THR H 226 -1.34 -58.80 8.97
N ASN H 227 -2.43 -58.07 9.17
CA ASN H 227 -3.38 -57.91 8.07
C ASN H 227 -2.70 -57.47 6.80
N PRO H 228 -2.98 -58.16 5.68
CA PRO H 228 -2.22 -57.95 4.44
C PRO H 228 -2.47 -56.58 3.79
N HIS H 229 -3.55 -55.89 4.15
CA HIS H 229 -3.84 -54.57 3.60
C HIS H 229 -3.05 -53.48 4.30
N VAL H 230 -2.51 -53.77 5.48
CA VAL H 230 -1.80 -52.78 6.27
C VAL H 230 -0.45 -52.45 5.69
N ASP H 231 -0.27 -51.19 5.29
CA ASP H 231 1.00 -50.68 4.77
C ASP H 231 1.91 -50.19 5.88
N LEU H 232 1.31 -49.81 7.00
CA LEU H 232 2.05 -49.15 8.05
C LEU H 232 1.40 -49.43 9.39
N VAL H 233 2.18 -49.88 10.36
CA VAL H 233 1.70 -49.99 11.73
C VAL H 233 2.34 -48.88 12.55
N THR H 234 1.50 -48.08 13.20
CA THR H 234 2.00 -47.05 14.10
C THR H 234 1.54 -47.38 15.50
N PHE H 235 2.53 -47.63 16.37
CA PHE H 235 2.30 -48.14 17.71
C PHE H 235 3.00 -47.27 18.75
N THR H 236 2.30 -47.02 19.84
CA THR H 236 2.88 -46.39 21.03
C THR H 236 2.52 -47.26 22.23
N GLY H 237 3.53 -47.67 23.00
CA GLY H 237 3.33 -48.61 24.09
C GLY H 237 4.64 -49.08 24.72
N SER H 238 4.63 -50.26 25.32
CA SER H 238 5.79 -50.75 26.09
C SER H 238 6.91 -51.32 25.19
N VAL H 239 8.12 -51.42 25.73
CA VAL H 239 9.24 -51.95 24.96
C VAL H 239 9.00 -53.40 24.51
N PRO H 240 8.60 -54.26 25.47
CA PRO H 240 8.35 -55.67 25.14
C PRO H 240 7.32 -55.83 24.02
N VAL H 241 6.20 -55.14 24.13
CA VAL H 241 5.17 -55.27 23.09
C VAL H 241 5.63 -54.67 21.77
N GLY H 242 6.36 -53.56 21.85
CA GLY H 242 6.99 -52.96 20.69
C GLY H 242 7.94 -53.91 19.98
N LYS H 243 8.87 -54.49 20.74
CA LYS H 243 9.83 -55.45 20.18
C LYS H 243 9.11 -56.63 19.49
N LEU H 244 8.03 -57.06 20.10
CA LEU H 244 7.20 -58.09 19.54
C LEU H 244 6.66 -57.72 18.16
N ILE H 245 6.00 -56.56 18.12
CA ILE H 245 5.42 -56.03 16.91
C ILE H 245 6.52 -55.97 15.86
N ALA H 246 7.70 -55.52 16.25
CA ALA H 246 8.77 -55.30 15.30
C ALA H 246 9.12 -56.65 14.67
N ALA H 247 8.91 -57.71 15.43
CA ALA H 247 9.30 -59.03 14.97
C ALA H 247 8.24 -59.64 14.07
N ASN H 248 6.99 -59.27 14.30
CA ASN H 248 5.86 -59.85 13.55
C ASN H 248 5.27 -59.05 12.37
N ALA H 249 5.58 -57.77 12.27
CA ALA H 249 5.03 -56.97 11.18
C ALA H 249 6.02 -56.90 10.01
N HIS H 250 6.46 -58.06 9.53
CA HIS H 250 7.40 -58.13 8.44
C HIS H 250 7.00 -57.32 7.24
N TYR H 251 7.96 -56.61 6.68
CA TYR H 251 7.75 -55.94 5.42
C TYR H 251 6.57 -54.97 5.47
N LYS H 252 6.26 -54.49 6.67
CA LYS H 252 5.37 -53.34 6.80
C LYS H 252 6.21 -52.26 7.42
N ARG H 253 5.98 -51.01 7.04
CA ARG H 253 6.59 -49.92 7.74
C ARG H 253 6.02 -49.96 9.17
N GLN H 254 6.84 -49.56 10.12
CA GLN H 254 6.45 -49.51 11.51
C GLN H 254 7.01 -48.27 12.10
N VAL H 255 6.18 -47.57 12.87
CA VAL H 255 6.63 -46.41 13.63
C VAL H 255 6.33 -46.84 15.06
N LEU H 256 7.39 -47.18 15.78
CA LEU H 256 7.27 -47.65 17.15
C LEU H 256 7.78 -46.64 18.13
N GLU H 257 6.89 -46.25 19.03
CA GLU H 257 7.16 -45.27 20.09
C GLU H 257 7.06 -45.97 21.41
N LEU H 258 8.21 -46.22 22.04
CA LEU H 258 8.25 -46.99 23.27
C LEU H 258 8.49 -46.06 24.45
N GLY H 259 9.01 -46.57 25.55
CA GLY H 259 9.12 -45.70 26.69
C GLY H 259 10.25 -44.66 26.67
N GLY H 260 10.35 -43.94 27.77
CA GLY H 260 11.50 -43.09 28.02
C GLY H 260 11.93 -43.30 29.45
N ASN H 261 13.04 -42.66 29.82
CA ASN H 261 13.51 -42.67 31.20
C ASN H 261 14.23 -41.35 31.35
N ASP H 262 13.44 -40.29 31.27
CA ASP H 262 14.00 -39.00 30.88
C ASP H 262 14.47 -38.17 32.08
N PRO H 263 15.66 -37.60 31.96
CA PRO H 263 16.22 -36.81 33.06
C PRO H 263 15.82 -35.35 33.02
N LEU H 264 15.72 -34.76 34.21
CA LEU H 264 15.79 -33.34 34.38
C LEU H 264 17.13 -33.07 35.05
N ILE H 265 18.02 -32.35 34.37
CA ILE H 265 19.39 -32.21 34.83
C ILE H 265 19.60 -30.81 35.43
N ILE H 266 20.05 -30.75 36.68
CA ILE H 266 20.20 -29.47 37.38
C ILE H 266 21.67 -29.16 37.55
N LEU H 267 22.15 -28.13 36.87
CA LEU H 267 23.58 -27.82 36.84
C LEU H 267 23.99 -26.89 37.97
N ASN H 268 25.26 -26.97 38.37
CA ASN H 268 25.70 -26.28 39.59
C ASN H 268 25.90 -24.78 39.46
N ASP H 269 25.60 -24.20 38.30
CA ASP H 269 25.73 -22.75 38.13
C ASP H 269 24.51 -22.00 38.65
N LEU H 270 23.48 -22.74 39.04
CA LEU H 270 22.20 -22.07 39.28
C LEU H 270 22.14 -21.33 40.62
N SER H 271 21.53 -20.15 40.60
CA SER H 271 21.25 -19.40 41.82
C SER H 271 20.11 -20.05 42.57
N ASP H 272 19.87 -19.60 43.81
CA ASP H 272 18.81 -20.20 44.61
C ASP H 272 17.45 -19.93 43.99
N ASP H 273 17.26 -18.76 43.41
CA ASP H 273 15.97 -18.41 42.77
C ASP H 273 15.75 -19.33 41.60
N ASP H 274 16.78 -19.57 40.85
CA ASP H 274 16.66 -20.49 39.78
C ASP H 274 16.50 -21.92 40.28
N LEU H 275 17.14 -22.30 41.36
CA LEU H 275 16.96 -23.64 41.83
C LEU H 275 15.49 -23.89 42.13
N ALA H 276 14.82 -22.86 42.59
CA ALA H 276 13.40 -22.90 42.87
C ALA H 276 12.60 -23.14 41.61
N ARG H 277 12.94 -22.44 40.53
CA ARG H 277 12.22 -22.66 39.27
C ARG H 277 12.48 -24.08 38.77
N ALA H 278 13.73 -24.52 38.89
CA ALA H 278 14.09 -25.87 38.49
C ALA H 278 13.28 -26.87 39.31
N ALA H 279 13.05 -26.55 40.58
CA ALA H 279 12.27 -27.43 41.44
C ALA H 279 10.84 -27.53 40.93
N ASP H 280 10.26 -26.38 40.54
CA ASP H 280 8.91 -26.37 39.96
C ASP H 280 8.85 -27.36 38.79
N LEU H 281 9.86 -27.29 37.92
CA LEU H 281 9.91 -28.14 36.73
C LEU H 281 10.02 -29.59 37.13
N ALA H 282 10.90 -29.88 38.08
CA ALA H 282 11.09 -31.26 38.56
C ALA H 282 9.78 -31.87 39.08
N VAL H 283 9.07 -31.14 39.92
CA VAL H 283 7.81 -31.65 40.47
C VAL H 283 6.73 -31.81 39.40
N ALA H 284 6.51 -30.77 38.60
CA ALA H 284 5.51 -30.86 37.52
C ALA H 284 5.85 -31.96 36.53
N GLY H 285 7.12 -32.03 36.15
CA GLY H 285 7.54 -32.99 35.15
C GLY H 285 7.44 -34.41 35.67
N ALA H 286 7.61 -34.58 36.99
CA ALA H 286 7.61 -35.94 37.54
C ALA H 286 6.20 -36.48 37.76
N THR H 287 5.23 -35.61 37.82
CA THR H 287 4.04 -35.96 38.54
C THR H 287 2.80 -35.72 37.63
N LYS H 288 3.01 -34.91 36.61
CA LYS H 288 1.97 -34.65 35.63
C LYS H 288 1.45 -35.93 34.99
N ASN H 289 0.15 -35.96 34.71
CA ASN H 289 -0.49 -37.18 34.21
C ASN H 289 -0.18 -38.37 35.12
N SER H 290 -0.05 -38.11 36.42
CA SER H 290 0.37 -39.14 37.36
C SER H 290 1.71 -39.74 36.99
N GLY H 291 2.57 -38.95 36.37
CA GLY H 291 3.87 -39.42 35.91
C GLY H 291 3.77 -40.42 34.77
N GLN H 292 2.59 -40.55 34.16
CA GLN H 292 2.45 -41.57 33.15
C GLN H 292 2.68 -40.96 31.77
N ARG H 293 3.93 -40.61 31.50
CA ARG H 293 4.33 -40.07 30.20
C ARG H 293 5.63 -40.71 29.80
N CYS H 294 5.73 -41.09 28.54
CA CYS H 294 7.01 -41.60 28.03
C CYS H 294 8.13 -40.59 28.37
N THR H 295 7.77 -39.31 28.34
CA THR H 295 8.70 -38.22 28.60
C THR H 295 8.57 -37.59 29.99
N ALA H 296 7.96 -38.29 30.95
CA ALA H 296 7.89 -37.79 32.31
C ALA H 296 9.32 -37.61 32.82
N VAL H 297 9.48 -36.70 33.76
CA VAL H 297 10.74 -36.66 34.49
C VAL H 297 10.81 -37.92 35.38
N LYS H 298 11.80 -38.79 35.13
CA LYS H 298 11.88 -40.05 35.86
C LYS H 298 13.21 -40.14 36.61
N ARG H 299 14.06 -39.15 36.36
CA ARG H 299 15.36 -39.07 36.98
C ARG H 299 15.69 -37.58 37.11
N ILE H 300 15.82 -37.09 38.33
CA ILE H 300 16.28 -35.73 38.54
C ILE H 300 17.75 -35.77 38.89
N LEU H 301 18.59 -35.40 37.92
CA LEU H 301 20.03 -35.52 38.11
C LEU H 301 20.53 -34.19 38.63
N CYS H 302 20.73 -34.11 39.94
CA CYS H 302 21.16 -32.86 40.56
C CYS H 302 22.66 -32.89 40.91
N GLN H 303 23.40 -31.91 40.39
CA GLN H 303 24.83 -31.91 40.67
C GLN H 303 25.05 -31.65 42.16
N GLU H 304 25.99 -32.40 42.78
CA GLU H 304 26.16 -32.44 44.25
C GLU H 304 26.15 -31.06 44.88
N SER H 305 26.96 -30.16 44.33
CA SER H 305 27.14 -28.81 44.87
C SER H 305 25.84 -28.14 45.22
N VAL H 306 24.78 -28.38 44.45
CA VAL H 306 23.56 -27.61 44.68
C VAL H 306 22.43 -28.45 45.29
N ALA H 307 22.69 -29.74 45.47
CA ALA H 307 21.66 -30.66 45.94
C ALA H 307 21.04 -30.25 47.27
N ASP H 308 21.89 -29.86 48.23
CA ASP H 308 21.37 -29.47 49.54
C ASP H 308 20.43 -28.26 49.49
N ARG H 309 20.63 -27.38 48.51
CA ARG H 309 19.70 -26.27 48.36
C ARG H 309 18.50 -26.67 47.51
N PHE H 310 18.73 -27.54 46.53
CA PHE H 310 17.69 -27.92 45.59
C PHE H 310 16.65 -28.82 46.23
N VAL H 311 17.10 -29.86 46.92
CA VAL H 311 16.17 -30.88 47.44
C VAL H 311 15.03 -30.33 48.32
N PRO H 312 15.36 -29.45 49.28
CA PRO H 312 14.28 -28.89 50.10
C PRO H 312 13.24 -28.12 49.28
N LEU H 313 13.66 -27.47 48.20
CA LEU H 313 12.70 -26.74 47.36
C LEU H 313 11.77 -27.75 46.67
N VAL H 314 12.32 -28.86 46.22
CA VAL H 314 11.51 -29.92 45.63
C VAL H 314 10.51 -30.49 46.65
N LEU H 315 11.04 -30.82 47.82
CA LEU H 315 10.21 -31.35 48.90
C LEU H 315 9.03 -30.45 49.20
N GLU H 316 9.33 -29.18 49.39
CA GLU H 316 8.30 -28.18 49.68
C GLU H 316 7.19 -28.15 48.62
N ARG H 317 7.56 -28.32 47.34
CA ARG H 317 6.57 -28.22 46.26
C ARG H 317 5.76 -29.50 46.18
N ALA H 318 6.43 -30.63 46.34
CA ALA H 318 5.74 -31.92 46.31
C ALA H 318 4.64 -31.96 47.37
N LYS H 319 4.92 -31.42 48.55
CA LYS H 319 3.95 -31.46 49.65
C LYS H 319 2.71 -30.61 49.36
N ARG H 320 2.78 -29.69 48.41
CA ARG H 320 1.62 -28.86 48.10
C ARG H 320 0.62 -29.58 47.22
N LEU H 321 1.08 -30.62 46.52
CA LEU H 321 0.22 -31.32 45.57
C LEU H 321 -0.92 -32.03 46.28
N ARG H 322 -2.11 -31.88 45.76
CA ARG H 322 -3.28 -32.58 46.28
C ARG H 322 -3.55 -33.83 45.47
N PHE H 323 -3.50 -34.97 46.14
CA PHE H 323 -3.70 -36.26 45.50
C PHE H 323 -4.92 -36.92 46.10
N GLY H 324 -5.73 -37.55 45.27
CA GLY H 324 -6.98 -38.10 45.75
C GLY H 324 -7.99 -38.26 44.63
N ASP H 325 -9.26 -38.02 44.96
CA ASP H 325 -10.37 -38.27 44.07
C ASP H 325 -10.19 -37.54 42.75
N PRO H 326 -10.02 -38.29 41.66
CA PRO H 326 -9.70 -37.65 40.38
C PRO H 326 -10.84 -36.83 39.83
N MET H 327 -12.08 -37.16 40.21
CA MET H 327 -13.22 -36.39 39.74
C MET H 327 -13.37 -35.09 40.51
N ASP H 328 -12.53 -34.92 41.53
CA ASP H 328 -12.55 -33.68 42.32
C ASP H 328 -11.67 -32.65 41.64
N ARG H 329 -12.28 -31.53 41.27
CA ARG H 329 -11.62 -30.54 40.45
C ARG H 329 -10.48 -29.82 41.15
N SER H 330 -10.33 -30.02 42.45
CA SER H 330 -9.16 -29.42 43.08
C SER H 330 -8.05 -30.46 43.27
N THR H 331 -8.28 -31.67 42.78
CA THR H 331 -7.23 -32.67 42.78
C THR H 331 -6.18 -32.37 41.71
N ASP H 332 -4.91 -32.42 42.09
CA ASP H 332 -3.82 -32.23 41.16
C ASP H 332 -3.47 -33.58 40.56
N LEU H 333 -3.19 -34.54 41.44
CA LEU H 333 -2.71 -35.83 41.05
C LEU H 333 -3.73 -36.93 41.39
N GLY H 334 -4.21 -37.61 40.36
CA GLY H 334 -5.15 -38.72 40.49
C GLY H 334 -4.37 -40.03 40.63
N THR H 335 -4.99 -41.15 40.25
CA THR H 335 -4.33 -42.44 40.41
C THR H 335 -3.42 -42.74 39.23
N VAL H 336 -2.68 -43.84 39.35
CA VAL H 336 -2.07 -44.45 38.17
C VAL H 336 -3.01 -45.51 37.62
N ILE H 337 -2.61 -46.20 36.56
CA ILE H 337 -3.52 -46.99 35.78
C ILE H 337 -4.14 -48.16 36.54
N HIS H 338 -3.38 -48.75 37.45
CA HIS H 338 -4.00 -49.71 38.36
C HIS H 338 -3.13 -50.01 39.54
N GLU H 339 -3.70 -50.73 40.51
CA GLU H 339 -3.09 -50.89 41.82
C GLU H 339 -1.79 -51.65 41.73
N LYS H 340 -1.70 -52.57 40.78
CA LYS H 340 -0.48 -53.33 40.75
C LYS H 340 0.70 -52.55 40.15
N ALA H 341 0.41 -51.62 39.26
CA ALA H 341 1.43 -50.67 38.83
C ALA H 341 1.88 -49.81 40.03
N ALA H 342 0.91 -49.26 40.75
CA ALA H 342 1.18 -48.46 41.94
C ALA H 342 2.05 -49.28 42.89
N ALA H 343 1.68 -50.53 43.12
CA ALA H 343 2.40 -51.38 44.07
C ALA H 343 3.84 -51.60 43.60
N LEU H 344 4.00 -51.85 42.32
CA LEU H 344 5.34 -52.04 41.79
C LEU H 344 6.22 -50.79 41.98
N PHE H 345 5.65 -49.62 41.75
CA PHE H 345 6.40 -48.38 41.88
C PHE H 345 6.84 -48.13 43.31
N GLU H 346 5.94 -48.33 44.28
CA GLU H 346 6.25 -48.10 45.69
C GLU H 346 7.34 -49.06 46.08
N GLU H 347 7.23 -50.28 45.58
CA GLU H 347 8.23 -51.31 45.82
C GLU H 347 9.60 -50.84 45.45
N ARG H 348 9.69 -50.27 44.25
CA ARG H 348 10.97 -49.79 43.76
C ARG H 348 11.51 -48.68 44.64
N VAL H 349 10.62 -47.85 45.17
CA VAL H 349 11.00 -46.84 46.15
C VAL H 349 11.61 -47.49 47.42
N MET H 350 10.89 -48.41 48.05
CA MET H 350 11.33 -49.05 49.29
C MET H 350 12.73 -49.62 49.12
N ARG H 351 12.90 -50.22 47.96
CA ARG H 351 14.09 -50.96 47.57
C ARG H 351 15.29 -50.03 47.39
N ALA H 352 15.02 -48.89 46.79
CA ALA H 352 16.04 -47.85 46.64
C ALA H 352 16.45 -47.40 48.04
N ALA H 353 15.48 -47.27 48.95
CA ALA H 353 15.74 -46.82 50.32
C ALA H 353 16.68 -47.81 50.99
N GLU H 354 16.45 -49.09 50.73
CA GLU H 354 17.28 -50.13 51.30
C GLU H 354 18.69 -50.07 50.74
N GLU H 355 18.80 -49.50 49.54
CA GLU H 355 20.09 -49.41 48.89
C GLU H 355 20.75 -48.08 49.22
N GLY H 356 20.15 -47.32 50.13
CA GLY H 356 20.76 -46.08 50.58
C GLY H 356 19.99 -44.82 50.24
N ALA H 357 18.89 -44.93 49.51
CA ALA H 357 18.08 -43.76 49.20
C ALA H 357 17.39 -43.20 50.46
N ASP H 358 16.99 -41.95 50.38
CA ASP H 358 16.43 -41.25 51.53
C ASP H 358 15.03 -40.75 51.19
N ILE H 359 14.01 -41.45 51.69
CA ILE H 359 12.64 -41.08 51.42
C ILE H 359 12.25 -39.89 52.28
N LEU H 360 11.87 -38.79 51.62
CA LEU H 360 11.63 -37.54 52.31
C LEU H 360 10.16 -37.26 52.51
N TYR H 361 9.35 -37.83 51.61
CA TYR H 361 7.92 -37.61 51.67
C TYR H 361 7.25 -38.84 51.09
N HIS H 362 6.39 -39.47 51.88
CA HIS H 362 5.62 -40.63 51.42
C HIS H 362 4.42 -40.85 52.30
N PRO H 363 3.35 -40.10 52.07
CA PRO H 363 2.17 -40.16 52.94
C PRO H 363 1.39 -41.48 52.80
N GLY H 364 1.90 -42.39 51.97
CA GLY H 364 1.30 -43.70 51.89
C GLY H 364 0.43 -43.96 50.69
N ARG H 365 0.59 -45.15 50.14
CA ARG H 365 -0.19 -45.55 49.00
C ARG H 365 -1.55 -46.11 49.36
N SER H 366 -2.52 -45.91 48.47
CA SER H 366 -3.86 -46.39 48.69
C SER H 366 -4.41 -46.95 47.35
N GLY H 367 -4.30 -48.26 47.17
CA GLY H 367 -4.78 -48.88 45.97
C GLY H 367 -3.96 -48.40 44.79
N ALA H 368 -4.62 -47.81 43.80
CA ALA H 368 -3.93 -47.24 42.64
C ALA H 368 -3.47 -45.81 42.90
N LEU H 369 -3.91 -45.22 44.00
CA LEU H 369 -3.49 -43.86 44.36
C LEU H 369 -2.10 -43.82 44.99
N LEU H 370 -1.16 -43.27 44.25
CA LEU H 370 0.20 -43.05 44.73
C LEU H 370 0.39 -41.55 44.99
N PRO H 371 0.90 -41.18 46.16
CA PRO H 371 1.22 -39.78 46.42
C PRO H 371 2.50 -39.43 45.68
N PRO H 372 2.84 -38.13 45.59
CA PRO H 372 4.05 -37.77 44.85
C PRO H 372 5.29 -37.99 45.69
N ILE H 373 5.69 -39.25 45.82
CA ILE H 373 6.80 -39.62 46.71
C ILE H 373 8.14 -38.97 46.36
N VAL H 374 8.75 -38.29 47.33
CA VAL H 374 10.03 -37.63 47.11
C VAL H 374 11.12 -38.49 47.69
N VAL H 375 12.08 -38.89 46.86
CA VAL H 375 13.20 -39.69 47.33
C VAL H 375 14.51 -39.03 46.89
N ASP H 376 15.46 -38.94 47.81
CA ASP H 376 16.73 -38.25 47.58
C ASP H 376 17.84 -39.29 47.59
N ARG H 377 19.01 -38.90 47.11
CA ARG H 377 20.16 -39.80 47.10
C ARG H 377 19.84 -41.17 46.50
N VAL H 378 18.99 -41.20 45.48
CA VAL H 378 18.70 -42.45 44.78
C VAL H 378 19.93 -42.98 44.08
N PRO H 379 20.34 -44.21 44.42
CA PRO H 379 21.42 -44.85 43.67
C PRO H 379 20.94 -45.00 42.24
N HIS H 380 21.78 -44.67 41.30
CA HIS H 380 21.25 -44.51 39.99
C HIS H 380 21.26 -45.88 39.28
N GLN H 381 21.85 -46.87 39.95
CA GLN H 381 21.77 -48.26 39.55
C GLN H 381 20.47 -48.88 39.99
N SER H 382 19.79 -48.24 40.92
CA SER H 382 18.60 -48.86 41.49
C SER H 382 17.45 -48.94 40.48
N ASP H 383 16.64 -49.99 40.59
CA ASP H 383 15.55 -50.24 39.67
C ASP H 383 14.66 -49.03 39.47
N LEU H 384 14.38 -48.32 40.55
CA LEU H 384 13.54 -47.14 40.52
C LEU H 384 13.91 -46.24 39.32
N VAL H 385 15.20 -46.03 39.09
CA VAL H 385 15.62 -45.03 38.10
C VAL H 385 16.37 -45.65 36.95
N LEU H 386 16.75 -46.91 37.06
CA LEU H 386 17.42 -47.56 35.95
C LEU H 386 16.37 -48.11 35.01
N GLU H 387 15.31 -48.62 35.62
CA GLU H 387 14.09 -49.00 34.92
C GLU H 387 13.23 -47.78 34.71
N GLU H 388 12.30 -47.87 33.75
CA GLU H 388 11.29 -46.84 33.61
C GLU H 388 10.20 -47.06 34.65
N THR H 389 9.99 -46.04 35.50
CA THR H 389 8.99 -46.09 36.56
C THR H 389 7.87 -45.12 36.24
N PHE H 390 6.75 -45.67 35.83
CA PHE H 390 5.68 -44.93 35.16
C PHE H 390 4.68 -44.40 36.17
N GLY H 391 5.15 -43.69 37.19
CA GLY H 391 4.29 -43.14 38.23
C GLY H 391 4.87 -41.85 38.79
N PRO H 392 4.12 -41.19 39.69
CA PRO H 392 4.48 -39.83 40.09
C PRO H 392 5.56 -39.80 41.18
N ILE H 393 6.57 -40.66 41.07
CA ILE H 393 7.73 -40.61 41.94
C ILE H 393 8.63 -39.42 41.57
N ILE H 394 9.19 -38.77 42.59
CA ILE H 394 10.10 -37.65 42.40
C ILE H 394 11.47 -38.03 42.92
N PRO H 395 12.26 -38.66 42.08
CA PRO H 395 13.51 -39.25 42.55
C PRO H 395 14.74 -38.44 42.20
N ILE H 396 15.46 -37.99 43.21
CA ILE H 396 16.65 -37.19 42.99
C ILE H 396 17.89 -38.07 43.06
N VAL H 397 18.64 -38.07 41.97
CA VAL H 397 19.92 -38.76 41.90
C VAL H 397 21.01 -37.68 41.97
N ARG H 398 21.86 -37.79 42.97
CA ARG H 398 22.95 -36.85 43.11
C ARG H 398 24.09 -37.26 42.19
N VAL H 399 24.50 -36.35 41.32
CA VAL H 399 25.53 -36.68 40.34
C VAL H 399 26.71 -35.75 40.56
N PRO H 400 27.88 -36.12 40.05
CA PRO H 400 29.10 -35.33 40.31
C PRO H 400 29.03 -33.93 39.69
N ASP H 401 29.82 -33.02 40.23
CA ASP H 401 29.96 -31.68 39.66
C ASP H 401 30.90 -31.76 38.47
N ASP H 402 30.57 -32.64 37.52
CA ASP H 402 31.36 -32.87 36.33
C ASP H 402 30.41 -33.18 35.20
N ASP H 403 30.41 -32.35 34.18
CA ASP H 403 29.46 -32.50 33.10
C ASP H 403 29.69 -33.77 32.31
N ASP H 404 30.95 -34.15 32.10
CA ASP H 404 31.20 -35.41 31.42
C ASP H 404 30.59 -36.58 32.18
N ALA H 405 30.85 -36.65 33.48
CA ALA H 405 30.30 -37.73 34.28
C ALA H 405 28.76 -37.67 34.29
N THR H 406 28.22 -36.46 34.41
CA THR H 406 26.78 -36.28 34.38
C THR H 406 26.20 -36.79 33.08
N ILE H 407 26.81 -36.41 31.97
CA ILE H 407 26.33 -36.84 30.67
C ILE H 407 26.40 -38.38 30.52
N THR H 408 27.51 -38.99 30.89
CA THR H 408 27.66 -40.44 30.85
C THR H 408 26.55 -41.13 31.62
N LEU H 409 26.34 -40.63 32.83
CA LEU H 409 25.30 -41.13 33.67
C LEU H 409 23.95 -41.00 33.04
N SER H 410 23.66 -39.80 32.57
CA SER H 410 22.38 -39.56 31.96
C SER H 410 22.12 -40.53 30.81
N ASN H 411 23.15 -40.79 30.01
CA ASN H 411 23.11 -41.69 28.88
C ASN H 411 23.17 -43.18 29.21
N SER H 412 23.31 -43.54 30.48
CA SER H 412 23.59 -44.93 30.81
C SER H 412 22.37 -45.87 30.87
N THR H 413 21.18 -45.38 30.55
CA THR H 413 20.02 -46.29 30.56
C THR H 413 19.81 -46.85 29.18
N ALA H 414 18.86 -47.77 29.03
CA ALA H 414 18.53 -48.34 27.73
C ALA H 414 17.67 -47.36 26.90
N PHE H 415 17.22 -46.29 27.53
CA PHE H 415 16.32 -45.34 26.86
C PHE H 415 17.01 -44.06 26.32
N GLY H 416 16.33 -43.37 25.40
CA GLY H 416 16.82 -42.13 24.85
C GLY H 416 15.67 -41.46 24.12
N LEU H 417 14.85 -40.74 24.87
CA LEU H 417 13.70 -40.08 24.29
C LEU H 417 13.89 -38.57 24.41
N SER H 418 13.59 -38.03 25.58
CA SER H 418 13.80 -36.61 25.80
C SER H 418 14.61 -36.29 27.05
N SER H 419 14.74 -35.00 27.34
CA SER H 419 15.56 -34.56 28.46
C SER H 419 15.31 -33.08 28.74
N GLY H 420 15.59 -32.66 29.96
CA GLY H 420 15.49 -31.26 30.33
C GLY H 420 16.80 -30.87 31.00
N VAL H 421 17.29 -29.67 30.70
CA VAL H 421 18.51 -29.21 31.33
C VAL H 421 18.32 -27.81 31.87
N CYS H 422 18.57 -27.64 33.17
CA CYS H 422 18.47 -26.31 33.75
C CYS H 422 19.85 -25.71 34.03
N THR H 423 20.19 -24.65 33.31
CA THR H 423 21.50 -24.00 33.46
C THR H 423 21.40 -22.67 32.79
N ASN H 424 22.30 -21.74 33.11
CA ASN H 424 22.36 -20.49 32.36
C ASN H 424 23.66 -20.32 31.62
N ASP H 425 24.51 -21.33 31.69
CA ASP H 425 25.82 -21.28 31.10
C ASP H 425 25.71 -21.85 29.69
N TYR H 426 25.79 -21.00 28.67
CA TYR H 426 25.58 -21.45 27.28
C TYR H 426 26.55 -22.58 26.88
N ARG H 427 27.81 -22.41 27.26
CA ARG H 427 28.82 -23.42 27.02
C ARG H 427 28.36 -24.80 27.39
N ARG H 428 27.80 -24.89 28.59
CA ARG H 428 27.40 -26.16 29.16
C ARG H 428 26.10 -26.62 28.50
N MET H 429 25.21 -25.67 28.26
CA MET H 429 24.00 -25.92 27.50
C MET H 429 24.31 -26.66 26.23
N GLN H 430 25.21 -26.12 25.41
CA GLN H 430 25.45 -26.75 24.12
C GLN H 430 26.20 -28.07 24.27
N LYS H 431 27.03 -28.17 25.32
CA LYS H 431 27.65 -29.46 25.64
C LYS H 431 26.59 -30.56 25.88
N TYR H 432 25.61 -30.26 26.71
CA TYR H 432 24.50 -31.19 26.92
C TYR H 432 23.66 -31.44 25.67
N ILE H 433 23.28 -30.39 24.95
CA ILE H 433 22.58 -30.57 23.67
C ILE H 433 23.31 -31.54 22.75
N ALA H 434 24.62 -31.39 22.63
CA ALA H 434 25.40 -32.24 21.74
C ALA H 434 25.62 -33.65 22.29
N GLY H 435 25.72 -33.76 23.62
CA GLY H 435 26.18 -34.98 24.25
C GLY H 435 25.12 -35.95 24.76
N LEU H 436 23.91 -35.47 25.05
CA LEU H 436 22.85 -36.37 25.50
C LEU H 436 22.37 -37.22 24.33
N LYS H 437 22.32 -38.54 24.55
CA LYS H 437 21.87 -39.45 23.50
C LYS H 437 20.37 -39.58 23.58
N VAL H 438 19.67 -38.61 22.99
CA VAL H 438 18.23 -38.54 23.10
C VAL H 438 17.66 -37.88 21.85
N GLY H 439 16.35 -37.93 21.67
CA GLY H 439 15.75 -37.30 20.53
C GLY H 439 15.46 -35.83 20.75
N THR H 440 15.43 -35.40 22.02
CA THR H 440 15.10 -34.02 22.34
C THR H 440 15.81 -33.59 23.59
N VAL H 441 16.36 -32.38 23.55
CA VAL H 441 16.96 -31.74 24.73
C VAL H 441 16.30 -30.39 24.96
N ASN H 442 15.52 -30.27 26.02
CA ASN H 442 14.86 -29.02 26.33
C ASN H 442 15.62 -28.21 27.38
N ILE H 443 16.02 -26.99 27.02
CA ILE H 443 16.73 -26.14 27.98
C ILE H 443 15.70 -25.38 28.81
N TRP H 444 15.74 -25.59 30.12
CA TRP H 444 14.81 -24.93 31.04
C TRP H 444 13.34 -25.29 30.82
N GLU H 445 13.09 -26.53 30.41
CA GLU H 445 11.73 -27.04 30.36
C GLU H 445 11.80 -28.51 30.75
N VAL H 446 10.64 -29.11 31.02
CA VAL H 446 10.59 -30.56 31.27
C VAL H 446 10.85 -31.32 29.96
N PRO H 447 11.33 -32.57 30.05
CA PRO H 447 11.55 -33.40 28.86
C PRO H 447 10.28 -33.50 28.02
N GLY H 448 9.13 -33.41 28.67
CA GLY H 448 7.89 -33.66 27.96
C GLY H 448 7.43 -32.48 27.13
N TYR H 449 8.14 -31.36 27.21
CA TYR H 449 7.73 -30.19 26.45
C TYR H 449 7.97 -30.32 24.92
N ARG H 450 6.94 -30.01 24.15
CA ARG H 450 7.06 -29.97 22.68
C ARG H 450 5.79 -29.28 22.17
N ILE H 451 5.75 -28.95 20.88
CA ILE H 451 4.47 -28.56 20.30
C ILE H 451 3.94 -29.81 19.60
N GLU H 452 2.63 -29.90 19.36
CA GLU H 452 2.11 -31.14 18.83
C GLU H 452 2.58 -31.43 17.39
N MET H 453 3.30 -30.47 16.78
CA MET H 453 3.74 -30.66 15.39
C MET H 453 5.26 -30.68 15.17
N SER H 454 6.03 -30.58 16.24
CA SER H 454 7.48 -30.69 16.08
C SER H 454 7.91 -32.17 16.00
N PRO H 455 9.13 -32.43 15.51
CA PRO H 455 9.56 -33.84 15.38
C PRO H 455 9.74 -34.48 16.74
N PHE H 456 9.08 -35.61 16.91
CA PHE H 456 9.06 -36.29 18.20
C PHE H 456 9.38 -37.76 18.02
N GLY H 457 10.37 -38.24 18.76
CA GLY H 457 10.72 -39.66 18.72
C GLY H 457 12.07 -39.87 19.35
N GLY H 458 12.28 -41.06 19.89
CA GLY H 458 13.52 -41.37 20.57
C GLY H 458 14.41 -42.32 19.82
N ILE H 459 15.51 -42.71 20.48
CA ILE H 459 16.44 -43.68 19.92
C ILE H 459 16.64 -44.77 20.98
N LYS H 460 17.55 -45.70 20.72
CA LYS H 460 17.79 -46.80 21.63
C LYS H 460 16.49 -47.54 21.87
N ASP H 461 16.11 -47.80 23.12
CA ASP H 461 14.91 -48.59 23.38
C ASP H 461 13.65 -47.74 23.34
N SER H 462 13.81 -46.44 23.09
CA SER H 462 12.68 -45.54 23.15
C SER H 462 11.85 -45.51 21.87
N GLY H 463 12.41 -46.03 20.79
CA GLY H 463 11.73 -46.03 19.52
C GLY H 463 12.59 -46.65 18.46
N ASN H 464 11.99 -47.05 17.35
CA ASN H 464 12.74 -47.67 16.27
C ASN H 464 13.36 -46.67 15.32
N GLY H 465 13.30 -45.38 15.66
CA GLY H 465 14.08 -44.38 14.95
C GLY H 465 13.36 -43.52 13.92
N TYR H 466 12.02 -43.55 13.92
CA TYR H 466 11.25 -42.64 13.07
C TYR H 466 10.54 -41.59 13.90
N LYS H 467 10.40 -40.40 13.36
CA LYS H 467 9.76 -39.33 14.07
C LYS H 467 8.25 -39.33 13.88
N GLU H 468 7.59 -38.81 14.90
CA GLU H 468 6.15 -38.57 14.90
C GLU H 468 5.93 -37.07 15.13
N GLY H 469 4.75 -36.75 15.67
CA GLY H 469 4.27 -35.39 15.71
C GLY H 469 3.52 -35.20 14.40
N VAL H 470 2.65 -34.20 14.38
CA VAL H 470 1.73 -34.04 13.27
C VAL H 470 2.43 -33.99 11.90
N ILE H 471 3.47 -33.16 11.78
CA ILE H 471 4.16 -33.00 10.49
C ILE H 471 4.87 -34.29 10.05
N GLU H 472 5.71 -34.86 10.90
CA GLU H 472 6.44 -36.06 10.53
C GLU H 472 5.52 -37.26 10.34
N ALA H 473 4.42 -37.30 11.09
CA ALA H 473 3.42 -38.34 10.92
C ALA H 473 2.78 -38.23 9.53
N MET H 474 2.41 -37.01 9.11
CA MET H 474 1.80 -36.83 7.80
C MET H 474 2.73 -37.33 6.69
N LYS H 475 4.03 -37.07 6.83
CA LYS H 475 4.98 -37.53 5.80
C LYS H 475 5.09 -39.04 5.84
N SER H 476 5.20 -39.53 7.07
CA SER H 476 5.31 -40.96 7.34
C SER H 476 4.11 -41.75 6.76
N PHE H 477 2.93 -41.13 6.77
CA PHE H 477 1.73 -41.79 6.29
C PHE H 477 1.49 -41.70 4.78
N THR H 478 2.53 -41.36 4.01
CA THR H 478 2.40 -41.21 2.56
C THR H 478 3.53 -41.90 1.82
N ASN H 479 3.34 -42.14 0.53
CA ASN H 479 4.47 -42.50 -0.35
C ASN H 479 4.83 -41.31 -1.20
N VAL H 480 6.12 -41.05 -1.38
CA VAL H 480 6.54 -40.02 -2.32
C VAL H 480 6.59 -40.62 -3.71
N LYS H 481 5.87 -40.01 -4.64
CA LYS H 481 5.98 -40.38 -6.05
C LYS H 481 6.71 -39.24 -6.74
N THR H 482 7.74 -39.58 -7.54
CA THR H 482 8.34 -38.56 -8.41
C THR H 482 7.86 -38.71 -9.83
N PHE H 483 7.83 -37.61 -10.57
CA PHE H 483 7.65 -37.68 -12.03
C PHE H 483 8.64 -36.72 -12.65
N SER H 484 9.05 -37.00 -13.88
CA SER H 484 9.87 -36.08 -14.64
C SER H 484 9.30 -35.72 -15.98
N LEU H 485 9.54 -34.48 -16.40
CA LEU H 485 9.04 -33.95 -17.67
C LEU H 485 10.21 -33.47 -18.52
N PRO H 486 10.14 -33.68 -19.84
CA PRO H 486 11.10 -32.99 -20.70
C PRO H 486 11.05 -31.48 -20.40
N TRP H 487 12.21 -30.82 -20.34
CA TRP H 487 12.18 -29.38 -20.12
C TRP H 487 13.26 -28.68 -20.96
#